data_5TJH
#
_entry.id   5TJH
#
_cell.length_a   92.350
_cell.length_b   104.590
_cell.length_c   107.710
_cell.angle_alpha   64.82
_cell.angle_beta   68.35
_cell.angle_gamma   73.72
#
_symmetry.space_group_name_H-M   'P 1'
#
loop_
_entity.id
_entity.type
_entity.pdbx_description
1 polymer 'UDP-glucose 6-dehydrogenase'
2 non-polymer 'PYROPHOSPHATE 2-'
3 non-polymer 'CHLORIDE ION'
4 non-polymer "URIDINE-5'-DIPHOSPHATE-GLUCOSE"
5 water water
#
_entity_poly.entity_id   1
_entity_poly.type   'polypeptide(L)'
_entity_poly.pdbx_seq_one_letter_code
;MFEIKKICCIGAGYVGGPTCSVIAHMCPEIRVTVVDVNESRINAWNSPTLPIYEPGLKEVVESCRGKNLFFSTNIDDAIK
EADLVFISVNTPTKTYGMGKGRAADLKYIEACARRIVQNSNGYKIVTEKSTVPVRMAESIRRIFDANTKPNLNLQVLSNP
EFLAEGTAIKDLKNPDRVLIGGDETPEGQRAVQALCAVYEHWVPREKILTTNTWSSELSKLAANAFLAQRISSINSISAL
CEATGADVEEVATAIGMDQRIGNKFLKASVGFGGSCFQKDVLNLVYLCEALNLPEVARYWQQVIDMNDYQRRRFASRIID
SLFNTVTDKKIAILGFAFKKDTGDTRESSSIYISKYLMDEGAHLHIYDPKVPREQIVVDLSHPGVSEDDQVSRLVTISKD
PYEACDGAHAVVICTEWDMFKELDYERIHKKMLKPAFIFDGRRVLDGLHNELQTIGFQIETIGKKVSSKRIPYAPSGEIP
KFSLQDPPNKKPKV
;
_entity_poly.pdbx_strand_id   A,B,C,D,E,F
#
loop_
_chem_comp.id
_chem_comp.type
_chem_comp.name
_chem_comp.formula
CL non-polymer 'CHLORIDE ION' 'Cl -1'
POP non-polymer 'PYROPHOSPHATE 2-' 'H2 O7 P2 -2'
UPG non-polymer URIDINE-5'-DIPHOSPHATE-GLUCOSE 'C15 H24 N2 O17 P2'
#
# COMPACT_ATOMS: atom_id res chain seq x y z
N PHE A 2 -18.42 8.68 57.42
CA PHE A 2 -18.64 7.25 57.17
C PHE A 2 -17.34 6.48 57.34
N GLU A 3 -17.39 5.44 58.18
CA GLU A 3 -16.24 4.58 58.47
C GLU A 3 -16.44 3.21 57.87
N ILE A 4 -15.45 2.74 57.10
CA ILE A 4 -15.44 1.37 56.62
C ILE A 4 -15.07 0.44 57.78
N LYS A 5 -15.98 -0.48 58.10
CA LYS A 5 -15.76 -1.42 59.19
C LYS A 5 -15.56 -2.84 58.72
N LYS A 6 -16.11 -3.20 57.55
CA LYS A 6 -16.04 -4.55 57.01
C LYS A 6 -15.65 -4.48 55.54
N ILE A 7 -14.65 -5.28 55.16
CA ILE A 7 -14.12 -5.29 53.81
C ILE A 7 -14.26 -6.70 53.23
N CYS A 8 -14.76 -6.79 52.02
CA CYS A 8 -14.83 -8.03 51.27
C CYS A 8 -14.04 -7.88 49.99
N CYS A 9 -13.16 -8.84 49.72
CA CYS A 9 -12.34 -8.86 48.50
C CYS A 9 -12.69 -10.08 47.69
N ILE A 10 -13.27 -9.88 46.52
CA ILE A 10 -13.64 -10.96 45.62
C ILE A 10 -12.47 -11.18 44.67
N GLY A 11 -11.82 -12.34 44.79
CA GLY A 11 -10.59 -12.61 44.07
C GLY A 11 -9.42 -12.80 45.02
N ALA A 12 -8.88 -14.02 45.05
CA ALA A 12 -7.82 -14.41 45.97
C ALA A 12 -6.51 -14.70 45.26
N GLY A 13 -6.18 -13.91 44.23
CA GLY A 13 -4.96 -14.10 43.45
C GLY A 13 -3.81 -13.26 43.97
N TYR A 14 -2.77 -13.17 43.15
CA TYR A 14 -1.57 -12.43 43.50
C TYR A 14 -1.84 -10.96 43.77
N VAL A 15 -3.06 -10.47 43.55
CA VAL A 15 -3.40 -9.08 43.79
C VAL A 15 -4.23 -8.95 45.07
N GLY A 16 -5.35 -9.66 45.13
CA GLY A 16 -6.26 -9.46 46.25
C GLY A 16 -5.70 -9.97 47.56
N GLY A 17 -5.16 -11.18 47.57
CA GLY A 17 -4.67 -11.82 48.77
C GLY A 17 -3.64 -10.99 49.52
N PRO A 18 -2.53 -10.66 48.86
CA PRO A 18 -1.50 -9.87 49.57
C PRO A 18 -1.98 -8.50 50.00
N THR A 19 -2.72 -7.80 49.14
CA THR A 19 -3.22 -6.48 49.51
C THR A 19 -4.14 -6.55 50.72
N CYS A 20 -5.07 -7.49 50.72
CA CYS A 20 -6.01 -7.55 51.85
C CYS A 20 -5.33 -8.08 53.12
N SER A 21 -4.29 -8.91 52.99
CA SER A 21 -3.55 -9.32 54.17
C SER A 21 -2.87 -8.12 54.83
N VAL A 22 -2.32 -7.22 54.02
CA VAL A 22 -1.66 -6.05 54.60
C VAL A 22 -2.67 -5.12 55.24
N ILE A 23 -3.83 -4.94 54.61
CA ILE A 23 -4.90 -4.13 55.20
C ILE A 23 -5.29 -4.67 56.57
N ALA A 24 -5.51 -5.99 56.65
CA ALA A 24 -5.83 -6.61 57.92
C ALA A 24 -4.71 -6.41 58.93
N HIS A 25 -3.45 -6.57 58.48
CA HIS A 25 -2.31 -6.40 59.37
C HIS A 25 -2.22 -4.96 59.89
N MET A 26 -2.56 -3.99 59.05
CA MET A 26 -2.42 -2.59 59.44
C MET A 26 -3.65 -2.01 60.12
N CYS A 27 -4.81 -2.67 60.03
CA CYS A 27 -6.07 -2.16 60.56
C CYS A 27 -6.74 -3.21 61.43
N PRO A 28 -6.35 -3.29 62.71
CA PRO A 28 -6.92 -4.34 63.57
C PRO A 28 -8.43 -4.27 63.72
N GLU A 29 -9.02 -3.07 63.69
CA GLU A 29 -10.44 -2.88 63.91
C GLU A 29 -11.29 -3.16 62.67
N ILE A 30 -10.69 -3.44 61.53
CA ILE A 30 -11.42 -3.71 60.30
C ILE A 30 -11.44 -5.21 60.04
N ARG A 31 -12.63 -5.75 59.79
CA ARG A 31 -12.78 -7.15 59.42
C ARG A 31 -12.60 -7.26 57.92
N VAL A 32 -11.66 -8.11 57.49
CA VAL A 32 -11.28 -8.24 56.08
C VAL A 32 -11.50 -9.68 55.65
N THR A 33 -12.34 -9.87 54.62
CA THR A 33 -12.68 -11.21 54.16
C THR A 33 -12.30 -11.35 52.69
N VAL A 34 -11.39 -12.29 52.42
CA VAL A 34 -10.98 -12.60 51.05
C VAL A 34 -11.79 -13.80 50.60
N VAL A 35 -12.53 -13.64 49.51
CA VAL A 35 -13.42 -14.69 49.03
C VAL A 35 -13.08 -14.99 47.59
N ASP A 36 -13.36 -16.23 47.19
CA ASP A 36 -13.04 -16.73 45.86
C ASP A 36 -13.87 -17.98 45.66
N VAL A 37 -14.31 -18.21 44.41
CA VAL A 37 -15.03 -19.44 44.13
C VAL A 37 -14.08 -20.64 44.08
N ASN A 38 -12.79 -20.40 43.85
CA ASN A 38 -11.81 -21.48 43.75
C ASN A 38 -11.56 -22.06 45.13
N GLU A 39 -12.13 -23.24 45.37
CA GLU A 39 -12.05 -23.87 46.69
C GLU A 39 -10.64 -24.35 47.01
N SER A 40 -9.84 -24.70 45.99
CA SER A 40 -8.46 -25.11 46.24
C SER A 40 -7.65 -23.97 46.86
N ARG A 41 -7.78 -22.77 46.30
CA ARG A 41 -7.04 -21.61 46.78
C ARG A 41 -7.45 -21.23 48.20
N ILE A 42 -8.75 -21.16 48.47
CA ILE A 42 -9.22 -20.71 49.77
C ILE A 42 -8.66 -21.59 50.88
N ASN A 43 -8.63 -22.91 50.67
CA ASN A 43 -8.02 -23.80 51.65
C ASN A 43 -6.53 -23.55 51.81
N ALA A 44 -5.82 -23.34 50.69
CA ALA A 44 -4.39 -23.08 50.76
C ALA A 44 -4.09 -21.84 51.60
N TRP A 45 -4.90 -20.78 51.43
CA TRP A 45 -4.76 -19.60 52.26
C TRP A 45 -4.97 -19.90 53.75
N ASN A 46 -5.80 -20.89 54.06
CA ASN A 46 -6.05 -21.29 55.44
C ASN A 46 -5.11 -22.38 55.93
N SER A 47 -4.15 -22.77 55.12
CA SER A 47 -3.18 -23.82 55.41
C SER A 47 -1.81 -23.22 55.73
N PRO A 48 -0.88 -24.02 56.25
CA PRO A 48 0.48 -23.51 56.50
C PRO A 48 1.31 -23.30 55.24
N THR A 49 0.78 -23.57 54.05
CA THR A 49 1.50 -23.39 52.79
C THR A 49 0.64 -22.54 51.86
N LEU A 50 1.06 -21.30 51.64
CA LEU A 50 0.25 -20.36 50.87
C LEU A 50 0.39 -20.61 49.37
N PRO A 51 -0.66 -20.34 48.60
CA PRO A 51 -0.63 -20.66 47.16
C PRO A 51 0.29 -19.76 46.33
N ILE A 52 0.76 -18.64 46.87
CA ILE A 52 1.75 -17.82 46.19
C ILE A 52 2.88 -17.53 47.16
N TYR A 53 4.10 -17.44 46.64
CA TYR A 53 5.27 -17.19 47.46
C TYR A 53 5.69 -15.73 47.32
N GLU A 54 5.71 -15.02 48.45
CA GLU A 54 6.22 -13.67 48.53
C GLU A 54 6.90 -13.59 49.89
N PRO A 55 8.14 -13.11 49.95
CA PRO A 55 8.79 -12.94 51.25
C PRO A 55 7.96 -12.03 52.16
N GLY A 56 7.79 -12.45 53.41
CA GLY A 56 7.03 -11.69 54.37
C GLY A 56 5.54 -11.92 54.32
N LEU A 57 5.02 -12.58 53.27
CA LEU A 57 3.59 -12.80 53.16
C LEU A 57 3.13 -13.86 54.16
N LYS A 58 3.89 -14.96 54.25
CA LYS A 58 3.57 -16.01 55.20
C LYS A 58 3.57 -15.48 56.63
N GLU A 59 4.50 -14.56 56.93
CA GLU A 59 4.55 -13.96 58.25
C GLU A 59 3.34 -13.06 58.50
N VAL A 60 2.95 -12.25 57.52
CA VAL A 60 1.85 -11.30 57.72
C VAL A 60 0.54 -12.04 57.88
N VAL A 61 0.28 -13.05 57.03
CA VAL A 61 -0.99 -13.76 57.08
C VAL A 61 -1.16 -14.47 58.42
N GLU A 62 -0.08 -15.03 58.96
CA GLU A 62 -0.21 -15.79 60.21
C GLU A 62 -0.49 -14.89 61.41
N SER A 63 -0.18 -13.59 61.32
CA SER A 63 -0.46 -12.67 62.41
C SER A 63 -1.93 -12.23 62.46
N CYS A 64 -2.66 -12.34 61.35
CA CYS A 64 -4.05 -11.88 61.29
C CYS A 64 -5.07 -12.96 61.02
N ARG A 65 -4.70 -14.09 60.41
CA ARG A 65 -5.68 -15.06 59.96
C ARG A 65 -6.47 -15.60 61.15
N GLY A 66 -7.79 -15.55 61.04
CA GLY A 66 -8.67 -15.93 62.12
C GLY A 66 -8.97 -14.83 63.12
N LYS A 67 -8.25 -13.72 63.06
CA LYS A 67 -8.51 -12.58 63.95
C LYS A 67 -9.40 -11.56 63.26
N ASN A 68 -8.85 -10.85 62.27
CA ASN A 68 -9.64 -9.93 61.48
C ASN A 68 -9.45 -10.16 59.98
N LEU A 69 -8.70 -11.19 59.60
CA LEU A 69 -8.51 -11.60 58.21
C LEU A 69 -9.10 -13.00 58.05
N PHE A 70 -9.99 -13.16 57.09
CA PHE A 70 -10.69 -14.42 56.89
C PHE A 70 -10.70 -14.77 55.41
N PHE A 71 -10.54 -16.05 55.11
CA PHE A 71 -10.63 -16.56 53.75
C PHE A 71 -11.82 -17.51 53.66
N SER A 72 -12.72 -17.27 52.71
CA SER A 72 -13.97 -18.01 52.65
C SER A 72 -14.45 -18.12 51.21
N THR A 73 -15.21 -19.18 50.93
CA THR A 73 -15.89 -19.32 49.65
C THR A 73 -17.33 -18.80 49.68
N ASN A 74 -17.79 -18.29 50.82
CA ASN A 74 -19.13 -17.73 50.95
C ASN A 74 -19.09 -16.28 50.46
N ILE A 75 -19.13 -16.13 49.14
CA ILE A 75 -19.04 -14.81 48.54
C ILE A 75 -20.25 -13.96 48.91
N ASP A 76 -21.44 -14.60 48.93
CA ASP A 76 -22.70 -13.87 49.08
C ASP A 76 -22.80 -13.19 50.45
N ASP A 77 -22.53 -13.92 51.53
CA ASP A 77 -22.65 -13.31 52.84
C ASP A 77 -21.57 -12.25 53.04
N ALA A 78 -20.37 -12.49 52.52
CA ALA A 78 -19.31 -11.50 52.60
C ALA A 78 -19.73 -10.20 51.91
N ILE A 79 -20.38 -10.30 50.75
CA ILE A 79 -20.89 -9.10 50.10
C ILE A 79 -21.96 -8.43 50.94
N LYS A 80 -22.92 -9.22 51.43
CA LYS A 80 -24.05 -8.66 52.17
C LYS A 80 -23.60 -7.86 53.38
N GLU A 81 -22.55 -8.32 54.07
CA GLU A 81 -22.08 -7.69 55.30
C GLU A 81 -21.12 -6.53 55.07
N ALA A 82 -20.51 -6.46 53.89
CA ALA A 82 -19.37 -5.57 53.67
C ALA A 82 -19.81 -4.13 53.48
N ASP A 83 -18.98 -3.21 54.00
CA ASP A 83 -19.09 -1.80 53.62
C ASP A 83 -18.33 -1.51 52.33
N LEU A 84 -17.24 -2.22 52.09
CA LEU A 84 -16.41 -1.98 50.92
C LEU A 84 -16.17 -3.32 50.24
N VAL A 85 -16.41 -3.38 48.94
CA VAL A 85 -16.18 -4.60 48.17
C VAL A 85 -15.08 -4.32 47.14
N PHE A 86 -13.98 -5.07 47.22
CA PHE A 86 -12.93 -5.03 46.20
C PHE A 86 -13.23 -6.05 45.10
N ILE A 87 -13.16 -5.60 43.85
CA ILE A 87 -13.21 -6.49 42.68
C ILE A 87 -11.79 -6.77 42.26
N SER A 88 -11.34 -8.01 42.45
CA SER A 88 -9.96 -8.38 42.20
C SER A 88 -9.85 -9.65 41.36
N VAL A 89 -10.78 -9.86 40.44
CA VAL A 89 -10.77 -11.07 39.61
C VAL A 89 -9.86 -10.85 38.41
N ASN A 90 -9.54 -11.92 37.69
CA ASN A 90 -8.64 -11.84 36.54
CA ASN A 90 -8.64 -11.79 36.56
C ASN A 90 -9.36 -11.26 35.34
N THR A 91 -8.59 -10.62 34.46
CA THR A 91 -9.08 -10.10 33.19
C THR A 91 -8.14 -10.57 32.09
N PRO A 92 -8.13 -11.88 31.79
CA PRO A 92 -7.20 -12.40 30.79
C PRO A 92 -7.47 -11.82 29.40
N THR A 93 -6.49 -11.94 28.53
CA THR A 93 -6.66 -11.48 27.16
C THR A 93 -7.63 -12.38 26.40
N LYS A 94 -8.50 -11.76 25.60
CA LYS A 94 -9.37 -12.54 24.72
C LYS A 94 -8.55 -13.35 23.74
N THR A 95 -8.88 -14.65 23.63
CA THR A 95 -8.25 -15.56 22.68
C THR A 95 -9.17 -15.90 21.51
N TYR A 96 -10.24 -15.11 21.31
CA TYR A 96 -11.31 -15.42 20.38
C TYR A 96 -12.02 -14.10 20.05
N GLY A 97 -12.61 -14.03 18.85
CA GLY A 97 -13.52 -12.95 18.54
C GLY A 97 -12.87 -11.57 18.41
N MET A 98 -13.69 -10.54 18.67
CA MET A 98 -13.27 -9.15 18.51
C MET A 98 -12.17 -8.83 19.49
N GLY A 99 -11.05 -8.32 18.96
CA GLY A 99 -9.94 -7.95 19.81
C GLY A 99 -9.11 -9.13 20.28
N LYS A 100 -9.25 -10.28 19.62
CA LYS A 100 -8.44 -11.45 19.94
C LYS A 100 -6.97 -11.09 20.06
N GLY A 101 -6.35 -11.54 21.15
CA GLY A 101 -4.95 -11.27 21.37
C GLY A 101 -4.63 -9.91 21.95
N ARG A 102 -5.63 -9.05 22.14
CA ARG A 102 -5.30 -7.68 22.57
C ARG A 102 -6.25 -7.14 23.64
N ALA A 103 -7.55 -7.21 23.40
CA ALA A 103 -8.54 -6.76 24.37
C ALA A 103 -8.60 -7.68 25.58
N ALA A 104 -9.03 -7.12 26.71
CA ALA A 104 -9.28 -7.92 27.90
C ALA A 104 -10.64 -8.61 27.80
N ASP A 105 -10.70 -9.81 28.36
CA ASP A 105 -11.95 -10.55 28.50
C ASP A 105 -12.59 -10.13 29.82
N LEU A 106 -13.78 -9.54 29.72
CA LEU A 106 -14.42 -8.91 30.88
C LEU A 106 -15.48 -9.80 31.53
N LYS A 107 -15.58 -11.06 31.13
CA LYS A 107 -16.69 -11.88 31.63
C LYS A 107 -16.64 -12.04 33.14
N TYR A 108 -15.45 -12.13 33.75
CA TYR A 108 -15.40 -12.29 35.20
C TYR A 108 -15.81 -11.01 35.93
N ILE A 109 -15.41 -9.85 35.39
CA ILE A 109 -15.76 -8.59 36.05
C ILE A 109 -17.26 -8.38 36.00
N GLU A 110 -17.87 -8.59 34.84
CA GLU A 110 -19.31 -8.38 34.74
C GLU A 110 -20.05 -9.36 35.64
N ALA A 111 -19.62 -10.61 35.66
CA ALA A 111 -20.26 -11.57 36.55
C ALA A 111 -20.11 -11.15 38.01
N CYS A 112 -18.95 -10.63 38.36
CA CYS A 112 -18.71 -10.16 39.71
C CYS A 112 -19.63 -8.99 40.04
N ALA A 113 -19.79 -8.06 39.10
CA ALA A 113 -20.70 -6.94 39.28
C ALA A 113 -22.13 -7.41 39.53
N ARG A 114 -22.59 -8.41 38.76
CA ARG A 114 -23.96 -8.86 38.92
C ARG A 114 -24.15 -9.54 40.27
N ARG A 115 -23.16 -10.28 40.74
CA ARG A 115 -23.27 -10.93 42.05
C ARG A 115 -23.35 -9.90 43.17
N ILE A 116 -22.58 -8.82 43.08
CA ILE A 116 -22.57 -7.81 44.12
C ILE A 116 -23.95 -7.16 44.24
N VAL A 117 -24.51 -6.69 43.12
CA VAL A 117 -25.78 -5.96 43.20
C VAL A 117 -26.90 -6.89 43.60
N GLN A 118 -26.81 -8.17 43.22
CA GLN A 118 -27.82 -9.11 43.67
C GLN A 118 -27.83 -9.25 45.18
N ASN A 119 -26.67 -9.06 45.82
CA ASN A 119 -26.53 -9.35 47.25
C ASN A 119 -26.39 -8.11 48.12
N SER A 120 -26.74 -6.94 47.60
CA SER A 120 -26.49 -5.70 48.33
C SER A 120 -27.78 -4.97 48.66
N ASN A 121 -27.79 -4.36 49.84
CA ASN A 121 -28.82 -3.40 50.21
C ASN A 121 -28.16 -2.23 50.92
N GLY A 122 -28.81 -1.07 50.85
CA GLY A 122 -28.26 0.10 51.50
C GLY A 122 -27.02 0.63 50.79
N TYR A 123 -26.11 1.18 51.60
CA TYR A 123 -24.93 1.86 51.13
C TYR A 123 -23.72 0.93 51.17
N LYS A 124 -23.01 0.83 50.05
CA LYS A 124 -21.73 0.13 49.96
C LYS A 124 -20.83 0.87 48.98
N ILE A 125 -19.53 0.74 49.20
CA ILE A 125 -18.53 1.21 48.27
C ILE A 125 -17.95 0.01 47.52
N VAL A 126 -17.98 0.05 46.19
CA VAL A 126 -17.47 -1.03 45.33
C VAL A 126 -16.26 -0.52 44.58
N THR A 127 -15.13 -1.23 44.71
CA THR A 127 -13.83 -0.73 44.27
C THR A 127 -13.18 -1.71 43.30
N GLU A 128 -12.84 -1.22 42.09
CA GLU A 128 -12.07 -1.99 41.10
C GLU A 128 -10.61 -2.04 41.49
N LYS A 129 -10.11 -3.22 41.81
CA LYS A 129 -8.70 -3.42 42.11
C LYS A 129 -7.93 -4.01 40.93
N SER A 130 -8.54 -4.93 40.20
CA SER A 130 -7.86 -5.52 39.06
C SER A 130 -7.76 -4.52 37.91
N THR A 131 -6.79 -4.80 37.03
CA THR A 131 -6.55 -3.98 35.85
C THR A 131 -7.71 -4.10 34.89
N VAL A 132 -8.37 -2.98 34.62
CA VAL A 132 -9.57 -2.96 33.79
C VAL A 132 -9.36 -1.99 32.64
N PRO A 133 -10.13 -2.14 31.56
CA PRO A 133 -10.12 -1.10 30.53
C PRO A 133 -10.75 0.19 31.05
N VAL A 134 -10.30 1.32 30.48
CA VAL A 134 -10.85 2.61 30.89
C VAL A 134 -12.33 2.65 30.55
N ARG A 135 -13.13 3.24 31.44
CA ARG A 135 -14.60 3.28 31.40
C ARG A 135 -15.26 2.00 31.90
N MET A 136 -14.49 1.05 32.43
CA MET A 136 -15.09 -0.14 33.03
C MET A 136 -16.09 0.24 34.11
N ALA A 137 -15.76 1.24 34.92
CA ALA A 137 -16.64 1.64 36.01
C ALA A 137 -18.00 2.08 35.51
N GLU A 138 -18.08 2.68 34.31
CA GLU A 138 -19.38 3.07 33.77
C GLU A 138 -20.23 1.84 33.48
N SER A 139 -19.62 0.77 32.98
CA SER A 139 -20.36 -0.47 32.75
C SER A 139 -20.84 -1.06 34.07
N ILE A 140 -20.00 -1.04 35.10
CA ILE A 140 -20.43 -1.56 36.39
C ILE A 140 -21.61 -0.73 36.93
N ARG A 141 -21.51 0.60 36.83
CA ARG A 141 -22.59 1.46 37.29
C ARG A 141 -23.90 1.20 36.55
N ARG A 142 -23.83 0.85 35.26
CA ARG A 142 -25.04 0.60 34.50
C ARG A 142 -25.70 -0.71 34.92
N ILE A 143 -24.89 -1.71 35.23
CA ILE A 143 -25.42 -2.96 35.76
C ILE A 143 -26.11 -2.70 37.10
N PHE A 144 -25.48 -1.87 37.95
CA PHE A 144 -26.07 -1.55 39.25
C PHE A 144 -27.39 -0.79 39.09
N ASP A 145 -27.43 0.22 38.23
CA ASP A 145 -28.64 1.02 38.07
C ASP A 145 -29.79 0.21 37.52
N ALA A 146 -29.50 -0.71 36.59
CA ALA A 146 -30.55 -1.52 35.96
C ALA A 146 -31.11 -2.58 36.91
N ASN A 147 -30.38 -2.91 37.97
CA ASN A 147 -30.80 -3.92 38.94
C ASN A 147 -30.99 -3.31 40.32
N THR A 148 -31.38 -2.04 40.36
CA THR A 148 -31.41 -1.33 41.63
C THR A 148 -32.63 -1.72 42.44
N LYS A 149 -32.58 -1.41 43.72
CA LYS A 149 -33.64 -1.66 44.69
C LYS A 149 -33.89 -0.38 45.47
N PRO A 150 -35.03 -0.27 46.15
CA PRO A 150 -35.26 0.88 47.03
C PRO A 150 -34.15 1.09 48.05
N ASN A 151 -33.62 2.32 48.08
CA ASN A 151 -32.59 2.80 48.99
C ASN A 151 -31.23 2.15 48.78
N LEU A 152 -31.02 1.48 47.65
CA LEU A 152 -29.69 0.96 47.32
C LEU A 152 -28.80 2.10 46.84
N ASN A 153 -27.59 2.17 47.38
CA ASN A 153 -26.66 3.23 47.00
C ASN A 153 -25.26 2.63 46.91
N LEU A 154 -24.89 2.14 45.72
CA LEU A 154 -23.58 1.54 45.49
C LEU A 154 -22.69 2.57 44.81
N GLN A 155 -21.62 2.97 45.51
CA GLN A 155 -20.65 3.91 44.98
C GLN A 155 -19.50 3.11 44.37
N VAL A 156 -19.12 3.44 43.14
CA VAL A 156 -18.08 2.72 42.42
C VAL A 156 -16.80 3.55 42.44
N LEU A 157 -15.71 2.96 42.92
CA LEU A 157 -14.39 3.57 42.92
C LEU A 157 -13.40 2.73 42.14
N SER A 158 -12.26 3.34 41.81
CA SER A 158 -11.12 2.66 41.22
C SER A 158 -9.93 2.77 42.17
N ASN A 159 -9.23 1.66 42.41
CA ASN A 159 -8.08 1.64 43.32
C ASN A 159 -7.11 0.57 42.83
N PRO A 160 -6.39 0.86 41.75
CA PRO A 160 -5.53 -0.16 41.12
C PRO A 160 -4.35 -0.51 42.01
N GLU A 161 -3.78 -1.67 41.75
CA GLU A 161 -2.61 -2.12 42.48
C GLU A 161 -1.36 -1.95 41.63
N PHE A 162 -0.24 -1.67 42.30
CA PHE A 162 1.03 -1.41 41.63
C PHE A 162 2.17 -2.27 42.16
N LEU A 163 1.88 -3.36 42.85
CA LEU A 163 2.96 -4.16 43.41
C LEU A 163 3.70 -4.90 42.30
N ALA A 164 5.01 -5.03 42.47
CA ALA A 164 5.86 -5.78 41.56
C ALA A 164 6.16 -7.16 42.13
N GLU A 165 6.07 -8.18 41.28
CA GLU A 165 6.33 -9.55 41.72
C GLU A 165 7.74 -9.68 42.31
N GLY A 166 7.84 -10.33 43.48
CA GLY A 166 9.07 -10.49 44.20
C GLY A 166 9.24 -9.58 45.39
N THR A 167 8.64 -8.38 45.37
CA THR A 167 8.71 -7.43 46.46
C THR A 167 7.32 -6.95 46.88
N ALA A 168 6.32 -7.83 46.76
CA ALA A 168 4.93 -7.42 46.96
C ALA A 168 4.70 -6.84 48.36
N ILE A 169 5.21 -7.52 49.40
CA ILE A 169 4.94 -7.09 50.76
C ILE A 169 5.62 -5.76 51.05
N LYS A 170 6.87 -5.61 50.61
CA LYS A 170 7.56 -4.34 50.78
C LYS A 170 6.79 -3.21 50.08
N ASP A 171 6.27 -3.47 48.88
CA ASP A 171 5.54 -2.45 48.14
C ASP A 171 4.22 -2.09 48.81
N LEU A 172 3.56 -3.03 49.47
CA LEU A 172 2.28 -2.73 50.11
C LEU A 172 2.49 -1.99 51.43
N LYS A 173 3.53 -2.33 52.18
CA LYS A 173 3.78 -1.64 53.44
C LYS A 173 4.39 -0.25 53.22
N ASN A 174 5.06 -0.03 52.10
CA ASN A 174 5.68 1.26 51.81
C ASN A 174 5.49 1.61 50.34
N PRO A 175 4.26 1.93 49.93
CA PRO A 175 4.00 2.18 48.51
C PRO A 175 4.52 3.54 48.06
N ASP A 176 4.95 3.58 46.80
CA ASP A 176 5.27 4.86 46.17
C ASP A 176 4.05 5.78 46.16
N ARG A 177 2.87 5.22 45.89
CA ARG A 177 1.64 5.98 45.97
C ARG A 177 0.48 5.01 46.03
N VAL A 178 -0.61 5.47 46.63
CA VAL A 178 -1.90 4.79 46.57
C VAL A 178 -2.81 5.66 45.70
N LEU A 179 -3.49 5.04 44.75
CA LEU A 179 -4.29 5.77 43.78
C LEU A 179 -5.76 5.37 43.97
N ILE A 180 -6.62 6.37 44.17
CA ILE A 180 -8.05 6.17 44.37
C ILE A 180 -8.80 7.10 43.43
N GLY A 181 -9.63 6.55 42.56
CA GLY A 181 -10.43 7.33 41.64
C GLY A 181 -11.90 7.22 42.04
N GLY A 182 -12.62 8.34 41.96
CA GLY A 182 -14.05 8.33 42.21
C GLY A 182 -14.75 9.47 41.51
N ASP A 183 -16.09 9.42 41.54
CA ASP A 183 -16.87 10.49 40.95
C ASP A 183 -16.60 11.82 41.65
N GLU A 184 -16.64 12.90 40.88
CA GLU A 184 -16.39 14.23 41.45
C GLU A 184 -17.68 14.89 41.90
N THR A 185 -18.60 14.09 42.42
CA THR A 185 -19.84 14.47 43.07
C THR A 185 -19.67 14.40 44.58
N PRO A 186 -20.58 15.00 45.35
CA PRO A 186 -20.48 14.86 46.82
C PRO A 186 -20.51 13.41 47.29
N GLU A 187 -21.35 12.56 46.69
CA GLU A 187 -21.37 11.14 47.05
C GLU A 187 -20.09 10.45 46.63
N GLY A 188 -19.55 10.81 45.46
CA GLY A 188 -18.28 10.23 45.05
C GLY A 188 -17.14 10.62 45.96
N GLN A 189 -17.09 11.89 46.36
CA GLN A 189 -16.03 12.35 47.24
C GLN A 189 -16.14 11.74 48.63
N ARG A 190 -17.37 11.60 49.14
CA ARG A 190 -17.55 10.91 50.42
C ARG A 190 -17.05 9.47 50.37
N ALA A 191 -17.33 8.75 49.27
CA ALA A 191 -16.83 7.39 49.15
C ALA A 191 -15.30 7.35 49.03
N VAL A 192 -14.73 8.27 48.24
CA VAL A 192 -13.27 8.37 48.12
C VAL A 192 -12.61 8.62 49.47
N GLN A 193 -13.13 9.57 50.24
CA GLN A 193 -12.53 9.88 51.55
C GLN A 193 -12.63 8.70 52.50
N ALA A 194 -13.70 7.91 52.41
CA ALA A 194 -13.82 6.72 53.24
C ALA A 194 -12.70 5.72 52.96
N LEU A 195 -12.36 5.54 51.68
CA LEU A 195 -11.28 4.60 51.34
C LEU A 195 -9.91 5.12 51.74
N CYS A 196 -9.67 6.43 51.56
CA CYS A 196 -8.42 7.04 52.01
C CYS A 196 -8.18 6.76 53.49
N ALA A 197 -9.25 6.78 54.31
CA ALA A 197 -9.07 6.62 55.75
C ALA A 197 -8.56 5.23 56.10
N VAL A 198 -8.90 4.21 55.30
CA VAL A 198 -8.32 2.89 55.52
C VAL A 198 -6.81 2.93 55.32
N TYR A 199 -6.37 3.42 54.15
CA TYR A 199 -4.95 3.47 53.83
C TYR A 199 -4.18 4.41 54.76
N GLU A 200 -4.85 5.45 55.28
CA GLU A 200 -4.16 6.37 56.17
C GLU A 200 -3.76 5.73 57.50
N HIS A 201 -4.17 4.49 57.75
CA HIS A 201 -3.67 3.77 58.91
C HIS A 201 -2.17 3.46 58.82
N TRP A 202 -1.59 3.41 57.61
CA TRP A 202 -0.16 3.15 57.53
C TRP A 202 0.51 3.89 56.38
N VAL A 203 -0.26 4.53 55.51
CA VAL A 203 0.27 5.27 54.38
C VAL A 203 0.14 6.76 54.70
N PRO A 204 1.23 7.53 54.62
CA PRO A 204 1.12 8.98 54.86
C PRO A 204 0.20 9.63 53.84
N ARG A 205 -0.50 10.67 54.28
CA ARG A 205 -1.48 11.35 53.43
C ARG A 205 -0.88 11.78 52.10
N GLU A 206 0.36 12.31 52.15
CA GLU A 206 1.00 12.81 50.94
C GLU A 206 1.20 11.75 49.87
N LYS A 207 1.12 10.47 50.21
CA LYS A 207 1.30 9.43 49.19
C LYS A 207 -0.01 8.85 48.70
N ILE A 208 -1.14 9.38 49.15
CA ILE A 208 -2.44 8.91 48.70
C ILE A 208 -2.96 9.93 47.71
N LEU A 209 -3.11 9.53 46.46
CA LEU A 209 -3.53 10.40 45.38
C LEU A 209 -4.97 10.08 45.01
N THR A 210 -5.83 11.09 45.01
CA THR A 210 -7.22 10.94 44.61
C THR A 210 -7.45 11.67 43.29
N THR A 211 -8.15 11.01 42.37
CA THR A 211 -8.39 11.48 41.00
C THR A 211 -9.83 11.13 40.64
N ASN A 212 -10.23 11.45 39.40
CA ASN A 212 -11.52 10.91 38.97
C ASN A 212 -11.35 9.45 38.54
N THR A 213 -12.49 8.79 38.32
CA THR A 213 -12.50 7.34 38.06
C THR A 213 -11.69 6.99 36.81
N TRP A 214 -11.89 7.74 35.74
CA TRP A 214 -11.26 7.40 34.47
C TRP A 214 -9.75 7.58 34.54
N SER A 215 -9.30 8.64 35.23
CA SER A 215 -7.87 8.87 35.38
C SER A 215 -7.21 7.71 36.12
N SER A 216 -7.89 7.17 37.12
CA SER A 216 -7.31 6.09 37.91
C SER A 216 -7.15 4.85 37.06
N GLU A 217 -8.21 4.48 36.32
CA GLU A 217 -8.12 3.34 35.40
C GLU A 217 -7.01 3.54 34.37
N LEU A 218 -6.96 4.73 33.77
CA LEU A 218 -5.98 4.93 32.70
C LEU A 218 -4.56 4.93 33.26
N SER A 219 -4.38 5.44 34.48
CA SER A 219 -3.06 5.52 35.10
C SER A 219 -2.42 4.15 35.24
N LYS A 220 -3.21 3.12 35.55
CA LYS A 220 -2.65 1.80 35.71
C LYS A 220 -2.07 1.30 34.38
N LEU A 221 -2.83 1.42 33.30
CA LEU A 221 -2.31 0.99 32.00
C LEU A 221 -1.11 1.83 31.59
N ALA A 222 -1.23 3.15 31.70
CA ALA A 222 -0.17 4.03 31.22
C ALA A 222 1.14 3.75 31.95
N ALA A 223 1.07 3.49 33.26
CA ALA A 223 2.30 3.33 34.02
C ALA A 223 3.08 2.12 33.52
N ASN A 224 2.39 0.99 33.33
CA ASN A 224 3.10 -0.19 32.82
C ASN A 224 3.59 0.03 31.39
N ALA A 225 2.83 0.76 30.56
CA ALA A 225 3.28 1.07 29.22
C ALA A 225 4.54 1.96 29.23
N PHE A 226 4.61 2.93 30.15
CA PHE A 226 5.81 3.77 30.27
C PHE A 226 7.02 2.94 30.65
N LEU A 227 6.82 1.95 31.53
CA LEU A 227 7.93 1.09 31.92
C LEU A 227 8.37 0.22 30.76
N ALA A 228 7.41 -0.41 30.08
CA ALA A 228 7.75 -1.25 28.93
C ALA A 228 8.46 -0.44 27.88
N GLN A 229 8.05 0.82 27.69
CA GLN A 229 8.69 1.64 26.68
C GLN A 229 10.17 1.94 27.01
N ARG A 230 10.51 2.11 28.29
CA ARG A 230 11.91 2.32 28.66
C ARG A 230 12.77 1.13 28.22
N ILE A 231 12.24 -0.08 28.37
CA ILE A 231 12.96 -1.29 28.00
C ILE A 231 13.11 -1.38 26.49
N SER A 232 12.01 -1.13 25.77
CA SER A 232 12.08 -1.17 24.32
C SER A 232 12.96 -0.08 23.76
N SER A 233 12.98 1.09 24.40
CA SER A 233 13.85 2.17 23.97
C SER A 233 15.33 1.82 24.15
N ILE A 234 15.70 1.29 25.32
CA ILE A 234 17.10 0.93 25.50
C ILE A 234 17.45 -0.28 24.62
N ASN A 235 16.49 -1.18 24.34
CA ASN A 235 16.78 -2.29 23.44
C ASN A 235 16.98 -1.79 22.02
N SER A 236 16.20 -0.79 21.62
CA SER A 236 16.42 -0.22 20.29
C SER A 236 17.83 0.40 20.23
N ILE A 237 18.28 0.99 21.32
CA ILE A 237 19.65 1.52 21.32
C ILE A 237 20.69 0.40 21.23
N SER A 238 20.41 -0.79 21.79
CA SER A 238 21.37 -1.89 21.76
C SER A 238 21.66 -2.35 20.35
N ALA A 239 20.67 -2.31 19.47
CA ALA A 239 20.90 -2.66 18.07
C ALA A 239 21.80 -1.64 17.41
N LEU A 240 21.61 -0.37 17.77
CA LEU A 240 22.46 0.68 17.22
C LEU A 240 23.89 0.57 17.76
N CYS A 241 24.06 0.20 19.04
CA CYS A 241 25.39 -0.04 19.58
C CYS A 241 26.12 -1.13 18.82
N GLU A 242 25.42 -2.23 18.53
CA GLU A 242 26.02 -3.32 17.77
C GLU A 242 26.48 -2.85 16.39
N ALA A 243 25.77 -1.89 15.82
CA ALA A 243 26.12 -1.44 14.48
C ALA A 243 27.25 -0.40 14.47
N THR A 244 27.52 0.27 15.60
CA THR A 244 28.42 1.41 15.63
C THR A 244 29.68 1.21 16.48
N GLY A 245 29.75 0.20 17.33
CA GLY A 245 30.88 0.08 18.22
C GLY A 245 30.69 0.72 19.59
N ALA A 246 29.56 1.39 19.81
CA ALA A 246 29.19 1.82 21.15
C ALA A 246 28.83 0.59 22.00
N ASP A 247 28.74 0.81 23.31
CA ASP A 247 28.41 -0.23 24.28
C ASP A 247 27.15 0.18 25.02
N VAL A 248 26.13 -0.68 24.99
CA VAL A 248 24.82 -0.26 25.50
C VAL A 248 24.87 -0.04 27.01
N GLU A 249 25.75 -0.75 27.72
CA GLU A 249 25.85 -0.52 29.16
C GLU A 249 26.47 0.85 29.43
N GLU A 250 27.46 1.25 28.64
CA GLU A 250 28.00 2.61 28.77
C GLU A 250 26.94 3.64 28.44
N VAL A 251 26.18 3.44 27.36
CA VAL A 251 25.17 4.41 26.97
C VAL A 251 24.07 4.51 28.04
N ALA A 252 23.60 3.36 28.54
CA ALA A 252 22.53 3.36 29.54
C ALA A 252 22.97 4.06 30.82
N THR A 253 24.22 3.86 31.23
CA THR A 253 24.72 4.55 32.41
C THR A 253 24.71 6.06 32.20
N ALA A 254 25.21 6.51 31.05
CA ALA A 254 25.23 7.93 30.73
C ALA A 254 23.82 8.49 30.69
N ILE A 255 22.87 7.74 30.10
CA ILE A 255 21.47 8.19 30.02
C ILE A 255 20.87 8.30 31.40
N GLY A 256 21.01 7.23 32.19
CA GLY A 256 20.38 7.10 33.49
C GLY A 256 20.89 8.07 34.54
N MET A 257 22.05 8.67 34.33
CA MET A 257 22.53 9.70 35.25
C MET A 257 21.84 11.04 35.06
N ASP A 258 21.13 11.26 33.97
CA ASP A 258 20.24 12.40 33.89
C ASP A 258 19.09 12.18 34.87
N GLN A 259 19.00 13.02 35.90
CA GLN A 259 18.00 12.78 36.93
C GLN A 259 16.57 12.95 36.44
N ARG A 260 16.35 13.58 35.28
CA ARG A 260 15.03 13.62 34.67
C ARG A 260 14.65 12.30 34.01
N ILE A 261 15.63 11.46 33.68
CA ILE A 261 15.35 10.15 33.12
C ILE A 261 15.40 9.07 34.19
N GLY A 262 16.38 9.15 35.09
CA GLY A 262 16.55 8.14 36.12
C GLY A 262 17.24 6.90 35.58
N ASN A 263 17.77 6.09 36.50
CA ASN A 263 18.64 4.99 36.14
C ASN A 263 17.96 3.62 36.23
N LYS A 264 16.64 3.55 36.36
CA LYS A 264 15.93 2.29 36.50
C LYS A 264 15.31 1.84 35.19
N PHE A 265 15.18 0.52 35.03
CA PHE A 265 14.55 -0.07 33.85
C PHE A 265 15.29 0.34 32.57
N LEU A 266 16.64 0.36 32.64
CA LEU A 266 17.50 0.66 31.50
C LEU A 266 18.45 -0.48 31.18
N LYS A 267 18.09 -1.72 31.53
CA LYS A 267 18.93 -2.88 31.26
C LYS A 267 18.48 -3.52 29.94
N ALA A 268 19.32 -3.44 28.92
CA ALA A 268 19.00 -4.08 27.65
C ALA A 268 18.94 -5.60 27.81
N SER A 269 18.10 -6.23 27.01
CA SER A 269 17.88 -7.67 27.15
C SER A 269 17.38 -8.20 25.82
N VAL A 270 17.26 -9.53 25.77
CA VAL A 270 16.65 -10.20 24.62
C VAL A 270 15.17 -9.87 24.50
N GLY A 271 14.55 -9.36 25.56
CA GLY A 271 13.18 -8.89 25.46
C GLY A 271 12.47 -8.90 26.79
N PHE A 272 11.56 -7.96 27.03
CA PHE A 272 10.84 -8.01 28.30
C PHE A 272 9.81 -9.13 28.26
N GLY A 273 9.49 -9.63 29.46
CA GLY A 273 8.54 -10.72 29.58
C GLY A 273 7.59 -10.51 30.76
N GLY A 274 6.95 -11.58 31.23
CA GLY A 274 6.01 -11.50 32.32
C GLY A 274 4.58 -11.30 31.85
N SER A 275 3.65 -11.55 32.77
CA SER A 275 2.21 -11.57 32.49
C SER A 275 1.57 -10.20 32.51
N CYS A 276 2.35 -9.11 32.63
CA CYS A 276 1.82 -7.76 32.79
CA CYS A 276 1.78 -7.78 32.77
C CYS A 276 2.14 -6.85 31.62
N PHE A 277 3.41 -6.77 31.22
CA PHE A 277 3.85 -5.72 30.31
C PHE A 277 3.18 -5.81 28.96
N GLN A 278 3.37 -6.92 28.25
CA GLN A 278 2.79 -7.01 26.92
C GLN A 278 1.27 -6.92 26.98
N LYS A 279 0.68 -7.58 27.97
CA LYS A 279 -0.79 -7.61 28.07
C LYS A 279 -1.36 -6.20 28.22
N ASP A 280 -0.71 -5.36 29.03
CA ASP A 280 -1.25 -4.03 29.27
C ASP A 280 -1.02 -3.11 28.08
N VAL A 281 0.11 -3.25 27.40
CA VAL A 281 0.38 -2.42 26.23
C VAL A 281 -0.59 -2.76 25.10
N LEU A 282 -0.82 -4.07 24.86
CA LEU A 282 -1.81 -4.46 23.86
C LEU A 282 -3.21 -3.96 24.22
N ASN A 283 -3.56 -3.98 25.51
CA ASN A 283 -4.87 -3.47 25.90
C ASN A 283 -4.99 -1.98 25.60
N LEU A 284 -3.92 -1.23 25.84
CA LEU A 284 -3.90 0.20 25.54
C LEU A 284 -4.02 0.45 24.03
N VAL A 285 -3.31 -0.33 23.22
CA VAL A 285 -3.39 -0.19 21.77
C VAL A 285 -4.81 -0.48 21.30
N TYR A 286 -5.43 -1.54 21.82
CA TYR A 286 -6.80 -1.87 21.41
C TYR A 286 -7.75 -0.77 21.81
N LEU A 287 -7.60 -0.26 23.04
CA LEU A 287 -8.42 0.85 23.51
C LEU A 287 -8.33 2.04 22.56
N CYS A 288 -7.12 2.36 22.09
CA CYS A 288 -6.93 3.49 21.18
C CYS A 288 -7.62 3.26 19.85
N GLU A 289 -7.52 2.03 19.29
CA GLU A 289 -8.22 1.74 18.05
C GLU A 289 -9.72 1.88 18.20
N ALA A 290 -10.27 1.38 19.31
CA ALA A 290 -11.71 1.45 19.51
C ALA A 290 -12.18 2.88 19.68
N LEU A 291 -11.32 3.78 20.17
CA LEU A 291 -11.68 5.18 20.32
C LEU A 291 -11.33 6.01 19.09
N ASN A 292 -11.04 5.39 17.94
CA ASN A 292 -10.66 6.12 16.72
C ASN A 292 -9.44 7.00 16.98
N LEU A 293 -8.42 6.45 17.62
CA LEU A 293 -7.15 7.15 17.82
C LEU A 293 -6.03 6.33 17.20
N PRO A 294 -6.02 6.21 15.86
CA PRO A 294 -5.00 5.33 15.24
C PRO A 294 -3.57 5.85 15.42
N GLU A 295 -3.37 7.17 15.46
CA GLU A 295 -2.02 7.69 15.69
C GLU A 295 -1.50 7.28 17.05
N VAL A 296 -2.35 7.38 18.09
CA VAL A 296 -1.90 6.96 19.41
C VAL A 296 -1.69 5.45 19.43
N ALA A 297 -2.58 4.71 18.79
CA ALA A 297 -2.46 3.25 18.75
C ALA A 297 -1.13 2.83 18.14
N ARG A 298 -0.75 3.40 17.00
CA ARG A 298 0.48 2.93 16.39
C ARG A 298 1.71 3.41 17.16
N TYR A 299 1.58 4.50 17.92
CA TYR A 299 2.67 4.94 18.80
C TYR A 299 2.98 3.86 19.83
N TRP A 300 1.96 3.36 20.53
CA TRP A 300 2.25 2.40 21.58
C TRP A 300 2.51 1.01 21.03
N GLN A 301 1.98 0.70 19.84
CA GLN A 301 2.28 -0.57 19.20
C GLN A 301 3.78 -0.75 18.98
N GLN A 302 4.52 0.36 18.79
CA GLN A 302 5.96 0.28 18.57
C GLN A 302 6.69 -0.35 19.76
N VAL A 303 6.17 -0.16 20.97
CA VAL A 303 6.78 -0.78 22.14
C VAL A 303 6.81 -2.29 21.99
N ILE A 304 5.72 -2.89 21.46
CA ILE A 304 5.63 -4.33 21.24
C ILE A 304 6.44 -4.76 20.02
N ASP A 305 6.33 -4.02 18.91
CA ASP A 305 7.07 -4.40 17.72
C ASP A 305 8.58 -4.41 17.99
N MET A 306 9.06 -3.46 18.78
CA MET A 306 10.49 -3.41 19.11
C MET A 306 10.87 -4.59 19.98
N ASN A 307 10.00 -4.96 20.92
CA ASN A 307 10.25 -6.16 21.72
C ASN A 307 10.27 -7.41 20.86
N ASP A 308 9.32 -7.53 19.92
CA ASP A 308 9.34 -8.70 19.05
C ASP A 308 10.60 -8.70 18.20
N TYR A 309 11.00 -7.52 17.71
CA TYR A 309 12.19 -7.41 16.88
C TYR A 309 13.46 -7.77 17.65
N GLN A 310 13.54 -7.37 18.91
CA GLN A 310 14.72 -7.68 19.71
C GLN A 310 14.91 -9.19 19.84
N ARG A 311 13.80 -9.92 20.02
CA ARG A 311 13.86 -11.39 20.11
C ARG A 311 14.19 -12.04 18.76
N ARG A 312 13.49 -11.63 17.71
CA ARG A 312 13.74 -12.23 16.40
C ARG A 312 15.18 -11.98 15.94
N ARG A 313 15.68 -10.78 16.19
CA ARG A 313 17.04 -10.40 15.82
C ARG A 313 18.07 -11.23 16.57
N PHE A 314 17.81 -11.48 17.85
CA PHE A 314 18.71 -12.32 18.64
C PHE A 314 18.72 -13.76 18.11
N ALA A 315 17.55 -14.32 17.80
CA ALA A 315 17.53 -15.68 17.25
C ALA A 315 18.22 -15.75 15.90
N SER A 316 18.03 -14.73 15.05
CA SER A 316 18.69 -14.75 13.75
C SER A 316 20.20 -14.63 13.87
N ARG A 317 20.70 -13.90 14.87
CA ARG A 317 22.15 -13.83 15.10
C ARG A 317 22.72 -15.20 15.40
N ILE A 318 22.02 -15.96 16.26
CA ILE A 318 22.45 -17.33 16.57
C ILE A 318 22.54 -18.15 15.29
N ILE A 319 21.48 -18.12 14.49
CA ILE A 319 21.43 -18.91 13.27
C ILE A 319 22.51 -18.49 12.28
N ASP A 320 22.69 -17.17 12.09
CA ASP A 320 23.72 -16.69 11.17
C ASP A 320 25.12 -17.02 11.66
N SER A 321 25.37 -16.91 12.97
CA SER A 321 26.71 -17.22 13.47
C SER A 321 27.02 -18.69 13.34
N LEU A 322 26.02 -19.56 13.48
CA LEU A 322 26.21 -20.99 13.24
C LEU A 322 26.15 -21.35 11.76
N PHE A 323 26.74 -20.52 10.90
CA PHE A 323 26.88 -20.84 9.48
C PHE A 323 25.53 -21.08 8.81
N ASN A 324 24.49 -20.44 9.32
CA ASN A 324 23.17 -20.39 8.69
C ASN A 324 22.49 -21.75 8.63
N THR A 325 22.87 -22.69 9.49
CA THR A 325 22.18 -23.97 9.63
C THR A 325 22.35 -24.43 11.06
N VAL A 326 21.23 -24.84 11.69
CA VAL A 326 21.27 -25.38 13.04
C VAL A 326 20.49 -26.69 13.05
N THR A 327 20.04 -27.13 11.87
CA THR A 327 19.40 -28.44 11.77
C THR A 327 20.30 -29.50 12.41
N ASP A 328 19.74 -30.23 13.37
CA ASP A 328 20.38 -31.30 14.12
C ASP A 328 21.52 -30.84 15.03
N LYS A 329 21.77 -29.55 15.14
CA LYS A 329 22.81 -29.08 16.05
C LYS A 329 22.30 -29.03 17.48
N LYS A 330 23.11 -29.52 18.41
CA LYS A 330 22.80 -29.42 19.83
C LYS A 330 23.07 -28.02 20.31
N ILE A 331 22.09 -27.41 20.94
CA ILE A 331 22.21 -26.04 21.46
C ILE A 331 21.72 -26.04 22.89
N ALA A 332 22.52 -25.50 23.80
CA ALA A 332 22.14 -25.37 25.21
C ALA A 332 21.42 -24.05 25.42
N ILE A 333 20.23 -24.12 26.03
CA ILE A 333 19.47 -22.95 26.45
C ILE A 333 19.61 -22.84 27.95
N LEU A 334 20.34 -21.83 28.43
CA LEU A 334 20.50 -21.60 29.87
C LEU A 334 19.49 -20.54 30.31
N GLY A 335 18.50 -20.95 31.08
CA GLY A 335 17.50 -20.03 31.57
C GLY A 335 16.21 -20.05 30.78
N PHE A 336 15.11 -20.36 31.46
CA PHE A 336 13.81 -20.37 30.82
C PHE A 336 12.80 -19.42 31.47
N ALA A 337 12.94 -19.13 32.76
CA ALA A 337 12.05 -18.18 33.41
C ALA A 337 12.16 -16.81 32.76
N PHE A 338 11.10 -16.00 32.90
CA PHE A 338 11.11 -14.71 32.22
C PHE A 338 12.09 -13.73 32.86
N LYS A 339 12.48 -13.97 34.10
CA LYS A 339 13.51 -13.19 34.78
C LYS A 339 14.09 -14.10 35.86
N LYS A 340 15.20 -13.67 36.46
CA LYS A 340 15.85 -14.53 37.42
C LYS A 340 15.03 -14.62 38.70
N ASP A 341 15.33 -15.64 39.50
CA ASP A 341 14.77 -15.82 40.84
C ASP A 341 13.25 -15.94 40.81
N THR A 342 12.73 -16.63 39.81
CA THR A 342 11.30 -16.96 39.77
C THR A 342 11.10 -18.21 38.93
N GLY A 343 10.01 -18.92 39.21
CA GLY A 343 9.60 -20.00 38.34
C GLY A 343 8.66 -19.59 37.21
N ASP A 344 8.24 -18.33 37.20
CA ASP A 344 7.28 -17.85 36.20
C ASP A 344 7.92 -17.78 34.81
N THR A 345 7.26 -18.41 33.83
CA THR A 345 7.71 -18.40 32.43
C THR A 345 6.80 -17.58 31.51
N ARG A 346 5.83 -16.87 32.06
CA ARG A 346 4.83 -16.24 31.20
C ARG A 346 5.47 -15.17 30.32
N GLU A 347 5.24 -15.31 29.02
CA GLU A 347 5.81 -14.42 28.00
C GLU A 347 7.33 -14.36 28.10
N SER A 348 7.95 -15.41 28.61
CA SER A 348 9.40 -15.43 28.71
C SER A 348 10.02 -15.36 27.33
N SER A 349 11.06 -14.53 27.20
CA SER A 349 11.77 -14.48 25.93
C SER A 349 12.37 -15.83 25.58
N SER A 350 12.72 -16.67 26.57
CA SER A 350 13.28 -17.98 26.24
C SER A 350 12.31 -18.82 25.41
N ILE A 351 11.01 -18.67 25.63
CA ILE A 351 10.03 -19.42 24.85
C ILE A 351 10.16 -19.07 23.38
N TYR A 352 10.22 -17.78 23.07
CA TYR A 352 10.26 -17.34 21.68
C TYR A 352 11.60 -17.69 21.03
N ILE A 353 12.71 -17.45 21.73
CA ILE A 353 14.02 -17.81 21.19
C ILE A 353 14.06 -19.31 20.91
N SER A 354 13.57 -20.11 21.86
CA SER A 354 13.52 -21.56 21.67
C SER A 354 12.68 -21.93 20.45
N LYS A 355 11.51 -21.30 20.29
CA LYS A 355 10.65 -21.71 19.17
C LYS A 355 11.28 -21.35 17.84
N TYR A 356 11.95 -20.19 17.75
CA TYR A 356 12.67 -19.85 16.52
C TYR A 356 13.73 -20.91 16.21
N LEU A 357 14.44 -21.37 17.23
CA LEU A 357 15.47 -22.37 17.00
C LEU A 357 14.86 -23.72 16.68
N MET A 358 13.70 -24.04 17.27
CA MET A 358 13.00 -25.27 16.90
C MET A 358 12.52 -25.23 15.46
N ASP A 359 12.07 -24.06 14.97
CA ASP A 359 11.62 -23.98 13.58
C ASP A 359 12.75 -24.27 12.60
N GLU A 360 13.99 -24.15 13.03
CA GLU A 360 15.16 -24.51 12.26
C GLU A 360 15.62 -25.95 12.45
N GLY A 361 14.99 -26.69 13.36
CA GLY A 361 15.36 -28.07 13.61
C GLY A 361 16.49 -28.26 14.58
N ALA A 362 16.76 -27.29 15.46
CA ALA A 362 17.80 -27.44 16.45
C ALA A 362 17.43 -28.47 17.52
N HIS A 363 18.47 -29.15 18.05
CA HIS A 363 18.31 -30.00 19.23
C HIS A 363 18.59 -29.15 20.47
N LEU A 364 17.53 -28.69 21.14
CA LEU A 364 17.65 -27.83 22.30
C LEU A 364 17.76 -28.66 23.57
N HIS A 365 18.74 -28.33 24.40
CA HIS A 365 18.84 -28.87 25.76
C HIS A 365 18.66 -27.69 26.69
N ILE A 366 17.56 -27.69 27.44
CA ILE A 366 17.14 -26.53 28.21
C ILE A 366 17.42 -26.82 29.68
N TYR A 367 18.13 -25.89 30.33
CA TYR A 367 18.36 -25.94 31.77
C TYR A 367 17.83 -24.66 32.40
N ASP A 368 17.04 -24.80 33.47
CA ASP A 368 16.64 -23.69 34.31
C ASP A 368 16.60 -24.21 35.73
N PRO A 369 17.22 -23.53 36.69
CA PRO A 369 17.28 -24.08 38.06
C PRO A 369 15.96 -24.07 38.79
N LYS A 370 14.92 -23.41 38.28
CA LYS A 370 13.70 -23.28 39.08
C LYS A 370 12.44 -23.70 38.31
N VAL A 371 12.42 -23.53 36.99
CA VAL A 371 11.21 -23.89 36.24
C VAL A 371 11.06 -25.40 36.21
N PRO A 372 9.89 -25.95 36.54
CA PRO A 372 9.71 -27.40 36.47
C PRO A 372 9.60 -27.91 35.04
N ARG A 373 10.02 -29.16 34.85
CA ARG A 373 10.10 -29.76 33.51
C ARG A 373 8.79 -29.64 32.75
N GLU A 374 7.67 -30.00 33.39
CA GLU A 374 6.37 -30.00 32.72
C GLU A 374 6.00 -28.63 32.18
N GLN A 375 6.40 -27.56 32.86
CA GLN A 375 6.04 -26.22 32.41
C GLN A 375 6.75 -25.86 31.10
N ILE A 376 8.01 -26.29 30.95
CA ILE A 376 8.75 -26.02 29.72
C ILE A 376 8.13 -26.78 28.55
N VAL A 377 7.73 -28.04 28.77
CA VAL A 377 7.10 -28.81 27.71
C VAL A 377 5.80 -28.15 27.26
N VAL A 378 4.97 -27.74 28.22
CA VAL A 378 3.72 -27.05 27.89
C VAL A 378 3.99 -25.78 27.08
N ASP A 379 4.97 -24.97 27.52
CA ASP A 379 5.22 -23.69 26.86
C ASP A 379 5.68 -23.87 25.42
N LEU A 380 6.35 -24.97 25.12
CA LEU A 380 6.87 -25.14 23.77
C LEU A 380 5.93 -25.92 22.87
N SER A 381 4.82 -26.42 23.41
CA SER A 381 3.87 -27.22 22.66
C SER A 381 2.87 -26.34 21.92
N HIS A 382 2.16 -26.95 20.97
CA HIS A 382 1.22 -26.22 20.13
C HIS A 382 -0.17 -26.13 20.73
N ASP A 389 5.00 -33.15 19.62
CA ASP A 389 5.74 -33.95 18.65
C ASP A 389 7.05 -33.28 18.23
N GLN A 390 6.96 -32.01 17.85
CA GLN A 390 8.16 -31.24 17.59
C GLN A 390 8.99 -31.14 18.87
N VAL A 391 8.31 -30.95 20.00
CA VAL A 391 8.97 -30.94 21.31
C VAL A 391 9.65 -32.29 21.57
N SER A 392 8.96 -33.40 21.25
CA SER A 392 9.58 -34.71 21.47
C SER A 392 10.86 -34.86 20.67
N ARG A 393 10.82 -34.50 19.39
CA ARG A 393 12.00 -34.73 18.55
C ARG A 393 13.16 -33.82 18.94
N LEU A 394 12.87 -32.58 19.35
CA LEU A 394 13.90 -31.56 19.36
C LEU A 394 14.29 -31.06 20.75
N VAL A 395 13.49 -31.31 21.78
CA VAL A 395 13.65 -30.65 23.07
C VAL A 395 14.03 -31.67 24.14
N THR A 396 15.15 -31.43 24.82
CA THR A 396 15.55 -32.16 26.02
C THR A 396 15.63 -31.19 27.18
N ILE A 397 15.07 -31.58 28.32
CA ILE A 397 15.16 -30.76 29.52
C ILE A 397 16.22 -31.37 30.43
N SER A 398 17.32 -30.62 30.65
CA SER A 398 18.51 -31.12 31.33
C SER A 398 18.40 -30.93 32.83
N LYS A 399 19.14 -31.76 33.57
CA LYS A 399 19.18 -31.66 35.02
C LYS A 399 20.26 -30.71 35.52
N ASP A 400 21.37 -30.57 34.80
CA ASP A 400 22.41 -29.62 35.18
C ASP A 400 22.93 -28.94 33.92
N PRO A 401 23.57 -27.78 34.06
CA PRO A 401 23.95 -27.03 32.84
C PRO A 401 25.07 -27.68 32.04
N TYR A 402 25.95 -28.47 32.68
CA TYR A 402 27.07 -29.07 31.95
C TYR A 402 26.60 -30.16 31.00
N GLU A 403 25.56 -30.90 31.40
CA GLU A 403 24.91 -31.85 30.51
C GLU A 403 24.33 -31.14 29.29
N ALA A 404 23.68 -29.98 29.51
CA ALA A 404 23.11 -29.25 28.39
C ALA A 404 24.19 -28.80 27.42
N CYS A 405 25.39 -28.48 27.91
CA CYS A 405 26.44 -27.96 27.04
C CYS A 405 27.30 -29.03 26.39
N ASP A 406 27.17 -30.29 26.81
CA ASP A 406 28.06 -31.37 26.34
C ASP A 406 27.77 -31.71 24.88
N GLY A 407 28.77 -31.54 24.01
CA GLY A 407 28.59 -31.70 22.59
C GLY A 407 27.82 -30.59 21.90
N ALA A 408 27.56 -29.49 22.60
CA ALA A 408 26.79 -28.41 22.02
C ALA A 408 27.64 -27.57 21.08
N HIS A 409 26.99 -26.94 20.11
CA HIS A 409 27.63 -25.92 19.27
C HIS A 409 27.60 -24.53 19.89
N ALA A 410 26.58 -24.25 20.71
CA ALA A 410 26.37 -22.92 21.24
C ALA A 410 25.70 -22.99 22.58
N VAL A 411 26.06 -22.05 23.43
CA VAL A 411 25.41 -21.83 24.71
C VAL A 411 24.67 -20.52 24.61
N VAL A 412 23.36 -20.56 24.85
CA VAL A 412 22.48 -19.41 24.75
C VAL A 412 21.96 -19.12 26.17
N ILE A 413 22.35 -17.98 26.73
CA ILE A 413 21.93 -17.56 28.06
C ILE A 413 20.75 -16.61 27.87
N CYS A 414 19.55 -17.04 28.27
CA CYS A 414 18.33 -16.27 28.07
C CYS A 414 17.75 -15.68 29.34
N THR A 415 18.21 -16.12 30.51
CA THR A 415 17.71 -15.65 31.79
C THR A 415 18.90 -15.42 32.70
N GLU A 416 18.87 -14.28 33.41
CA GLU A 416 20.03 -13.77 34.15
C GLU A 416 20.26 -14.43 35.50
N TRP A 417 20.11 -15.75 35.60
CA TRP A 417 20.42 -16.44 36.85
C TRP A 417 21.88 -16.19 37.24
N ASP A 418 22.10 -15.86 38.52
CA ASP A 418 23.45 -15.54 39.00
C ASP A 418 24.43 -16.69 38.79
N MET A 419 23.94 -17.93 38.87
CA MET A 419 24.83 -19.08 38.79
C MET A 419 25.52 -19.20 37.43
N PHE A 420 24.94 -18.63 36.37
CA PHE A 420 25.56 -18.74 35.05
C PHE A 420 26.86 -17.96 34.98
N LYS A 421 27.02 -16.93 35.81
CA LYS A 421 28.30 -16.22 35.89
C LYS A 421 29.41 -17.12 36.42
N GLU A 422 29.07 -18.12 37.22
CA GLU A 422 30.03 -18.92 37.98
C GLU A 422 30.34 -20.27 37.34
N LEU A 423 29.82 -20.55 36.15
CA LEU A 423 30.10 -21.85 35.53
C LEU A 423 31.59 -22.02 35.21
N ASP A 424 32.01 -23.28 35.11
CA ASP A 424 33.36 -23.66 34.68
C ASP A 424 33.41 -23.66 33.15
N TYR A 425 33.70 -22.49 32.59
CA TYR A 425 33.69 -22.35 31.13
C TYR A 425 34.88 -23.02 30.46
N GLU A 426 35.97 -23.23 31.19
CA GLU A 426 37.08 -24.03 30.65
C GLU A 426 36.62 -25.45 30.37
N ARG A 427 35.93 -26.06 31.34
CA ARG A 427 35.37 -27.39 31.19
C ARG A 427 34.33 -27.45 30.09
N ILE A 428 33.48 -26.43 30.00
CA ILE A 428 32.45 -26.40 28.96
C ILE A 428 33.08 -26.38 27.58
N HIS A 429 34.15 -25.57 27.42
CA HIS A 429 34.77 -25.40 26.10
C HIS A 429 35.33 -26.72 25.56
N LYS A 430 35.92 -27.53 26.44
CA LYS A 430 36.60 -28.74 25.97
C LYS A 430 35.64 -29.70 25.29
N LYS A 431 34.40 -29.77 25.75
CA LYS A 431 33.46 -30.75 25.24
C LYS A 431 32.48 -30.16 24.22
N MET A 432 32.58 -28.87 23.90
CA MET A 432 31.77 -28.30 22.84
C MET A 432 32.40 -28.57 21.47
N LEU A 433 31.55 -28.59 20.45
CA LEU A 433 32.05 -28.59 19.09
C LEU A 433 32.64 -27.22 18.75
N LYS A 434 33.58 -27.20 17.82
CA LYS A 434 34.30 -25.98 17.51
C LYS A 434 33.93 -25.51 16.11
N PRO A 435 33.78 -24.18 15.91
CA PRO A 435 33.90 -23.11 16.91
C PRO A 435 32.77 -23.09 17.93
N ALA A 436 33.10 -22.83 19.20
CA ALA A 436 32.10 -22.81 20.27
C ALA A 436 31.62 -21.39 20.52
N PHE A 437 30.31 -21.20 20.55
CA PHE A 437 29.71 -19.89 20.72
C PHE A 437 29.02 -19.74 22.07
N ILE A 438 29.11 -18.56 22.64
CA ILE A 438 28.26 -18.14 23.75
C ILE A 438 27.47 -16.94 23.28
N PHE A 439 26.15 -17.02 23.38
CA PHE A 439 25.26 -15.90 23.10
C PHE A 439 24.63 -15.47 24.42
N ASP A 440 25.07 -14.31 24.92
CA ASP A 440 24.66 -13.75 26.19
C ASP A 440 23.51 -12.78 25.91
N GLY A 441 22.29 -13.22 26.19
CA GLY A 441 21.12 -12.38 25.99
C GLY A 441 20.75 -11.50 27.16
N ARG A 442 21.57 -11.47 28.21
CA ARG A 442 21.28 -10.72 29.41
C ARG A 442 22.45 -9.91 29.92
N ARG A 443 23.59 -9.90 29.22
CA ARG A 443 24.81 -9.22 29.68
C ARG A 443 25.32 -9.79 31.01
N VAL A 444 25.05 -11.07 31.29
CA VAL A 444 25.48 -11.62 32.57
C VAL A 444 26.98 -11.91 32.59
N LEU A 445 27.63 -12.07 31.43
CA LEU A 445 29.04 -12.41 31.35
C LEU A 445 29.94 -11.20 31.14
N ASP A 446 29.43 -9.97 31.31
CA ASP A 446 30.26 -8.78 31.20
C ASP A 446 31.44 -8.85 32.15
N GLY A 447 32.60 -8.42 31.66
CA GLY A 447 33.84 -8.52 32.40
C GLY A 447 34.57 -9.83 32.22
N LEU A 448 33.89 -10.85 31.72
CA LEU A 448 34.48 -12.15 31.48
C LEU A 448 34.86 -12.36 30.01
N HIS A 449 34.67 -11.35 29.16
CA HIS A 449 34.84 -11.55 27.73
C HIS A 449 36.27 -11.93 27.36
N ASN A 450 37.25 -11.24 27.95
CA ASN A 450 38.65 -11.58 27.67
C ASN A 450 38.99 -12.99 28.14
N GLU A 451 38.52 -13.38 29.32
CA GLU A 451 38.81 -14.73 29.80
C GLU A 451 38.13 -15.78 28.94
N LEU A 452 36.89 -15.53 28.53
CA LEU A 452 36.20 -16.50 27.67
C LEU A 452 36.85 -16.58 26.29
N GLN A 453 37.34 -15.45 25.78
CA GLN A 453 37.96 -15.44 24.46
C GLN A 453 39.29 -16.18 24.46
N THR A 454 40.10 -16.01 25.51
CA THR A 454 41.37 -16.73 25.55
C THR A 454 41.17 -18.23 25.72
N ILE A 455 40.09 -18.63 26.41
CA ILE A 455 39.72 -20.05 26.47
C ILE A 455 39.39 -20.58 25.09
N GLY A 456 38.78 -19.76 24.23
CA GLY A 456 38.49 -20.14 22.86
C GLY A 456 37.06 -19.88 22.40
N PHE A 457 36.21 -19.36 23.28
CA PHE A 457 34.83 -19.06 22.89
C PHE A 457 34.76 -17.85 21.96
N GLN A 458 33.83 -17.90 21.03
CA GLN A 458 33.36 -16.68 20.43
C GLN A 458 32.10 -16.25 21.20
N ILE A 459 32.18 -15.07 21.81
CA ILE A 459 31.13 -14.58 22.69
C ILE A 459 30.46 -13.40 22.01
N GLU A 460 29.15 -13.46 21.91
CA GLU A 460 28.33 -12.39 21.38
C GLU A 460 27.27 -12.03 22.41
N THR A 461 27.03 -10.74 22.55
CA THR A 461 26.07 -10.27 23.54
C THR A 461 25.30 -9.09 22.98
N ILE A 462 24.15 -8.84 23.62
CA ILE A 462 23.29 -7.73 23.29
C ILE A 462 24.03 -6.41 23.49
N GLY A 463 23.93 -5.53 22.51
CA GLY A 463 24.42 -4.16 22.67
C GLY A 463 25.94 -4.00 22.63
N LYS A 464 26.65 -4.96 22.05
CA LYS A 464 28.09 -4.86 21.91
C LYS A 464 28.49 -5.42 20.55
N LYS A 465 29.29 -4.67 19.81
CA LYS A 465 29.75 -5.05 18.47
C LYS A 465 30.60 -6.32 18.55
N VAL A 466 30.48 -7.17 17.53
CA VAL A 466 31.18 -8.45 17.52
C VAL A 466 32.68 -8.24 17.39
N SER A 467 33.44 -8.95 18.22
CA SER A 467 34.90 -8.90 18.23
C SER A 467 35.48 -9.87 17.19
N MET B 1 -45.77 -16.40 -41.44
CA MET B 1 -45.04 -16.23 -40.18
C MET B 1 -44.95 -17.55 -39.42
N PHE B 2 -43.88 -17.72 -38.66
CA PHE B 2 -43.66 -18.95 -37.91
C PHE B 2 -44.38 -18.89 -36.57
N GLU B 3 -45.16 -19.93 -36.28
CA GLU B 3 -45.92 -20.03 -35.04
C GLU B 3 -45.34 -21.10 -34.13
N ILE B 4 -45.02 -20.72 -32.90
CA ILE B 4 -44.59 -21.70 -31.90
C ILE B 4 -45.81 -22.49 -31.42
N LYS B 5 -45.79 -23.81 -31.62
CA LYS B 5 -46.87 -24.69 -31.19
C LYS B 5 -46.46 -25.61 -30.03
N LYS B 6 -45.16 -25.91 -29.88
CA LYS B 6 -44.64 -26.78 -28.84
C LYS B 6 -43.40 -26.15 -28.19
N ILE B 7 -43.40 -26.11 -26.87
CA ILE B 7 -42.36 -25.52 -26.06
C ILE B 7 -41.80 -26.60 -25.15
N CYS B 8 -40.47 -26.67 -25.06
CA CYS B 8 -39.78 -27.53 -24.13
C CYS B 8 -38.95 -26.64 -23.20
N CYS B 9 -39.07 -26.86 -21.90
CA CYS B 9 -38.31 -26.09 -20.92
C CYS B 9 -37.38 -27.03 -20.17
N ILE B 10 -36.07 -26.83 -20.33
CA ILE B 10 -35.10 -27.67 -19.64
C ILE B 10 -34.71 -26.98 -18.35
N GLY B 11 -35.03 -27.62 -17.23
CA GLY B 11 -34.85 -27.05 -15.91
C GLY B 11 -36.22 -26.85 -15.31
N ALA B 12 -36.52 -27.56 -14.23
CA ALA B 12 -37.84 -27.52 -13.63
C ALA B 12 -37.78 -26.87 -12.25
N GLY B 13 -36.94 -25.86 -12.12
CA GLY B 13 -36.74 -25.10 -10.90
C GLY B 13 -37.57 -23.83 -10.87
N TYR B 14 -37.02 -22.81 -10.18
CA TYR B 14 -37.77 -21.57 -9.98
C TYR B 14 -37.92 -20.77 -11.26
N VAL B 15 -36.98 -20.89 -12.18
CA VAL B 15 -37.06 -20.13 -13.41
C VAL B 15 -38.04 -20.79 -14.37
N GLY B 16 -37.79 -22.06 -14.70
CA GLY B 16 -38.52 -22.71 -15.76
C GLY B 16 -39.97 -23.03 -15.41
N GLY B 17 -40.19 -23.64 -14.26
CA GLY B 17 -41.49 -24.14 -13.84
C GLY B 17 -42.63 -23.14 -13.82
N PRO B 18 -42.49 -22.09 -12.99
CA PRO B 18 -43.58 -21.10 -12.92
C PRO B 18 -43.85 -20.38 -14.23
N THR B 19 -42.81 -19.98 -14.94
CA THR B 19 -42.97 -19.29 -16.22
C THR B 19 -43.71 -20.16 -17.24
N CYS B 20 -43.30 -21.41 -17.36
CA CYS B 20 -43.90 -22.28 -18.36
C CYS B 20 -45.30 -22.68 -17.95
N SER B 21 -45.55 -22.73 -16.66
CA SER B 21 -46.91 -22.96 -16.18
C SER B 21 -47.81 -21.80 -16.57
N VAL B 22 -47.33 -20.56 -16.41
CA VAL B 22 -48.14 -19.41 -16.79
C VAL B 22 -48.36 -19.38 -18.30
N ILE B 23 -47.32 -19.70 -19.09
CA ILE B 23 -47.46 -19.77 -20.55
C ILE B 23 -48.55 -20.78 -20.94
N ALA B 24 -48.50 -21.97 -20.36
CA ALA B 24 -49.51 -22.98 -20.70
C ALA B 24 -50.90 -22.47 -20.34
N HIS B 25 -51.05 -21.85 -19.17
CA HIS B 25 -52.34 -21.35 -18.74
C HIS B 25 -52.90 -20.30 -19.69
N MET B 26 -52.03 -19.45 -20.23
CA MET B 26 -52.48 -18.34 -21.06
C MET B 26 -52.58 -18.67 -22.54
N CYS B 27 -51.99 -19.78 -22.98
CA CYS B 27 -51.93 -20.13 -24.41
C CYS B 27 -52.42 -21.57 -24.55
N PRO B 28 -53.74 -21.76 -24.57
CA PRO B 28 -54.29 -23.13 -24.57
C PRO B 28 -53.87 -23.99 -25.75
N GLU B 29 -53.56 -23.39 -26.90
CA GLU B 29 -53.20 -24.18 -28.08
C GLU B 29 -51.69 -24.42 -28.22
N ILE B 30 -50.89 -24.06 -27.22
CA ILE B 30 -49.46 -24.37 -27.19
C ILE B 30 -49.21 -25.50 -26.20
N ARG B 31 -48.50 -26.54 -26.64
CA ARG B 31 -48.11 -27.63 -25.76
C ARG B 31 -46.79 -27.27 -25.08
N VAL B 32 -46.76 -27.34 -23.75
CA VAL B 32 -45.65 -26.90 -22.94
C VAL B 32 -45.17 -28.11 -22.15
N THR B 33 -43.91 -28.48 -22.32
CA THR B 33 -43.35 -29.64 -21.63
C THR B 33 -42.13 -29.19 -20.82
N VAL B 34 -42.20 -29.35 -19.51
CA VAL B 34 -41.10 -29.00 -18.63
C VAL B 34 -40.34 -30.29 -18.33
N VAL B 35 -39.03 -30.32 -18.60
CA VAL B 35 -38.27 -31.54 -18.43
C VAL B 35 -37.09 -31.28 -17.51
N ASP B 36 -36.67 -32.34 -16.82
CA ASP B 36 -35.59 -32.26 -15.84
C ASP B 36 -35.10 -33.68 -15.61
N VAL B 37 -33.79 -33.83 -15.38
CA VAL B 37 -33.24 -35.16 -15.13
C VAL B 37 -33.63 -35.66 -13.75
N ASN B 38 -33.98 -34.76 -12.84
CA ASN B 38 -34.36 -35.14 -11.47
C ASN B 38 -35.74 -35.76 -11.48
N GLU B 39 -35.80 -37.09 -11.28
CA GLU B 39 -37.08 -37.77 -11.32
C GLU B 39 -37.95 -37.37 -10.12
N SER B 40 -37.34 -37.03 -8.99
CA SER B 40 -38.09 -36.57 -7.81
C SER B 40 -38.84 -35.28 -8.11
N ARG B 41 -38.17 -34.32 -8.75
CA ARG B 41 -38.81 -33.04 -9.07
C ARG B 41 -39.97 -33.24 -10.03
N ILE B 42 -39.75 -34.01 -11.11
CA ILE B 42 -40.79 -34.21 -12.11
C ILE B 42 -42.02 -34.87 -11.50
N ASN B 43 -41.81 -35.85 -10.62
CA ASN B 43 -42.93 -36.47 -9.94
C ASN B 43 -43.65 -35.47 -9.04
N ALA B 44 -42.89 -34.64 -8.30
CA ALA B 44 -43.51 -33.64 -7.46
C ALA B 44 -44.35 -32.66 -8.27
N TRP B 45 -43.84 -32.21 -9.42
CA TRP B 45 -44.63 -31.36 -10.29
C TRP B 45 -45.92 -32.05 -10.76
N ASN B 46 -45.89 -33.37 -10.86
CA ASN B 46 -47.07 -34.11 -11.26
C ASN B 46 -47.93 -34.55 -10.07
N SER B 47 -47.60 -34.11 -8.86
CA SER B 47 -48.28 -34.45 -7.62
C SER B 47 -49.13 -33.30 -7.10
N PRO B 48 -49.96 -33.55 -6.07
CA PRO B 48 -50.66 -32.43 -5.43
C PRO B 48 -49.76 -31.57 -4.55
N THR B 49 -48.46 -31.88 -4.45
CA THR B 49 -47.53 -31.10 -3.62
C THR B 49 -46.37 -30.67 -4.51
N LEU B 50 -46.37 -29.40 -4.90
CA LEU B 50 -45.40 -28.93 -5.88
C LEU B 50 -44.05 -28.66 -5.22
N PRO B 51 -42.94 -28.84 -5.96
CA PRO B 51 -41.61 -28.69 -5.34
C PRO B 51 -41.25 -27.25 -4.97
N ILE B 52 -41.97 -26.25 -5.46
CA ILE B 52 -41.77 -24.88 -5.02
C ILE B 52 -43.12 -24.29 -4.67
N TYR B 53 -43.14 -23.44 -3.65
CA TYR B 53 -44.37 -22.80 -3.20
C TYR B 53 -44.37 -21.35 -3.65
N GLU B 54 -45.43 -20.97 -4.38
CA GLU B 54 -45.68 -19.59 -4.77
C GLU B 54 -47.18 -19.42 -4.68
N PRO B 55 -47.66 -18.34 -4.07
CA PRO B 55 -49.10 -18.08 -4.07
C PRO B 55 -49.62 -18.08 -5.49
N GLY B 56 -50.72 -18.80 -5.72
CA GLY B 56 -51.34 -18.88 -7.02
C GLY B 56 -50.76 -19.90 -7.98
N LEU B 57 -49.61 -20.49 -7.68
CA LEU B 57 -48.98 -21.41 -8.63
C LEU B 57 -49.75 -22.73 -8.69
N LYS B 58 -50.16 -23.25 -7.54
CA LYS B 58 -50.91 -24.50 -7.50
C LYS B 58 -52.14 -24.42 -8.39
N GLU B 59 -52.93 -23.36 -8.25
CA GLU B 59 -54.13 -23.21 -9.07
C GLU B 59 -53.79 -23.11 -10.56
N VAL B 60 -52.74 -22.36 -10.90
CA VAL B 60 -52.33 -22.23 -12.31
C VAL B 60 -51.97 -23.59 -12.89
N VAL B 61 -51.14 -24.36 -12.19
CA VAL B 61 -50.67 -25.64 -12.72
C VAL B 61 -51.83 -26.62 -12.88
N GLU B 62 -52.75 -26.64 -11.92
CA GLU B 62 -53.83 -27.61 -11.96
C GLU B 62 -54.85 -27.32 -13.05
N SER B 63 -54.94 -26.08 -13.54
CA SER B 63 -55.85 -25.81 -14.63
C SER B 63 -55.30 -26.28 -15.98
N CYS B 64 -53.97 -26.52 -16.09
CA CYS B 64 -53.37 -26.90 -17.36
C CYS B 64 -52.72 -28.27 -17.36
N ARG B 65 -52.29 -28.78 -16.21
CA ARG B 65 -51.47 -29.98 -16.20
C ARG B 65 -52.25 -31.14 -16.80
N GLY B 66 -51.63 -31.85 -17.74
CA GLY B 66 -52.31 -32.92 -18.42
C GLY B 66 -53.15 -32.46 -19.59
N LYS B 67 -53.40 -31.15 -19.72
CA LYS B 67 -54.14 -30.62 -20.87
C LYS B 67 -53.12 -30.16 -21.91
N ASN B 68 -52.40 -29.08 -21.62
CA ASN B 68 -51.31 -28.64 -22.48
C ASN B 68 -50.01 -28.40 -21.71
N LEU B 69 -49.97 -28.73 -20.42
CA LEU B 69 -48.78 -28.62 -19.60
C LEU B 69 -48.39 -30.00 -19.10
N PHE B 70 -47.14 -30.38 -19.34
CA PHE B 70 -46.63 -31.70 -19.01
C PHE B 70 -45.25 -31.57 -18.37
N PHE B 71 -45.01 -32.42 -17.39
CA PHE B 71 -43.71 -32.52 -16.73
C PHE B 71 -43.18 -33.93 -16.93
N SER B 72 -41.94 -34.06 -17.40
CA SER B 72 -41.41 -35.38 -17.76
C SER B 72 -39.90 -35.41 -17.58
N THR B 73 -39.35 -36.62 -17.42
CA THR B 73 -37.89 -36.77 -17.46
C THR B 73 -37.38 -37.14 -18.85
N ASN B 74 -38.27 -37.29 -19.82
CA ASN B 74 -37.92 -37.64 -21.20
C ASN B 74 -37.44 -36.39 -21.93
N ILE B 75 -36.17 -36.05 -21.68
CA ILE B 75 -35.59 -34.81 -22.22
C ILE B 75 -35.47 -34.88 -23.74
N ASP B 76 -35.04 -36.02 -24.27
CA ASP B 76 -34.71 -36.12 -25.70
C ASP B 76 -35.95 -35.92 -26.57
N ASP B 77 -37.08 -36.56 -26.24
CA ASP B 77 -38.27 -36.43 -27.07
C ASP B 77 -38.88 -35.04 -26.98
N ALA B 78 -38.87 -34.44 -25.78
CA ALA B 78 -39.37 -33.08 -25.64
C ALA B 78 -38.56 -32.11 -26.49
N ILE B 79 -37.23 -32.23 -26.47
CA ILE B 79 -36.40 -31.40 -27.33
C ILE B 79 -36.73 -31.69 -28.78
N LYS B 80 -36.82 -32.97 -29.12
CA LYS B 80 -36.98 -33.36 -30.51
C LYS B 80 -38.22 -32.71 -31.13
N GLU B 81 -39.32 -32.65 -30.36
CA GLU B 81 -40.59 -32.17 -30.87
C GLU B 81 -40.75 -30.65 -30.77
N ALA B 82 -39.94 -29.98 -29.96
CA ALA B 82 -40.21 -28.58 -29.61
C ALA B 82 -39.93 -27.64 -30.77
N ASP B 83 -40.74 -26.60 -30.88
CA ASP B 83 -40.40 -25.46 -31.72
C ASP B 83 -39.51 -24.48 -30.97
N LEU B 84 -39.71 -24.38 -29.66
CA LEU B 84 -39.00 -23.45 -28.81
C LEU B 84 -38.46 -24.21 -27.62
N VAL B 85 -37.17 -24.06 -27.35
CA VAL B 85 -36.54 -24.67 -26.19
C VAL B 85 -36.03 -23.56 -25.28
N PHE B 86 -36.53 -23.54 -24.05
CA PHE B 86 -36.00 -22.67 -23.00
C PHE B 86 -34.88 -23.39 -22.25
N ILE B 87 -33.75 -22.72 -22.05
CA ILE B 87 -32.70 -23.15 -21.14
C ILE B 87 -32.93 -22.44 -19.80
N SER B 88 -33.30 -23.20 -18.78
CA SER B 88 -33.66 -22.70 -17.45
C SER B 88 -32.92 -23.45 -16.37
N VAL B 89 -31.66 -23.83 -16.63
CA VAL B 89 -30.88 -24.57 -15.66
C VAL B 89 -30.18 -23.59 -14.72
N ASN B 90 -29.72 -24.07 -13.57
CA ASN B 90 -29.11 -23.21 -12.58
CA ASN B 90 -29.15 -23.14 -12.61
C ASN B 90 -27.76 -22.68 -13.05
N THR B 91 -27.36 -21.51 -12.52
CA THR B 91 -26.04 -20.93 -12.73
C THR B 91 -25.50 -20.45 -11.39
N PRO B 92 -25.15 -21.37 -10.50
CA PRO B 92 -24.63 -20.96 -9.19
C PRO B 92 -23.28 -20.27 -9.30
N THR B 93 -22.90 -19.59 -8.23
CA THR B 93 -21.55 -19.03 -8.16
C THR B 93 -20.54 -20.16 -8.04
N LYS B 94 -19.43 -20.05 -8.76
CA LYS B 94 -18.33 -21.00 -8.62
C LYS B 94 -17.80 -20.97 -7.19
N THR B 95 -17.62 -22.15 -6.61
CA THR B 95 -17.03 -22.28 -5.28
C THR B 95 -15.59 -22.78 -5.32
N TYR B 96 -14.95 -22.71 -6.49
CA TYR B 96 -13.64 -23.32 -6.75
C TYR B 96 -13.02 -22.61 -7.94
N GLY B 97 -11.69 -22.65 -8.02
CA GLY B 97 -11.00 -22.27 -9.24
C GLY B 97 -11.06 -20.78 -9.57
N MET B 98 -10.97 -20.50 -10.88
CA MET B 98 -10.95 -19.13 -11.37
C MET B 98 -12.26 -18.43 -11.06
N GLY B 99 -12.18 -17.28 -10.39
CA GLY B 99 -13.37 -16.54 -10.07
C GLY B 99 -14.18 -17.13 -8.93
N LYS B 100 -13.56 -17.97 -8.12
CA LYS B 100 -14.20 -18.52 -6.94
C LYS B 100 -14.88 -17.42 -6.13
N GLY B 101 -16.14 -17.64 -5.79
CA GLY B 101 -16.92 -16.67 -5.04
C GLY B 101 -17.55 -15.57 -5.84
N ARG B 102 -17.30 -15.47 -7.15
CA ARG B 102 -17.80 -14.35 -7.93
C ARG B 102 -18.33 -14.77 -9.30
N ALA B 103 -17.52 -15.50 -10.05
CA ALA B 103 -17.95 -15.91 -11.38
C ALA B 103 -19.10 -16.92 -11.30
N ALA B 104 -19.87 -16.95 -12.37
CA ALA B 104 -20.93 -17.95 -12.55
C ALA B 104 -20.34 -19.29 -12.98
N ASP B 105 -20.94 -20.37 -12.48
CA ASP B 105 -20.59 -21.73 -12.92
C ASP B 105 -21.47 -22.10 -14.09
N LEU B 106 -20.88 -22.25 -15.26
CA LEU B 106 -21.62 -22.42 -16.51
C LEU B 106 -21.74 -23.86 -16.96
N LYS B 107 -21.32 -24.83 -16.14
CA LYS B 107 -21.28 -26.21 -16.63
C LYS B 107 -22.66 -26.74 -17.00
N TYR B 108 -23.71 -26.34 -16.28
CA TYR B 108 -25.04 -26.88 -16.58
C TYR B 108 -25.57 -26.28 -17.89
N ILE B 109 -25.27 -25.02 -18.16
CA ILE B 109 -25.73 -24.38 -19.38
C ILE B 109 -25.09 -25.01 -20.60
N GLU B 110 -23.77 -25.19 -20.58
CA GLU B 110 -23.11 -25.76 -21.74
C GLU B 110 -23.56 -27.21 -21.97
N ALA B 111 -23.64 -27.99 -20.89
CA ALA B 111 -24.14 -29.35 -21.04
C ALA B 111 -25.55 -29.32 -21.62
N CYS B 112 -26.36 -28.34 -21.22
CA CYS B 112 -27.69 -28.24 -21.77
C CYS B 112 -27.64 -27.94 -23.27
N ALA B 113 -26.80 -26.98 -23.67
CA ALA B 113 -26.67 -26.65 -25.08
C ALA B 113 -26.22 -27.85 -25.91
N ARG B 114 -25.25 -28.62 -25.41
CA ARG B 114 -24.79 -29.78 -26.17
C ARG B 114 -25.88 -30.84 -26.28
N ARG B 115 -26.67 -31.01 -25.23
CA ARG B 115 -27.81 -31.93 -25.29
C ARG B 115 -28.82 -31.49 -26.34
N ILE B 116 -29.06 -30.18 -26.45
CA ILE B 116 -30.07 -29.69 -27.39
C ILE B 116 -29.66 -29.99 -28.82
N VAL B 117 -28.42 -29.64 -29.19
CA VAL B 117 -28.03 -29.80 -30.59
C VAL B 117 -27.94 -31.29 -30.94
N GLN B 118 -27.59 -32.12 -29.96
CA GLN B 118 -27.52 -33.57 -30.20
C GLN B 118 -28.90 -34.13 -30.55
N ASN B 119 -29.99 -33.55 -30.04
CA ASN B 119 -31.32 -34.12 -30.21
C ASN B 119 -32.23 -33.29 -31.11
N SER B 120 -31.68 -32.41 -31.94
CA SER B 120 -32.48 -31.46 -32.71
C SER B 120 -32.27 -31.66 -34.19
N ASN B 121 -33.35 -31.50 -34.96
CA ASN B 121 -33.24 -31.36 -36.40
C ASN B 121 -34.17 -30.25 -36.87
N GLY B 122 -33.84 -29.69 -38.03
CA GLY B 122 -34.69 -28.66 -38.60
C GLY B 122 -34.61 -27.35 -37.83
N TYR B 123 -35.74 -26.65 -37.78
CA TYR B 123 -35.80 -25.31 -37.24
C TYR B 123 -36.26 -25.36 -35.78
N LYS B 124 -35.50 -24.70 -34.90
CA LYS B 124 -35.91 -24.53 -33.51
C LYS B 124 -35.39 -23.18 -33.04
N ILE B 125 -36.12 -22.60 -32.09
CA ILE B 125 -35.69 -21.42 -31.36
C ILE B 125 -35.24 -21.86 -29.98
N VAL B 126 -34.01 -21.48 -29.61
CA VAL B 126 -33.41 -21.83 -28.33
C VAL B 126 -33.24 -20.54 -27.53
N THR B 127 -33.79 -20.49 -26.33
CA THR B 127 -33.90 -19.24 -25.58
C THR B 127 -33.25 -19.40 -24.21
N GLU B 128 -32.29 -18.51 -23.90
CA GLU B 128 -31.68 -18.45 -22.56
C GLU B 128 -32.63 -17.78 -21.58
N LYS B 129 -33.10 -18.55 -20.60
CA LYS B 129 -33.96 -18.01 -19.55
C LYS B 129 -33.21 -17.78 -18.25
N SER B 130 -32.29 -18.66 -17.90
CA SER B 130 -31.56 -18.46 -16.66
C SER B 130 -30.59 -17.28 -16.79
N THR B 131 -30.23 -16.72 -15.63
CA THR B 131 -29.30 -15.60 -15.58
C THR B 131 -27.92 -16.08 -16.02
N VAL B 132 -27.40 -15.50 -17.09
CA VAL B 132 -26.13 -15.91 -17.67
C VAL B 132 -25.24 -14.68 -17.74
N PRO B 133 -23.93 -14.87 -17.83
CA PRO B 133 -23.04 -13.74 -18.13
C PRO B 133 -23.26 -13.23 -19.55
N VAL B 134 -22.90 -11.96 -19.75
CA VAL B 134 -22.99 -11.37 -21.08
C VAL B 134 -22.08 -12.13 -22.03
N ARG B 135 -22.56 -12.36 -23.26
CA ARG B 135 -21.92 -13.14 -24.34
C ARG B 135 -22.14 -14.64 -24.21
N MET B 136 -22.96 -15.12 -23.26
CA MET B 136 -23.25 -16.55 -23.20
C MET B 136 -23.82 -17.06 -24.52
N ALA B 137 -24.69 -16.28 -25.15
CA ALA B 137 -25.30 -16.74 -26.40
C ALA B 137 -24.25 -16.97 -27.49
N GLU B 138 -23.14 -16.23 -27.48
CA GLU B 138 -22.09 -16.50 -28.45
C GLU B 138 -21.50 -17.89 -28.25
N SER B 139 -21.32 -18.30 -26.99
CA SER B 139 -20.81 -19.64 -26.73
C SER B 139 -21.78 -20.71 -27.18
N ILE B 140 -23.09 -20.51 -26.92
CA ILE B 140 -24.10 -21.49 -27.33
C ILE B 140 -24.15 -21.60 -28.86
N ARG B 141 -24.11 -20.45 -29.54
CA ARG B 141 -24.10 -20.48 -31.00
C ARG B 141 -22.88 -21.22 -31.53
N ARG B 142 -21.71 -21.01 -30.90
CA ARG B 142 -20.52 -21.71 -31.36
CA ARG B 142 -20.52 -21.71 -31.37
C ARG B 142 -20.64 -23.22 -31.16
N ILE B 143 -21.23 -23.64 -30.03
CA ILE B 143 -21.47 -25.06 -29.82
C ILE B 143 -22.42 -25.60 -30.89
N PHE B 144 -23.48 -24.84 -31.21
CA PHE B 144 -24.42 -25.26 -32.24
C PHE B 144 -23.74 -25.33 -33.61
N ASP B 145 -22.95 -24.32 -33.95
CA ASP B 145 -22.28 -24.29 -35.26
C ASP B 145 -21.29 -25.44 -35.40
N ALA B 146 -20.55 -25.76 -34.33
CA ALA B 146 -19.53 -26.81 -34.42
C ALA B 146 -20.14 -28.20 -34.53
N ASN B 147 -21.40 -28.36 -34.15
CA ASN B 147 -22.07 -29.65 -34.14
C ASN B 147 -23.26 -29.68 -35.10
N THR B 148 -23.13 -28.98 -36.22
CA THR B 148 -24.28 -28.84 -37.10
C THR B 148 -24.52 -30.11 -37.90
N LYS B 149 -25.72 -30.20 -38.46
CA LYS B 149 -26.24 -31.27 -39.31
C LYS B 149 -26.89 -30.65 -40.53
N PRO B 150 -27.10 -31.42 -41.59
CA PRO B 150 -27.91 -30.92 -42.71
C PRO B 150 -29.31 -30.52 -42.24
N ASN B 151 -29.76 -29.36 -42.71
CA ASN B 151 -31.07 -28.75 -42.47
C ASN B 151 -31.24 -28.21 -41.05
N LEU B 152 -30.22 -28.28 -40.21
CA LEU B 152 -30.38 -27.83 -38.84
C LEU B 152 -30.27 -26.32 -38.76
N ASN B 153 -31.26 -25.68 -38.13
CA ASN B 153 -31.28 -24.22 -38.03
C ASN B 153 -31.76 -23.84 -36.63
N LEU B 154 -30.82 -23.65 -35.72
CA LEU B 154 -31.12 -23.31 -34.33
C LEU B 154 -30.86 -21.82 -34.11
N GLN B 155 -31.91 -21.07 -33.80
CA GLN B 155 -31.80 -19.64 -33.52
C GLN B 155 -31.74 -19.41 -32.03
N VAL B 156 -30.77 -18.61 -31.57
CA VAL B 156 -30.55 -18.39 -30.13
C VAL B 156 -31.04 -17.00 -29.75
N LEU B 157 -31.90 -16.95 -28.74
CA LEU B 157 -32.46 -15.73 -28.15
C LEU B 157 -32.11 -15.66 -26.67
N SER B 158 -32.24 -14.46 -26.11
CA SER B 158 -32.17 -14.20 -24.68
C SER B 158 -33.54 -13.72 -24.21
N ASN B 159 -34.03 -14.26 -23.09
CA ASN B 159 -35.34 -13.89 -22.54
C ASN B 159 -35.29 -14.07 -21.03
N PRO B 160 -34.64 -13.14 -20.33
CA PRO B 160 -34.45 -13.30 -18.88
C PRO B 160 -35.76 -13.18 -18.11
N GLU B 161 -35.73 -13.68 -16.88
CA GLU B 161 -36.87 -13.63 -15.96
C GLU B 161 -36.62 -12.55 -14.93
N PHE B 162 -37.66 -11.80 -14.59
CA PHE B 162 -37.54 -10.75 -13.59
C PHE B 162 -38.48 -10.96 -12.42
N LEU B 163 -38.97 -12.18 -12.23
CA LEU B 163 -39.94 -12.40 -11.17
C LEU B 163 -39.27 -12.30 -9.80
N ALA B 164 -39.99 -11.71 -8.85
CA ALA B 164 -39.53 -11.60 -7.48
C ALA B 164 -40.17 -12.68 -6.62
N GLU B 165 -39.35 -13.32 -5.79
CA GLU B 165 -39.83 -14.41 -4.93
C GLU B 165 -40.98 -13.97 -4.04
N GLY B 166 -42.05 -14.78 -4.03
CA GLY B 166 -43.23 -14.45 -3.28
C GLY B 166 -44.35 -13.91 -4.14
N THR B 167 -44.01 -13.25 -5.27
CA THR B 167 -45.01 -12.67 -6.15
C THR B 167 -44.82 -13.14 -7.59
N ALA B 168 -44.30 -14.34 -7.78
CA ALA B 168 -43.96 -14.80 -9.13
C ALA B 168 -45.18 -14.84 -10.06
N ILE B 169 -46.31 -15.36 -9.59
CA ILE B 169 -47.44 -15.51 -10.49
C ILE B 169 -48.03 -14.15 -10.86
N LYS B 170 -48.23 -13.28 -9.87
CA LYS B 170 -48.67 -11.93 -10.17
C LYS B 170 -47.69 -11.22 -11.10
N ASP B 171 -46.38 -11.43 -10.89
CA ASP B 171 -45.40 -10.79 -11.76
C ASP B 171 -45.43 -11.39 -13.17
N LEU B 172 -45.71 -12.70 -13.30
CA LEU B 172 -45.73 -13.31 -14.63
C LEU B 172 -47.00 -12.97 -15.39
N LYS B 173 -48.12 -12.87 -14.69
CA LYS B 173 -49.37 -12.51 -15.35
C LYS B 173 -49.44 -11.03 -15.68
N ASN B 174 -48.72 -10.17 -14.95
CA ASN B 174 -48.75 -8.73 -15.18
C ASN B 174 -47.33 -8.18 -15.04
N PRO B 175 -46.44 -8.50 -15.97
CA PRO B 175 -45.04 -8.07 -15.82
C PRO B 175 -44.85 -6.60 -16.13
N ASP B 176 -43.92 -5.98 -15.39
CA ASP B 176 -43.50 -4.61 -15.75
C ASP B 176 -42.99 -4.59 -17.18
N ARG B 177 -42.23 -5.61 -17.58
CA ARG B 177 -41.82 -5.72 -18.97
C ARG B 177 -41.37 -7.15 -19.24
N VAL B 178 -41.45 -7.53 -20.51
CA VAL B 178 -40.86 -8.75 -21.03
C VAL B 178 -39.70 -8.35 -21.90
N LEU B 179 -38.56 -9.01 -21.73
CA LEU B 179 -37.34 -8.64 -22.44
C LEU B 179 -36.89 -9.79 -23.32
N ILE B 180 -36.74 -9.54 -24.62
CA ILE B 180 -36.31 -10.54 -25.59
C ILE B 180 -35.17 -9.96 -26.42
N GLY B 181 -34.03 -10.64 -26.44
CA GLY B 181 -32.87 -10.21 -27.23
C GLY B 181 -32.58 -11.22 -28.32
N GLY B 182 -32.25 -10.72 -29.52
CA GLY B 182 -31.85 -11.60 -30.59
C GLY B 182 -30.95 -10.89 -31.56
N ASP B 183 -30.39 -11.67 -32.50
CA ASP B 183 -29.56 -11.10 -33.55
C ASP B 183 -30.37 -10.12 -34.39
N GLU B 184 -29.69 -9.10 -34.88
CA GLU B 184 -30.33 -8.08 -35.72
C GLU B 184 -30.25 -8.43 -37.20
N THR B 185 -30.33 -9.72 -37.52
CA THR B 185 -30.47 -10.30 -38.85
C THR B 185 -31.93 -10.64 -39.10
N PRO B 186 -32.32 -10.84 -40.36
CA PRO B 186 -33.71 -11.27 -40.60
C PRO B 186 -34.05 -12.57 -39.89
N GLU B 187 -33.11 -13.53 -39.85
CA GLU B 187 -33.41 -14.79 -39.16
C GLU B 187 -33.59 -14.56 -37.66
N GLY B 188 -32.73 -13.75 -37.05
CA GLY B 188 -32.87 -13.48 -35.62
C GLY B 188 -34.14 -12.70 -35.30
N GLN B 189 -34.50 -11.76 -36.16
CA GLN B 189 -35.70 -10.96 -35.95
C GLN B 189 -36.97 -11.80 -36.12
N ARG B 190 -36.95 -12.75 -37.06
CA ARG B 190 -38.08 -13.67 -37.18
C ARG B 190 -38.28 -14.49 -35.92
N ALA B 191 -37.18 -14.97 -35.33
CA ALA B 191 -37.28 -15.73 -34.09
C ALA B 191 -37.77 -14.87 -32.95
N VAL B 192 -37.25 -13.64 -32.83
CA VAL B 192 -37.72 -12.71 -31.82
C VAL B 192 -39.24 -12.50 -31.97
N GLN B 193 -39.71 -12.31 -33.20
CA GLN B 193 -41.14 -12.10 -33.41
C GLN B 193 -41.96 -13.31 -32.99
N ALA B 194 -41.43 -14.51 -33.26
CA ALA B 194 -42.15 -15.72 -32.88
C ALA B 194 -42.29 -15.83 -31.37
N LEU B 195 -41.23 -15.48 -30.63
CA LEU B 195 -41.34 -15.51 -29.17
C LEU B 195 -42.27 -14.39 -28.67
N CYS B 196 -42.18 -13.19 -29.26
CA CYS B 196 -43.12 -12.12 -28.91
C CYS B 196 -44.57 -12.57 -29.05
N ALA B 197 -44.88 -13.31 -30.11
CA ALA B 197 -46.27 -13.70 -30.33
C ALA B 197 -46.77 -14.61 -29.21
N VAL B 198 -45.88 -15.38 -28.60
CA VAL B 198 -46.29 -16.18 -27.44
C VAL B 198 -46.72 -15.26 -26.31
N TYR B 199 -45.85 -14.32 -25.92
CA TYR B 199 -46.17 -13.44 -24.81
C TYR B 199 -47.36 -12.53 -25.12
N GLU B 200 -47.59 -12.22 -26.39
CA GLU B 200 -48.71 -11.35 -26.71
C GLU B 200 -50.08 -12.00 -26.47
N HIS B 201 -50.15 -13.28 -26.11
CA HIS B 201 -51.44 -13.84 -25.69
C HIS B 201 -51.95 -13.19 -24.41
N TRP B 202 -51.07 -12.61 -23.57
CA TRP B 202 -51.55 -11.96 -22.36
C TRP B 202 -50.73 -10.73 -21.98
N VAL B 203 -49.61 -10.47 -22.64
CA VAL B 203 -48.81 -9.29 -22.30
C VAL B 203 -49.03 -8.24 -23.37
N PRO B 204 -49.45 -7.03 -23.01
CA PRO B 204 -49.58 -5.96 -24.02
C PRO B 204 -48.25 -5.71 -24.72
N ARG B 205 -48.35 -5.44 -26.03
CA ARG B 205 -47.18 -5.22 -26.85
C ARG B 205 -46.26 -4.13 -26.29
N GLU B 206 -46.85 -3.09 -25.69
CA GLU B 206 -46.07 -1.97 -25.19
C GLU B 206 -45.12 -2.37 -24.09
N LYS B 207 -45.34 -3.52 -23.44
CA LYS B 207 -44.47 -3.96 -22.35
C LYS B 207 -43.47 -5.02 -22.80
N ILE B 208 -43.41 -5.32 -24.09
CA ILE B 208 -42.46 -6.31 -24.61
C ILE B 208 -41.35 -5.54 -25.29
N LEU B 209 -40.17 -5.60 -24.73
CA LEU B 209 -39.03 -4.87 -25.23
C LEU B 209 -38.10 -5.83 -25.96
N THR B 210 -37.79 -5.52 -27.22
CA THR B 210 -36.84 -6.32 -27.99
C THR B 210 -35.54 -5.54 -28.17
N THR B 211 -34.42 -6.22 -27.98
CA THR B 211 -33.09 -5.59 -28.00
C THR B 211 -32.14 -6.55 -28.72
N ASN B 212 -30.86 -6.19 -28.79
CA ASN B 212 -29.95 -7.20 -29.28
C ASN B 212 -29.67 -8.19 -28.15
N THR B 213 -29.02 -9.31 -28.50
CA THR B 213 -28.83 -10.38 -27.52
C THR B 213 -28.06 -9.90 -26.30
N TRP B 214 -26.99 -9.11 -26.54
CA TRP B 214 -26.10 -8.73 -25.44
C TRP B 214 -26.77 -7.75 -24.49
N SER B 215 -27.58 -6.82 -25.02
CA SER B 215 -28.28 -5.88 -24.15
C SER B 215 -29.24 -6.62 -23.21
N SER B 216 -29.89 -7.65 -23.72
CA SER B 216 -30.84 -8.41 -22.93
C SER B 216 -30.14 -9.14 -21.80
N GLU B 217 -29.05 -9.87 -22.10
CA GLU B 217 -28.28 -10.51 -21.04
C GLU B 217 -27.80 -9.47 -20.02
N LEU B 218 -27.27 -8.35 -20.49
CA LEU B 218 -26.71 -7.38 -19.54
C LEU B 218 -27.80 -6.74 -18.69
N SER B 219 -28.99 -6.50 -19.26
CA SER B 219 -30.09 -5.86 -18.54
C SER B 219 -30.47 -6.62 -17.29
N LYS B 220 -30.44 -7.95 -17.35
CA LYS B 220 -30.82 -8.73 -16.17
C LYS B 220 -29.85 -8.49 -15.02
N LEU B 221 -28.55 -8.53 -15.29
CA LEU B 221 -27.57 -8.24 -14.24
C LEU B 221 -27.69 -6.80 -13.74
N ALA B 222 -27.75 -5.85 -14.67
CA ALA B 222 -27.79 -4.46 -14.28
C ALA B 222 -29.02 -4.15 -13.44
N ALA B 223 -30.18 -4.75 -13.78
CA ALA B 223 -31.40 -4.42 -13.04
C ALA B 223 -31.27 -4.84 -11.59
N ASN B 224 -30.80 -6.08 -11.33
CA ASN B 224 -30.62 -6.52 -9.94
C ASN B 224 -29.53 -5.71 -9.23
N ALA B 225 -28.48 -5.32 -9.94
CA ALA B 225 -27.42 -4.52 -9.33
C ALA B 225 -27.95 -3.16 -8.90
N PHE B 226 -28.79 -2.53 -9.73
CA PHE B 226 -29.41 -1.26 -9.37
C PHE B 226 -30.32 -1.40 -8.16
N LEU B 227 -31.08 -2.50 -8.07
CA LEU B 227 -31.95 -2.68 -6.90
C LEU B 227 -31.13 -2.89 -5.64
N ALA B 228 -30.11 -3.76 -5.71
CA ALA B 228 -29.25 -3.97 -4.55
C ALA B 228 -28.54 -2.67 -4.15
N GLN B 229 -28.15 -1.85 -5.14
CA GLN B 229 -27.51 -0.56 -4.83
C GLN B 229 -28.44 0.40 -4.06
N ARG B 230 -29.74 0.42 -4.37
CA ARG B 230 -30.63 1.26 -3.59
C ARG B 230 -30.62 0.87 -2.11
N ILE B 231 -30.57 -0.42 -1.83
CA ILE B 231 -30.59 -0.87 -0.43
C ILE B 231 -29.28 -0.52 0.25
N SER B 232 -28.15 -0.78 -0.41
CA SER B 232 -26.88 -0.41 0.19
C SER B 232 -26.75 1.09 0.39
N SER B 233 -27.33 1.88 -0.52
CA SER B 233 -27.28 3.32 -0.38
C SER B 233 -28.08 3.78 0.84
N ILE B 234 -29.31 3.29 1.02
CA ILE B 234 -30.08 3.71 2.19
C ILE B 234 -29.46 3.14 3.47
N ASN B 235 -28.81 1.96 3.37
CA ASN B 235 -28.11 1.42 4.54
C ASN B 235 -26.89 2.26 4.90
N SER B 236 -26.16 2.77 3.91
CA SER B 236 -25.04 3.64 4.23
C SER B 236 -25.53 4.91 4.93
N ILE B 237 -26.68 5.42 4.49
CA ILE B 237 -27.30 6.57 5.14
C ILE B 237 -27.73 6.23 6.58
N SER B 238 -28.10 4.97 6.85
CA SER B 238 -28.52 4.62 8.21
C SER B 238 -27.37 4.78 9.19
N ALA B 239 -26.15 4.47 8.77
CA ALA B 239 -24.98 4.67 9.64
C ALA B 239 -24.72 6.14 9.91
N LEU B 240 -24.84 6.99 8.88
CA LEU B 240 -24.76 8.42 9.07
C LEU B 240 -25.87 8.93 9.98
N CYS B 241 -27.07 8.30 9.96
CA CYS B 241 -28.16 8.69 10.86
C CYS B 241 -27.83 8.38 12.31
N GLU B 242 -27.29 7.19 12.58
CA GLU B 242 -26.90 6.81 13.93
C GLU B 242 -25.86 7.76 14.51
N ALA B 243 -24.99 8.33 13.66
CA ALA B 243 -23.92 9.23 14.11
C ALA B 243 -24.38 10.67 14.29
N THR B 244 -25.49 11.08 13.67
CA THR B 244 -25.88 12.48 13.64
C THR B 244 -27.18 12.80 14.37
N GLY B 245 -28.00 11.81 14.67
CA GLY B 245 -29.30 12.08 15.25
C GLY B 245 -30.42 12.18 14.25
N ALA B 246 -30.12 12.11 12.96
CA ALA B 246 -31.16 11.94 11.96
C ALA B 246 -31.77 10.55 12.12
N ASP B 247 -32.92 10.35 11.47
CA ASP B 247 -33.64 9.07 11.51
C ASP B 247 -33.80 8.56 10.09
N VAL B 248 -33.32 7.34 9.84
CA VAL B 248 -33.25 6.86 8.46
C VAL B 248 -34.63 6.70 7.83
N GLU B 249 -35.66 6.40 8.63
CA GLU B 249 -37.01 6.28 8.05
C GLU B 249 -37.56 7.63 7.61
N GLU B 250 -37.31 8.67 8.39
CA GLU B 250 -37.67 10.02 7.97
C GLU B 250 -36.90 10.42 6.70
N VAL B 251 -35.61 10.11 6.67
CA VAL B 251 -34.79 10.46 5.52
C VAL B 251 -35.24 9.69 4.28
N ALA B 252 -35.43 8.37 4.41
CA ALA B 252 -35.86 7.56 3.27
C ALA B 252 -37.20 8.03 2.73
N THR B 253 -38.12 8.42 3.63
CA THR B 253 -39.39 8.98 3.18
C THR B 253 -39.18 10.26 2.38
N ALA B 254 -38.32 11.16 2.90
CA ALA B 254 -38.07 12.41 2.19
C ALA B 254 -37.45 12.14 0.81
N ILE B 255 -36.50 11.21 0.75
CA ILE B 255 -35.83 10.84 -0.50
C ILE B 255 -36.82 10.22 -1.48
N GLY B 256 -37.59 9.25 -1.01
CA GLY B 256 -38.49 8.51 -1.89
C GLY B 256 -39.65 9.31 -2.44
N MET B 257 -39.95 10.47 -1.84
CA MET B 257 -41.00 11.31 -2.38
C MET B 257 -40.58 12.11 -3.61
N ASP B 258 -39.29 12.18 -3.92
CA ASP B 258 -38.85 12.64 -5.23
C ASP B 258 -39.28 11.61 -6.25
N GLN B 259 -40.17 12.01 -7.17
CA GLN B 259 -40.69 11.03 -8.12
C GLN B 259 -39.63 10.51 -9.09
N ARG B 260 -38.48 11.15 -9.20
CA ARG B 260 -37.39 10.59 -9.99
C ARG B 260 -36.66 9.46 -9.26
N ILE B 261 -36.76 9.39 -7.94
CA ILE B 261 -36.13 8.33 -7.18
C ILE B 261 -37.13 7.22 -6.85
N GLY B 262 -38.35 7.60 -6.50
CA GLY B 262 -39.38 6.66 -6.12
C GLY B 262 -39.17 6.13 -4.73
N ASN B 263 -40.24 5.54 -4.17
CA ASN B 263 -40.25 5.16 -2.77
C ASN B 263 -40.05 3.67 -2.54
N LYS B 264 -39.64 2.92 -3.55
CA LYS B 264 -39.48 1.48 -3.38
C LYS B 264 -38.03 1.13 -3.09
N PHE B 265 -37.84 0.05 -2.33
CA PHE B 265 -36.52 -0.47 -2.01
C PHE B 265 -35.68 0.58 -1.27
N LEU B 266 -36.32 1.31 -0.35
CA LEU B 266 -35.59 2.28 0.47
C LEU B 266 -35.71 1.97 1.96
N LYS B 267 -35.96 0.70 2.32
CA LYS B 267 -36.09 0.30 3.72
C LYS B 267 -34.74 -0.18 4.23
N ALA B 268 -34.16 0.55 5.18
CA ALA B 268 -32.90 0.16 5.77
C ALA B 268 -33.06 -1.12 6.58
N SER B 269 -32.01 -1.93 6.60
CA SER B 269 -32.06 -3.23 7.23
C SER B 269 -30.66 -3.62 7.66
N VAL B 270 -30.55 -4.76 8.35
CA VAL B 270 -29.27 -5.37 8.64
C VAL B 270 -28.54 -5.86 7.39
N GLY B 271 -29.22 -5.96 6.25
CA GLY B 271 -28.57 -6.26 4.98
C GLY B 271 -29.46 -7.10 4.09
N PHE B 272 -29.32 -6.90 2.77
CA PHE B 272 -30.13 -7.69 1.85
C PHE B 272 -29.62 -9.13 1.77
N GLY B 273 -30.52 -10.04 1.44
CA GLY B 273 -30.16 -11.45 1.35
C GLY B 273 -30.83 -12.13 0.18
N GLY B 274 -30.92 -13.45 0.24
CA GLY B 274 -31.53 -14.19 -0.84
C GLY B 274 -30.51 -14.67 -1.84
N SER B 275 -30.95 -15.57 -2.70
CA SER B 275 -30.06 -16.25 -3.63
C SER B 275 -29.81 -15.47 -4.91
N CYS B 276 -30.22 -14.20 -5.04
CA CYS B 276 -30.05 -13.50 -6.31
C CYS B 276 -29.24 -12.19 -6.24
N PHE B 277 -29.42 -11.34 -5.22
CA PHE B 277 -28.80 -10.01 -5.24
C PHE B 277 -27.28 -10.08 -5.18
N GLN B 278 -26.74 -10.70 -4.12
CA GLN B 278 -25.29 -10.75 -4.03
C GLN B 278 -24.70 -11.51 -5.21
N LYS B 279 -25.33 -12.63 -5.59
CA LYS B 279 -24.83 -13.45 -6.68
C LYS B 279 -24.73 -12.66 -7.97
N ASP B 280 -25.76 -11.85 -8.27
CA ASP B 280 -25.76 -11.13 -9.54
C ASP B 280 -24.79 -9.95 -9.51
N VAL B 281 -24.66 -9.27 -8.37
CA VAL B 281 -23.71 -8.18 -8.30
C VAL B 281 -22.27 -8.71 -8.43
N LEU B 282 -21.95 -9.81 -7.74
CA LEU B 282 -20.61 -10.38 -7.85
C LEU B 282 -20.33 -10.86 -9.27
N ASN B 283 -21.33 -11.40 -9.97
CA ASN B 283 -21.09 -11.79 -11.35
C ASN B 283 -20.76 -10.57 -12.22
N LEU B 284 -21.48 -9.47 -12.00
CA LEU B 284 -21.21 -8.23 -12.71
C LEU B 284 -19.80 -7.73 -12.42
N VAL B 285 -19.38 -7.79 -11.14
CA VAL B 285 -18.03 -7.36 -10.78
C VAL B 285 -16.99 -8.23 -11.48
N TYR B 286 -17.21 -9.56 -11.48
CA TYR B 286 -16.26 -10.46 -12.10
C TYR B 286 -16.17 -10.22 -13.60
N LEU B 287 -17.31 -10.05 -14.23
CA LEU B 287 -17.36 -9.74 -15.64
C LEU B 287 -16.54 -8.49 -15.96
N CYS B 288 -16.65 -7.47 -15.11
CA CYS B 288 -15.92 -6.22 -15.36
C CYS B 288 -14.41 -6.41 -15.27
N GLU B 289 -13.94 -7.14 -14.25
CA GLU B 289 -12.52 -7.42 -14.14
C GLU B 289 -12.02 -8.19 -15.35
N ALA B 290 -12.77 -9.19 -15.79
CA ALA B 290 -12.35 -9.98 -16.95
C ALA B 290 -12.31 -9.14 -18.21
N LEU B 291 -13.11 -8.08 -18.29
CA LEU B 291 -13.08 -7.20 -19.46
C LEU B 291 -12.13 -6.01 -19.27
N ASN B 292 -11.23 -6.08 -18.28
CA ASN B 292 -10.30 -4.98 -18.00
C ASN B 292 -11.05 -3.67 -17.76
N LEU B 293 -12.08 -3.73 -16.92
CA LEU B 293 -12.81 -2.54 -16.51
C LEU B 293 -12.71 -2.43 -14.99
N PRO B 294 -11.50 -2.22 -14.45
CA PRO B 294 -11.37 -2.23 -12.98
C PRO B 294 -12.11 -1.08 -12.28
N GLU B 295 -12.26 0.08 -12.92
CA GLU B 295 -13.05 1.16 -12.33
C GLU B 295 -14.52 0.75 -12.20
N VAL B 296 -15.08 0.11 -13.23
CA VAL B 296 -16.47 -0.33 -13.12
C VAL B 296 -16.60 -1.44 -12.07
N ALA B 297 -15.62 -2.35 -12.01
CA ALA B 297 -15.62 -3.42 -11.02
C ALA B 297 -15.65 -2.87 -9.60
N ARG B 298 -14.78 -1.90 -9.27
CA ARG B 298 -14.77 -1.44 -7.89
C ARG B 298 -16.00 -0.58 -7.57
N TYR B 299 -16.61 0.03 -8.58
CA TYR B 299 -17.85 0.76 -8.36
C TYR B 299 -18.95 -0.17 -7.87
N TRP B 300 -19.14 -1.32 -8.55
CA TRP B 300 -20.22 -2.22 -8.14
C TRP B 300 -19.82 -3.04 -6.92
N GLN B 301 -18.52 -3.29 -6.72
CA GLN B 301 -18.07 -3.99 -5.53
C GLN B 301 -18.50 -3.26 -4.25
N GLN B 302 -18.63 -1.92 -4.32
CA GLN B 302 -19.05 -1.15 -3.15
C GLN B 302 -20.43 -1.55 -2.65
N VAL B 303 -21.32 -1.99 -3.54
CA VAL B 303 -22.65 -2.47 -3.11
C VAL B 303 -22.52 -3.66 -2.16
N ILE B 304 -21.60 -4.58 -2.45
CA ILE B 304 -21.36 -5.74 -1.59
C ILE B 304 -20.61 -5.34 -0.31
N ASP B 305 -19.56 -4.52 -0.44
CA ASP B 305 -18.80 -4.12 0.74
C ASP B 305 -19.70 -3.38 1.75
N MET B 306 -20.62 -2.56 1.25
CA MET B 306 -21.54 -1.87 2.14
C MET B 306 -22.51 -2.86 2.80
N ASN B 307 -22.98 -3.86 2.06
CA ASN B 307 -23.84 -4.87 2.67
C ASN B 307 -23.09 -5.61 3.77
N ASP B 308 -21.85 -6.02 3.51
CA ASP B 308 -21.04 -6.69 4.52
C ASP B 308 -20.75 -5.79 5.72
N TYR B 309 -20.48 -4.51 5.47
CA TYR B 309 -20.24 -3.58 6.56
C TYR B 309 -21.50 -3.40 7.41
N GLN B 310 -22.67 -3.32 6.77
CA GLN B 310 -23.91 -3.14 7.52
C GLN B 310 -24.14 -4.28 8.52
N ARG B 311 -23.86 -5.53 8.12
CA ARG B 311 -24.04 -6.67 9.01
C ARG B 311 -23.01 -6.66 10.13
N ARG B 312 -21.74 -6.43 9.77
CA ARG B 312 -20.65 -6.43 10.72
C ARG B 312 -20.83 -5.32 11.77
N ARG B 313 -21.23 -4.14 11.33
CA ARG B 313 -21.49 -3.02 12.23
C ARG B 313 -22.64 -3.32 13.19
N PHE B 314 -23.70 -3.99 12.70
CA PHE B 314 -24.81 -4.36 13.58
C PHE B 314 -24.37 -5.33 14.66
N ALA B 315 -23.59 -6.34 14.29
CA ALA B 315 -23.09 -7.30 15.28
C ALA B 315 -22.17 -6.61 16.28
N SER B 316 -21.32 -5.68 15.82
CA SER B 316 -20.44 -5.00 16.77
C SER B 316 -21.20 -4.08 17.72
N ARG B 317 -22.31 -3.51 17.25
CA ARG B 317 -23.14 -2.66 18.07
C ARG B 317 -23.68 -3.50 19.24
N ILE B 318 -24.20 -4.69 18.92
CA ILE B 318 -24.71 -5.59 19.95
C ILE B 318 -23.64 -5.86 20.99
N ILE B 319 -22.46 -6.28 20.52
CA ILE B 319 -21.38 -6.65 21.43
C ILE B 319 -20.94 -5.46 22.25
N ASP B 320 -20.81 -4.30 21.62
CA ASP B 320 -20.43 -3.08 22.34
C ASP B 320 -21.48 -2.74 23.40
N SER B 321 -22.76 -2.80 23.03
CA SER B 321 -23.83 -2.44 23.97
C SER B 321 -23.90 -3.41 25.14
N LEU B 322 -23.62 -4.70 24.91
CA LEU B 322 -23.56 -5.66 26.00
C LEU B 322 -22.24 -5.62 26.77
N PHE B 323 -21.72 -4.41 27.02
CA PHE B 323 -20.51 -4.21 27.84
C PHE B 323 -19.30 -4.93 27.26
N ASN B 324 -19.28 -5.09 25.94
CA ASN B 324 -18.13 -5.60 25.20
C ASN B 324 -17.75 -7.02 25.57
N THR B 325 -18.70 -7.79 26.10
CA THR B 325 -18.51 -9.22 26.30
C THR B 325 -19.88 -9.90 26.19
N VAL B 326 -19.95 -10.96 25.39
CA VAL B 326 -21.17 -11.75 25.29
C VAL B 326 -20.91 -13.23 25.51
N THR B 327 -19.68 -13.61 25.85
CA THR B 327 -19.37 -14.99 26.16
C THR B 327 -20.31 -15.52 27.22
N ASP B 328 -20.96 -16.65 26.92
CA ASP B 328 -21.88 -17.34 27.80
C ASP B 328 -23.17 -16.56 28.06
N LYS B 329 -23.39 -15.44 27.36
CA LYS B 329 -24.64 -14.71 27.51
C LYS B 329 -25.71 -15.34 26.61
N LYS B 330 -26.90 -15.52 27.17
CA LYS B 330 -28.02 -16.00 26.37
C LYS B 330 -28.55 -14.85 25.53
N ILE B 331 -28.65 -15.08 24.22
CA ILE B 331 -29.13 -14.06 23.28
C ILE B 331 -30.20 -14.68 22.38
N ALA B 332 -31.35 -14.03 22.30
CA ALA B 332 -32.44 -14.51 21.46
C ALA B 332 -32.30 -13.93 20.05
N ILE B 333 -32.27 -14.81 19.05
CA ILE B 333 -32.28 -14.41 17.65
C ILE B 333 -33.69 -14.68 17.13
N LEU B 334 -34.45 -13.61 16.89
CA LEU B 334 -35.81 -13.71 16.38
C LEU B 334 -35.77 -13.47 14.87
N GLY B 335 -36.00 -14.53 14.11
CA GLY B 335 -36.00 -14.45 12.67
C GLY B 335 -34.71 -14.96 12.06
N PHE B 336 -34.82 -15.99 11.26
CA PHE B 336 -33.67 -16.55 10.58
C PHE B 336 -33.77 -16.54 9.07
N ALA B 337 -34.99 -16.52 8.51
CA ALA B 337 -35.14 -16.45 7.06
C ALA B 337 -34.59 -15.13 6.55
N PHE B 338 -34.20 -15.12 5.27
CA PHE B 338 -33.58 -13.91 4.73
C PHE B 338 -34.59 -12.77 4.58
N LYS B 339 -35.88 -13.09 4.55
CA LYS B 339 -36.95 -12.09 4.59
C LYS B 339 -38.18 -12.78 5.13
N LYS B 340 -39.20 -11.98 5.43
CA LYS B 340 -40.40 -12.56 6.04
C LYS B 340 -41.18 -13.38 5.01
N ASP B 341 -42.06 -14.24 5.54
CA ASP B 341 -43.00 -15.04 4.74
C ASP B 341 -42.26 -15.99 3.80
N THR B 342 -41.14 -16.56 4.26
CA THR B 342 -40.46 -17.61 3.51
C THR B 342 -39.66 -18.49 4.45
N GLY B 343 -39.38 -19.72 4.01
CA GLY B 343 -38.45 -20.58 4.69
C GLY B 343 -37.02 -20.50 4.20
N ASP B 344 -36.78 -19.74 3.13
CA ASP B 344 -35.49 -19.61 2.48
C ASP B 344 -34.51 -18.84 3.37
N THR B 345 -33.34 -19.42 3.61
CA THR B 345 -32.29 -18.77 4.40
C THR B 345 -31.07 -18.37 3.58
N ARG B 346 -31.10 -18.51 2.26
CA ARG B 346 -29.88 -18.34 1.48
C ARG B 346 -29.39 -16.90 1.57
N GLU B 347 -28.13 -16.77 1.98
CA GLU B 347 -27.49 -15.46 2.23
C GLU B 347 -28.28 -14.62 3.21
N SER B 348 -29.02 -15.27 4.11
CA SER B 348 -29.74 -14.53 5.14
C SER B 348 -28.78 -13.79 6.07
N SER B 349 -29.11 -12.52 6.35
CA SER B 349 -28.33 -11.72 7.28
C SER B 349 -28.27 -12.35 8.67
N SER B 350 -29.31 -13.12 9.06
CA SER B 350 -29.29 -13.80 10.35
C SER B 350 -28.13 -14.79 10.44
N ILE B 351 -27.76 -15.44 9.34
CA ILE B 351 -26.63 -16.38 9.39
C ILE B 351 -25.37 -15.64 9.82
N TYR B 352 -25.12 -14.50 9.19
CA TYR B 352 -23.90 -13.74 9.45
C TYR B 352 -23.93 -13.13 10.85
N ILE B 353 -25.07 -12.55 11.26
CA ILE B 353 -25.17 -12.01 12.62
C ILE B 353 -24.92 -13.11 13.63
N SER B 354 -25.57 -14.28 13.44
CA SER B 354 -25.39 -15.39 14.37
C SER B 354 -23.93 -15.81 14.43
N LYS B 355 -23.27 -15.91 13.28
CA LYS B 355 -21.88 -16.39 13.30
C LYS B 355 -20.98 -15.40 14.02
N TYR B 356 -21.17 -14.09 13.81
CA TYR B 356 -20.39 -13.11 14.54
C TYR B 356 -20.57 -13.25 16.05
N LEU B 357 -21.80 -13.53 16.50
CA LEU B 357 -22.01 -13.67 17.94
C LEU B 357 -21.47 -15.01 18.45
N MET B 358 -21.55 -16.07 17.65
CA MET B 358 -20.96 -17.35 18.05
C MET B 358 -19.46 -17.24 18.20
N ASP B 359 -18.80 -16.46 17.34
CA ASP B 359 -17.35 -16.27 17.44
C ASP B 359 -16.97 -15.62 18.76
N GLU B 360 -17.91 -14.94 19.42
CA GLU B 360 -17.70 -14.40 20.76
C GLU B 360 -18.11 -15.35 21.87
N GLY B 361 -18.65 -16.52 21.54
CA GLY B 361 -19.07 -17.47 22.55
C GLY B 361 -20.46 -17.25 23.10
N ALA B 362 -21.30 -16.50 22.39
CA ALA B 362 -22.68 -16.31 22.85
C ALA B 362 -23.47 -17.61 22.73
N HIS B 363 -24.41 -17.80 23.65
CA HIS B 363 -25.39 -18.90 23.58
C HIS B 363 -26.61 -18.37 22.85
N LEU B 364 -26.75 -18.73 21.58
CA LEU B 364 -27.84 -18.24 20.75
C LEU B 364 -29.07 -19.15 20.88
N HIS B 365 -30.24 -18.55 21.10
CA HIS B 365 -31.50 -19.27 21.02
C HIS B 365 -32.26 -18.67 19.86
N ILE B 366 -32.45 -19.47 18.81
CA ILE B 366 -32.92 -18.98 17.52
C ILE B 366 -34.36 -19.40 17.33
N TYR B 367 -35.23 -18.42 17.04
CA TYR B 367 -36.61 -18.70 16.71
C TYR B 367 -36.94 -18.14 15.34
N ASP B 368 -37.54 -18.97 14.50
CA ASP B 368 -38.10 -18.54 13.24
C ASP B 368 -39.37 -19.36 13.03
N PRO B 369 -40.48 -18.74 12.68
CA PRO B 369 -41.74 -19.49 12.56
C PRO B 369 -41.80 -20.42 11.35
N LYS B 370 -40.88 -20.32 10.39
CA LYS B 370 -41.03 -21.11 9.18
C LYS B 370 -39.76 -21.88 8.81
N VAL B 371 -38.57 -21.38 9.16
CA VAL B 371 -37.37 -22.14 8.77
C VAL B 371 -37.26 -23.41 9.61
N PRO B 372 -37.05 -24.57 9.01
CA PRO B 372 -36.91 -25.81 9.80
C PRO B 372 -35.57 -25.91 10.51
N ARG B 373 -35.59 -26.63 11.65
CA ARG B 373 -34.41 -26.74 12.51
C ARG B 373 -33.18 -27.23 11.77
N GLU B 374 -33.34 -28.27 10.95
CA GLU B 374 -32.19 -28.85 10.25
C GLU B 374 -31.52 -27.83 9.33
N GLN B 375 -32.30 -26.90 8.77
CA GLN B 375 -31.72 -25.90 7.90
C GLN B 375 -30.87 -24.91 8.69
N ILE B 376 -31.30 -24.56 9.90
CA ILE B 376 -30.50 -23.65 10.72
C ILE B 376 -29.19 -24.32 11.15
N VAL B 377 -29.24 -25.59 11.52
CA VAL B 377 -28.03 -26.28 11.93
C VAL B 377 -27.05 -26.38 10.77
N VAL B 378 -27.54 -26.74 9.58
CA VAL B 378 -26.69 -26.76 8.40
C VAL B 378 -26.04 -25.39 8.15
N ASP B 379 -26.85 -24.32 8.21
CA ASP B 379 -26.33 -22.98 7.89
C ASP B 379 -25.26 -22.52 8.85
N LEU B 380 -25.32 -22.94 10.11
CA LEU B 380 -24.35 -22.47 11.08
C LEU B 380 -23.16 -23.40 11.24
N SER B 381 -23.16 -24.55 10.57
CA SER B 381 -22.08 -25.54 10.58
C SER B 381 -21.10 -25.27 9.44
N HIS B 382 -19.95 -25.94 9.52
CA HIS B 382 -18.90 -25.83 8.50
C HIS B 382 -19.12 -26.86 7.39
N ASP B 389 -19.79 -28.90 15.94
CA ASP B 389 -19.27 -28.81 17.31
C ASP B 389 -19.53 -27.44 17.95
N GLN B 390 -19.17 -26.37 17.23
CA GLN B 390 -19.51 -25.04 17.72
C GLN B 390 -21.03 -24.86 17.81
N VAL B 391 -21.77 -25.37 16.82
CA VAL B 391 -23.23 -25.28 16.85
C VAL B 391 -23.78 -26.01 18.07
N SER B 392 -23.23 -27.19 18.39
CA SER B 392 -23.69 -27.96 19.54
C SER B 392 -23.55 -27.20 20.84
N ARG B 393 -22.39 -26.56 21.05
CA ARG B 393 -22.13 -25.87 22.30
C ARG B 393 -22.99 -24.60 22.44
N LEU B 394 -23.18 -23.87 21.35
CA LEU B 394 -23.67 -22.50 21.46
C LEU B 394 -25.08 -22.25 20.91
N VAL B 395 -25.65 -23.17 20.13
CA VAL B 395 -26.88 -22.89 19.40
C VAL B 395 -28.01 -23.76 19.93
N THR B 396 -29.10 -23.11 20.34
CA THR B 396 -30.35 -23.77 20.68
C THR B 396 -31.43 -23.25 19.75
N ILE B 397 -32.24 -24.16 19.21
CA ILE B 397 -33.34 -23.77 18.34
C ILE B 397 -34.64 -23.87 19.13
N SER B 398 -35.28 -22.72 19.32
CA SER B 398 -36.43 -22.65 20.21
C SER B 398 -37.72 -22.95 19.44
N LYS B 399 -38.72 -23.43 20.19
CA LYS B 399 -40.01 -23.69 19.58
C LYS B 399 -40.93 -22.47 19.60
N ASP B 400 -40.67 -21.49 20.45
CA ASP B 400 -41.48 -20.28 20.45
C ASP B 400 -40.63 -19.13 20.93
N PRO B 401 -41.03 -17.88 20.64
CA PRO B 401 -40.15 -16.74 20.95
C PRO B 401 -39.96 -16.49 22.44
N TYR B 402 -40.94 -16.81 23.27
CA TYR B 402 -40.82 -16.54 24.70
C TYR B 402 -39.79 -17.46 25.35
N GLU B 403 -39.73 -18.70 24.86
CA GLU B 403 -38.69 -19.63 25.27
C GLU B 403 -37.29 -19.12 24.89
N ALA B 404 -37.15 -18.56 23.69
CA ALA B 404 -35.88 -18.00 23.26
C ALA B 404 -35.45 -16.81 24.10
N CYS B 405 -36.41 -15.99 24.57
CA CYS B 405 -36.11 -14.78 25.30
C CYS B 405 -35.95 -14.99 26.80
N ASP B 406 -36.34 -16.15 27.32
CA ASP B 406 -36.37 -16.38 28.76
C ASP B 406 -34.96 -16.46 29.33
N GLY B 407 -34.63 -15.53 30.24
CA GLY B 407 -33.30 -15.40 30.80
C GLY B 407 -32.28 -14.76 29.89
N ALA B 408 -32.72 -14.18 28.76
CA ALA B 408 -31.80 -13.60 27.79
C ALA B 408 -31.32 -12.22 28.23
N HIS B 409 -30.13 -11.85 27.75
CA HIS B 409 -29.64 -10.48 27.89
C HIS B 409 -30.13 -9.58 26.78
N ALA B 410 -30.41 -10.14 25.60
CA ALA B 410 -30.75 -9.31 24.46
C ALA B 410 -31.67 -10.09 23.53
N VAL B 411 -32.57 -9.35 22.88
CA VAL B 411 -33.43 -9.85 21.82
C VAL B 411 -32.95 -9.19 20.54
N VAL B 412 -32.62 -10.01 19.54
CA VAL B 412 -32.10 -9.53 18.27
C VAL B 412 -33.11 -9.89 17.19
N ILE B 413 -33.73 -8.89 16.57
CA ILE B 413 -34.73 -9.10 15.53
C ILE B 413 -34.04 -8.96 14.19
N CYS B 414 -33.89 -10.08 13.47
CA CYS B 414 -33.14 -10.10 12.22
C CYS B 414 -34.01 -10.29 10.99
N THR B 415 -35.27 -10.70 11.16
CA THR B 415 -36.19 -10.94 10.07
C THR B 415 -37.53 -10.29 10.43
N GLU B 416 -38.12 -9.58 9.48
CA GLU B 416 -39.27 -8.70 9.74
C GLU B 416 -40.61 -9.43 9.83
N TRP B 417 -40.67 -10.59 10.48
CA TRP B 417 -41.95 -11.29 10.64
C TRP B 417 -42.93 -10.41 11.40
N ASP B 418 -44.17 -10.35 10.89
CA ASP B 418 -45.20 -9.49 11.48
C ASP B 418 -45.47 -9.83 12.93
N MET B 419 -45.33 -11.11 13.30
CA MET B 419 -45.64 -11.55 14.66
C MET B 419 -44.71 -10.96 15.71
N PHE B 420 -43.51 -10.52 15.33
CA PHE B 420 -42.60 -9.96 16.33
C PHE B 420 -43.12 -8.64 16.87
N LYS B 421 -43.91 -7.92 16.07
CA LYS B 421 -44.56 -6.70 16.52
C LYS B 421 -45.59 -6.98 17.61
N GLU B 422 -46.15 -8.19 17.62
CA GLU B 422 -47.30 -8.50 18.47
C GLU B 422 -46.95 -9.23 19.75
N LEU B 423 -45.67 -9.48 20.02
CA LEU B 423 -45.27 -10.20 21.21
C LEU B 423 -45.66 -9.43 22.47
N ASP B 424 -45.78 -10.18 23.57
CA ASP B 424 -46.03 -9.62 24.91
C ASP B 424 -44.69 -9.18 25.48
N TYR B 425 -44.30 -7.95 25.14
CA TYR B 425 -42.99 -7.45 25.55
C TYR B 425 -42.93 -7.14 27.04
N GLU B 426 -44.07 -6.89 27.68
CA GLU B 426 -44.09 -6.77 29.14
C GLU B 426 -43.70 -8.09 29.79
N ARG B 427 -44.26 -9.19 29.31
CA ARG B 427 -43.89 -10.52 29.80
C ARG B 427 -42.43 -10.84 29.51
N ILE B 428 -41.94 -10.52 28.30
CA ILE B 428 -40.55 -10.82 27.97
C ILE B 428 -39.59 -10.09 28.90
N HIS B 429 -39.86 -8.81 29.17
CA HIS B 429 -38.94 -8.02 29.99
C HIS B 429 -38.78 -8.58 31.39
N LYS B 430 -39.87 -9.09 31.97
CA LYS B 430 -39.82 -9.58 33.35
C LYS B 430 -38.82 -10.72 33.50
N LYS B 431 -38.69 -11.56 32.48
CA LYS B 431 -37.85 -12.74 32.57
C LYS B 431 -36.47 -12.56 31.93
N MET B 432 -36.16 -11.40 31.36
CA MET B 432 -34.82 -11.16 30.86
C MET B 432 -33.89 -10.70 31.99
N LEU B 433 -32.59 -10.93 31.78
CA LEU B 433 -31.60 -10.32 32.65
C LEU B 433 -31.50 -8.82 32.36
N LYS B 434 -31.09 -8.06 33.37
CA LYS B 434 -31.07 -6.61 33.28
C LYS B 434 -29.64 -6.05 33.28
N PRO B 435 -29.39 -5.02 32.44
CA PRO B 435 -30.33 -4.36 31.53
C PRO B 435 -30.73 -5.21 30.34
N ALA B 436 -32.01 -5.12 29.97
CA ALA B 436 -32.55 -5.91 28.87
C ALA B 436 -32.50 -5.09 27.58
N PHE B 437 -31.94 -5.69 26.54
CA PHE B 437 -31.75 -5.01 25.26
C PHE B 437 -32.61 -5.63 24.19
N ILE B 438 -33.11 -4.77 23.31
CA ILE B 438 -33.69 -5.18 22.05
C ILE B 438 -32.92 -4.51 20.93
N PHE B 439 -32.44 -5.31 19.98
CA PHE B 439 -31.77 -4.80 18.80
C PHE B 439 -32.68 -5.09 17.61
N ASP B 440 -33.28 -4.04 17.07
CA ASP B 440 -34.23 -4.16 15.96
C ASP B 440 -33.43 -3.95 14.67
N GLY B 441 -33.10 -5.03 14.00
CA GLY B 441 -32.40 -4.90 12.73
C GLY B 441 -33.30 -4.71 11.54
N ARG B 442 -34.62 -4.54 11.74
CA ARG B 442 -35.56 -4.42 10.63
C ARG B 442 -36.54 -3.26 10.78
N ARG B 443 -36.44 -2.46 11.85
CA ARG B 443 -37.35 -1.35 12.08
C ARG B 443 -38.81 -1.83 12.23
N VAL B 444 -39.02 -3.08 12.65
CA VAL B 444 -40.38 -3.58 12.81
C VAL B 444 -41.06 -3.05 14.08
N LEU B 445 -40.29 -2.61 15.07
CA LEU B 445 -40.83 -2.10 16.32
C LEU B 445 -40.99 -0.58 16.32
N ASP B 446 -40.89 0.07 15.15
CA ASP B 446 -41.11 1.51 15.08
C ASP B 446 -42.49 1.85 15.63
N GLY B 447 -42.55 2.93 16.41
CA GLY B 447 -43.76 3.35 17.05
C GLY B 447 -43.99 2.75 18.42
N LEU B 448 -43.29 1.68 18.75
CA LEU B 448 -43.41 1.06 20.07
C LEU B 448 -42.30 1.50 21.01
N HIS B 449 -41.42 2.40 20.54
CA HIS B 449 -40.24 2.75 21.31
C HIS B 449 -40.60 3.39 22.64
N ASN B 450 -41.56 4.30 22.64
CA ASN B 450 -41.98 4.93 23.89
C ASN B 450 -42.52 3.88 24.86
N GLU B 451 -43.35 2.95 24.35
CA GLU B 451 -43.91 1.91 25.21
C GLU B 451 -42.85 0.93 25.68
N LEU B 452 -41.93 0.52 24.78
CA LEU B 452 -40.87 -0.41 25.17
C LEU B 452 -39.92 0.22 26.20
N GLN B 453 -39.66 1.51 26.08
CA GLN B 453 -38.76 2.15 27.03
C GLN B 453 -39.39 2.24 28.41
N THR B 454 -40.68 2.57 28.48
CA THR B 454 -41.33 2.68 29.78
C THR B 454 -41.43 1.33 30.47
N ILE B 455 -41.54 0.25 29.68
CA ILE B 455 -41.44 -1.11 30.22
C ILE B 455 -40.07 -1.34 30.84
N GLY B 456 -39.03 -0.77 30.24
CA GLY B 456 -37.69 -0.84 30.81
C GLY B 456 -36.61 -1.28 29.83
N PHE B 457 -36.99 -1.60 28.59
CA PHE B 457 -36.00 -2.01 27.61
C PHE B 457 -35.10 -0.85 27.21
N GLN B 458 -33.85 -1.17 26.94
CA GLN B 458 -33.03 -0.33 26.08
C GLN B 458 -33.15 -0.87 24.66
N ILE B 459 -33.69 -0.06 23.77
CA ILE B 459 -34.01 -0.49 22.41
C ILE B 459 -33.08 0.26 21.46
N GLU B 460 -32.38 -0.50 20.63
CA GLU B 460 -31.50 0.03 19.60
C GLU B 460 -31.97 -0.47 18.24
N THR B 461 -31.92 0.40 17.26
CA THR B 461 -32.40 0.07 15.93
C THR B 461 -31.49 0.69 14.88
N ILE B 462 -31.56 0.09 13.69
CA ILE B 462 -30.81 0.57 12.54
C ILE B 462 -31.24 2.01 12.23
N GLY B 463 -30.26 2.89 12.06
CA GLY B 463 -30.57 4.22 11.54
C GLY B 463 -31.22 5.14 12.53
N LYS B 464 -31.02 4.90 13.82
CA LYS B 464 -31.51 5.76 14.89
C LYS B 464 -30.47 5.80 16.00
N LYS B 465 -30.12 7.02 16.41
CA LYS B 465 -29.14 7.22 17.49
C LYS B 465 -29.67 6.65 18.80
N VAL B 466 -28.75 6.10 19.61
CA VAL B 466 -29.13 5.48 20.87
C VAL B 466 -29.54 6.53 21.91
N MET C 1 55.27 -26.26 -8.49
CA MET C 1 55.96 -27.13 -7.54
C MET C 1 55.08 -28.30 -7.08
N PHE C 2 53.86 -27.99 -6.65
CA PHE C 2 53.00 -28.99 -6.05
C PHE C 2 52.14 -29.67 -7.11
N GLU C 3 52.19 -31.00 -7.16
CA GLU C 3 51.40 -31.79 -8.09
C GLU C 3 50.32 -32.55 -7.33
N ILE C 4 49.09 -32.40 -7.79
CA ILE C 4 48.00 -33.23 -7.28
C ILE C 4 48.18 -34.63 -7.88
N LYS C 5 48.38 -35.62 -7.01
CA LYS C 5 48.47 -37.00 -7.47
C LYS C 5 47.30 -37.87 -7.07
N LYS C 6 46.57 -37.51 -6.01
CA LYS C 6 45.42 -38.28 -5.53
C LYS C 6 44.28 -37.32 -5.27
N ILE C 7 43.11 -37.65 -5.80
CA ILE C 7 41.91 -36.85 -5.70
C ILE C 7 40.82 -37.67 -5.03
N CYS C 8 40.12 -37.05 -4.10
CA CYS C 8 38.95 -37.62 -3.44
C CYS C 8 37.75 -36.72 -3.73
N CYS C 9 36.65 -37.32 -4.16
CA CYS C 9 35.42 -36.58 -4.43
C CYS C 9 34.35 -37.10 -3.49
N ILE C 10 33.85 -36.24 -2.62
CA ILE C 10 32.81 -36.66 -1.69
C ILE C 10 31.46 -36.36 -2.33
N GLY C 11 30.71 -37.41 -2.64
CA GLY C 11 29.48 -37.30 -3.39
C GLY C 11 29.62 -37.97 -4.74
N ALA C 12 28.84 -39.03 -4.98
CA ALA C 12 28.91 -39.81 -6.20
C ALA C 12 27.63 -39.64 -7.01
N GLY C 13 27.09 -38.42 -7.01
CA GLY C 13 25.88 -38.10 -7.74
C GLY C 13 26.22 -37.59 -9.12
N TYR C 14 25.26 -36.92 -9.74
CA TYR C 14 25.39 -36.65 -11.16
C TYR C 14 26.45 -35.60 -11.48
N VAL C 15 26.95 -34.86 -10.49
CA VAL C 15 28.06 -33.95 -10.73
C VAL C 15 29.39 -34.65 -10.46
N GLY C 16 29.55 -35.17 -9.24
CA GLY C 16 30.85 -35.67 -8.84
C GLY C 16 31.27 -36.89 -9.62
N GLY C 17 30.34 -37.83 -9.83
CA GLY C 17 30.62 -39.07 -10.53
C GLY C 17 31.17 -38.86 -11.94
N PRO C 18 30.39 -38.18 -12.78
CA PRO C 18 30.88 -37.92 -14.16
C PRO C 18 32.12 -37.03 -14.21
N THR C 19 32.18 -35.96 -13.41
CA THR C 19 33.38 -35.11 -13.39
C THR C 19 34.65 -35.89 -13.05
N CYS C 20 34.59 -36.70 -11.99
CA CYS C 20 35.77 -37.46 -11.57
C CYS C 20 36.09 -38.60 -12.50
N SER C 21 35.08 -39.17 -13.15
CA SER C 21 35.35 -40.17 -14.18
C SER C 21 36.11 -39.56 -15.35
N VAL C 22 35.73 -38.34 -15.76
CA VAL C 22 36.44 -37.73 -16.87
C VAL C 22 37.88 -37.35 -16.47
N ILE C 23 38.08 -36.85 -15.25
CA ILE C 23 39.44 -36.54 -14.78
C ILE C 23 40.32 -37.77 -14.81
N ALA C 24 39.82 -38.90 -14.28
CA ALA C 24 40.60 -40.15 -14.31
C ALA C 24 40.91 -40.54 -15.74
N HIS C 25 39.93 -40.42 -16.64
CA HIS C 25 40.13 -40.81 -18.04
C HIS C 25 41.24 -39.98 -18.68
N MET C 26 41.32 -38.69 -18.35
CA MET C 26 42.27 -37.78 -19.00
C MET C 26 43.61 -37.69 -18.27
N CYS C 27 43.68 -38.12 -17.02
CA CYS C 27 44.89 -38.00 -16.20
C CYS C 27 45.25 -39.37 -15.66
N PRO C 28 45.89 -40.20 -16.48
CA PRO C 28 46.20 -41.59 -16.07
C PRO C 28 47.07 -41.70 -14.83
N GLU C 29 47.91 -40.71 -14.54
CA GLU C 29 48.78 -40.78 -13.37
C GLU C 29 48.11 -40.27 -12.10
N ILE C 30 46.87 -39.80 -12.16
CA ILE C 30 46.19 -39.32 -10.97
C ILE C 30 45.25 -40.41 -10.50
N ARG C 31 45.32 -40.76 -9.22
CA ARG C 31 44.39 -41.72 -8.63
C ARG C 31 43.17 -40.96 -8.16
N VAL C 32 41.99 -41.35 -8.65
CA VAL C 32 40.76 -40.63 -8.37
C VAL C 32 39.82 -41.57 -7.63
N THR C 33 39.40 -41.16 -6.44
CA THR C 33 38.49 -41.95 -5.61
C THR C 33 37.22 -41.15 -5.34
N VAL C 34 36.09 -41.71 -5.78
CA VAL C 34 34.77 -41.13 -5.58
C VAL C 34 34.15 -41.85 -4.39
N VAL C 35 33.71 -41.08 -3.39
CA VAL C 35 33.18 -41.68 -2.16
C VAL C 35 31.81 -41.09 -1.86
N ASP C 36 31.00 -41.88 -1.16
CA ASP C 36 29.63 -41.54 -0.84
C ASP C 36 29.21 -42.45 0.29
N VAL C 37 28.38 -41.93 1.20
CA VAL C 37 27.88 -42.77 2.27
C VAL C 37 26.80 -43.73 1.75
N ASN C 38 26.20 -43.42 0.60
CA ASN C 38 25.12 -44.24 0.03
C ASN C 38 25.73 -45.51 -0.58
N GLU C 39 25.58 -46.62 0.14
CA GLU C 39 26.24 -47.87 -0.26
C GLU C 39 25.68 -48.43 -1.56
N SER C 40 24.37 -48.28 -1.80
CA SER C 40 23.76 -48.76 -3.05
C SER C 40 24.33 -48.03 -4.25
N ARG C 41 24.48 -46.70 -4.13
CA ARG C 41 25.04 -45.93 -5.23
C ARG C 41 26.45 -46.39 -5.54
N ILE C 42 27.30 -46.50 -4.51
CA ILE C 42 28.67 -46.89 -4.74
C ILE C 42 28.73 -48.27 -5.41
N ASN C 43 27.88 -49.22 -4.97
CA ASN C 43 27.85 -50.54 -5.60
C ASN C 43 27.43 -50.45 -7.07
N ALA C 44 26.43 -49.62 -7.40
CA ALA C 44 26.06 -49.46 -8.80
C ALA C 44 27.23 -48.89 -9.62
N TRP C 45 27.95 -47.90 -9.08
CA TRP C 45 29.12 -47.40 -9.80
C TRP C 45 30.14 -48.49 -10.08
N ASN C 46 30.23 -49.49 -9.21
CA ASN C 46 31.16 -50.60 -9.41
C ASN C 46 30.56 -51.76 -10.20
N SER C 47 29.34 -51.61 -10.68
CA SER C 47 28.57 -52.64 -11.36
C SER C 47 28.51 -52.39 -12.87
N PRO C 48 28.00 -53.35 -13.63
CA PRO C 48 27.76 -53.08 -15.06
C PRO C 48 26.57 -52.17 -15.33
N THR C 49 25.88 -51.68 -14.30
CA THR C 49 24.72 -50.79 -14.44
C THR C 49 24.97 -49.54 -13.59
N LEU C 50 25.31 -48.44 -14.23
CA LEU C 50 25.73 -47.26 -13.49
C LEU C 50 24.51 -46.52 -12.94
N PRO C 51 24.64 -45.87 -11.78
CA PRO C 51 23.46 -45.25 -11.15
C PRO C 51 22.90 -44.04 -11.89
N ILE C 52 23.63 -43.46 -12.86
CA ILE C 52 23.09 -42.43 -13.73
C ILE C 52 23.41 -42.78 -15.18
N TYR C 53 22.52 -42.42 -16.09
CA TYR C 53 22.75 -42.67 -17.50
C TYR C 53 23.15 -41.37 -18.18
N GLU C 54 24.33 -41.37 -18.79
CA GLU C 54 24.83 -40.26 -19.56
C GLU C 54 25.49 -40.91 -20.78
N PRO C 55 25.20 -40.44 -21.98
CA PRO C 55 25.90 -40.98 -23.16
C PRO C 55 27.40 -40.83 -23.02
N GLY C 56 28.12 -41.92 -23.30
CA GLY C 56 29.56 -41.95 -23.20
C GLY C 56 30.11 -42.24 -21.83
N LEU C 57 29.28 -42.22 -20.78
CA LEU C 57 29.81 -42.37 -19.43
C LEU C 57 30.28 -43.79 -19.16
N LYS C 58 29.48 -44.78 -19.59
CA LYS C 58 29.83 -46.19 -19.41
C LYS C 58 31.21 -46.50 -19.97
N GLU C 59 31.48 -46.06 -21.21
CA GLU C 59 32.79 -46.30 -21.80
C GLU C 59 33.90 -45.57 -21.05
N VAL C 60 33.63 -44.36 -20.52
CA VAL C 60 34.65 -43.66 -19.76
C VAL C 60 34.95 -44.42 -18.46
N VAL C 61 33.91 -44.81 -17.72
CA VAL C 61 34.12 -45.50 -16.45
C VAL C 61 34.81 -46.85 -16.66
N GLU C 62 34.42 -47.58 -17.69
CA GLU C 62 35.00 -48.92 -17.89
C GLU C 62 36.45 -48.85 -18.38
N SER C 63 36.88 -47.72 -18.91
CA SER C 63 38.28 -47.56 -19.30
C SER C 63 39.21 -47.27 -18.12
N CYS C 64 38.70 -46.74 -16.99
CA CYS C 64 39.53 -46.37 -15.85
C CYS C 64 39.26 -47.13 -14.57
N ARG C 65 38.05 -47.66 -14.39
CA ARG C 65 37.67 -48.20 -13.09
C ARG C 65 38.58 -49.34 -12.70
N GLY C 66 39.12 -49.29 -11.48
CA GLY C 66 40.10 -50.27 -11.06
C GLY C 66 41.53 -49.98 -11.46
N LYS C 67 41.75 -49.03 -12.37
CA LYS C 67 43.11 -48.62 -12.70
C LYS C 67 43.45 -47.38 -11.88
N ASN C 68 42.82 -46.24 -12.20
CA ASN C 68 43.03 -45.02 -11.42
C ASN C 68 41.71 -44.39 -11.01
N LEU C 69 40.58 -45.05 -11.29
CA LEU C 69 39.28 -44.59 -10.85
C LEU C 69 38.69 -45.62 -9.90
N PHE C 70 38.29 -45.17 -8.72
CA PHE C 70 37.80 -46.07 -7.70
C PHE C 70 36.56 -45.46 -7.08
N PHE C 71 35.60 -46.31 -6.76
CA PHE C 71 34.39 -45.92 -6.07
C PHE C 71 34.35 -46.68 -4.75
N SER C 72 34.15 -45.95 -3.65
CA SER C 72 34.24 -46.59 -2.34
C SER C 72 33.33 -45.85 -1.36
N THR C 73 32.95 -46.56 -0.30
CA THR C 73 32.27 -45.96 0.84
C THR C 73 33.23 -45.59 1.97
N ASN C 74 34.53 -45.84 1.81
CA ASN C 74 35.52 -45.53 2.84
C ASN C 74 35.92 -44.06 2.70
N ILE C 75 35.06 -43.19 3.20
CA ILE C 75 35.27 -41.75 3.05
C ILE C 75 36.53 -41.30 3.82
N ASP C 76 36.75 -41.87 5.02
CA ASP C 76 37.81 -41.38 5.89
C ASP C 76 39.18 -41.59 5.27
N ASP C 77 39.44 -42.80 4.76
CA ASP C 77 40.73 -43.09 4.16
C ASP C 77 40.93 -42.35 2.85
N ALA C 78 39.86 -42.19 2.06
CA ALA C 78 39.98 -41.42 0.81
C ALA C 78 40.36 -39.97 1.09
N ILE C 79 39.77 -39.35 2.10
CA ILE C 79 40.16 -37.99 2.49
C ILE C 79 41.61 -37.99 2.94
N LYS C 80 41.96 -38.95 3.78
CA LYS C 80 43.27 -38.99 4.41
C LYS C 80 44.39 -39.02 3.37
N GLU C 81 44.21 -39.76 2.28
CA GLU C 81 45.26 -39.88 1.27
C GLU C 81 45.24 -38.77 0.23
N ALA C 82 44.14 -38.04 0.10
CA ALA C 82 43.98 -37.16 -1.07
C ALA C 82 44.84 -35.89 -0.94
N ASP C 83 45.33 -35.43 -2.10
CA ASP C 83 45.90 -34.09 -2.24
C ASP C 83 44.82 -33.03 -2.48
N LEU C 84 43.75 -33.42 -3.16
CA LEU C 84 42.65 -32.55 -3.53
C LEU C 84 41.37 -33.26 -3.13
N VAL C 85 40.49 -32.56 -2.40
CA VAL C 85 39.19 -33.10 -1.99
C VAL C 85 38.11 -32.24 -2.64
N PHE C 86 37.26 -32.85 -3.47
CA PHE C 86 36.08 -32.17 -4.01
C PHE C 86 34.88 -32.37 -3.07
N ILE C 87 34.19 -31.28 -2.75
CA ILE C 87 32.92 -31.34 -2.07
C ILE C 87 31.84 -31.29 -3.13
N SER C 88 31.14 -32.39 -3.30
CA SER C 88 30.14 -32.52 -4.34
C SER C 88 28.82 -33.02 -3.75
N VAL C 89 28.48 -32.60 -2.53
CA VAL C 89 27.25 -33.04 -1.87
C VAL C 89 26.07 -32.14 -2.25
N ASN C 90 24.86 -32.62 -2.00
CA ASN C 90 23.63 -31.88 -2.33
C ASN C 90 23.45 -30.65 -1.44
N THR C 91 22.82 -29.63 -2.03
CA THR C 91 22.36 -28.45 -1.30
C THR C 91 20.89 -28.22 -1.61
N PRO C 92 20.00 -29.05 -1.09
CA PRO C 92 18.57 -28.85 -1.36
C PRO C 92 18.12 -27.51 -0.78
N THR C 93 16.97 -27.05 -1.27
CA THR C 93 16.38 -25.84 -0.72
C THR C 93 15.82 -26.13 0.66
N LYS C 94 15.98 -25.17 1.59
CA LYS C 94 15.32 -25.30 2.88
C LYS C 94 13.81 -25.37 2.69
N THR C 95 13.17 -26.32 3.37
CA THR C 95 11.71 -26.44 3.37
C THR C 95 11.10 -26.02 4.70
N TYR C 96 11.85 -25.28 5.51
CA TYR C 96 11.47 -24.97 6.89
C TYR C 96 12.25 -23.72 7.31
N GLY C 97 11.69 -22.95 8.24
CA GLY C 97 12.45 -21.90 8.89
C GLY C 97 12.85 -20.71 8.02
N MET C 98 13.95 -20.08 8.41
CA MET C 98 14.44 -18.86 7.77
C MET C 98 14.87 -19.13 6.34
N GLY C 99 14.26 -18.41 5.40
CA GLY C 99 14.56 -18.62 4.00
C GLY C 99 13.93 -19.84 3.41
N LYS C 100 12.89 -20.39 4.06
CA LYS C 100 12.14 -21.52 3.53
C LYS C 100 11.76 -21.30 2.07
N GLY C 101 12.06 -22.28 1.23
CA GLY C 101 11.71 -22.14 -0.17
C GLY C 101 12.70 -21.33 -0.99
N ARG C 102 13.74 -20.78 -0.39
CA ARG C 102 14.63 -19.91 -1.16
C ARG C 102 16.09 -20.14 -0.80
N ALA C 103 16.42 -20.11 0.50
CA ALA C 103 17.78 -20.35 0.95
C ALA C 103 18.16 -21.82 0.73
N ALA C 104 19.46 -22.07 0.61
CA ALA C 104 19.99 -23.43 0.52
C ALA C 104 20.10 -24.08 1.90
N ASP C 105 19.85 -25.38 1.96
CA ASP C 105 20.09 -26.14 3.19
C ASP C 105 21.56 -26.59 3.17
N LEU C 106 22.34 -26.07 4.12
CA LEU C 106 23.78 -26.24 4.15
C LEU C 106 24.23 -27.37 5.07
N LYS C 107 23.31 -28.17 5.62
CA LYS C 107 23.72 -29.14 6.63
C LYS C 107 24.70 -30.17 6.07
N TYR C 108 24.52 -30.59 4.81
CA TYR C 108 25.41 -31.62 4.25
C TYR C 108 26.80 -31.07 3.96
N ILE C 109 26.89 -29.81 3.51
CA ILE C 109 28.21 -29.21 3.24
C ILE C 109 28.99 -29.02 4.53
N GLU C 110 28.34 -28.51 5.57
CA GLU C 110 29.04 -28.31 6.84
C GLU C 110 29.47 -29.64 7.43
N ALA C 111 28.60 -30.66 7.36
CA ALA C 111 29.02 -31.97 7.85
C ALA C 111 30.22 -32.47 7.06
N CYS C 112 30.23 -32.19 5.77
CA CYS C 112 31.33 -32.62 4.92
C CYS C 112 32.61 -31.91 5.31
N ALA C 113 32.54 -30.58 5.52
CA ALA C 113 33.71 -29.83 5.97
C ALA C 113 34.23 -30.34 7.30
N ARG C 114 33.33 -30.66 8.24
CA ARG C 114 33.83 -31.17 9.52
C ARG C 114 34.49 -32.53 9.35
N ARG C 115 33.95 -33.36 8.45
CA ARG C 115 34.55 -34.67 8.20
C ARG C 115 35.95 -34.51 7.60
N ILE C 116 36.12 -33.54 6.68
CA ILE C 116 37.42 -33.35 6.07
C ILE C 116 38.46 -32.95 7.11
N VAL C 117 38.16 -31.93 7.93
CA VAL C 117 39.20 -31.46 8.84
C VAL C 117 39.48 -32.52 9.91
N GLN C 118 38.47 -33.31 10.28
CA GLN C 118 38.70 -34.39 11.23
C GLN C 118 39.68 -35.45 10.70
N ASN C 119 39.72 -35.67 9.38
CA ASN C 119 40.53 -36.76 8.81
C ASN C 119 41.76 -36.27 8.04
N SER C 120 42.16 -35.01 8.23
CA SER C 120 43.19 -34.42 7.41
C SER C 120 44.42 -34.02 8.23
N ASN C 121 45.58 -34.21 7.62
CA ASN C 121 46.83 -33.66 8.12
C ASN C 121 47.61 -33.08 6.96
N GLY C 122 48.49 -32.13 7.28
CA GLY C 122 49.33 -31.58 6.25
C GLY C 122 48.53 -30.74 5.27
N TYR C 123 48.99 -30.75 4.04
CA TYR C 123 48.48 -29.86 3.00
C TYR C 123 47.43 -30.58 2.16
N LYS C 124 46.26 -29.94 2.00
CA LYS C 124 45.24 -30.42 1.07
C LYS C 124 44.54 -29.22 0.45
N ILE C 125 44.08 -29.41 -0.78
CA ILE C 125 43.25 -28.44 -1.45
C ILE C 125 41.80 -28.95 -1.38
N VAL C 126 40.93 -28.14 -0.80
CA VAL C 126 39.51 -28.48 -0.63
C VAL C 126 38.73 -27.58 -1.57
N THR C 127 37.97 -28.19 -2.48
CA THR C 127 37.38 -27.48 -3.59
C THR C 127 35.88 -27.68 -3.55
N GLU C 128 35.14 -26.57 -3.54
CA GLU C 128 33.68 -26.60 -3.62
C GLU C 128 33.27 -26.85 -5.06
N LYS C 129 32.68 -28.01 -5.32
CA LYS C 129 32.16 -28.30 -6.66
C LYS C 129 30.64 -28.13 -6.73
N SER C 130 29.89 -28.53 -5.70
CA SER C 130 28.45 -28.37 -5.78
C SER C 130 28.05 -26.90 -5.61
N THR C 131 26.84 -26.58 -6.07
CA THR C 131 26.36 -25.21 -6.00
C THR C 131 26.17 -24.78 -4.57
N VAL C 132 26.89 -23.74 -4.17
CA VAL C 132 26.88 -23.23 -2.80
C VAL C 132 26.47 -21.77 -2.87
N PRO C 133 25.95 -21.22 -1.79
CA PRO C 133 25.74 -19.77 -1.70
C PRO C 133 27.06 -19.02 -1.66
N VAL C 134 26.99 -17.75 -2.08
CA VAL C 134 28.17 -16.88 -2.01
C VAL C 134 28.60 -16.72 -0.54
N ARG C 135 29.92 -16.73 -0.32
CA ARG C 135 30.61 -16.67 0.98
C ARG C 135 30.64 -18.03 1.67
N MET C 136 30.17 -19.10 1.03
CA MET C 136 30.29 -20.44 1.63
C MET C 136 31.73 -20.77 2.01
N ALA C 137 32.70 -20.41 1.15
CA ALA C 137 34.09 -20.73 1.44
C ALA C 137 34.56 -20.08 2.72
N GLU C 138 34.02 -18.90 3.06
CA GLU C 138 34.38 -18.28 4.34
C GLU C 138 33.92 -19.12 5.51
N SER C 139 32.72 -19.72 5.43
CA SER C 139 32.26 -20.59 6.50
C SER C 139 33.13 -21.84 6.61
N ILE C 140 33.50 -22.44 5.46
CA ILE C 140 34.34 -23.63 5.49
C ILE C 140 35.71 -23.30 6.09
N ARG C 141 36.30 -22.15 5.72
CA ARG C 141 37.57 -21.75 6.30
C ARG C 141 37.48 -21.56 7.82
N ARG C 142 36.34 -21.05 8.31
CA ARG C 142 36.22 -20.85 9.76
C ARG C 142 36.09 -22.19 10.49
N ILE C 143 35.42 -23.17 9.90
CA ILE C 143 35.41 -24.51 10.51
C ILE C 143 36.82 -25.09 10.54
N PHE C 144 37.58 -24.94 9.45
CA PHE C 144 38.93 -25.46 9.41
C PHE C 144 39.81 -24.77 10.45
N ASP C 145 39.69 -23.44 10.56
CA ASP C 145 40.51 -22.68 11.51
C ASP C 145 40.22 -23.10 12.94
N ALA C 146 38.95 -23.30 13.26
CA ALA C 146 38.56 -23.62 14.62
C ALA C 146 38.98 -25.02 15.02
N ASN C 147 39.28 -25.89 14.05
CA ASN C 147 39.64 -27.27 14.31
C ASN C 147 41.04 -27.61 13.82
N THR C 148 41.95 -26.66 13.87
CA THR C 148 43.24 -26.85 13.25
C THR C 148 44.14 -27.75 14.09
N LYS C 149 45.19 -28.26 13.44
CA LYS C 149 46.23 -29.11 14.00
C LYS C 149 47.58 -28.55 13.56
N PRO C 150 48.67 -28.92 14.22
CA PRO C 150 49.99 -28.51 13.73
C PRO C 150 50.25 -28.92 12.28
N ASN C 151 50.62 -27.93 11.47
CA ASN C 151 50.92 -28.06 10.05
C ASN C 151 49.73 -28.43 9.19
N LEU C 152 48.51 -28.38 9.72
CA LEU C 152 47.34 -28.57 8.86
C LEU C 152 47.16 -27.32 8.02
N ASN C 153 47.06 -27.50 6.71
CA ASN C 153 46.98 -26.38 5.78
C ASN C 153 45.98 -26.76 4.69
N LEU C 154 44.71 -26.43 4.93
CA LEU C 154 43.62 -26.73 4.02
C LEU C 154 43.35 -25.45 3.22
N GLN C 155 43.60 -25.51 1.92
CA GLN C 155 43.31 -24.41 1.02
C GLN C 155 41.94 -24.64 0.40
N VAL C 156 41.08 -23.63 0.47
CA VAL C 156 39.71 -23.75 -0.02
C VAL C 156 39.60 -23.02 -1.35
N LEU C 157 39.13 -23.73 -2.36
CA LEU C 157 38.88 -23.20 -3.69
C LEU C 157 37.41 -23.39 -4.05
N SER C 158 36.98 -22.65 -5.07
CA SER C 158 35.68 -22.82 -5.67
C SER C 158 35.89 -23.29 -7.11
N ASN C 159 35.16 -24.31 -7.55
CA ASN C 159 35.29 -24.82 -8.91
C ASN C 159 33.94 -25.37 -9.35
N PRO C 160 33.01 -24.49 -9.68
CA PRO C 160 31.63 -24.93 -9.97
C PRO C 160 31.52 -25.77 -11.23
N GLU C 161 30.47 -26.58 -11.29
CA GLU C 161 30.15 -27.39 -12.46
C GLU C 161 29.16 -26.66 -13.34
N PHE C 162 29.30 -26.82 -14.65
CA PHE C 162 28.35 -26.25 -15.60
C PHE C 162 27.74 -27.31 -16.51
N LEU C 163 27.83 -28.58 -16.14
CA LEU C 163 27.32 -29.62 -17.02
C LEU C 163 25.80 -29.66 -17.00
N ALA C 164 25.21 -29.93 -18.16
CA ALA C 164 23.79 -30.15 -18.29
C ALA C 164 23.52 -31.64 -18.41
N GLU C 165 22.56 -32.14 -17.62
CA GLU C 165 22.23 -33.56 -17.67
C GLU C 165 21.81 -33.93 -19.08
N GLY C 166 22.34 -35.05 -19.57
CA GLY C 166 22.14 -35.47 -20.93
C GLY C 166 23.33 -35.25 -21.82
N THR C 167 24.16 -34.24 -21.52
CA THR C 167 25.35 -33.97 -22.32
C THR C 167 26.57 -33.83 -21.43
N ALA C 168 26.57 -34.52 -20.27
CA ALA C 168 27.62 -34.29 -19.27
C ALA C 168 29.00 -34.60 -19.82
N ILE C 169 29.17 -35.73 -20.51
CA ILE C 169 30.50 -36.14 -20.96
C ILE C 169 31.04 -35.18 -22.01
N LYS C 170 30.22 -34.84 -23.02
CA LYS C 170 30.66 -33.85 -24.01
C LYS C 170 30.99 -32.51 -23.35
N ASP C 171 30.18 -32.11 -22.36
CA ASP C 171 30.43 -30.85 -21.68
C ASP C 171 31.70 -30.89 -20.85
N LEU C 172 32.05 -32.05 -20.28
CA LEU C 172 33.24 -32.14 -19.45
C LEU C 172 34.51 -32.24 -20.29
N LYS C 173 34.42 -32.93 -21.43
CA LYS C 173 35.56 -33.09 -22.32
C LYS C 173 35.82 -31.83 -23.15
N ASN C 174 34.80 -31.01 -23.41
CA ASN C 174 34.94 -29.81 -24.25
C ASN C 174 34.15 -28.65 -23.65
N PRO C 175 34.56 -28.14 -22.50
CA PRO C 175 33.76 -27.10 -21.80
C PRO C 175 33.92 -25.72 -22.42
N ASP C 176 32.85 -24.91 -22.35
CA ASP C 176 32.99 -23.49 -22.71
C ASP C 176 34.07 -22.83 -21.86
N ARG C 177 34.11 -23.16 -20.56
CA ARG C 177 35.15 -22.64 -19.71
C ARG C 177 35.17 -23.48 -18.45
N VAL C 178 36.33 -23.49 -17.80
CA VAL C 178 36.52 -24.04 -16.47
C VAL C 178 36.76 -22.84 -15.57
N LEU C 179 36.09 -22.81 -14.43
CA LEU C 179 36.13 -21.68 -13.51
C LEU C 179 36.72 -22.12 -12.18
N ILE C 180 37.77 -21.45 -11.74
CA ILE C 180 38.45 -21.77 -10.47
C ILE C 180 38.61 -20.47 -9.69
N GLY C 181 38.09 -20.42 -8.47
CA GLY C 181 38.23 -19.25 -7.61
C GLY C 181 39.07 -19.60 -6.40
N GLY C 182 39.98 -18.69 -6.03
CA GLY C 182 40.76 -18.90 -4.83
C GLY C 182 41.20 -17.57 -4.24
N ASP C 183 41.77 -17.65 -3.04
CA ASP C 183 42.23 -16.43 -2.38
C ASP C 183 43.30 -15.72 -3.20
N GLU C 184 43.34 -14.40 -3.09
CA GLU C 184 44.34 -13.63 -3.80
C GLU C 184 45.63 -13.49 -3.00
N THR C 185 45.97 -14.49 -2.24
CA THR C 185 47.22 -14.65 -1.51
C THR C 185 48.15 -15.56 -2.30
N PRO C 186 49.46 -15.54 -2.00
CA PRO C 186 50.35 -16.52 -2.65
C PRO C 186 50.01 -17.98 -2.34
N GLU C 187 49.47 -18.28 -1.16
CA GLU C 187 49.05 -19.64 -0.86
C GLU C 187 47.83 -20.06 -1.69
N GLY C 188 46.82 -19.18 -1.78
CA GLY C 188 45.67 -19.47 -2.63
C GLY C 188 46.04 -19.58 -4.09
N GLN C 189 46.96 -18.74 -4.56
CA GLN C 189 47.38 -18.82 -5.96
C GLN C 189 48.12 -20.12 -6.25
N ARG C 190 48.94 -20.60 -5.30
CA ARG C 190 49.58 -21.90 -5.49
C ARG C 190 48.54 -23.02 -5.60
N ALA C 191 47.48 -22.96 -4.78
CA ALA C 191 46.44 -23.98 -4.87
C ALA C 191 45.65 -23.86 -6.18
N VAL C 192 45.30 -22.63 -6.58
CA VAL C 192 44.62 -22.44 -7.86
C VAL C 192 45.44 -23.02 -9.00
N GLN C 193 46.76 -22.74 -9.00
CA GLN C 193 47.61 -23.24 -10.08
C GLN C 193 47.69 -24.76 -10.07
N ALA C 194 47.71 -25.39 -8.90
CA ALA C 194 47.74 -26.83 -8.85
C ALA C 194 46.48 -27.44 -9.47
N LEU C 195 45.30 -26.85 -9.19
CA LEU C 195 44.06 -27.34 -9.81
C LEU C 195 44.03 -27.06 -11.31
N CYS C 196 44.46 -25.87 -11.74
CA CYS C 196 44.61 -25.59 -13.17
C CYS C 196 45.43 -26.67 -13.87
N ALA C 197 46.52 -27.12 -13.25
CA ALA C 197 47.39 -28.08 -13.92
C ALA C 197 46.67 -29.41 -14.16
N VAL C 198 45.70 -29.76 -13.31
CA VAL C 198 44.89 -30.95 -13.57
C VAL C 198 44.09 -30.76 -14.85
N TYR C 199 43.30 -29.69 -14.93
CA TYR C 199 42.45 -29.48 -16.10
C TYR C 199 43.27 -29.32 -17.38
N GLU C 200 44.50 -28.82 -17.28
CA GLU C 200 45.32 -28.61 -18.47
C GLU C 200 45.74 -29.90 -19.14
N HIS C 201 45.50 -31.07 -18.53
CA HIS C 201 45.70 -32.30 -19.29
C HIS C 201 44.76 -32.41 -20.48
N TRP C 202 43.61 -31.70 -20.48
CA TRP C 202 42.75 -31.78 -21.65
C TRP C 202 42.04 -30.47 -22.00
N VAL C 203 42.11 -29.44 -21.17
CA VAL C 203 41.42 -28.18 -21.42
C VAL C 203 42.45 -27.14 -21.83
N PRO C 204 42.28 -26.46 -22.97
CA PRO C 204 43.22 -25.38 -23.34
C PRO C 204 43.24 -24.28 -22.30
N ARG C 205 44.41 -23.66 -22.17
CA ARG C 205 44.64 -22.67 -21.12
C ARG C 205 43.68 -21.49 -21.23
N GLU C 206 43.38 -21.07 -22.47
CA GLU C 206 42.48 -19.93 -22.71
C GLU C 206 41.06 -20.18 -22.18
N LYS C 207 40.68 -21.42 -21.93
CA LYS C 207 39.34 -21.71 -21.44
C LYS C 207 39.30 -21.90 -19.94
N ILE C 208 40.42 -21.70 -19.25
CA ILE C 208 40.46 -21.80 -17.81
C ILE C 208 40.50 -20.40 -17.24
N LEU C 209 39.47 -20.02 -16.50
CA LEU C 209 39.34 -18.69 -15.94
C LEU C 209 39.61 -18.78 -14.44
N THR C 210 40.54 -17.97 -13.94
CA THR C 210 40.83 -17.94 -12.50
C THR C 210 40.35 -16.61 -11.95
N THR C 211 39.68 -16.66 -10.79
CA THR C 211 39.06 -15.49 -10.18
C THR C 211 39.28 -15.59 -8.69
N ASN C 212 38.78 -14.63 -7.93
CA ASN C 212 38.74 -14.86 -6.49
C ASN C 212 37.55 -15.77 -6.16
N THR C 213 37.53 -16.25 -4.91
CA THR C 213 36.55 -17.25 -4.50
C THR C 213 35.12 -16.77 -4.63
N TRP C 214 34.87 -15.53 -4.20
CA TRP C 214 33.51 -15.01 -4.21
C TRP C 214 32.98 -14.82 -5.62
N SER C 215 33.84 -14.37 -6.54
CA SER C 215 33.44 -14.23 -7.94
C SER C 215 33.03 -15.57 -8.53
N SER C 216 33.78 -16.63 -8.19
CA SER C 216 33.48 -17.94 -8.74
C SER C 216 32.13 -18.46 -8.24
N GLU C 217 31.89 -18.38 -6.93
CA GLU C 217 30.60 -18.78 -6.37
C GLU C 217 29.46 -17.98 -6.97
N LEU C 218 29.62 -16.66 -7.07
CA LEU C 218 28.52 -15.84 -7.59
C LEU C 218 28.30 -16.10 -9.09
N SER C 219 29.37 -16.36 -9.84
CA SER C 219 29.22 -16.57 -11.28
C SER C 219 28.29 -17.73 -11.58
N LYS C 220 28.36 -18.79 -10.76
CA LYS C 220 27.53 -19.96 -11.00
C LYS C 220 26.04 -19.59 -10.87
N LEU C 221 25.68 -18.86 -9.81
CA LEU C 221 24.28 -18.43 -9.66
C LEU C 221 23.87 -17.45 -10.75
N ALA C 222 24.69 -16.43 -11.00
CA ALA C 222 24.33 -15.37 -11.94
C ALA C 222 24.10 -15.92 -13.34
N ALA C 223 24.92 -16.87 -13.78
CA ALA C 223 24.81 -17.36 -15.14
C ALA C 223 23.44 -18.02 -15.37
N ASN C 224 22.98 -18.80 -14.42
CA ASN C 224 21.67 -19.42 -14.57
C ASN C 224 20.56 -18.36 -14.54
N ALA C 225 20.73 -17.35 -13.70
CA ALA C 225 19.77 -16.25 -13.65
C ALA C 225 19.71 -15.51 -14.99
N PHE C 226 20.86 -15.28 -15.62
CA PHE C 226 20.87 -14.62 -16.93
C PHE C 226 20.16 -15.48 -17.97
N LEU C 227 20.34 -16.81 -17.91
CA LEU C 227 19.69 -17.67 -18.87
C LEU C 227 18.18 -17.68 -18.65
N ALA C 228 17.76 -17.81 -17.39
CA ALA C 228 16.34 -17.77 -17.05
C ALA C 228 15.71 -16.45 -17.48
N GLN C 229 16.46 -15.35 -17.34
CA GLN C 229 15.93 -14.04 -17.72
C GLN C 229 15.70 -13.93 -19.23
N ARG C 230 16.56 -14.53 -20.04
CA ARG C 230 16.29 -14.51 -21.49
C ARG C 230 14.93 -15.16 -21.79
N ILE C 231 14.61 -16.26 -21.11
CA ILE C 231 13.34 -16.96 -21.35
C ILE C 231 12.17 -16.12 -20.86
N SER C 232 12.27 -15.56 -19.65
CA SER C 232 11.21 -14.69 -19.17
C SER C 232 11.05 -13.46 -20.04
N SER C 233 12.14 -12.94 -20.59
CA SER C 233 12.04 -11.78 -21.46
C SER C 233 11.33 -12.11 -22.77
N ILE C 234 11.71 -13.23 -23.41
CA ILE C 234 11.01 -13.57 -24.64
C ILE C 234 9.57 -14.01 -24.34
N ASN C 235 9.32 -14.59 -23.16
CA ASN C 235 7.96 -14.94 -22.81
C ASN C 235 7.12 -13.69 -22.57
N SER C 236 7.71 -12.65 -21.95
CA SER C 236 6.96 -11.41 -21.80
C SER C 236 6.62 -10.81 -23.16
N ILE C 237 7.53 -10.94 -24.13
CA ILE C 237 7.24 -10.47 -25.50
C ILE C 237 6.09 -11.28 -26.14
N SER C 238 5.95 -12.58 -25.79
CA SER C 238 4.90 -13.40 -26.38
C SER C 238 3.53 -12.87 -26.00
N ALA C 239 3.38 -12.37 -24.77
CA ALA C 239 2.13 -11.75 -24.36
C ALA C 239 1.85 -10.50 -25.20
N LEU C 240 2.89 -9.72 -25.52
CA LEU C 240 2.68 -8.53 -26.35
CA LEU C 240 2.70 -8.53 -26.36
C LEU C 240 2.36 -8.90 -27.80
N CYS C 241 2.94 -9.99 -28.30
CA CYS C 241 2.62 -10.44 -29.65
C CYS C 241 1.14 -10.81 -29.77
N GLU C 242 0.60 -11.53 -28.77
CA GLU C 242 -0.81 -11.92 -28.77
C GLU C 242 -1.73 -10.71 -28.80
N ALA C 243 -1.33 -9.60 -28.16
CA ALA C 243 -2.18 -8.41 -28.09
C ALA C 243 -2.07 -7.53 -29.33
N THR C 244 -1.01 -7.67 -30.12
CA THR C 244 -0.73 -6.76 -31.23
C THR C 244 -0.79 -7.40 -32.60
N GLY C 245 -0.75 -8.72 -32.70
CA GLY C 245 -0.65 -9.33 -34.00
C GLY C 245 0.78 -9.61 -34.48
N ALA C 246 1.80 -9.21 -33.72
CA ALA C 246 3.14 -9.71 -34.03
C ALA C 246 3.20 -11.20 -33.66
N ASP C 247 4.24 -11.88 -34.14
CA ASP C 247 4.44 -13.30 -33.89
C ASP C 247 5.76 -13.51 -33.18
N VAL C 248 5.72 -14.18 -32.02
CA VAL C 248 6.93 -14.18 -31.18
C VAL C 248 8.10 -14.91 -31.84
N GLU C 249 7.83 -15.90 -32.71
CA GLU C 249 8.95 -16.58 -33.38
C GLU C 249 9.64 -15.64 -34.37
N GLU C 250 8.85 -14.83 -35.10
CA GLU C 250 9.46 -13.84 -35.99
C GLU C 250 10.28 -12.82 -35.20
N VAL C 251 9.74 -12.36 -34.07
CA VAL C 251 10.44 -11.37 -33.24
C VAL C 251 11.70 -11.97 -32.64
N ALA C 252 11.60 -13.19 -32.10
CA ALA C 252 12.76 -13.84 -31.50
C ALA C 252 13.87 -14.08 -32.53
N THR C 253 13.50 -14.48 -33.74
CA THR C 253 14.50 -14.63 -34.79
C THR C 253 15.18 -13.29 -35.10
N ALA C 254 14.38 -12.22 -35.24
CA ALA C 254 14.94 -10.90 -35.53
C ALA C 254 15.86 -10.43 -34.42
N ILE C 255 15.44 -10.63 -33.17
CA ILE C 255 16.27 -10.25 -32.02
C ILE C 255 17.58 -11.02 -32.02
N GLY C 256 17.49 -12.35 -32.17
CA GLY C 256 18.63 -13.24 -32.02
C GLY C 256 19.66 -13.14 -33.12
N MET C 257 19.32 -12.54 -34.27
CA MET C 257 20.31 -12.33 -35.31
C MET C 257 21.25 -11.16 -34.99
N ASP C 258 20.93 -10.34 -33.98
CA ASP C 258 21.91 -9.42 -33.41
C ASP C 258 22.94 -10.23 -32.66
N GLN C 259 24.19 -10.21 -33.15
CA GLN C 259 25.21 -11.07 -32.56
C GLN C 259 25.60 -10.64 -31.16
N ARG C 260 25.26 -9.42 -30.75
CA ARG C 260 25.46 -9.09 -29.35
C ARG C 260 24.42 -9.74 -28.44
N ILE C 261 23.28 -10.15 -28.98
CA ILE C 261 22.26 -10.86 -28.21
C ILE C 261 22.37 -12.37 -28.39
N GLY C 262 22.60 -12.82 -29.60
CA GLY C 262 22.71 -14.24 -29.89
C GLY C 262 21.34 -14.89 -29.98
N ASN C 263 21.30 -16.07 -30.61
CA ASN C 263 20.02 -16.70 -30.94
C ASN C 263 19.65 -17.87 -30.05
N LYS C 264 20.34 -18.09 -28.93
CA LYS C 264 20.03 -19.22 -28.06
C LYS C 264 19.15 -18.76 -26.89
N PHE C 265 18.35 -19.71 -26.37
CA PHE C 265 17.50 -19.45 -25.20
C PHE C 265 16.52 -18.32 -25.46
N LEU C 266 15.99 -18.29 -26.68
CA LEU C 266 14.96 -17.32 -27.06
C LEU C 266 13.69 -18.03 -27.55
N LYS C 267 13.43 -19.24 -27.06
CA LYS C 267 12.25 -20.01 -27.45
C LYS C 267 11.15 -19.73 -26.43
N ALA C 268 10.10 -19.04 -26.86
CA ALA C 268 8.97 -18.79 -25.98
C ALA C 268 8.29 -20.10 -25.63
N SER C 269 7.75 -20.16 -24.42
CA SER C 269 7.20 -21.39 -23.89
C SER C 269 6.20 -21.04 -22.80
N VAL C 270 5.55 -22.08 -22.27
CA VAL C 270 4.59 -21.92 -21.20
CA VAL C 270 4.60 -21.96 -21.18
C VAL C 270 5.30 -21.60 -19.88
N GLY C 271 6.60 -21.85 -19.80
CA GLY C 271 7.45 -21.44 -18.69
C GLY C 271 8.66 -22.35 -18.55
N PHE C 272 9.77 -21.78 -18.08
CA PHE C 272 10.94 -22.62 -17.88
C PHE C 272 10.74 -23.49 -16.63
N GLY C 273 11.42 -24.62 -16.63
CA GLY C 273 11.33 -25.51 -15.48
C GLY C 273 12.68 -26.12 -15.19
N GLY C 274 12.69 -27.23 -14.47
CA GLY C 274 13.92 -27.91 -14.10
C GLY C 274 14.36 -27.53 -12.71
N SER C 275 15.31 -28.31 -12.19
CA SER C 275 15.75 -28.18 -10.81
C SER C 275 16.78 -27.08 -10.61
N CYS C 276 17.13 -26.32 -11.64
CA CYS C 276 18.22 -25.35 -11.55
CA CYS C 276 18.22 -25.34 -11.57
C CYS C 276 17.77 -23.90 -11.61
N PHE C 277 16.93 -23.52 -12.59
CA PHE C 277 16.70 -22.10 -12.88
C PHE C 277 16.00 -21.38 -11.72
N GLN C 278 14.79 -21.84 -11.37
CA GLN C 278 14.07 -21.17 -10.30
C GLN C 278 14.84 -21.24 -8.99
N LYS C 279 15.44 -22.40 -8.70
CA LYS C 279 16.18 -22.53 -7.44
C LYS C 279 17.30 -21.49 -7.37
N ASP C 280 18.01 -21.28 -8.48
CA ASP C 280 19.14 -20.36 -8.42
C ASP C 280 18.68 -18.89 -8.38
N VAL C 281 17.61 -18.53 -9.10
CA VAL C 281 17.10 -17.15 -9.05
C VAL C 281 16.55 -16.84 -7.66
N LEU C 282 15.76 -17.76 -7.09
CA LEU C 282 15.26 -17.54 -5.74
C LEU C 282 16.40 -17.47 -4.73
N ASN C 283 17.45 -18.26 -4.92
CA ASN C 283 18.60 -18.13 -4.03
C ASN C 283 19.26 -16.75 -4.17
N LEU C 284 19.37 -16.25 -5.40
CA LEU C 284 19.94 -14.93 -5.63
C LEU C 284 19.10 -13.83 -5.00
N VAL C 285 17.76 -13.91 -5.13
CA VAL C 285 16.86 -12.92 -4.51
C VAL C 285 17.03 -12.94 -3.00
N TYR C 286 17.11 -14.14 -2.42
CA TYR C 286 17.28 -14.27 -0.98
C TYR C 286 18.62 -13.69 -0.54
N LEU C 287 19.67 -13.99 -1.28
CA LEU C 287 20.96 -13.39 -1.00
C LEU C 287 20.86 -11.86 -1.00
N CYS C 288 20.16 -11.30 -1.98
CA CYS C 288 20.06 -9.84 -2.07
C CYS C 288 19.34 -9.26 -0.86
N GLU C 289 18.23 -9.89 -0.44
CA GLU C 289 17.52 -9.46 0.76
C GLU C 289 18.41 -9.52 2.00
N ALA C 290 19.20 -10.59 2.14
CA ALA C 290 20.09 -10.73 3.30
C ALA C 290 21.18 -9.67 3.33
N LEU C 291 21.59 -9.15 2.17
CA LEU C 291 22.59 -8.11 2.10
C LEU C 291 21.99 -6.71 2.00
N ASN C 292 20.70 -6.54 2.29
CA ASN C 292 20.04 -5.23 2.21
C ASN C 292 20.16 -4.61 0.83
N LEU C 293 19.88 -5.40 -0.19
CA LEU C 293 19.84 -4.91 -1.57
C LEU C 293 18.44 -5.14 -2.13
N PRO C 294 17.43 -4.43 -1.61
CA PRO C 294 16.05 -4.71 -2.06
C PRO C 294 15.82 -4.32 -3.51
N GLU C 295 16.49 -3.28 -4.03
CA GLU C 295 16.33 -2.98 -5.45
C GLU C 295 16.84 -4.12 -6.32
N VAL C 296 17.98 -4.73 -5.96
CA VAL C 296 18.46 -5.86 -6.75
C VAL C 296 17.54 -7.08 -6.58
N ALA C 297 17.09 -7.34 -5.35
CA ALA C 297 16.16 -8.46 -5.15
C ALA C 297 14.92 -8.33 -6.03
N ARG C 298 14.31 -7.13 -6.07
CA ARG C 298 13.08 -7.01 -6.85
C ARG C 298 13.37 -7.07 -8.34
N TYR C 299 14.58 -6.70 -8.75
CA TYR C 299 14.95 -6.84 -10.15
C TYR C 299 14.94 -8.31 -10.57
N TRP C 300 15.57 -9.18 -9.78
CA TRP C 300 15.62 -10.57 -10.19
C TRP C 300 14.32 -11.31 -9.91
N GLN C 301 13.55 -10.88 -8.91
CA GLN C 301 12.26 -11.53 -8.62
C GLN C 301 11.33 -11.46 -9.83
N GLN C 302 11.47 -10.43 -10.64
CA GLN C 302 10.65 -10.29 -11.84
C GLN C 302 10.83 -11.45 -12.82
N VAL C 303 12.03 -12.06 -12.85
CA VAL C 303 12.25 -13.23 -13.68
C VAL C 303 11.29 -14.36 -13.30
N ILE C 304 11.10 -14.57 -11.98
CA ILE C 304 10.18 -15.59 -11.46
C ILE C 304 8.73 -15.14 -11.64
N ASP C 305 8.42 -13.88 -11.31
CA ASP C 305 7.04 -13.42 -11.43
C ASP C 305 6.56 -13.52 -12.87
N MET C 306 7.44 -13.23 -13.84
CA MET C 306 7.05 -13.37 -15.24
C MET C 306 6.82 -14.85 -15.61
N ASN C 307 7.65 -15.74 -15.08
CA ASN C 307 7.46 -17.16 -15.35
C ASN C 307 6.14 -17.66 -14.78
N ASP C 308 5.82 -17.25 -13.54
CA ASP C 308 4.55 -17.65 -12.93
C ASP C 308 3.37 -17.09 -13.70
N TYR C 309 3.51 -15.85 -14.17
CA TYR C 309 2.47 -15.21 -14.96
C TYR C 309 2.26 -15.92 -16.30
N GLN C 310 3.35 -16.33 -16.95
CA GLN C 310 3.23 -17.00 -18.24
C GLN C 310 2.42 -18.29 -18.10
N ARG C 311 2.63 -19.02 -17.01
CA ARG C 311 1.90 -20.27 -16.78
C ARG C 311 0.44 -20.01 -16.43
N ARG C 312 0.21 -19.07 -15.50
CA ARG C 312 -1.16 -18.76 -15.06
C ARG C 312 -1.99 -18.28 -16.25
N ARG C 313 -1.38 -17.47 -17.08
CA ARG C 313 -2.01 -16.87 -18.26
C ARG C 313 -2.34 -17.93 -19.29
N PHE C 314 -1.47 -18.93 -19.47
CA PHE C 314 -1.77 -20.02 -20.38
C PHE C 314 -2.94 -20.85 -19.88
N ALA C 315 -2.97 -21.16 -18.58
CA ALA C 315 -4.11 -21.90 -18.03
C ALA C 315 -5.41 -21.12 -18.17
N SER C 316 -5.36 -19.80 -17.93
CA SER C 316 -6.59 -19.00 -18.06
C SER C 316 -7.08 -18.91 -19.49
N ARG C 317 -6.15 -18.91 -20.48
CA ARG C 317 -6.55 -18.93 -21.89
C ARG C 317 -7.30 -20.20 -22.24
N ILE C 318 -6.81 -21.35 -21.77
CA ILE C 318 -7.50 -22.62 -21.99
C ILE C 318 -8.93 -22.53 -21.45
N ILE C 319 -9.07 -22.14 -20.18
CA ILE C 319 -10.38 -22.07 -19.54
C ILE C 319 -11.29 -21.08 -20.27
N ASP C 320 -10.76 -19.90 -20.60
CA ASP C 320 -11.58 -18.89 -21.26
CA ASP C 320 -11.58 -18.89 -21.27
C ASP C 320 -12.00 -19.34 -22.67
N SER C 321 -11.07 -19.98 -23.40
CA SER C 321 -11.41 -20.44 -24.74
C SER C 321 -12.44 -21.56 -24.70
N LEU C 322 -12.38 -22.42 -23.68
CA LEU C 322 -13.39 -23.48 -23.52
C LEU C 322 -14.68 -22.95 -22.88
N PHE C 323 -15.14 -21.78 -23.33
CA PHE C 323 -16.42 -21.20 -22.89
C PHE C 323 -16.47 -20.97 -21.38
N ASN C 324 -15.31 -20.71 -20.76
CA ASN C 324 -15.24 -20.32 -19.36
C ASN C 324 -15.68 -21.39 -18.39
N THR C 325 -15.67 -22.66 -18.81
CA THR C 325 -15.93 -23.77 -17.89
C THR C 325 -15.19 -25.01 -18.40
N VAL C 326 -14.49 -25.69 -17.49
CA VAL C 326 -13.85 -26.96 -17.79
C VAL C 326 -14.20 -28.04 -16.77
N THR C 327 -15.08 -27.74 -15.81
CA THR C 327 -15.55 -28.76 -14.88
C THR C 327 -16.10 -29.94 -15.67
N ASP C 328 -15.60 -31.13 -15.36
CA ASP C 328 -16.00 -32.41 -15.95
C ASP C 328 -15.62 -32.57 -17.41
N LYS C 329 -14.86 -31.64 -18.00
CA LYS C 329 -14.40 -31.79 -19.38
C LYS C 329 -13.13 -32.62 -19.45
N LYS C 330 -13.09 -33.54 -20.41
CA LYS C 330 -11.88 -34.30 -20.67
C LYS C 330 -10.88 -33.44 -21.43
N ILE C 331 -9.67 -33.33 -20.90
CA ILE C 331 -8.63 -32.53 -21.52
C ILE C 331 -7.36 -33.36 -21.58
N ALA C 332 -6.77 -33.46 -22.78
CA ALA C 332 -5.52 -34.17 -22.99
C ALA C 332 -4.32 -33.27 -22.68
N ILE C 333 -3.45 -33.73 -21.79
CA ILE C 333 -2.20 -33.05 -21.50
C ILE C 333 -1.09 -33.85 -22.18
N LEU C 334 -0.51 -33.31 -23.25
CA LEU C 334 0.58 -33.99 -23.96
C LEU C 334 1.92 -33.39 -23.52
N GLY C 335 2.71 -34.17 -22.78
CA GLY C 335 3.99 -33.74 -22.26
C GLY C 335 3.90 -33.33 -20.80
N PHE C 336 4.63 -34.01 -19.94
CA PHE C 336 4.69 -33.70 -18.53
C PHE C 336 6.11 -33.38 -18.03
N ALA C 337 7.15 -33.90 -18.69
CA ALA C 337 8.52 -33.58 -18.31
C ALA C 337 8.78 -32.08 -18.51
N PHE C 338 9.78 -31.55 -17.80
CA PHE C 338 10.02 -30.10 -17.86
C PHE C 338 10.57 -29.64 -19.20
N LYS C 339 11.12 -30.57 -19.99
CA LYS C 339 11.54 -30.30 -21.35
C LYS C 339 11.59 -31.64 -22.08
N LYS C 340 11.75 -31.60 -23.39
CA LYS C 340 11.75 -32.85 -24.15
C LYS C 340 13.01 -33.68 -23.87
N ASP C 341 12.93 -34.97 -24.22
CA ASP C 341 14.06 -35.90 -24.13
C ASP C 341 14.57 -36.06 -22.70
N THR C 342 13.67 -36.02 -21.73
CA THR C 342 14.02 -36.36 -20.35
C THR C 342 12.78 -36.85 -19.63
N GLY C 343 12.98 -37.65 -18.59
CA GLY C 343 11.96 -38.05 -17.64
C GLY C 343 11.83 -37.13 -16.44
N ASP C 344 12.69 -36.13 -16.32
CA ASP C 344 12.71 -35.21 -15.19
C ASP C 344 11.47 -34.30 -15.21
N THR C 345 10.72 -34.25 -14.11
CA THR C 345 9.56 -33.39 -13.98
C THR C 345 9.76 -32.22 -13.03
N ARG C 346 10.98 -32.03 -12.51
CA ARG C 346 11.15 -31.06 -11.44
C ARG C 346 10.83 -29.67 -11.96
N GLU C 347 9.92 -29.00 -11.23
CA GLU C 347 9.41 -27.67 -11.57
C GLU C 347 8.89 -27.61 -13.00
N SER C 348 8.42 -28.74 -13.52
CA SER C 348 7.86 -28.75 -14.87
C SER C 348 6.65 -27.82 -14.96
N SER C 349 6.57 -27.04 -16.04
CA SER C 349 5.39 -26.21 -16.24
C SER C 349 4.11 -27.06 -16.35
N SER C 350 4.21 -28.30 -16.83
CA SER C 350 3.03 -29.15 -16.92
C SER C 350 2.40 -29.41 -15.55
N ILE C 351 3.20 -29.47 -14.49
CA ILE C 351 2.62 -29.66 -13.16
C ILE C 351 1.66 -28.52 -12.84
N TYR C 352 2.12 -27.28 -13.06
CA TYR C 352 1.31 -26.12 -12.71
C TYR C 352 0.09 -25.97 -13.61
N ILE C 353 0.26 -26.17 -14.93
CA ILE C 353 -0.90 -26.12 -15.81
C ILE C 353 -1.91 -27.20 -15.40
N SER C 354 -1.43 -28.40 -15.10
CA SER C 354 -2.32 -29.47 -14.65
C SER C 354 -3.06 -29.08 -13.38
N LYS C 355 -2.36 -28.47 -12.42
CA LYS C 355 -2.98 -28.14 -11.15
C LYS C 355 -4.04 -27.05 -11.30
N TYR C 356 -3.77 -26.06 -12.17
CA TYR C 356 -4.78 -25.04 -12.45
C TYR C 356 -6.04 -25.64 -13.06
N LEU C 357 -5.89 -26.64 -13.94
CA LEU C 357 -7.07 -27.26 -14.54
C LEU C 357 -7.77 -28.20 -13.57
N MET C 358 -7.01 -28.88 -12.70
CA MET C 358 -7.61 -29.67 -11.65
C MET C 358 -8.41 -28.82 -10.67
N ASP C 359 -7.93 -27.60 -10.37
CA ASP C 359 -8.67 -26.73 -9.47
C ASP C 359 -10.02 -26.36 -10.05
N GLU C 360 -10.18 -26.46 -11.36
CA GLU C 360 -11.47 -26.26 -11.99
C GLU C 360 -12.30 -27.53 -12.09
N GLY C 361 -11.75 -28.70 -11.74
CA GLY C 361 -12.50 -29.94 -11.88
C GLY C 361 -12.43 -30.56 -13.25
N ALA C 362 -11.41 -30.22 -14.06
CA ALA C 362 -11.22 -30.88 -15.36
C ALA C 362 -10.81 -32.34 -15.18
N HIS C 363 -11.19 -33.18 -16.15
CA HIS C 363 -10.72 -34.57 -16.22
C HIS C 363 -9.50 -34.59 -17.12
N LEU C 364 -8.31 -34.64 -16.51
CA LEU C 364 -7.06 -34.60 -17.26
C LEU C 364 -6.65 -36.01 -17.63
N HIS C 365 -6.28 -36.19 -18.89
CA HIS C 365 -5.63 -37.41 -19.35
C HIS C 365 -4.23 -37.01 -19.78
N ILE C 366 -3.23 -37.51 -19.05
CA ILE C 366 -1.86 -37.04 -19.18
C ILE C 366 -1.05 -38.11 -19.89
N TYR C 367 -0.39 -37.72 -20.97
CA TYR C 367 0.51 -38.59 -21.68
C TYR C 367 1.90 -37.98 -21.72
N ASP C 368 2.91 -38.77 -21.38
CA ASP C 368 4.30 -38.36 -21.58
C ASP C 368 5.09 -39.60 -21.99
N PRO C 369 5.87 -39.54 -23.06
CA PRO C 369 6.54 -40.76 -23.53
C PRO C 369 7.65 -41.27 -22.61
N LYS C 370 8.10 -40.50 -21.60
CA LYS C 370 9.23 -40.94 -20.79
C LYS C 370 8.96 -40.88 -19.29
N VAL C 371 8.13 -39.95 -18.82
CA VAL C 371 7.92 -39.83 -17.37
C VAL C 371 7.16 -41.07 -16.87
N PRO C 372 7.61 -41.72 -15.79
CA PRO C 372 6.89 -42.88 -15.29
C PRO C 372 5.59 -42.47 -14.60
N ARG C 373 4.59 -43.35 -14.76
CA ARG C 373 3.25 -43.19 -14.19
C ARG C 373 3.27 -42.66 -12.76
N GLU C 374 4.03 -43.33 -11.90
CA GLU C 374 4.01 -43.03 -10.47
C GLU C 374 4.50 -41.63 -10.19
N GLN C 375 5.45 -41.12 -10.97
CA GLN C 375 5.97 -39.78 -10.74
C GLN C 375 4.92 -38.73 -11.04
N ILE C 376 4.09 -38.96 -12.06
CA ILE C 376 3.03 -37.99 -12.35
C ILE C 376 2.04 -37.93 -11.19
N VAL C 377 1.70 -39.09 -10.62
CA VAL C 377 0.78 -39.14 -9.49
C VAL C 377 1.39 -38.42 -8.28
N VAL C 378 2.66 -38.68 -7.99
CA VAL C 378 3.34 -37.99 -6.89
C VAL C 378 3.31 -36.47 -7.12
N ASP C 379 3.65 -36.05 -8.33
CA ASP C 379 3.77 -34.62 -8.61
C ASP C 379 2.44 -33.89 -8.47
N LEU C 380 1.32 -34.56 -8.72
CA LEU C 380 0.03 -33.91 -8.65
C LEU C 380 -0.67 -34.11 -7.31
N SER C 381 -0.10 -34.91 -6.41
CA SER C 381 -0.65 -35.19 -5.08
C SER C 381 -0.15 -34.16 -4.06
N HIS C 382 -0.75 -34.20 -2.87
CA HIS C 382 -0.43 -33.27 -1.80
C HIS C 382 0.75 -33.73 -0.93
N ASP C 388 -3.70 -39.09 -4.04
CA ASP C 388 -4.72 -38.53 -3.16
C ASP C 388 -6.08 -38.49 -3.86
N ASP C 389 -7.08 -37.93 -3.17
CA ASP C 389 -8.46 -38.01 -3.63
C ASP C 389 -8.68 -37.21 -4.91
N GLN C 390 -8.19 -35.95 -4.95
CA GLN C 390 -8.35 -35.15 -6.16
C GLN C 390 -7.66 -35.81 -7.37
N VAL C 391 -6.44 -36.31 -7.19
CA VAL C 391 -5.77 -37.03 -8.28
C VAL C 391 -6.59 -38.27 -8.67
N SER C 392 -7.13 -38.98 -7.68
CA SER C 392 -7.97 -40.14 -7.99
C SER C 392 -9.15 -39.74 -8.85
N ARG C 393 -9.86 -38.68 -8.46
CA ARG C 393 -11.09 -38.31 -9.15
C ARG C 393 -10.83 -37.78 -10.55
N LEU C 394 -9.75 -37.03 -10.72
CA LEU C 394 -9.62 -36.17 -11.89
C LEU C 394 -8.50 -36.54 -12.86
N VAL C 395 -7.53 -37.38 -12.49
CA VAL C 395 -6.33 -37.56 -13.30
C VAL C 395 -6.27 -38.98 -13.85
N THR C 396 -6.15 -39.09 -15.16
CA THR C 396 -5.88 -40.36 -15.82
C THR C 396 -4.53 -40.26 -16.51
N ILE C 397 -3.72 -41.29 -16.39
CA ILE C 397 -2.44 -41.35 -17.07
C ILE C 397 -2.63 -42.22 -18.30
N SER C 398 -2.52 -41.64 -19.48
CA SER C 398 -2.84 -42.35 -20.71
C SER C 398 -1.60 -43.09 -21.22
N LYS C 399 -1.84 -44.17 -21.96
CA LYS C 399 -0.76 -45.00 -22.49
C LYS C 399 -0.22 -44.49 -23.82
N ASP C 400 -0.98 -43.65 -24.51
CA ASP C 400 -0.57 -43.09 -25.78
C ASP C 400 -1.41 -41.86 -26.05
N PRO C 401 -1.00 -41.00 -26.98
CA PRO C 401 -1.73 -39.74 -27.16
C PRO C 401 -3.14 -39.92 -27.69
N TYR C 402 -3.42 -40.97 -28.47
CA TYR C 402 -4.76 -41.11 -29.06
C TYR C 402 -5.79 -41.46 -27.99
N GLU C 403 -5.40 -42.30 -27.05
CA GLU C 403 -6.20 -42.55 -25.85
C GLU C 403 -6.42 -41.26 -25.05
N ALA C 404 -5.39 -40.44 -24.89
CA ALA C 404 -5.57 -39.20 -24.14
C ALA C 404 -6.55 -38.27 -24.82
N CYS C 405 -6.56 -38.26 -26.16
CA CYS C 405 -7.39 -37.33 -26.91
C CYS C 405 -8.80 -37.85 -27.18
N ASP C 406 -9.05 -39.12 -26.92
CA ASP C 406 -10.33 -39.73 -27.29
C ASP C 406 -11.47 -39.14 -26.45
N GLY C 407 -12.41 -38.46 -27.10
CA GLY C 407 -13.48 -37.77 -26.39
C GLY C 407 -13.07 -36.47 -25.71
N ALA C 408 -11.87 -35.94 -25.97
CA ALA C 408 -11.41 -34.73 -25.31
C ALA C 408 -12.01 -33.49 -25.94
N HIS C 409 -12.13 -32.44 -25.13
CA HIS C 409 -12.45 -31.11 -25.66
C HIS C 409 -11.21 -30.40 -26.16
N ALA C 410 -10.06 -30.70 -25.58
CA ALA C 410 -8.88 -29.92 -25.91
C ALA C 410 -7.65 -30.79 -25.76
N VAL C 411 -6.68 -30.51 -26.60
CA VAL C 411 -5.35 -31.08 -26.53
C VAL C 411 -4.42 -29.95 -26.11
N VAL C 412 -3.69 -30.15 -25.02
CA VAL C 412 -2.79 -29.14 -24.45
C VAL C 412 -1.38 -29.69 -24.56
N ILE C 413 -0.55 -29.06 -25.38
CA ILE C 413 0.83 -29.48 -25.59
C ILE C 413 1.74 -28.66 -24.69
N CYS C 414 2.31 -29.31 -23.67
CA CYS C 414 3.13 -28.64 -22.67
C CYS C 414 4.60 -28.96 -22.76
N THR C 415 4.98 -30.03 -23.46
CA THR C 415 6.40 -30.39 -23.60
C THR C 415 6.68 -30.63 -25.07
N GLU C 416 7.80 -30.11 -25.54
CA GLU C 416 8.07 -30.06 -26.98
C GLU C 416 8.61 -31.38 -27.58
N TRP C 417 8.08 -32.53 -27.15
CA TRP C 417 8.49 -33.82 -27.73
C TRP C 417 8.27 -33.81 -29.24
N ASP C 418 9.27 -34.29 -29.97
CA ASP C 418 9.22 -34.32 -31.43
C ASP C 418 8.02 -35.12 -31.94
N MET C 419 7.61 -36.17 -31.24
CA MET C 419 6.53 -37.01 -31.74
C MET C 419 5.18 -36.27 -31.79
N PHE C 420 4.99 -35.20 -31.01
CA PHE C 420 3.72 -34.51 -31.04
C PHE C 420 3.48 -33.83 -32.38
N LYS C 421 4.55 -33.46 -33.06
CA LYS C 421 4.44 -32.89 -34.40
C LYS C 421 3.92 -33.91 -35.41
N GLU C 422 4.16 -35.19 -35.18
CA GLU C 422 3.87 -36.21 -36.18
C GLU C 422 2.55 -36.95 -35.94
N LEU C 423 1.75 -36.54 -34.94
CA LEU C 423 0.50 -37.26 -34.68
C LEU C 423 -0.46 -37.17 -35.87
N ASP C 424 -1.36 -38.14 -35.95
CA ASP C 424 -2.44 -38.19 -36.92
C ASP C 424 -3.58 -37.32 -36.38
N TYR C 425 -3.52 -36.01 -36.65
CA TYR C 425 -4.51 -35.09 -36.11
C TYR C 425 -5.87 -35.21 -36.77
N GLU C 426 -5.95 -35.71 -37.99
CA GLU C 426 -7.25 -36.01 -38.58
C GLU C 426 -7.97 -37.10 -37.77
N ARG C 427 -7.23 -38.15 -37.39
CA ARG C 427 -7.79 -39.20 -36.54
C ARG C 427 -8.21 -38.64 -35.17
N ILE C 428 -7.38 -37.79 -34.58
CA ILE C 428 -7.71 -37.21 -33.28
C ILE C 428 -8.98 -36.38 -33.37
N HIS C 429 -9.09 -35.57 -34.44
CA HIS C 429 -10.23 -34.65 -34.56
C HIS C 429 -11.54 -35.41 -34.59
N LYS C 430 -11.57 -36.54 -35.31
CA LYS C 430 -12.81 -37.29 -35.46
C LYS C 430 -13.37 -37.78 -34.13
N LYS C 431 -12.51 -38.07 -33.16
CA LYS C 431 -13.01 -38.55 -31.88
C LYS C 431 -13.03 -37.49 -30.78
N MET C 432 -12.65 -36.25 -31.06
CA MET C 432 -12.80 -35.19 -30.09
C MET C 432 -14.24 -34.63 -30.07
N LEU C 433 -14.61 -34.06 -28.94
CA LEU C 433 -15.83 -33.26 -28.87
C LEU C 433 -15.61 -31.93 -29.59
N LYS C 434 -16.71 -31.37 -30.10
CA LYS C 434 -16.62 -30.15 -30.92
C LYS C 434 -17.27 -28.94 -30.23
N PRO C 435 -16.66 -27.75 -30.38
CA PRO C 435 -15.43 -27.48 -31.14
C PRO C 435 -14.19 -28.06 -30.48
N ALA C 436 -13.29 -28.58 -31.31
CA ALA C 436 -12.08 -29.19 -30.80
C ALA C 436 -10.96 -28.15 -30.76
N PHE C 437 -10.27 -28.06 -29.63
CA PHE C 437 -9.22 -27.07 -29.42
C PHE C 437 -7.85 -27.73 -29.27
N ILE C 438 -6.82 -27.08 -29.81
CA ILE C 438 -5.42 -27.39 -29.54
C ILE C 438 -4.76 -26.16 -28.95
N PHE C 439 -4.14 -26.31 -27.78
CA PHE C 439 -3.36 -25.22 -27.18
C PHE C 439 -1.88 -25.63 -27.22
N ASP C 440 -1.12 -25.01 -28.10
CA ASP C 440 0.29 -25.34 -28.30
C ASP C 440 1.12 -24.45 -27.39
N GLY C 441 1.54 -24.99 -26.25
CA GLY C 441 2.38 -24.18 -25.39
C GLY C 441 3.86 -24.19 -25.72
N ARG C 442 4.25 -24.78 -26.84
CA ARG C 442 5.66 -24.87 -27.18
C ARG C 442 5.97 -24.49 -28.63
N ARG C 443 4.98 -24.02 -29.39
CA ARG C 443 5.18 -23.70 -30.82
C ARG C 443 5.64 -24.93 -31.63
N VAL C 444 5.35 -26.16 -31.18
CA VAL C 444 5.81 -27.33 -31.93
C VAL C 444 4.98 -27.59 -33.18
N LEU C 445 3.77 -27.05 -33.26
CA LEU C 445 2.90 -27.24 -34.40
C LEU C 445 3.00 -26.09 -35.40
N ASP C 446 4.03 -25.26 -35.29
CA ASP C 446 4.26 -24.21 -36.28
C ASP C 446 4.38 -24.81 -37.67
N GLY C 447 3.76 -24.17 -38.65
CA GLY C 447 3.74 -24.69 -39.99
C GLY C 447 2.61 -25.65 -40.30
N LEU C 448 1.93 -26.16 -39.27
CA LEU C 448 0.80 -27.06 -39.47
C LEU C 448 -0.55 -26.35 -39.30
N HIS C 449 -0.54 -25.04 -39.06
CA HIS C 449 -1.76 -24.35 -38.64
C HIS C 449 -2.84 -24.36 -39.71
N ASN C 450 -2.48 -24.09 -40.96
CA ASN C 450 -3.48 -24.13 -42.01
C ASN C 450 -4.05 -25.54 -42.17
N GLU C 451 -3.20 -26.56 -42.12
CA GLU C 451 -3.71 -27.93 -42.24
C GLU C 451 -4.61 -28.26 -41.07
N LEU C 452 -4.21 -27.88 -39.86
CA LEU C 452 -5.04 -28.13 -38.69
C LEU C 452 -6.34 -27.33 -38.73
N GLN C 453 -6.31 -26.12 -39.27
CA GLN C 453 -7.55 -25.35 -39.34
C GLN C 453 -8.54 -25.95 -40.32
N THR C 454 -8.06 -26.41 -41.48
CA THR C 454 -8.96 -26.99 -42.46
C THR C 454 -9.54 -28.31 -41.96
N ILE C 455 -8.80 -29.04 -41.12
CA ILE C 455 -9.34 -30.20 -40.43
C ILE C 455 -10.50 -29.80 -39.52
N GLY C 456 -10.40 -28.64 -38.87
CA GLY C 456 -11.51 -28.15 -38.08
C GLY C 456 -11.14 -27.69 -36.68
N PHE C 457 -9.86 -27.81 -36.32
CA PHE C 457 -9.39 -27.38 -35.01
C PHE C 457 -9.40 -25.86 -34.88
N GLN C 458 -9.68 -25.39 -33.66
CA GLN C 458 -9.26 -24.05 -33.27
C GLN C 458 -7.91 -24.19 -32.58
N ILE C 459 -6.88 -23.59 -33.16
CA ILE C 459 -5.53 -23.78 -32.68
C ILE C 459 -5.05 -22.46 -32.10
N GLU C 460 -4.62 -22.51 -30.84
CA GLU C 460 -4.05 -21.36 -30.15
C GLU C 460 -2.63 -21.71 -29.72
N THR C 461 -1.73 -20.74 -29.88
CA THR C 461 -0.36 -20.97 -29.53
C THR C 461 0.19 -19.72 -28.85
N ILE C 462 1.21 -19.95 -28.02
CA ILE C 462 1.89 -18.87 -27.32
C ILE C 462 2.43 -17.87 -28.32
N GLY C 463 2.22 -16.58 -28.06
CA GLY C 463 2.87 -15.55 -28.86
C GLY C 463 2.30 -15.36 -30.24
N LYS C 464 1.05 -15.75 -30.46
CA LYS C 464 0.37 -15.59 -31.73
C LYS C 464 -1.08 -15.25 -31.44
N LYS C 465 -1.59 -14.20 -32.08
CA LYS C 465 -2.96 -13.75 -31.88
C LYS C 465 -3.94 -14.83 -32.34
N VAL C 466 -5.05 -14.95 -31.62
CA VAL C 466 -6.07 -15.93 -31.94
C VAL C 466 -6.82 -15.55 -33.21
N SER C 467 -7.12 -16.55 -34.04
CA SER C 467 -7.83 -16.32 -35.29
C SER C 467 -9.19 -17.02 -35.29
N PHE D 2 8.78 -5.94 -60.84
CA PHE D 2 8.85 -4.53 -60.42
C PHE D 2 10.18 -4.19 -59.75
N GLU D 3 10.83 -3.15 -60.28
CA GLU D 3 12.09 -2.64 -59.76
C GLU D 3 11.92 -1.23 -59.20
N ILE D 4 12.37 -1.02 -57.96
CA ILE D 4 12.46 0.32 -57.42
C ILE D 4 13.63 1.02 -58.09
N LYS D 5 13.34 2.13 -58.77
CA LYS D 5 14.38 2.90 -59.42
C LYS D 5 14.65 4.25 -58.77
N LYS D 6 13.69 4.79 -58.04
CA LYS D 6 13.84 6.09 -57.39
C LYS D 6 13.37 5.98 -55.94
N ILE D 7 14.21 6.45 -55.01
CA ILE D 7 13.94 6.38 -53.58
C ILE D 7 13.92 7.80 -53.04
N CYS D 8 12.92 8.10 -52.20
CA CYS D 8 12.83 9.36 -51.48
C CYS D 8 12.81 9.06 -49.99
N CYS D 9 13.65 9.77 -49.24
CA CYS D 9 13.72 9.59 -47.80
C CYS D 9 13.36 10.90 -47.11
N ILE D 10 12.26 10.90 -46.38
CA ILE D 10 11.83 12.09 -45.66
C ILE D 10 12.44 12.04 -44.27
N GLY D 11 13.32 13.00 -43.98
CA GLY D 11 14.07 12.97 -42.75
C GLY D 11 15.55 12.76 -43.03
N ALA D 12 16.36 13.75 -42.68
CA ALA D 12 17.79 13.71 -42.98
C ALA D 12 18.62 13.61 -41.71
N GLY D 13 18.12 12.85 -40.72
CA GLY D 13 18.80 12.69 -39.45
C GLY D 13 19.67 11.45 -39.37
N TYR D 14 19.82 10.94 -38.16
CA TYR D 14 20.67 9.77 -37.94
C TYR D 14 20.11 8.51 -38.59
N VAL D 15 18.80 8.44 -38.81
CA VAL D 15 18.22 7.23 -39.39
C VAL D 15 18.26 7.34 -40.91
N GLY D 16 17.68 8.40 -41.46
CA GLY D 16 17.53 8.48 -42.91
C GLY D 16 18.83 8.71 -43.65
N GLY D 17 19.63 9.69 -43.20
CA GLY D 17 20.81 10.11 -43.91
C GLY D 17 21.84 9.05 -44.24
N PRO D 18 22.43 8.41 -43.22
CA PRO D 18 23.46 7.39 -43.52
C PRO D 18 22.93 6.19 -44.28
N THR D 19 21.72 5.72 -43.94
CA THR D 19 21.18 4.56 -44.63
C THR D 19 21.02 4.83 -46.13
N CYS D 20 20.44 5.98 -46.47
CA CYS D 20 20.24 6.29 -47.89
C CYS D 20 21.55 6.60 -48.58
N SER D 21 22.55 7.09 -47.85
CA SER D 21 23.86 7.25 -48.44
C SER D 21 24.46 5.91 -48.81
N VAL D 22 24.31 4.90 -47.95
CA VAL D 22 24.88 3.59 -48.26
C VAL D 22 24.11 2.94 -49.40
N ILE D 23 22.79 3.11 -49.43
CA ILE D 23 21.98 2.59 -50.52
C ILE D 23 22.44 3.14 -51.86
N ALA D 24 22.67 4.45 -51.93
CA ALA D 24 23.18 5.06 -53.15
C ALA D 24 24.55 4.50 -53.53
N HIS D 25 25.43 4.35 -52.54
CA HIS D 25 26.78 3.85 -52.81
C HIS D 25 26.76 2.44 -53.37
N MET D 26 25.84 1.60 -52.90
CA MET D 26 25.81 0.21 -53.32
C MET D 26 24.94 -0.04 -54.55
N CYS D 27 24.06 0.90 -54.91
CA CYS D 27 23.12 0.74 -56.01
C CYS D 27 23.24 1.92 -56.96
N PRO D 28 24.24 1.92 -57.85
CA PRO D 28 24.46 3.09 -58.72
C PRO D 28 23.26 3.41 -59.60
N GLU D 29 22.48 2.41 -59.99
CA GLU D 29 21.37 2.57 -60.94
C GLU D 29 20.09 3.06 -60.27
N ILE D 30 20.08 3.28 -58.96
CA ILE D 30 18.92 3.77 -58.24
C ILE D 30 19.19 5.21 -57.82
N ARG D 31 18.23 6.10 -58.10
CA ARG D 31 18.32 7.49 -57.67
C ARG D 31 17.73 7.61 -56.27
N VAL D 32 18.51 8.17 -55.35
CA VAL D 32 18.14 8.28 -53.95
C VAL D 32 18.15 9.77 -53.58
N THR D 33 16.99 10.26 -53.13
CA THR D 33 16.83 11.67 -52.79
C THR D 33 16.41 11.80 -51.33
N VAL D 34 17.25 12.45 -50.54
CA VAL D 34 16.96 12.70 -49.13
C VAL D 34 16.39 14.11 -49.01
N VAL D 35 15.20 14.23 -48.40
CA VAL D 35 14.51 15.51 -48.28
C VAL D 35 14.21 15.80 -46.82
N ASP D 36 14.14 17.08 -46.51
CA ASP D 36 13.90 17.55 -45.15
C ASP D 36 13.49 19.01 -45.25
N VAL D 37 12.60 19.43 -44.34
CA VAL D 37 12.20 20.83 -44.34
C VAL D 37 13.32 21.72 -43.76
N ASN D 38 14.22 21.13 -42.98
CA ASN D 38 15.29 21.86 -42.32
C ASN D 38 16.36 22.20 -43.36
N GLU D 39 16.37 23.46 -43.79
CA GLU D 39 17.33 23.87 -44.82
C GLU D 39 18.75 23.84 -44.29
N SER D 40 18.94 24.08 -42.98
CA SER D 40 20.27 24.05 -42.40
C SER D 40 20.90 22.66 -42.56
N ARG D 41 20.12 21.63 -42.26
CA ARG D 41 20.60 20.26 -42.39
C ARG D 41 20.96 19.95 -43.83
N ILE D 42 20.05 20.28 -44.76
CA ILE D 42 20.21 19.93 -46.16
C ILE D 42 21.48 20.55 -46.71
N ASN D 43 21.76 21.79 -46.32
CA ASN D 43 23.00 22.43 -46.74
C ASN D 43 24.22 21.71 -46.17
N ALA D 44 24.16 21.32 -44.89
CA ALA D 44 25.28 20.59 -44.29
C ALA D 44 25.54 19.29 -45.03
N TRP D 45 24.49 18.54 -45.39
CA TRP D 45 24.68 17.35 -46.19
C TRP D 45 25.31 17.68 -47.54
N ASN D 46 25.03 18.87 -48.08
CA ASN D 46 25.58 19.30 -49.36
C ASN D 46 26.90 20.04 -49.23
N SER D 47 27.44 20.17 -48.02
CA SER D 47 28.68 20.86 -47.73
C SER D 47 29.79 19.86 -47.36
N PRO D 48 31.04 20.33 -47.28
CA PRO D 48 32.13 19.43 -46.84
C PRO D 48 32.13 19.08 -45.35
N THR D 49 31.16 19.56 -44.55
CA THR D 49 31.09 19.27 -43.12
C THR D 49 29.71 18.70 -42.78
N LEU D 50 29.65 17.37 -42.52
CA LEU D 50 28.38 16.68 -42.36
C LEU D 50 27.79 16.87 -40.95
N PRO D 51 26.46 16.92 -40.84
CA PRO D 51 25.82 17.22 -39.55
C PRO D 51 25.91 16.09 -38.52
N ILE D 52 26.33 14.90 -38.90
CA ILE D 52 26.62 13.82 -37.96
C ILE D 52 28.00 13.27 -38.31
N TYR D 53 28.76 12.86 -37.29
CA TYR D 53 30.09 12.30 -37.52
C TYR D 53 30.06 10.79 -37.37
N GLU D 54 30.42 10.09 -38.45
CA GLU D 54 30.52 8.65 -38.44
C GLU D 54 31.73 8.33 -39.30
N PRO D 55 32.64 7.49 -38.81
CA PRO D 55 33.80 7.09 -39.62
C PRO D 55 33.36 6.49 -40.96
N GLY D 56 33.97 6.98 -42.04
CA GLY D 56 33.70 6.48 -43.36
C GLY D 56 32.51 7.11 -44.06
N LEU D 57 31.66 7.85 -43.34
CA LEU D 57 30.44 8.39 -43.94
C LEU D 57 30.75 9.49 -44.93
N LYS D 58 31.65 10.41 -44.57
CA LYS D 58 32.02 11.50 -45.46
C LYS D 58 32.50 10.96 -46.80
N GLU D 59 33.32 9.91 -46.78
CA GLU D 59 33.78 9.28 -48.01
C GLU D 59 32.62 8.68 -48.81
N VAL D 60 31.66 8.04 -48.12
CA VAL D 60 30.52 7.46 -48.82
C VAL D 60 29.70 8.56 -49.48
N VAL D 61 29.40 9.63 -48.74
CA VAL D 61 28.55 10.68 -49.29
C VAL D 61 29.23 11.36 -50.48
N GLU D 62 30.54 11.58 -50.38
CA GLU D 62 31.24 12.28 -51.45
C GLU D 62 31.37 11.43 -52.72
N SER D 63 31.25 10.11 -52.61
CA SER D 63 31.34 9.23 -53.77
C SER D 63 30.04 9.19 -54.58
N CYS D 64 28.89 9.57 -54.01
CA CYS D 64 27.62 9.49 -54.72
C CYS D 64 26.94 10.82 -54.90
N ARG D 65 27.23 11.82 -54.06
CA ARG D 65 26.45 13.04 -54.06
C ARG D 65 26.59 13.73 -55.41
N GLY D 66 25.45 14.07 -56.03
CA GLY D 66 25.43 14.62 -57.36
C GLY D 66 25.38 13.60 -58.48
N LYS D 67 25.64 12.33 -58.19
CA LYS D 67 25.50 11.29 -59.21
C LYS D 67 24.12 10.64 -59.07
N ASN D 68 23.92 9.88 -57.99
CA ASN D 68 22.63 9.27 -57.70
C ASN D 68 22.15 9.54 -56.28
N LEU D 69 22.87 10.35 -55.51
CA LEU D 69 22.48 10.74 -54.16
C LEU D 69 22.24 12.23 -54.14
N PHE D 70 21.07 12.65 -53.65
CA PHE D 70 20.71 14.07 -53.65
C PHE D 70 20.05 14.46 -52.34
N PHE D 71 20.36 15.66 -51.86
CA PHE D 71 19.77 16.24 -50.66
C PHE D 71 19.02 17.50 -51.05
N SER D 72 17.75 17.61 -50.65
CA SER D 72 16.92 18.72 -51.11
C SER D 72 15.86 19.05 -50.07
N THR D 73 15.37 20.30 -50.12
CA THR D 73 14.22 20.68 -49.32
C THR D 73 12.91 20.55 -50.08
N ASN D 74 12.97 20.12 -51.34
CA ASN D 74 11.80 19.95 -52.20
C ASN D 74 11.15 18.60 -51.89
N ILE D 75 10.35 18.59 -50.82
CA ILE D 75 9.74 17.34 -50.37
C ILE D 75 8.71 16.83 -51.37
N ASP D 76 7.89 17.73 -51.92
CA ASP D 76 6.75 17.30 -52.73
C ASP D 76 7.20 16.59 -54.01
N ASP D 77 8.13 17.20 -54.75
CA ASP D 77 8.53 16.61 -56.03
C ASP D 77 9.26 15.30 -55.83
N ALA D 78 10.07 15.20 -54.78
CA ALA D 78 10.73 13.94 -54.48
C ALA D 78 9.70 12.84 -54.22
N ILE D 79 8.64 13.15 -53.47
CA ILE D 79 7.58 12.16 -53.25
C ILE D 79 6.94 11.79 -54.57
N LYS D 80 6.63 12.81 -55.38
CA LYS D 80 5.92 12.58 -56.63
C LYS D 80 6.65 11.60 -57.53
N GLU D 81 7.98 11.69 -57.59
CA GLU D 81 8.79 10.86 -58.47
C GLU D 81 9.16 9.51 -57.89
N ALA D 82 9.10 9.34 -56.56
CA ALA D 82 9.71 8.19 -55.93
C ALA D 82 8.86 6.93 -56.13
N ASP D 83 9.54 5.81 -56.32
CA ASP D 83 8.88 4.52 -56.25
C ASP D 83 8.77 4.03 -54.82
N LEU D 84 9.75 4.36 -54.00
CA LEU D 84 9.83 3.95 -52.60
C LEU D 84 10.07 5.20 -51.77
N VAL D 85 9.25 5.41 -50.74
CA VAL D 85 9.40 6.53 -49.81
C VAL D 85 9.68 5.96 -48.43
N PHE D 86 10.83 6.34 -47.85
CA PHE D 86 11.14 6.03 -46.45
C PHE D 86 10.61 7.16 -45.58
N ILE D 87 9.93 6.80 -44.50
CA ILE D 87 9.57 7.74 -43.46
C ILE D 87 10.63 7.61 -42.38
N SER D 88 11.43 8.66 -42.20
CA SER D 88 12.54 8.65 -41.25
C SER D 88 12.53 9.91 -40.38
N VAL D 89 11.35 10.39 -40.03
CA VAL D 89 11.24 11.58 -39.20
C VAL D 89 11.33 11.16 -37.74
N ASN D 90 11.53 12.12 -36.84
CA ASN D 90 11.75 11.79 -35.44
C ASN D 90 10.45 11.38 -34.76
N THR D 91 10.60 10.57 -33.72
CA THR D 91 9.52 10.22 -32.79
C THR D 91 9.97 10.53 -31.38
N PRO D 92 10.11 11.82 -31.04
CA PRO D 92 10.57 12.16 -29.69
C PRO D 92 9.58 11.68 -28.64
N THR D 93 10.05 11.58 -27.40
CA THR D 93 9.16 11.24 -26.31
C THR D 93 8.25 12.42 -26.00
N LYS D 94 6.98 12.13 -25.79
CA LYS D 94 6.03 13.17 -25.39
C LYS D 94 6.44 13.75 -24.06
N THR D 95 6.45 15.08 -23.99
CA THR D 95 6.73 15.81 -22.77
C THR D 95 5.49 16.45 -22.16
N TYR D 96 4.30 16.01 -22.55
CA TYR D 96 3.01 16.63 -22.22
C TYR D 96 1.91 15.59 -22.37
N GLY D 97 0.82 15.77 -21.64
CA GLY D 97 -0.38 14.99 -21.89
C GLY D 97 -0.28 13.51 -21.53
N MET D 98 -1.09 12.71 -22.23
CA MET D 98 -1.21 11.28 -21.98
C MET D 98 0.08 10.55 -22.33
N GLY D 99 0.60 9.76 -21.39
CA GLY D 99 1.83 9.05 -21.66
C GLY D 99 3.06 9.92 -21.60
N LYS D 100 2.94 11.11 -20.99
CA LYS D 100 4.05 12.02 -20.79
C LYS D 100 5.26 11.31 -20.21
N GLY D 101 6.43 11.55 -20.82
CA GLY D 101 7.66 10.96 -20.39
C GLY D 101 7.89 9.55 -20.87
N ARG D 102 6.92 8.94 -21.57
CA ARG D 102 7.03 7.53 -21.95
C ARG D 102 6.57 7.26 -23.37
N ALA D 103 5.37 7.72 -23.73
CA ALA D 103 4.86 7.49 -25.08
C ALA D 103 5.68 8.27 -26.10
N ALA D 104 5.68 7.77 -27.33
CA ALA D 104 6.26 8.49 -28.47
C ALA D 104 5.30 9.56 -28.96
N ASP D 105 5.86 10.69 -29.40
CA ASP D 105 5.08 11.75 -30.04
C ASP D 105 4.99 11.48 -31.54
N LEU D 106 3.77 11.22 -32.01
CA LEU D 106 3.55 10.75 -33.38
C LEU D 106 3.20 11.86 -34.35
N LYS D 107 3.29 13.13 -33.95
CA LYS D 107 2.78 14.18 -34.84
C LYS D 107 3.58 14.27 -36.14
N TYR D 108 4.89 14.05 -36.07
CA TYR D 108 5.68 14.19 -37.30
C TYR D 108 5.40 13.04 -38.25
N ILE D 109 5.17 11.85 -37.72
CA ILE D 109 4.88 10.71 -38.58
C ILE D 109 3.54 10.89 -39.29
N GLU D 110 2.51 11.32 -38.55
CA GLU D 110 1.20 11.46 -39.19
C GLU D 110 1.22 12.57 -40.24
N ALA D 111 1.83 13.71 -39.93
CA ALA D 111 1.92 14.78 -40.93
C ALA D 111 2.68 14.31 -42.16
N CYS D 112 3.70 13.47 -41.95
CA CYS D 112 4.44 12.91 -43.07
C CYS D 112 3.53 12.00 -43.91
N ALA D 113 2.75 11.14 -43.24
CA ALA D 113 1.82 10.27 -43.96
C ALA D 113 0.82 11.07 -44.78
N ARG D 114 0.27 12.15 -44.21
CA ARG D 114 -0.67 12.97 -44.97
C ARG D 114 0.02 13.65 -46.13
N ARG D 115 1.27 14.06 -45.93
CA ARG D 115 2.04 14.70 -46.99
C ARG D 115 2.25 13.75 -48.17
N ILE D 116 2.54 12.48 -47.88
CA ILE D 116 2.81 11.52 -48.95
C ILE D 116 1.57 11.34 -49.81
N VAL D 117 0.42 11.05 -49.18
CA VAL D 117 -0.78 10.76 -49.96
C VAL D 117 -1.24 12.01 -50.71
N GLN D 118 -0.98 13.19 -50.17
CA GLN D 118 -1.34 14.41 -50.87
C GLN D 118 -0.56 14.55 -52.19
N ASN D 119 0.65 14.01 -52.27
CA ASN D 119 1.54 14.20 -53.41
C ASN D 119 1.76 12.93 -54.22
N SER D 120 0.91 11.91 -54.09
CA SER D 120 1.19 10.62 -54.71
C SER D 120 0.14 10.24 -55.74
N ASN D 121 0.59 9.60 -56.82
CA ASN D 121 -0.30 8.95 -57.76
C ASN D 121 0.30 7.62 -58.17
N GLY D 122 -0.57 6.69 -58.57
CA GLY D 122 -0.06 5.40 -59.01
C GLY D 122 0.50 4.56 -57.87
N TYR D 123 1.49 3.74 -58.21
CA TYR D 123 2.00 2.75 -57.28
C TYR D 123 3.26 3.26 -56.59
N LYS D 124 3.28 3.19 -55.26
CA LYS D 124 4.46 3.53 -54.48
C LYS D 124 4.52 2.61 -53.27
N ILE D 125 5.74 2.35 -52.79
CA ILE D 125 5.95 1.65 -51.55
C ILE D 125 6.37 2.66 -50.48
N VAL D 126 5.65 2.68 -49.36
CA VAL D 126 5.92 3.61 -48.26
C VAL D 126 6.40 2.80 -47.07
N THR D 127 7.59 3.12 -46.57
CA THR D 127 8.28 2.30 -45.60
C THR D 127 8.57 3.08 -44.33
N GLU D 128 8.13 2.56 -43.18
CA GLU D 128 8.48 3.16 -41.90
C GLU D 128 9.91 2.77 -41.55
N LYS D 129 10.79 3.78 -41.51
CA LYS D 129 12.18 3.58 -41.12
C LYS D 129 12.45 3.99 -39.69
N SER D 130 11.81 5.06 -39.21
CA SER D 130 12.03 5.48 -37.84
C SER D 130 11.39 4.51 -36.87
N THR D 131 11.89 4.54 -35.63
CA THR D 131 11.35 3.71 -34.56
C THR D 131 9.95 4.20 -34.24
N VAL D 132 8.96 3.34 -34.44
CA VAL D 132 7.55 3.69 -34.24
C VAL D 132 6.96 2.68 -33.26
N PRO D 133 5.86 3.03 -32.60
CA PRO D 133 5.11 2.04 -31.82
C PRO D 133 4.44 0.99 -32.70
N VAL D 134 4.20 -0.18 -32.09
CA VAL D 134 3.54 -1.26 -32.83
C VAL D 134 2.15 -0.82 -33.25
N ARG D 135 1.78 -1.18 -34.48
CA ARG D 135 0.52 -0.85 -35.16
C ARG D 135 0.52 0.54 -35.80
N MET D 136 1.64 1.25 -35.81
CA MET D 136 1.74 2.52 -36.52
C MET D 136 1.32 2.35 -37.98
N ALA D 137 1.73 1.24 -38.61
CA ALA D 137 1.41 1.01 -40.02
C ALA D 137 -0.10 0.95 -40.25
N GLU D 138 -0.87 0.47 -39.26
CA GLU D 138 -2.32 0.49 -39.40
C GLU D 138 -2.85 1.91 -39.48
N SER D 139 -2.27 2.82 -38.68
CA SER D 139 -2.69 4.21 -38.72
C SER D 139 -2.40 4.83 -40.08
N ILE D 140 -1.19 4.59 -40.60
CA ILE D 140 -0.80 5.15 -41.89
C ILE D 140 -1.68 4.59 -42.99
N ARG D 141 -1.99 3.29 -42.93
CA ARG D 141 -2.88 2.67 -43.92
C ARG D 141 -4.26 3.29 -43.91
N ARG D 142 -4.76 3.64 -42.72
CA ARG D 142 -6.08 4.27 -42.61
C ARG D 142 -6.05 5.68 -43.19
N ILE D 143 -5.00 6.46 -42.92
CA ILE D 143 -4.88 7.78 -43.51
C ILE D 143 -4.83 7.67 -45.03
N PHE D 144 -4.08 6.69 -45.55
CA PHE D 144 -4.01 6.50 -46.99
C PHE D 144 -5.37 6.09 -47.56
N ASP D 145 -6.05 5.15 -46.91
CA ASP D 145 -7.32 4.65 -47.42
C ASP D 145 -8.39 5.75 -47.43
N ALA D 146 -8.39 6.62 -46.40
CA ALA D 146 -9.40 7.67 -46.30
C ALA D 146 -9.17 8.80 -47.30
N ASN D 147 -7.96 8.92 -47.84
CA ASN D 147 -7.62 10.01 -48.75
C ASN D 147 -7.27 9.45 -50.12
N THR D 148 -7.96 8.39 -50.54
CA THR D 148 -7.58 7.70 -51.76
C THR D 148 -8.00 8.48 -53.00
N LYS D 149 -7.39 8.13 -54.12
CA LYS D 149 -7.67 8.69 -55.43
C LYS D 149 -7.81 7.54 -56.40
N PRO D 150 -8.42 7.75 -57.56
CA PRO D 150 -8.38 6.71 -58.60
C PRO D 150 -6.95 6.30 -58.92
N ASN D 151 -6.74 5.00 -59.04
CA ASN D 151 -5.48 4.37 -59.45
C ASN D 151 -4.35 4.56 -58.44
N LEU D 152 -4.61 5.13 -57.27
CA LEU D 152 -3.60 5.24 -56.22
C LEU D 152 -3.52 3.92 -55.47
N ASN D 153 -2.30 3.40 -55.31
CA ASN D 153 -2.09 2.11 -54.64
C ASN D 153 -0.82 2.20 -53.81
N LEU D 154 -0.97 2.60 -52.55
CA LEU D 154 0.15 2.78 -51.63
C LEU D 154 0.28 1.58 -50.70
N GLN D 155 1.41 0.90 -50.79
CA GLN D 155 1.73 -0.25 -49.95
C GLN D 155 2.61 0.21 -48.79
N VAL D 156 2.27 -0.21 -47.57
CA VAL D 156 3.00 0.21 -46.37
C VAL D 156 3.84 -0.94 -45.85
N LEU D 157 5.15 -0.71 -45.70
CA LEU D 157 6.08 -1.67 -45.14
C LEU D 157 6.75 -1.10 -43.88
N SER D 158 7.32 -2.00 -43.10
CA SER D 158 8.16 -1.64 -41.97
C SER D 158 9.58 -2.11 -42.26
N ASN D 159 10.57 -1.25 -42.01
CA ASN D 159 11.98 -1.59 -42.27
C ASN D 159 12.86 -0.81 -41.29
N PRO D 160 12.90 -1.25 -40.03
CA PRO D 160 13.61 -0.47 -39.00
C PRO D 160 15.11 -0.44 -39.23
N GLU D 161 15.76 0.49 -38.53
CA GLU D 161 17.22 0.60 -38.59
C GLU D 161 17.81 0.07 -37.29
N PHE D 162 18.95 -0.62 -37.42
CA PHE D 162 19.64 -1.23 -36.27
C PHE D 162 21.09 -0.76 -36.14
N LEU D 163 21.46 0.36 -36.76
CA LEU D 163 22.85 0.79 -36.69
C LEU D 163 23.17 1.25 -35.27
N ALA D 164 24.39 0.96 -34.82
CA ALA D 164 24.87 1.43 -33.53
C ALA D 164 25.73 2.68 -33.74
N GLU D 165 25.48 3.70 -32.93
CA GLU D 165 26.22 4.95 -33.07
C GLU D 165 27.72 4.72 -32.88
N GLY D 166 28.51 5.27 -33.81
CA GLY D 166 29.94 5.06 -33.85
C GLY D 166 30.39 4.09 -34.92
N THR D 167 29.55 3.13 -35.27
CA THR D 167 29.89 2.14 -36.29
C THR D 167 28.82 2.08 -37.38
N ALA D 168 28.17 3.22 -37.65
CA ALA D 168 27.01 3.22 -38.55
C ALA D 168 27.37 2.69 -39.93
N ILE D 169 28.48 3.16 -40.50
CA ILE D 169 28.82 2.77 -41.86
C ILE D 169 29.18 1.29 -41.92
N LYS D 170 30.01 0.82 -40.99
CA LYS D 170 30.32 -0.61 -40.96
C LYS D 170 29.06 -1.43 -40.79
N ASP D 171 28.16 -1.00 -39.91
CA ASP D 171 26.93 -1.74 -39.66
C ASP D 171 26.00 -1.69 -40.87
N LEU D 172 26.03 -0.60 -41.64
CA LEU D 172 25.16 -0.54 -42.80
C LEU D 172 25.71 -1.35 -43.96
N LYS D 173 27.02 -1.37 -44.14
CA LYS D 173 27.59 -2.15 -45.22
C LYS D 173 27.62 -3.64 -44.93
N ASN D 174 27.63 -4.03 -43.66
CA ASN D 174 27.68 -5.44 -43.26
C ASN D 174 26.75 -5.67 -42.07
N PRO D 175 25.45 -5.61 -42.28
CA PRO D 175 24.51 -5.71 -41.15
C PRO D 175 24.35 -7.13 -40.65
N ASP D 176 24.13 -7.26 -39.33
CA ASP D 176 23.78 -8.56 -38.78
C ASP D 176 22.51 -9.10 -39.46
N ARG D 177 21.53 -8.24 -39.69
CA ARG D 177 20.35 -8.61 -40.45
C ARG D 177 19.65 -7.33 -40.91
N VAL D 178 18.91 -7.47 -42.00
CA VAL D 178 17.97 -6.46 -42.50
C VAL D 178 16.57 -6.99 -42.23
N LEU D 179 15.71 -6.13 -41.67
CA LEU D 179 14.37 -6.53 -41.24
C LEU D 179 13.32 -5.78 -42.04
N ILE D 180 12.43 -6.53 -42.69
CA ILE D 180 11.37 -5.97 -43.52
C ILE D 180 10.06 -6.68 -43.18
N GLY D 181 9.05 -5.92 -42.79
CA GLY D 181 7.72 -6.46 -42.47
C GLY D 181 6.70 -5.93 -43.46
N GLY D 182 5.79 -6.80 -43.87
CA GLY D 182 4.70 -6.38 -44.73
C GLY D 182 3.50 -7.29 -44.54
N ASP D 183 2.38 -6.89 -45.16
CA ASP D 183 1.17 -7.70 -45.13
C ASP D 183 1.39 -9.07 -45.77
N GLU D 184 0.69 -10.07 -45.27
CA GLU D 184 0.79 -11.41 -45.84
C GLU D 184 -0.24 -11.63 -46.95
N THR D 185 -0.51 -10.59 -47.73
CA THR D 185 -1.32 -10.58 -48.94
C THR D 185 -0.43 -10.65 -50.17
N PRO D 186 -0.99 -10.96 -51.34
CA PRO D 186 -0.15 -10.93 -52.57
C PRO D 186 0.47 -9.56 -52.84
N GLU D 187 -0.29 -8.47 -52.64
CA GLU D 187 0.26 -7.14 -52.84
C GLU D 187 1.36 -6.83 -51.84
N GLY D 188 1.14 -7.14 -50.56
CA GLY D 188 2.17 -6.91 -49.56
C GLY D 188 3.44 -7.67 -49.84
N GLN D 189 3.32 -8.92 -50.28
CA GLN D 189 4.51 -9.71 -50.57
C GLN D 189 5.26 -9.19 -51.80
N ARG D 190 4.53 -8.70 -52.80
CA ARG D 190 5.22 -8.06 -53.94
C ARG D 190 6.02 -6.86 -53.49
N ALA D 191 5.45 -6.03 -52.61
CA ALA D 191 6.17 -4.86 -52.12
C ALA D 191 7.37 -5.25 -51.26
N VAL D 192 7.20 -6.25 -50.39
CA VAL D 192 8.32 -6.74 -49.60
C VAL D 192 9.45 -7.21 -50.50
N GLN D 193 9.11 -7.98 -51.55
CA GLN D 193 10.16 -8.50 -52.44
C GLN D 193 10.89 -7.39 -53.16
N ALA D 194 10.18 -6.33 -53.57
CA ALA D 194 10.85 -5.22 -54.24
C ALA D 194 11.86 -4.54 -53.33
N LEU D 195 11.53 -4.39 -52.04
CA LEU D 195 12.48 -3.80 -51.11
C LEU D 195 13.67 -4.74 -50.86
N CYS D 196 13.40 -6.05 -50.73
CA CYS D 196 14.48 -7.02 -50.63
C CYS D 196 15.46 -6.90 -51.78
N ALA D 197 14.95 -6.67 -52.99
CA ALA D 197 15.84 -6.63 -54.15
C ALA D 197 16.80 -5.46 -54.06
N VAL D 198 16.40 -4.38 -53.40
CA VAL D 198 17.31 -3.26 -53.16
C VAL D 198 18.48 -3.71 -52.28
N TYR D 199 18.16 -4.27 -51.10
CA TYR D 199 19.21 -4.65 -50.18
C TYR D 199 20.07 -5.79 -50.72
N GLU D 200 19.51 -6.64 -51.58
CA GLU D 200 20.31 -7.74 -52.09
C GLU D 200 21.42 -7.27 -53.01
N HIS D 201 21.46 -5.98 -53.38
CA HIS D 201 22.62 -5.45 -54.10
C HIS D 201 23.90 -5.54 -53.27
N TRP D 202 23.80 -5.61 -51.94
CA TRP D 202 25.03 -5.78 -51.19
C TRP D 202 24.87 -6.64 -49.93
N VAL D 203 23.65 -6.99 -49.57
CA VAL D 203 23.38 -7.78 -48.36
C VAL D 203 23.06 -9.21 -48.79
N PRO D 204 23.74 -10.22 -48.24
CA PRO D 204 23.41 -11.61 -48.58
C PRO D 204 21.98 -11.94 -48.19
N ARG D 205 21.30 -12.66 -49.08
CA ARG D 205 19.89 -12.97 -48.88
C ARG D 205 19.64 -13.62 -47.52
N GLU D 206 20.58 -14.46 -47.05
CA GLU D 206 20.43 -15.13 -45.76
C GLU D 206 20.32 -14.15 -44.60
N LYS D 207 20.72 -12.90 -44.79
CA LYS D 207 20.66 -11.92 -43.71
C LYS D 207 19.45 -10.99 -43.82
N ILE D 208 18.56 -11.22 -44.78
CA ILE D 208 17.34 -10.43 -44.94
C ILE D 208 16.18 -11.24 -44.40
N LEU D 209 15.54 -10.72 -43.36
CA LEU D 209 14.44 -11.39 -42.68
C LEU D 209 13.14 -10.69 -43.02
N THR D 210 12.17 -11.44 -43.50
CA THR D 210 10.85 -10.90 -43.79
C THR D 210 9.86 -11.47 -42.79
N THR D 211 9.02 -10.59 -42.24
CA THR D 211 8.08 -10.91 -41.18
C THR D 211 6.78 -10.20 -41.50
N ASN D 212 5.77 -10.33 -40.64
CA ASN D 212 4.63 -9.46 -40.85
C ASN D 212 4.97 -8.06 -40.31
N THR D 213 4.10 -7.09 -40.63
CA THR D 213 4.39 -5.69 -40.29
C THR D 213 4.56 -5.52 -38.79
N TRP D 214 3.69 -6.14 -37.99
CA TRP D 214 3.71 -5.90 -36.55
C TRP D 214 4.96 -6.49 -35.91
N SER D 215 5.38 -7.67 -36.38
CA SER D 215 6.61 -8.27 -35.87
C SER D 215 7.81 -7.36 -36.11
N SER D 216 7.83 -6.72 -37.27
CA SER D 216 8.96 -5.85 -37.61
C SER D 216 9.02 -4.64 -36.70
N GLU D 217 7.87 -3.96 -36.52
CA GLU D 217 7.84 -2.81 -35.61
C GLU D 217 8.22 -3.19 -34.19
N LEU D 218 7.71 -4.31 -33.71
CA LEU D 218 7.98 -4.72 -32.33
C LEU D 218 9.44 -5.17 -32.13
N SER D 219 10.03 -5.82 -33.15
CA SER D 219 11.40 -6.34 -33.04
C SER D 219 12.39 -5.23 -32.73
N LYS D 220 12.18 -4.05 -33.30
CA LYS D 220 13.07 -2.92 -33.05
C LYS D 220 13.05 -2.52 -31.58
N LEU D 221 11.85 -2.36 -31.00
CA LEU D 221 11.76 -2.03 -29.59
C LEU D 221 12.33 -3.15 -28.73
N ALA D 222 11.93 -4.39 -29.03
CA ALA D 222 12.36 -5.52 -28.21
C ALA D 222 13.88 -5.66 -28.22
N ALA D 223 14.51 -5.46 -29.37
CA ALA D 223 15.96 -5.66 -29.47
C ALA D 223 16.70 -4.70 -28.55
N ASN D 224 16.34 -3.41 -28.60
CA ASN D 224 16.98 -2.43 -27.71
C ASN D 224 16.67 -2.71 -26.24
N ALA D 225 15.45 -3.18 -25.95
CA ALA D 225 15.10 -3.53 -24.58
C ALA D 225 15.97 -4.68 -24.07
N PHE D 226 16.21 -5.69 -24.93
CA PHE D 226 17.06 -6.82 -24.53
C PHE D 226 18.50 -6.36 -24.27
N LEU D 227 19.00 -5.44 -25.09
CA LEU D 227 20.38 -4.97 -24.92
C LEU D 227 20.50 -4.17 -23.63
N ALA D 228 19.55 -3.25 -23.38
CA ALA D 228 19.56 -2.48 -22.14
C ALA D 228 19.44 -3.38 -20.92
N GLN D 229 18.63 -4.44 -21.02
CA GLN D 229 18.49 -5.34 -19.87
C GLN D 229 19.79 -6.07 -19.55
N ARG D 230 20.58 -6.44 -20.57
CA ARG D 230 21.88 -7.04 -20.25
C ARG D 230 22.72 -6.07 -19.40
N ILE D 231 22.67 -4.79 -19.72
CA ILE D 231 23.46 -3.82 -18.94
C ILE D 231 22.90 -3.65 -17.55
N SER D 232 21.57 -3.50 -17.43
CA SER D 232 20.98 -3.41 -16.09
C SER D 232 21.21 -4.69 -15.30
N SER D 233 21.23 -5.85 -15.96
CA SER D 233 21.48 -7.09 -15.23
C SER D 233 22.92 -7.16 -14.71
N ILE D 234 23.90 -6.84 -15.54
CA ILE D 234 25.27 -6.85 -15.01
C ILE D 234 25.48 -5.73 -13.99
N ASN D 235 24.77 -4.61 -14.13
CA ASN D 235 24.87 -3.56 -13.11
C ASN D 235 24.27 -3.99 -11.79
N SER D 236 23.15 -4.71 -11.82
CA SER D 236 22.60 -5.20 -10.55
C SER D 236 23.59 -6.15 -9.87
N ILE D 237 24.28 -6.98 -10.66
CA ILE D 237 25.31 -7.87 -10.13
C ILE D 237 26.49 -7.05 -9.56
N SER D 238 26.79 -5.88 -10.13
CA SER D 238 27.88 -5.07 -9.57
C SER D 238 27.57 -4.64 -8.14
N ALA D 239 26.30 -4.36 -7.83
CA ALA D 239 25.96 -4.03 -6.46
C ALA D 239 26.17 -5.23 -5.54
N LEU D 240 25.86 -6.43 -6.02
CA LEU D 240 26.08 -7.61 -5.20
CA LEU D 240 26.09 -7.65 -5.23
C LEU D 240 27.57 -7.90 -5.01
N CYS D 241 28.40 -7.59 -6.01
CA CYS D 241 29.85 -7.76 -5.87
C CYS D 241 30.40 -6.84 -4.79
N GLU D 242 29.96 -5.58 -4.77
CA GLU D 242 30.40 -4.65 -3.74
C GLU D 242 30.05 -5.15 -2.35
N ALA D 243 28.91 -5.84 -2.22
CA ALA D 243 28.49 -6.32 -0.91
C ALA D 243 29.15 -7.63 -0.51
N THR D 244 29.74 -8.39 -1.45
CA THR D 244 30.25 -9.73 -1.13
C THR D 244 31.75 -9.89 -1.28
N GLY D 245 32.43 -9.00 -2.00
CA GLY D 245 33.84 -9.24 -2.31
C GLY D 245 34.08 -9.93 -3.63
N ALA D 246 33.04 -10.34 -4.36
CA ALA D 246 33.22 -10.69 -5.76
C ALA D 246 33.58 -9.44 -6.54
N ASP D 247 34.04 -9.63 -7.77
CA ASP D 247 34.41 -8.55 -8.67
C ASP D 247 33.61 -8.66 -9.95
N VAL D 248 32.90 -7.60 -10.32
CA VAL D 248 31.92 -7.74 -11.40
C VAL D 248 32.60 -8.06 -12.74
N GLU D 249 33.85 -7.63 -12.93
CA GLU D 249 34.56 -7.94 -14.16
C GLU D 249 34.92 -9.43 -14.24
N GLU D 250 35.30 -10.04 -13.12
CA GLU D 250 35.53 -11.49 -13.11
C GLU D 250 34.20 -12.23 -13.39
N VAL D 251 33.12 -11.81 -12.73
CA VAL D 251 31.81 -12.49 -12.90
C VAL D 251 31.32 -12.34 -14.32
N ALA D 252 31.42 -11.13 -14.88
CA ALA D 252 30.97 -10.88 -16.24
C ALA D 252 31.73 -11.71 -17.27
N THR D 253 33.06 -11.86 -17.08
CA THR D 253 33.85 -12.71 -17.95
C THR D 253 33.40 -14.16 -17.86
N ALA D 254 33.22 -14.65 -16.63
CA ALA D 254 32.78 -16.02 -16.43
C ALA D 254 31.39 -16.26 -17.07
N ILE D 255 30.46 -15.33 -16.86
CA ILE D 255 29.13 -15.43 -17.44
C ILE D 255 29.21 -15.45 -18.96
N GLY D 256 29.94 -14.47 -19.53
CA GLY D 256 30.00 -14.28 -20.97
C GLY D 256 30.72 -15.37 -21.71
N MET D 257 31.48 -16.22 -21.02
CA MET D 257 32.10 -17.35 -21.69
C MET D 257 31.13 -18.49 -21.94
N ASP D 258 29.94 -18.48 -21.34
CA ASP D 258 28.84 -19.35 -21.79
C ASP D 258 28.37 -18.83 -23.16
N GLN D 259 28.56 -19.62 -24.20
CA GLN D 259 28.22 -19.10 -25.52
C GLN D 259 26.71 -18.92 -25.72
N ARG D 260 25.86 -19.48 -24.86
CA ARG D 260 24.44 -19.13 -24.97
C ARG D 260 24.16 -17.72 -24.47
N ILE D 261 25.05 -17.12 -23.68
CA ILE D 261 24.90 -15.76 -23.22
C ILE D 261 25.73 -14.79 -24.07
N GLY D 262 26.95 -15.17 -24.42
CA GLY D 262 27.84 -14.31 -25.17
C GLY D 262 28.51 -13.26 -24.30
N ASN D 263 29.60 -12.69 -24.82
CA ASN D 263 30.43 -11.81 -24.01
C ASN D 263 30.23 -10.32 -24.34
N LYS D 264 29.21 -9.96 -25.08
CA LYS D 264 28.99 -8.56 -25.42
C LYS D 264 27.98 -7.91 -24.48
N PHE D 265 28.12 -6.59 -24.30
CA PHE D 265 27.17 -5.80 -23.51
C PHE D 265 27.08 -6.32 -22.09
N LEU D 266 28.22 -6.72 -21.52
CA LEU D 266 28.33 -7.15 -20.13
C LEU D 266 29.30 -6.26 -19.36
N LYS D 267 29.47 -5.01 -19.79
CA LYS D 267 30.40 -4.10 -19.13
C LYS D 267 29.62 -3.30 -18.09
N ALA D 268 29.89 -3.54 -16.82
CA ALA D 268 29.22 -2.76 -15.77
C ALA D 268 29.62 -1.29 -15.86
N SER D 269 28.71 -0.40 -15.49
CA SER D 269 28.95 1.04 -15.61
C SER D 269 28.08 1.76 -14.58
N VAL D 270 28.22 3.08 -14.57
CA VAL D 270 27.35 3.89 -13.73
C VAL D 270 25.94 3.97 -14.32
N GLY D 271 25.78 3.58 -15.57
CA GLY D 271 24.46 3.40 -16.17
C GLY D 271 24.51 3.71 -17.66
N PHE D 272 23.65 3.01 -18.42
CA PHE D 272 23.58 3.26 -19.85
C PHE D 272 22.92 4.60 -20.14
N GLY D 273 23.28 5.17 -21.28
CA GLY D 273 22.73 6.42 -21.72
C GLY D 273 22.51 6.41 -23.20
N GLY D 274 22.40 7.59 -23.80
CA GLY D 274 22.15 7.74 -25.21
C GLY D 274 20.67 7.95 -25.51
N SER D 275 20.41 8.32 -26.75
CA SER D 275 19.06 8.76 -27.14
C SER D 275 18.11 7.61 -27.47
N CYS D 276 18.47 6.36 -27.22
CA CYS D 276 17.61 5.28 -27.71
CA CYS D 276 17.56 5.32 -27.68
C CYS D 276 17.22 4.26 -26.64
N PHE D 277 18.15 3.88 -25.77
CA PHE D 277 17.86 2.79 -24.84
C PHE D 277 16.69 3.13 -23.92
N GLN D 278 16.84 4.19 -23.12
CA GLN D 278 15.77 4.53 -22.19
C GLN D 278 14.48 4.83 -22.92
N LYS D 279 14.56 5.61 -24.02
CA LYS D 279 13.37 5.99 -24.78
C LYS D 279 12.63 4.76 -25.29
N ASP D 280 13.35 3.76 -25.78
CA ASP D 280 12.70 2.60 -26.35
C ASP D 280 12.08 1.74 -25.26
N VAL D 281 12.76 1.59 -24.13
CA VAL D 281 12.21 0.78 -23.04
C VAL D 281 10.95 1.44 -22.47
N LEU D 282 10.99 2.75 -22.24
CA LEU D 282 9.80 3.42 -21.73
C LEU D 282 8.63 3.32 -22.71
N ASN D 283 8.91 3.44 -24.02
CA ASN D 283 7.85 3.26 -25.00
C ASN D 283 7.26 1.86 -24.95
N LEU D 284 8.11 0.85 -24.73
CA LEU D 284 7.62 -0.51 -24.56
C LEU D 284 6.75 -0.62 -23.32
N VAL D 285 7.18 -0.01 -22.21
CA VAL D 285 6.41 -0.05 -20.98
C VAL D 285 5.07 0.63 -21.16
N TYR D 286 5.07 1.79 -21.82
CA TYR D 286 3.82 2.49 -22.06
C TYR D 286 2.89 1.67 -22.93
N LEU D 287 3.42 1.07 -23.99
CA LEU D 287 2.63 0.21 -24.86
C LEU D 287 1.95 -0.91 -24.06
N CYS D 288 2.67 -1.50 -23.12
CA CYS D 288 2.12 -2.59 -22.31
C CYS D 288 0.97 -2.12 -21.44
N GLU D 289 1.12 -0.95 -20.81
CA GLU D 289 0.04 -0.41 -20.00
C GLU D 289 -1.20 -0.15 -20.84
N ALA D 290 -1.02 0.39 -22.04
CA ALA D 290 -2.16 0.70 -22.91
C ALA D 290 -2.89 -0.55 -23.39
N LEU D 291 -2.18 -1.67 -23.50
CA LEU D 291 -2.77 -2.94 -23.90
C LEU D 291 -3.17 -3.81 -22.70
N ASN D 292 -3.21 -3.22 -21.49
CA ASN D 292 -3.62 -3.93 -20.28
C ASN D 292 -2.74 -5.15 -20.02
N LEU D 293 -1.42 -4.95 -20.12
CA LEU D 293 -0.46 -6.00 -19.79
C LEU D 293 0.41 -5.48 -18.66
N PRO D 294 -0.18 -5.28 -17.46
CA PRO D 294 0.62 -4.69 -16.37
C PRO D 294 1.79 -5.56 -15.91
N GLU D 295 1.68 -6.90 -15.96
CA GLU D 295 2.83 -7.75 -15.61
C GLU D 295 3.99 -7.50 -16.56
N VAL D 296 3.72 -7.39 -17.86
CA VAL D 296 4.80 -7.13 -18.79
C VAL D 296 5.36 -5.71 -18.60
N ALA D 297 4.49 -4.72 -18.37
CA ALA D 297 5.00 -3.38 -18.14
C ALA D 297 5.95 -3.34 -16.95
N ARG D 298 5.57 -3.96 -15.84
CA ARG D 298 6.45 -3.84 -14.68
C ARG D 298 7.74 -4.65 -14.84
N TYR D 299 7.70 -5.71 -15.66
CA TYR D 299 8.91 -6.47 -15.96
C TYR D 299 9.94 -5.58 -16.66
N TRP D 300 9.50 -4.84 -17.68
CA TRP D 300 10.46 -4.03 -18.42
C TRP D 300 10.79 -2.74 -17.69
N GLN D 301 9.87 -2.22 -16.86
CA GLN D 301 10.19 -1.03 -16.08
C GLN D 301 11.40 -1.26 -15.18
N GLN D 302 11.63 -2.51 -14.77
CA GLN D 302 12.78 -2.84 -13.92
C GLN D 302 14.11 -2.52 -14.60
N VAL D 303 14.18 -2.61 -15.93
CA VAL D 303 15.41 -2.24 -16.64
C VAL D 303 15.74 -0.77 -16.39
N ILE D 304 14.72 0.11 -16.39
CA ILE D 304 14.93 1.54 -16.14
C ILE D 304 15.19 1.80 -14.65
N ASP D 305 14.40 1.17 -13.78
CA ASP D 305 14.58 1.34 -12.34
C ASP D 305 15.98 0.93 -11.90
N MET D 306 16.50 -0.17 -12.46
CA MET D 306 17.84 -0.59 -12.10
C MET D 306 18.87 0.43 -12.58
N ASN D 307 18.66 0.98 -13.78
CA ASN D 307 19.57 2.00 -14.30
C ASN D 307 19.55 3.25 -13.43
N ASP D 308 18.35 3.70 -13.04
CA ASP D 308 18.27 4.87 -12.16
C ASP D 308 18.92 4.59 -10.81
N TYR D 309 18.71 3.38 -10.29
CA TYR D 309 19.32 3.01 -9.02
C TYR D 309 20.86 2.97 -9.11
N GLN D 310 21.39 2.49 -10.22
CA GLN D 310 22.85 2.41 -10.35
C GLN D 310 23.48 3.79 -10.26
N ARG D 311 22.85 4.80 -10.87
CA ARG D 311 23.37 6.17 -10.81
C ARG D 311 23.23 6.78 -9.42
N ARG D 312 22.05 6.63 -8.81
CA ARG D 312 21.81 7.25 -7.51
C ARG D 312 22.72 6.61 -6.46
N ARG D 313 22.91 5.31 -6.55
CA ARG D 313 23.80 4.58 -5.66
C ARG D 313 25.25 5.02 -5.82
N PHE D 314 25.67 5.28 -7.06
CA PHE D 314 27.02 5.76 -7.29
C PHE D 314 27.22 7.14 -6.66
N ALA D 315 26.26 8.05 -6.85
CA ALA D 315 26.38 9.37 -6.23
C ALA D 315 26.34 9.27 -4.70
N SER D 316 25.52 8.37 -4.15
CA SER D 316 25.48 8.23 -2.69
C SER D 316 26.78 7.68 -2.14
N ARG D 317 27.44 6.78 -2.88
CA ARG D 317 28.74 6.28 -2.46
C ARG D 317 29.77 7.40 -2.39
N ILE D 318 29.77 8.27 -3.39
CA ILE D 318 30.68 9.41 -3.38
C ILE D 318 30.48 10.23 -2.11
N ILE D 319 29.21 10.58 -1.83
CA ILE D 319 28.88 11.43 -0.69
C ILE D 319 29.24 10.74 0.61
N ASP D 320 28.85 9.46 0.76
CA ASP D 320 29.21 8.71 1.97
C ASP D 320 30.73 8.68 2.17
N SER D 321 31.48 8.29 1.13
CA SER D 321 32.92 8.17 1.27
C SER D 321 33.57 9.50 1.62
N LEU D 322 33.05 10.60 1.08
CA LEU D 322 33.57 11.92 1.42
C LEU D 322 33.06 12.43 2.76
N PHE D 323 33.05 11.55 3.77
CA PHE D 323 32.69 11.90 5.13
C PHE D 323 31.27 12.45 5.23
N ASN D 324 30.38 11.98 4.35
CA ASN D 324 28.96 12.29 4.36
C ASN D 324 28.67 13.77 4.17
N THR D 325 29.57 14.54 3.57
CA THR D 325 29.26 15.91 3.22
C THR D 325 30.10 16.31 2.01
N VAL D 326 29.45 16.95 1.05
CA VAL D 326 30.11 17.39 -0.17
C VAL D 326 29.85 18.87 -0.46
N THR D 327 29.07 19.55 0.38
CA THR D 327 28.83 20.97 0.26
C THR D 327 30.14 21.76 0.22
N ASP D 328 30.31 22.59 -0.81
CA ASP D 328 31.46 23.49 -1.03
C ASP D 328 32.75 22.76 -1.34
N LYS D 329 32.72 21.44 -1.47
CA LYS D 329 33.92 20.70 -1.83
C LYS D 329 34.11 20.70 -3.34
N LYS D 330 35.33 20.93 -3.78
CA LYS D 330 35.66 20.84 -5.19
C LYS D 330 35.78 19.38 -5.60
N ILE D 331 35.07 19.01 -6.68
CA ILE D 331 35.03 17.64 -7.17
C ILE D 331 35.25 17.69 -8.68
N ALA D 332 36.18 16.88 -9.17
CA ALA D 332 36.44 16.82 -10.61
C ALA D 332 35.55 15.78 -11.24
N ILE D 333 34.83 16.17 -12.29
CA ILE D 333 34.03 15.26 -13.10
C ILE D 333 34.79 15.02 -14.41
N LEU D 334 35.35 13.82 -14.57
CA LEU D 334 36.06 13.48 -15.80
C LEU D 334 35.13 12.71 -16.72
N GLY D 335 34.72 13.34 -17.81
CA GLY D 335 33.82 12.68 -18.76
C GLY D 335 32.39 13.12 -18.61
N PHE D 336 31.83 13.64 -19.68
CA PHE D 336 30.43 14.07 -19.69
C PHE D 336 29.61 13.42 -20.79
N ALA D 337 30.22 13.02 -21.90
CA ALA D 337 29.50 12.33 -22.98
C ALA D 337 28.93 11.03 -22.47
N PHE D 338 27.86 10.55 -23.12
CA PHE D 338 27.19 9.36 -22.59
C PHE D 338 28.05 8.10 -22.79
N LYS D 339 29.01 8.14 -23.70
CA LYS D 339 29.97 7.07 -23.89
C LYS D 339 31.23 7.69 -24.50
N LYS D 340 32.30 6.91 -24.58
CA LYS D 340 33.53 7.51 -25.08
C LYS D 340 33.41 7.76 -26.59
N ASP D 341 34.31 8.60 -27.10
CA ASP D 341 34.45 8.89 -28.53
C ASP D 341 33.18 9.50 -29.14
N THR D 342 32.50 10.36 -28.38
CA THR D 342 31.38 11.10 -28.94
C THR D 342 31.22 12.40 -28.16
N GLY D 343 30.59 13.38 -28.81
CA GLY D 343 30.14 14.59 -28.13
C GLY D 343 28.72 14.51 -27.62
N ASP D 344 28.02 13.43 -27.91
CA ASP D 344 26.61 13.27 -27.54
C ASP D 344 26.46 13.13 -26.02
N THR D 345 25.62 13.98 -25.43
CA THR D 345 25.37 13.91 -24.00
C THR D 345 23.98 13.40 -23.68
N ARG D 346 23.19 13.00 -24.66
CA ARG D 346 21.79 12.70 -24.39
C ARG D 346 21.68 11.53 -23.43
N GLU D 347 20.95 11.76 -22.34
CA GLU D 347 20.75 10.81 -21.24
C GLU D 347 22.06 10.30 -20.66
N SER D 348 23.12 11.11 -20.74
CA SER D 348 24.39 10.71 -20.14
C SER D 348 24.25 10.56 -18.64
N SER D 349 24.83 9.47 -18.13
CA SER D 349 24.90 9.29 -16.68
C SER D 349 25.65 10.41 -15.99
N SER D 350 26.62 11.03 -16.68
CA SER D 350 27.32 12.16 -16.05
C SER D 350 26.35 13.28 -15.70
N ILE D 351 25.31 13.48 -16.50
CA ILE D 351 24.32 14.52 -16.18
C ILE D 351 23.69 14.25 -14.83
N TYR D 352 23.26 13.00 -14.61
CA TYR D 352 22.56 12.66 -13.38
C TYR D 352 23.51 12.68 -12.18
N ILE D 353 24.71 12.13 -12.33
CA ILE D 353 25.69 12.18 -11.24
C ILE D 353 25.98 13.62 -10.84
N SER D 354 26.22 14.47 -11.84
CA SER D 354 26.49 15.88 -11.57
C SER D 354 25.33 16.54 -10.84
N LYS D 355 24.09 16.26 -11.27
CA LYS D 355 22.95 16.91 -10.65
C LYS D 355 22.77 16.44 -9.20
N TYR D 356 23.03 15.16 -8.93
CA TYR D 356 22.98 14.69 -7.54
C TYR D 356 24.00 15.42 -6.67
N LEU D 357 25.20 15.65 -7.20
CA LEU D 357 26.25 16.34 -6.45
C LEU D 357 25.97 17.83 -6.32
N MET D 358 25.39 18.44 -7.37
CA MET D 358 24.97 19.84 -7.28
C MET D 358 23.89 20.03 -6.21
N ASP D 359 22.98 19.05 -6.09
CA ASP D 359 21.93 19.14 -5.06
C ASP D 359 22.51 19.21 -3.67
N GLU D 360 23.74 18.74 -3.47
CA GLU D 360 24.44 18.85 -2.21
C GLU D 360 25.25 20.13 -2.10
N GLY D 361 25.35 20.93 -3.16
CA GLY D 361 26.17 22.12 -3.11
C GLY D 361 27.64 21.91 -3.44
N ALA D 362 27.97 20.84 -4.16
CA ALA D 362 29.36 20.62 -4.59
C ALA D 362 29.77 21.63 -5.64
N HIS D 363 31.06 21.97 -5.64
CA HIS D 363 31.65 22.77 -6.70
C HIS D 363 32.21 21.79 -7.72
N LEU D 364 31.48 21.57 -8.81
CA LEU D 364 31.91 20.61 -9.84
C LEU D 364 32.80 21.32 -10.85
N HIS D 365 33.92 20.69 -11.17
CA HIS D 365 34.78 21.10 -12.27
C HIS D 365 34.75 19.96 -13.26
N ILE D 366 34.18 20.22 -14.43
CA ILE D 366 33.83 19.18 -15.39
C ILE D 366 34.81 19.25 -16.56
N TYR D 367 35.40 18.11 -16.91
CA TYR D 367 36.25 18.04 -18.10
C TYR D 367 35.74 16.99 -19.05
N ASP D 368 35.60 17.34 -20.32
CA ASP D 368 35.33 16.31 -21.32
C ASP D 368 36.07 16.71 -22.59
N PRO D 369 36.79 15.78 -23.23
CA PRO D 369 37.59 16.17 -24.40
C PRO D 369 36.79 16.50 -25.64
N LYS D 370 35.49 16.22 -25.68
CA LYS D 370 34.75 16.42 -26.93
C LYS D 370 33.43 17.17 -26.73
N VAL D 371 32.80 17.07 -25.57
CA VAL D 371 31.51 17.78 -25.42
C VAL D 371 31.79 19.27 -25.33
N PRO D 372 31.11 20.10 -26.13
CA PRO D 372 31.36 21.54 -26.05
C PRO D 372 30.78 22.16 -24.78
N ARG D 373 31.51 23.15 -24.26
CA ARG D 373 31.14 23.88 -23.05
C ARG D 373 29.65 24.18 -22.96
N GLU D 374 29.11 24.78 -24.02
CA GLU D 374 27.74 25.27 -24.01
C GLU D 374 26.75 24.13 -23.77
N GLN D 375 27.04 22.95 -24.29
CA GLN D 375 26.11 21.84 -24.13
C GLN D 375 26.08 21.37 -22.68
N ILE D 376 27.24 21.38 -22.01
CA ILE D 376 27.28 21.00 -20.60
C ILE D 376 26.46 21.97 -19.77
N VAL D 377 26.56 23.27 -20.08
CA VAL D 377 25.79 24.27 -19.35
C VAL D 377 24.29 24.05 -19.57
N VAL D 378 23.87 23.81 -20.81
CA VAL D 378 22.46 23.53 -21.10
C VAL D 378 21.99 22.28 -20.34
N ASP D 379 22.79 21.21 -20.39
CA ASP D 379 22.35 19.95 -19.80
C ASP D 379 22.15 20.05 -18.28
N LEU D 380 22.91 20.90 -17.61
CA LEU D 380 22.83 21.04 -16.17
C LEU D 380 21.90 22.17 -15.73
N SER D 381 21.36 22.94 -16.68
CA SER D 381 20.40 24.00 -16.42
C SER D 381 18.98 23.44 -16.50
N HIS D 382 18.01 24.23 -16.02
CA HIS D 382 16.61 23.82 -16.04
C HIS D 382 15.92 24.24 -17.34
N ASP D 389 21.25 29.70 -12.62
CA ASP D 389 21.89 30.26 -11.42
C ASP D 389 22.64 29.22 -10.62
N GLN D 390 22.01 28.06 -10.38
CA GLN D 390 22.71 27.00 -9.69
C GLN D 390 23.93 26.56 -10.49
N VAL D 391 23.80 26.48 -11.83
CA VAL D 391 24.96 26.23 -12.68
C VAL D 391 26.00 27.33 -12.48
N SER D 392 25.55 28.59 -12.39
CA SER D 392 26.46 29.70 -12.18
C SER D 392 27.24 29.53 -10.88
N ARG D 393 26.55 29.19 -9.79
CA ARG D 393 27.22 29.06 -8.50
C ARG D 393 28.14 27.83 -8.44
N LEU D 394 27.74 26.72 -9.03
CA LEU D 394 28.39 25.47 -8.68
C LEU D 394 29.22 24.83 -9.79
N VAL D 395 29.08 25.23 -11.05
CA VAL D 395 29.65 24.47 -12.15
C VAL D 395 30.75 25.27 -12.83
N THR D 396 31.93 24.66 -12.94
CA THR D 396 33.04 25.16 -13.72
C THR D 396 33.36 24.14 -14.81
N ILE D 397 33.57 24.61 -16.02
CA ILE D 397 33.96 23.73 -17.12
C ILE D 397 35.45 23.90 -17.35
N SER D 398 36.22 22.84 -17.13
CA SER D 398 37.67 22.93 -17.13
C SER D 398 38.22 22.69 -18.53
N LYS D 399 39.41 23.24 -18.78
CA LYS D 399 40.09 23.11 -20.05
C LYS D 399 40.91 21.84 -20.16
N ASP D 400 41.29 21.24 -19.04
CA ASP D 400 42.08 20.02 -19.04
C ASP D 400 41.88 19.31 -17.71
N PRO D 401 42.21 18.03 -17.62
CA PRO D 401 41.88 17.29 -16.39
C PRO D 401 42.68 17.74 -15.18
N TYR D 402 43.91 18.24 -15.38
CA TYR D 402 44.72 18.62 -14.23
C TYR D 402 44.17 19.86 -13.56
N GLU D 403 43.63 20.79 -14.35
CA GLU D 403 42.92 21.93 -13.79
C GLU D 403 41.70 21.47 -12.99
N ALA D 404 40.97 20.49 -13.51
CA ALA D 404 39.79 20.00 -12.80
C ALA D 404 40.16 19.37 -11.46
N CYS D 405 41.31 18.69 -11.40
CA CYS D 405 41.71 17.99 -10.18
C CYS D 405 42.47 18.86 -9.19
N ASP D 406 42.84 20.09 -9.56
CA ASP D 406 43.67 20.94 -8.71
C ASP D 406 42.89 21.45 -7.50
N GLY D 407 43.31 21.04 -6.29
CA GLY D 407 42.57 21.38 -5.09
C GLY D 407 41.29 20.60 -4.89
N ALA D 408 41.05 19.57 -5.71
CA ALA D 408 39.83 18.79 -5.60
C ALA D 408 39.93 17.79 -4.46
N HIS D 409 38.75 17.41 -3.91
CA HIS D 409 38.68 16.32 -2.95
C HIS D 409 38.60 14.97 -3.63
N ALA D 410 38.02 14.93 -4.82
CA ALA D 410 37.74 13.65 -5.44
C ALA D 410 37.76 13.82 -6.94
N VAL D 411 38.17 12.76 -7.62
CA VAL D 411 38.10 12.63 -9.06
C VAL D 411 37.01 11.61 -9.35
N VAL D 412 36.01 11.99 -10.14
CA VAL D 412 34.89 11.10 -10.48
C VAL D 412 34.97 10.82 -11.97
N ILE D 413 35.24 9.57 -12.34
CA ILE D 413 35.35 9.18 -13.75
C ILE D 413 33.99 8.62 -14.18
N CYS D 414 33.31 9.36 -15.05
CA CYS D 414 31.95 9.03 -15.49
C CYS D 414 31.87 8.57 -16.94
N THR D 415 32.92 8.79 -17.73
CA THR D 415 32.97 8.39 -19.13
C THR D 415 34.32 7.75 -19.42
N GLU D 416 34.30 6.64 -20.17
CA GLU D 416 35.47 5.77 -20.33
C GLU D 416 36.46 6.26 -21.40
N TRP D 417 36.71 7.57 -21.49
CA TRP D 417 37.71 8.03 -22.44
C TRP D 417 39.08 7.40 -22.16
N ASP D 418 39.74 6.94 -23.23
CA ASP D 418 41.02 6.25 -23.09
C ASP D 418 42.06 7.10 -22.35
N MET D 419 42.04 8.42 -22.55
CA MET D 419 43.06 9.30 -21.97
C MET D 419 43.02 9.33 -20.45
N PHE D 420 41.88 8.98 -19.82
CA PHE D 420 41.85 9.03 -18.36
C PHE D 420 42.76 7.98 -17.74
N LYS D 421 42.99 6.87 -18.46
CA LYS D 421 43.92 5.85 -18.00
C LYS D 421 45.35 6.35 -17.96
N GLU D 422 45.69 7.32 -18.80
CA GLU D 422 47.09 7.71 -18.99
C GLU D 422 47.47 8.95 -18.21
N LEU D 423 46.58 9.49 -17.37
CA LEU D 423 46.89 10.70 -16.63
C LEU D 423 48.06 10.49 -15.67
N ASP D 424 48.72 11.59 -15.34
CA ASP D 424 49.80 11.61 -14.35
C ASP D 424 49.15 11.71 -12.98
N TYR D 425 48.77 10.55 -12.43
CA TYR D 425 48.07 10.53 -11.15
C TYR D 425 48.97 10.87 -9.98
N GLU D 426 50.29 10.68 -10.10
CA GLU D 426 51.19 11.16 -9.05
C GLU D 426 51.13 12.68 -8.95
N ARG D 427 51.16 13.37 -10.10
CA ARG D 427 51.03 14.81 -10.12
C ARG D 427 49.66 15.25 -9.60
N ILE D 428 48.60 14.55 -9.99
CA ILE D 428 47.27 14.92 -9.52
C ILE D 428 47.21 14.81 -8.00
N HIS D 429 47.78 13.73 -7.45
CA HIS D 429 47.67 13.50 -6.01
C HIS D 429 48.33 14.63 -5.22
N LYS D 430 49.46 15.14 -5.69
CA LYS D 430 50.17 16.14 -4.91
C LYS D 430 49.30 17.36 -4.67
N LYS D 431 48.44 17.72 -5.63
CA LYS D 431 47.66 18.93 -5.52
C LYS D 431 46.21 18.70 -5.06
N MET D 432 45.80 17.48 -4.82
CA MET D 432 44.47 17.28 -4.27
C MET D 432 44.49 17.52 -2.76
N LEU D 433 43.32 17.84 -2.21
CA LEU D 433 43.17 17.83 -0.77
C LEU D 433 43.17 16.39 -0.25
N LYS D 434 43.59 16.21 0.99
CA LYS D 434 43.76 14.86 1.54
C LYS D 434 42.75 14.54 2.64
N PRO D 435 42.27 13.28 2.68
CA PRO D 435 42.58 12.18 1.76
C PRO D 435 41.97 12.38 0.37
N ALA D 436 42.71 11.96 -0.66
CA ALA D 436 42.30 12.13 -2.04
C ALA D 436 41.56 10.88 -2.50
N PHE D 437 40.40 11.07 -3.14
CA PHE D 437 39.56 9.97 -3.58
C PHE D 437 39.46 9.93 -5.10
N ILE D 438 39.41 8.72 -5.65
CA ILE D 438 39.05 8.48 -7.04
C ILE D 438 37.83 7.58 -7.07
N PHE D 439 36.79 8.00 -7.78
CA PHE D 439 35.61 7.17 -7.98
C PHE D 439 35.54 6.80 -9.45
N ASP D 440 35.82 5.54 -9.76
CA ASP D 440 35.88 5.06 -11.14
C ASP D 440 34.52 4.44 -11.50
N GLY D 441 33.69 5.20 -12.21
CA GLY D 441 32.40 4.68 -12.63
C GLY D 441 32.41 3.86 -13.90
N ARG D 442 33.59 3.59 -14.47
CA ARG D 442 33.67 2.87 -15.74
C ARG D 442 34.68 1.75 -15.72
N ARG D 443 35.33 1.49 -14.59
CA ARG D 443 36.37 0.47 -14.53
C ARG D 443 37.53 0.77 -15.47
N VAL D 444 37.78 2.05 -15.79
CA VAL D 444 38.90 2.35 -16.69
C VAL D 444 40.24 2.25 -15.99
N LEU D 445 40.28 2.34 -14.67
CA LEU D 445 41.54 2.29 -13.95
C LEU D 445 41.90 0.88 -13.50
N ASP D 446 41.19 -0.15 -13.99
CA ASP D 446 41.53 -1.53 -13.65
C ASP D 446 42.99 -1.82 -13.99
N GLY D 447 43.67 -2.52 -13.08
CA GLY D 447 45.09 -2.80 -13.23
C GLY D 447 46.02 -1.75 -12.64
N LEU D 448 45.51 -0.54 -12.34
CA LEU D 448 46.29 0.54 -11.75
C LEU D 448 46.08 0.69 -10.26
N HIS D 449 45.23 -0.16 -9.65
CA HIS D 449 44.79 0.09 -8.27
C HIS D 449 45.94 0.04 -7.29
N ASN D 450 46.83 -0.94 -7.43
CA ASN D 450 47.98 -1.03 -6.52
C ASN D 450 48.87 0.20 -6.64
N GLU D 451 49.11 0.68 -7.86
CA GLU D 451 49.94 1.86 -8.03
C GLU D 451 49.28 3.10 -7.42
N LEU D 452 47.97 3.27 -7.65
CA LEU D 452 47.25 4.40 -7.13
C LEU D 452 47.17 4.35 -5.60
N GLN D 453 47.01 3.15 -5.04
CA GLN D 453 46.95 3.04 -3.58
C GLN D 453 48.30 3.39 -2.96
N THR D 454 49.41 2.95 -3.57
CA THR D 454 50.72 3.31 -3.03
C THR D 454 51.01 4.80 -3.19
N ILE D 455 50.48 5.43 -4.25
CA ILE D 455 50.54 6.89 -4.35
C ILE D 455 49.81 7.54 -3.19
N GLY D 456 48.69 6.95 -2.75
CA GLY D 456 48.00 7.45 -1.59
C GLY D 456 46.50 7.64 -1.76
N PHE D 457 46.00 7.36 -2.96
CA PHE D 457 44.58 7.50 -3.24
C PHE D 457 43.77 6.42 -2.53
N GLN D 458 42.56 6.80 -2.13
CA GLN D 458 41.49 5.84 -1.90
C GLN D 458 40.70 5.74 -3.20
N ILE D 459 40.70 4.56 -3.82
CA ILE D 459 40.07 4.35 -5.10
C ILE D 459 38.88 3.42 -4.91
N GLU D 460 37.73 3.86 -5.41
CA GLU D 460 36.50 3.09 -5.38
C GLU D 460 36.00 2.90 -6.80
N THR D 461 35.53 1.71 -7.11
CA THR D 461 35.04 1.48 -8.47
C THR D 461 33.78 0.64 -8.41
N ILE D 462 32.97 0.77 -9.46
CA ILE D 462 31.76 -0.04 -9.57
C ILE D 462 32.10 -1.51 -9.53
N GLY D 463 31.36 -2.28 -8.72
CA GLY D 463 31.46 -3.72 -8.72
C GLY D 463 32.69 -4.28 -8.04
N LYS D 464 33.29 -3.54 -7.13
CA LYS D 464 34.44 -3.97 -6.37
C LYS D 464 34.31 -3.42 -4.95
N LYS D 465 34.48 -4.30 -3.96
CA LYS D 465 34.39 -3.92 -2.57
C LYS D 465 35.53 -2.96 -2.24
N VAL D 466 35.28 -1.97 -1.38
CA VAL D 466 36.31 -0.97 -1.11
C VAL D 466 37.51 -1.56 -0.34
N MET E 1 -52.71 28.26 17.46
CA MET E 1 -51.83 28.09 16.31
C MET E 1 -51.27 29.42 15.80
N PHE E 2 -49.96 29.59 15.97
CA PHE E 2 -49.28 30.82 15.58
C PHE E 2 -49.29 31.03 14.07
N GLU E 3 -49.66 32.24 13.65
CA GLU E 3 -49.70 32.62 12.25
C GLU E 3 -48.53 33.54 11.95
N ILE E 4 -47.72 33.17 10.95
CA ILE E 4 -46.64 34.01 10.46
C ILE E 4 -47.20 35.12 9.58
N LYS E 5 -46.92 36.38 9.93
CA LYS E 5 -47.41 37.52 9.16
C LYS E 5 -46.31 38.28 8.41
N LYS E 6 -45.06 38.21 8.85
CA LYS E 6 -43.95 38.88 8.18
C LYS E 6 -42.77 37.92 8.04
N ILE E 7 -42.22 37.85 6.82
CA ILE E 7 -41.11 36.96 6.49
C ILE E 7 -39.93 37.78 5.99
N CYS E 8 -38.74 37.47 6.50
CA CYS E 8 -37.49 38.06 6.01
C CYS E 8 -36.56 36.96 5.52
N CYS E 9 -36.05 37.13 4.31
CA CYS E 9 -35.13 36.17 3.70
C CYS E 9 -33.79 36.84 3.45
N ILE E 10 -32.76 36.33 4.11
CA ILE E 10 -31.41 36.86 3.95
C ILE E 10 -30.69 36.03 2.88
N GLY E 11 -30.34 36.67 1.77
CA GLY E 11 -29.81 35.96 0.63
C GLY E 11 -30.75 36.05 -0.57
N ALA E 12 -30.30 36.67 -1.65
CA ALA E 12 -31.13 36.91 -2.83
C ALA E 12 -30.65 36.12 -4.04
N GLY E 13 -30.20 34.89 -3.83
CA GLY E 13 -29.72 34.04 -4.89
C GLY E 13 -30.81 33.16 -5.45
N TYR E 14 -30.39 32.07 -6.12
CA TYR E 14 -31.37 31.24 -6.81
C TYR E 14 -32.20 30.39 -5.86
N VAL E 15 -31.85 30.31 -4.58
CA VAL E 15 -32.67 29.62 -3.59
C VAL E 15 -33.67 30.57 -2.97
N GLY E 16 -33.17 31.66 -2.37
CA GLY E 16 -34.05 32.54 -1.61
C GLY E 16 -35.03 33.31 -2.48
N GLY E 17 -34.53 33.90 -3.57
CA GLY E 17 -35.33 34.75 -4.42
C GLY E 17 -36.60 34.09 -4.94
N PRO E 18 -36.46 33.01 -5.73
CA PRO E 18 -37.66 32.35 -6.25
C PRO E 18 -38.58 31.77 -5.17
N THR E 19 -38.03 31.14 -4.13
CA THR E 19 -38.88 30.60 -3.07
C THR E 19 -39.67 31.70 -2.38
N CYS E 20 -38.99 32.79 -2.02
CA CYS E 20 -39.68 33.85 -1.32
C CYS E 20 -40.62 34.62 -2.25
N SER E 21 -40.33 34.63 -3.55
CA SER E 21 -41.27 35.19 -4.50
C SER E 21 -42.55 34.37 -4.57
N VAL E 22 -42.43 33.04 -4.59
CA VAL E 22 -43.61 32.19 -4.70
C VAL E 22 -44.43 32.25 -3.40
N ILE E 23 -43.76 32.27 -2.24
CA ILE E 23 -44.49 32.40 -0.99
C ILE E 23 -45.35 33.67 -1.01
N ALA E 24 -44.73 34.79 -1.40
CA ALA E 24 -45.49 36.04 -1.52
C ALA E 24 -46.62 35.90 -2.52
N HIS E 25 -46.36 35.23 -3.64
CA HIS E 25 -47.37 35.05 -4.68
C HIS E 25 -48.56 34.25 -4.14
N MET E 26 -48.30 33.27 -3.29
CA MET E 26 -49.36 32.39 -2.79
C MET E 26 -49.99 32.86 -1.49
N CYS E 27 -49.35 33.78 -0.77
CA CYS E 27 -49.81 34.21 0.54
C CYS E 27 -49.98 35.72 0.54
N PRO E 28 -51.12 36.22 0.08
CA PRO E 28 -51.31 37.68 -0.03
C PRO E 28 -51.22 38.41 1.31
N GLU E 29 -51.64 37.77 2.40
CA GLU E 29 -51.69 38.38 3.72
C GLU E 29 -50.35 38.35 4.44
N ILE E 30 -49.30 37.81 3.81
CA ILE E 30 -47.96 37.72 4.38
C ILE E 30 -47.07 38.72 3.66
N ARG E 31 -46.36 39.53 4.43
CA ARG E 31 -45.38 40.45 3.87
C ARG E 31 -44.03 39.73 3.76
N VAL E 32 -43.45 39.74 2.55
CA VAL E 32 -42.21 39.01 2.28
C VAL E 32 -41.14 40.00 1.87
N THR E 33 -40.05 40.05 2.63
CA THR E 33 -38.96 40.98 2.42
C THR E 33 -37.68 40.19 2.20
N VAL E 34 -37.09 40.34 1.01
CA VAL E 34 -35.84 39.70 0.65
C VAL E 34 -34.73 40.72 0.83
N VAL E 35 -33.72 40.39 1.62
CA VAL E 35 -32.60 41.30 1.89
C VAL E 35 -31.29 40.60 1.59
N ASP E 36 -30.29 41.42 1.26
CA ASP E 36 -28.98 40.89 0.89
C ASP E 36 -27.97 42.02 1.05
N VAL E 37 -26.75 41.64 1.45
CA VAL E 37 -25.69 42.63 1.60
C VAL E 37 -25.21 43.13 0.25
N ASN E 38 -25.40 42.34 -0.81
CA ASN E 38 -25.02 42.71 -2.17
C ASN E 38 -26.06 43.68 -2.73
N GLU E 39 -25.70 44.96 -2.81
CA GLU E 39 -26.65 45.97 -3.26
C GLU E 39 -27.05 45.80 -4.71
N SER E 40 -26.13 45.32 -5.56
CA SER E 40 -26.43 45.17 -6.98
C SER E 40 -27.58 44.20 -7.20
N ARG E 41 -27.56 43.06 -6.50
CA ARG E 41 -28.62 42.07 -6.65
C ARG E 41 -29.97 42.63 -6.21
N ILE E 42 -30.00 43.30 -5.04
CA ILE E 42 -31.26 43.83 -4.53
C ILE E 42 -31.86 44.85 -5.50
N ASN E 43 -31.00 45.71 -6.07
CA ASN E 43 -31.48 46.65 -7.09
C ASN E 43 -31.96 45.92 -8.33
N ALA E 44 -31.24 44.90 -8.76
CA ALA E 44 -31.66 44.14 -9.93
C ALA E 44 -33.03 43.49 -9.72
N TRP E 45 -33.28 42.92 -8.53
CA TRP E 45 -34.59 42.35 -8.24
C TRP E 45 -35.72 43.38 -8.34
N ASN E 46 -35.43 44.64 -8.03
CA ASN E 46 -36.43 45.68 -8.14
C ASN E 46 -36.44 46.33 -9.53
N SER E 47 -35.67 45.82 -10.46
CA SER E 47 -35.52 46.36 -11.80
C SER E 47 -36.29 45.52 -12.82
N PRO E 48 -36.45 46.01 -14.06
CA PRO E 48 -37.11 45.21 -15.09
C PRO E 48 -36.30 44.03 -15.61
N THR E 49 -35.09 43.77 -15.08
CA THR E 49 -34.27 42.64 -15.50
C THR E 49 -33.82 41.85 -14.27
N LEU E 50 -34.39 40.65 -14.09
CA LEU E 50 -34.12 39.92 -12.85
C LEU E 50 -32.75 39.25 -12.90
N PRO E 51 -32.07 39.13 -11.74
CA PRO E 51 -30.69 38.63 -11.74
C PRO E 51 -30.53 37.16 -12.07
N ILE E 52 -31.61 36.38 -12.01
CA ILE E 52 -31.59 34.98 -12.42
C ILE E 52 -32.75 34.75 -13.37
N TYR E 53 -32.55 33.88 -14.35
CA TYR E 53 -33.60 33.57 -15.32
C TYR E 53 -34.24 32.23 -14.99
N GLU E 54 -35.56 32.25 -14.79
CA GLU E 54 -36.36 31.06 -14.61
C GLU E 54 -37.66 31.38 -15.33
N PRO E 55 -38.15 30.47 -16.18
CA PRO E 55 -39.47 30.70 -16.80
C PRO E 55 -40.53 30.93 -15.73
N GLY E 56 -41.34 31.97 -15.94
CA GLY E 56 -42.41 32.32 -15.02
C GLY E 56 -42.01 33.18 -13.85
N LEU E 57 -40.71 33.36 -13.59
CA LEU E 57 -40.29 34.12 -12.42
C LEU E 57 -40.57 35.61 -12.61
N LYS E 58 -40.23 36.15 -13.78
CA LYS E 58 -40.49 37.55 -14.05
C LYS E 58 -41.97 37.88 -13.89
N GLU E 59 -42.85 36.98 -14.33
CA GLU E 59 -44.28 37.22 -14.15
C GLU E 59 -44.65 37.19 -12.66
N VAL E 60 -44.12 36.23 -11.92
CA VAL E 60 -44.45 36.07 -10.50
C VAL E 60 -43.99 37.29 -9.73
N VAL E 61 -42.76 37.75 -9.98
CA VAL E 61 -42.22 38.88 -9.23
C VAL E 61 -43.04 40.14 -9.51
N GLU E 62 -43.47 40.32 -10.76
CA GLU E 62 -44.21 41.53 -11.12
C GLU E 62 -45.64 41.55 -10.55
N SER E 63 -46.22 40.40 -10.22
CA SER E 63 -47.56 40.37 -9.66
C SER E 63 -47.60 40.66 -8.16
N CYS E 64 -46.46 40.55 -7.45
CA CYS E 64 -46.40 40.75 -6.01
C CYS E 64 -45.50 41.89 -5.57
N ARG E 65 -44.53 42.30 -6.39
CA ARG E 65 -43.55 43.29 -5.97
C ARG E 65 -44.23 44.62 -5.70
N GLY E 66 -43.95 45.19 -4.53
CA GLY E 66 -44.59 46.42 -4.09
C GLY E 66 -45.88 46.23 -3.30
N LYS E 67 -46.48 45.04 -3.29
CA LYS E 67 -47.62 44.80 -2.41
C LYS E 67 -47.18 44.08 -1.14
N ASN E 68 -46.76 42.81 -1.29
CA ASN E 68 -46.28 42.02 -0.16
C ASN E 68 -44.91 41.39 -0.44
N LEU E 69 -44.27 41.72 -1.56
CA LEU E 69 -42.93 41.27 -1.86
C LEU E 69 -42.03 42.49 -1.92
N PHE E 70 -40.95 42.47 -1.14
CA PHE E 70 -40.07 43.63 -1.08
C PHE E 70 -38.61 43.18 -1.10
N PHE E 71 -37.80 43.94 -1.83
CA PHE E 71 -36.36 43.73 -1.90
C PHE E 71 -35.67 44.97 -1.34
N SER E 72 -34.77 44.77 -0.37
CA SER E 72 -34.15 45.89 0.33
C SER E 72 -32.76 45.49 0.78
N THR E 73 -31.90 46.50 0.93
CA THR E 73 -30.60 46.28 1.54
C THR E 73 -30.61 46.55 3.05
N ASN E 74 -31.77 46.93 3.60
CA ASN E 74 -31.92 47.18 5.03
C ASN E 74 -32.16 45.83 5.72
N ILE E 75 -31.05 45.13 5.96
CA ILE E 75 -31.11 43.81 6.58
C ILE E 75 -31.61 43.91 8.01
N ASP E 76 -31.19 44.95 8.73
CA ASP E 76 -31.46 45.07 10.16
C ASP E 76 -32.95 45.21 10.43
N ASP E 77 -33.64 46.12 9.71
CA ASP E 77 -35.06 46.33 9.96
C ASP E 77 -35.91 45.15 9.49
N ALA E 78 -35.53 44.50 8.38
CA ALA E 78 -36.27 43.32 7.94
C ALA E 78 -36.22 42.22 9.00
N ILE E 79 -35.06 42.01 9.61
CA ILE E 79 -34.97 41.03 10.69
C ILE E 79 -35.83 41.45 11.87
N LYS E 80 -35.74 42.72 12.26
CA LYS E 80 -36.45 43.20 13.43
C LYS E 80 -37.95 42.97 13.32
N GLU E 81 -38.52 43.17 12.13
CA GLU E 81 -39.97 43.08 11.95
C GLU E 81 -40.48 41.66 11.72
N ALA E 82 -39.61 40.75 11.32
CA ALA E 82 -40.05 39.45 10.79
C ALA E 82 -40.50 38.50 11.89
N ASP E 83 -41.53 37.70 11.57
CA ASP E 83 -41.83 36.54 12.39
C ASP E 83 -40.95 35.37 12.00
N LEU E 84 -40.60 35.28 10.73
CA LEU E 84 -39.81 34.18 10.21
C LEU E 84 -38.66 34.74 9.41
N VAL E 85 -37.44 34.27 9.73
CA VAL E 85 -36.23 34.64 9.01
C VAL E 85 -35.70 33.39 8.30
N PHE E 86 -35.58 33.47 6.98
CA PHE E 86 -34.93 32.44 6.19
C PHE E 86 -33.43 32.73 6.08
N ILE E 87 -32.60 31.73 6.32
CA ILE E 87 -31.19 31.82 5.99
C ILE E 87 -31.00 31.14 4.64
N SER E 88 -30.69 31.95 3.62
CA SER E 88 -30.58 31.47 2.25
C SER E 88 -29.28 31.95 1.61
N VAL E 89 -28.22 32.05 2.39
CA VAL E 89 -26.94 32.54 1.90
C VAL E 89 -26.17 31.40 1.24
N ASN E 90 -25.13 31.73 0.47
CA ASN E 90 -24.38 30.71 -0.25
C ASN E 90 -23.53 29.88 0.71
N THR E 91 -23.31 28.62 0.33
CA THR E 91 -22.40 27.73 1.04
C THR E 91 -21.42 27.13 0.06
N PRO E 92 -20.51 27.94 -0.48
CA PRO E 92 -19.56 27.42 -1.47
C PRO E 92 -18.65 26.38 -0.84
N THR E 93 -18.02 25.59 -1.70
CA THR E 93 -17.01 24.65 -1.26
C THR E 93 -15.76 25.42 -0.84
N LYS E 94 -15.17 25.00 0.28
CA LYS E 94 -13.89 25.58 0.71
C LYS E 94 -12.83 25.35 -0.36
N THR E 95 -12.09 26.40 -0.71
CA THR E 95 -10.97 26.31 -1.62
C THR E 95 -9.62 26.40 -0.91
N TYR E 96 -9.60 26.17 0.40
CA TYR E 96 -8.46 26.41 1.25
C TYR E 96 -8.64 25.57 2.52
N GLY E 97 -7.51 25.21 3.14
CA GLY E 97 -7.53 24.63 4.48
C GLY E 97 -8.14 23.24 4.58
N MET E 98 -8.68 22.96 5.78
CA MET E 98 -9.24 21.67 6.11
C MET E 98 -10.46 21.36 5.24
N GLY E 99 -10.43 20.22 4.55
CA GLY E 99 -11.54 19.87 3.69
C GLY E 99 -11.56 20.62 2.37
N LYS E 100 -10.44 21.21 1.97
CA LYS E 100 -10.34 21.88 0.68
C LYS E 100 -10.88 21.00 -0.43
N GLY E 101 -11.75 21.59 -1.26
CA GLY E 101 -12.37 20.92 -2.38
C GLY E 101 -13.58 20.05 -2.05
N ARG E 102 -13.94 19.92 -0.78
CA ARG E 102 -15.00 19.00 -0.39
C ARG E 102 -15.94 19.58 0.66
N ALA E 103 -15.37 20.09 1.76
CA ALA E 103 -16.18 20.64 2.82
C ALA E 103 -16.86 21.93 2.36
N ALA E 104 -18.01 22.21 2.98
CA ALA E 104 -18.70 23.47 2.76
C ALA E 104 -18.04 24.59 3.54
N ASP E 105 -18.01 25.79 2.95
CA ASP E 105 -17.54 26.98 3.63
C ASP E 105 -18.71 27.62 4.36
N LEU E 106 -18.65 27.67 5.69
CA LEU E 106 -19.77 28.07 6.53
C LEU E 106 -19.72 29.52 6.99
N LYS E 107 -18.78 30.33 6.48
CA LYS E 107 -18.60 31.67 7.03
C LYS E 107 -19.84 32.55 6.81
N TYR E 108 -20.52 32.39 5.69
CA TYR E 108 -21.69 33.23 5.46
C TYR E 108 -22.84 32.86 6.38
N ILE E 109 -22.98 31.57 6.69
CA ILE E 109 -24.06 31.14 7.58
C ILE E 109 -23.85 31.67 8.99
N GLU E 110 -22.62 31.56 9.51
CA GLU E 110 -22.38 31.99 10.90
C GLU E 110 -22.56 33.50 11.05
N ALA E 111 -22.02 34.28 10.12
CA ALA E 111 -22.22 35.73 10.17
C ALA E 111 -23.70 36.08 10.07
N CYS E 112 -24.44 35.33 9.26
CA CYS E 112 -25.87 35.57 9.14
C CYS E 112 -26.57 35.32 10.47
N ALA E 113 -26.23 34.20 11.12
CA ALA E 113 -26.82 33.90 12.42
C ALA E 113 -26.49 34.98 13.44
N ARG E 114 -25.24 35.47 13.45
CA ARG E 114 -24.87 36.51 14.40
C ARG E 114 -25.63 37.81 14.12
N ARG E 115 -25.85 38.11 12.85
CA ARG E 115 -26.63 39.30 12.49
C ARG E 115 -28.07 39.19 12.98
N ILE E 116 -28.67 37.99 12.88
CA ILE E 116 -30.07 37.81 13.26
C ILE E 116 -30.25 38.06 14.75
N VAL E 117 -29.45 37.40 15.59
CA VAL E 117 -29.66 37.48 17.03
C VAL E 117 -29.32 38.89 17.52
N GLN E 118 -28.38 39.57 16.86
CA GLN E 118 -28.11 40.94 17.25
C GLN E 118 -29.31 41.84 16.99
N ASN E 119 -30.14 41.51 16.00
CA ASN E 119 -31.24 42.38 15.58
C ASN E 119 -32.62 41.86 15.97
N SER E 120 -32.71 40.92 16.90
CA SER E 120 -33.96 40.25 17.18
C SER E 120 -34.40 40.50 18.61
N ASN E 121 -35.72 40.67 18.79
CA ASN E 121 -36.33 40.66 20.11
C ASN E 121 -37.62 39.86 20.05
N GLY E 122 -38.00 39.30 21.20
CA GLY E 122 -39.23 38.56 21.25
C GLY E 122 -39.12 37.25 20.49
N TYR E 123 -40.24 36.82 19.92
CA TYR E 123 -40.37 35.52 19.30
C TYR E 123 -40.12 35.63 17.79
N LYS E 124 -39.24 34.77 17.28
CA LYS E 124 -39.01 34.62 15.85
C LYS E 124 -38.73 33.15 15.53
N ILE E 125 -39.07 32.75 14.31
CA ILE E 125 -38.70 31.45 13.77
C ILE E 125 -37.57 31.67 12.75
N VAL E 126 -36.45 30.96 12.94
CA VAL E 126 -35.29 31.09 12.07
C VAL E 126 -35.12 29.77 11.31
N THR E 127 -35.09 29.84 9.98
CA THR E 127 -35.20 28.67 9.14
C THR E 127 -34.02 28.58 8.19
N GLU E 128 -33.31 27.45 8.25
CA GLU E 128 -32.22 27.17 7.31
C GLU E 128 -32.78 26.71 5.97
N LYS E 129 -32.62 27.54 4.93
CA LYS E 129 -33.00 27.16 3.58
C LYS E 129 -31.81 26.72 2.75
N SER E 130 -30.65 27.34 2.93
CA SER E 130 -29.50 26.94 2.14
C SER E 130 -29.03 25.55 2.56
N THR E 131 -28.32 24.90 1.65
CA THR E 131 -27.81 23.56 1.93
C THR E 131 -26.73 23.67 3.00
N VAL E 132 -26.96 23.03 4.13
CA VAL E 132 -26.06 23.14 5.27
C VAL E 132 -25.59 21.74 5.60
N PRO E 133 -24.43 21.61 6.24
CA PRO E 133 -24.04 20.30 6.77
C PRO E 133 -24.95 19.89 7.92
N VAL E 134 -25.05 18.57 8.13
CA VAL E 134 -25.86 18.08 9.24
C VAL E 134 -25.27 18.58 10.54
N ARG E 135 -26.14 18.97 11.47
CA ARG E 135 -25.87 19.53 12.80
C ARG E 135 -25.59 21.04 12.72
N MET E 136 -25.75 21.67 11.55
CA MET E 136 -25.62 23.12 11.51
C MET E 136 -26.55 23.80 12.51
N ALA E 137 -27.79 23.30 12.64
CA ALA E 137 -28.75 23.96 13.52
C ALA E 137 -28.27 24.00 14.96
N GLU E 138 -27.49 22.99 15.39
CA GLU E 138 -26.91 23.02 16.72
C GLU E 138 -25.96 24.20 16.90
N SER E 139 -25.18 24.53 15.88
CA SER E 139 -24.29 25.69 15.97
C SER E 139 -25.09 26.99 16.03
N ILE E 140 -26.11 27.12 15.18
CA ILE E 140 -26.93 28.34 15.17
C ILE E 140 -27.62 28.53 16.52
N ARG E 141 -28.12 27.43 17.10
CA ARG E 141 -28.72 27.52 18.43
C ARG E 141 -27.70 27.98 19.47
N ARG E 142 -26.45 27.52 19.36
CA ARG E 142 -25.47 27.88 20.37
C ARG E 142 -25.08 29.35 20.23
N ILE E 143 -25.00 29.85 19.01
CA ILE E 143 -24.78 31.29 18.83
C ILE E 143 -25.93 32.09 19.43
N PHE E 144 -27.18 31.64 19.22
CA PHE E 144 -28.33 32.34 19.78
C PHE E 144 -28.31 32.31 21.30
N ASP E 145 -28.05 31.14 21.88
CA ASP E 145 -28.02 31.01 23.33
C ASP E 145 -26.95 31.90 23.97
N ALA E 146 -25.78 31.98 23.34
CA ALA E 146 -24.67 32.75 23.89
C ALA E 146 -24.89 34.26 23.81
N ASN E 147 -25.80 34.69 22.94
CA ASN E 147 -26.09 36.09 22.70
C ASN E 147 -27.54 36.42 23.06
N THR E 148 -28.06 35.74 24.08
CA THR E 148 -29.48 35.85 24.41
C THR E 148 -29.77 37.18 25.12
N LYS E 149 -31.04 37.56 25.09
CA LYS E 149 -31.59 38.77 25.71
C LYS E 149 -32.86 38.41 26.46
N PRO E 150 -33.30 39.26 27.39
CA PRO E 150 -34.63 39.07 27.98
C PRO E 150 -35.72 39.02 26.93
N ASN E 151 -36.65 38.07 27.10
CA ASN E 151 -37.79 37.84 26.24
C ASN E 151 -37.43 37.33 24.85
N LEU E 152 -36.17 36.98 24.60
CA LEU E 152 -35.79 36.50 23.29
C LEU E 152 -36.06 35.01 23.20
N ASN E 153 -36.79 34.60 22.16
CA ASN E 153 -37.17 33.21 21.97
C ASN E 153 -37.09 32.93 20.48
N LEU E 154 -35.91 32.48 20.03
CA LEU E 154 -35.65 32.19 18.62
C LEU E 154 -35.72 30.69 18.41
N GLN E 155 -36.65 30.25 17.56
CA GLN E 155 -36.80 28.85 17.21
C GLN E 155 -36.11 28.56 15.88
N VAL E 156 -35.30 27.51 15.84
CA VAL E 156 -34.53 27.17 14.63
C VAL E 156 -35.16 25.96 13.95
N LEU E 157 -35.48 26.11 12.65
CA LEU E 157 -36.01 25.05 11.81
C LEU E 157 -35.08 24.82 10.62
N SER E 158 -35.26 23.68 9.98
CA SER E 158 -34.63 23.34 8.71
C SER E 158 -35.73 23.19 7.65
N ASN E 159 -35.52 23.78 6.48
CA ASN E 159 -36.51 23.72 5.40
C ASN E 159 -35.78 23.80 4.05
N PRO E 160 -35.17 22.69 3.62
CA PRO E 160 -34.33 22.72 2.42
C PRO E 160 -35.13 22.96 1.15
N GLU E 161 -34.42 23.44 0.14
CA GLU E 161 -35.00 23.61 -1.19
C GLU E 161 -34.66 22.39 -2.03
N PHE E 162 -35.60 21.98 -2.90
CA PHE E 162 -35.35 20.89 -3.82
C PHE E 162 -35.56 21.30 -5.28
N LEU E 163 -35.60 22.59 -5.58
CA LEU E 163 -35.85 23.00 -6.96
C LEU E 163 -34.62 22.77 -7.82
N ALA E 164 -34.86 22.35 -9.06
CA ALA E 164 -33.81 22.20 -10.07
C ALA E 164 -33.86 23.41 -11.00
N GLU E 165 -32.70 23.98 -11.29
CA GLU E 165 -32.64 25.16 -12.16
C GLU E 165 -33.26 24.86 -13.52
N GLY E 166 -34.07 25.80 -14.01
CA GLY E 166 -34.82 25.68 -15.24
C GLY E 166 -36.29 25.42 -15.02
N THR E 167 -36.64 24.77 -13.91
CA THR E 167 -38.04 24.47 -13.56
C THR E 167 -38.36 24.98 -12.15
N ALA E 168 -37.71 26.06 -11.72
CA ALA E 168 -37.84 26.50 -10.33
C ALA E 168 -39.30 26.83 -9.99
N ILE E 169 -39.98 27.58 -10.86
CA ILE E 169 -41.32 28.03 -10.55
C ILE E 169 -42.30 26.86 -10.54
N LYS E 170 -42.22 25.99 -11.56
CA LYS E 170 -43.08 24.81 -11.56
C LYS E 170 -42.84 23.95 -10.33
N ASP E 171 -41.58 23.77 -9.95
CA ASP E 171 -41.27 22.95 -8.77
C ASP E 171 -41.71 23.63 -7.48
N LEU E 172 -41.65 24.96 -7.41
CA LEU E 172 -42.10 25.62 -6.20
C LEU E 172 -43.62 25.68 -6.14
N LYS E 173 -44.29 25.83 -7.28
CA LYS E 173 -45.75 25.85 -7.27
C LYS E 173 -46.35 24.46 -7.09
N ASN E 174 -45.64 23.40 -7.48
CA ASN E 174 -46.16 22.03 -7.39
C ASN E 174 -45.05 21.09 -6.95
N PRO E 175 -44.62 21.19 -5.70
CA PRO E 175 -43.47 20.39 -5.25
C PRO E 175 -43.85 18.93 -5.03
N ASP E 176 -42.88 18.05 -5.32
CA ASP E 176 -43.03 16.64 -4.92
C ASP E 176 -43.25 16.53 -3.43
N ARG E 177 -42.54 17.33 -2.65
CA ARG E 177 -42.74 17.37 -1.22
C ARG E 177 -42.09 18.62 -0.68
N VAL E 178 -42.60 19.06 0.47
CA VAL E 178 -42.00 20.11 1.28
C VAL E 178 -41.46 19.44 2.54
N LEU E 179 -40.23 19.76 2.89
CA LEU E 179 -39.58 19.13 4.03
C LEU E 179 -39.30 20.20 5.08
N ILE E 180 -39.80 19.97 6.31
CA ILE E 180 -39.61 20.90 7.42
C ILE E 180 -39.14 20.10 8.62
N GLY E 181 -37.99 20.45 9.15
CA GLY E 181 -37.44 19.78 10.32
C GLY E 181 -37.39 20.73 11.50
N GLY E 182 -37.74 20.23 12.68
CA GLY E 182 -37.63 21.01 13.90
C GLY E 182 -37.46 20.09 15.08
N ASP E 183 -37.17 20.70 16.24
CA ASP E 183 -37.03 19.95 17.48
C ASP E 183 -38.36 19.28 17.85
N GLU E 184 -38.26 18.13 18.50
CA GLU E 184 -39.48 17.43 18.92
C GLU E 184 -39.90 17.83 20.33
N THR E 185 -39.73 19.10 20.68
CA THR E 185 -40.23 19.73 21.89
C THR E 185 -41.52 20.48 21.59
N PRO E 186 -42.32 20.83 22.60
CA PRO E 186 -43.53 21.62 22.31
C PRO E 186 -43.24 22.94 21.60
N GLU E 187 -42.16 23.66 21.96
CA GLU E 187 -41.83 24.87 21.22
C GLU E 187 -41.41 24.57 19.78
N GLY E 188 -40.65 23.49 19.57
CA GLY E 188 -40.25 23.16 18.21
C GLY E 188 -41.43 22.80 17.33
N GLN E 189 -42.39 22.05 17.89
CA GLN E 189 -43.54 21.64 17.09
C GLN E 189 -44.46 22.81 16.75
N ARG E 190 -44.64 23.75 17.69
CA ARG E 190 -45.40 24.95 17.37
C ARG E 190 -44.75 25.70 16.22
N ALA E 191 -43.42 25.82 16.22
CA ALA E 191 -42.72 26.52 15.15
C ALA E 191 -42.87 25.77 13.84
N VAL E 192 -42.67 24.44 13.86
CA VAL E 192 -42.84 23.61 12.67
C VAL E 192 -44.24 23.79 12.09
N GLN E 193 -45.26 23.73 12.96
CA GLN E 193 -46.64 23.87 12.50
C GLN E 193 -46.92 25.26 11.92
N ALA E 194 -46.31 26.29 12.51
CA ALA E 194 -46.49 27.63 11.96
C ALA E 194 -45.95 27.73 10.54
N LEU E 195 -44.79 27.10 10.26
CA LEU E 195 -44.23 27.09 8.91
C LEU E 195 -45.05 26.17 7.97
N CYS E 196 -45.49 25.02 8.46
CA CYS E 196 -46.41 24.21 7.65
C CYS E 196 -47.60 25.03 7.20
N ALA E 197 -48.13 25.89 8.08
CA ALA E 197 -49.31 26.67 7.74
C ALA E 197 -49.07 27.65 6.59
N VAL E 198 -47.84 28.15 6.45
CA VAL E 198 -47.52 28.97 5.29
C VAL E 198 -47.64 28.16 4.00
N TYR E 199 -46.94 27.01 3.94
CA TYR E 199 -46.96 26.22 2.72
C TYR E 199 -48.35 25.63 2.44
N GLU E 200 -49.16 25.43 3.48
CA GLU E 200 -50.49 24.88 3.26
C GLU E 200 -51.42 25.84 2.51
N HIS E 201 -50.99 27.07 2.25
CA HIS E 201 -51.76 27.94 1.37
C HIS E 201 -51.79 27.44 -0.07
N TRP E 202 -50.85 26.59 -0.49
CA TRP E 202 -50.94 26.11 -1.87
C TRP E 202 -50.45 24.68 -2.06
N VAL E 203 -49.85 24.08 -1.03
CA VAL E 203 -49.31 22.71 -1.09
C VAL E 203 -50.26 21.82 -0.31
N PRO E 204 -50.74 20.72 -0.90
CA PRO E 204 -51.61 19.80 -0.15
C PRO E 204 -50.88 19.25 1.06
N ARG E 205 -51.64 19.04 2.14
CA ARG E 205 -51.04 18.60 3.40
C ARG E 205 -50.30 17.27 3.26
N GLU E 206 -50.76 16.40 2.36
CA GLU E 206 -50.09 15.13 2.14
C GLU E 206 -48.67 15.26 1.58
N LYS E 207 -48.32 16.41 1.02
CA LYS E 207 -46.98 16.60 0.45
C LYS E 207 -46.05 17.37 1.37
N ILE E 208 -46.48 17.66 2.60
CA ILE E 208 -45.66 18.36 3.57
C ILE E 208 -45.15 17.33 4.58
N LEU E 209 -43.85 17.13 4.62
CA LEU E 209 -43.25 16.14 5.49
C LEU E 209 -42.52 16.83 6.63
N THR E 210 -42.86 16.50 7.87
CA THR E 210 -42.17 17.05 9.03
C THR E 210 -41.33 15.97 9.70
N THR E 211 -40.10 16.34 10.08
CA THR E 211 -39.10 15.42 10.62
C THR E 211 -38.36 16.13 11.75
N ASN E 212 -37.37 15.46 12.34
CA ASN E 212 -36.54 16.23 13.25
C ASN E 212 -35.53 17.06 12.44
N THR E 213 -34.83 17.96 13.13
CA THR E 213 -33.95 18.90 12.45
C THR E 213 -32.86 18.16 11.66
N TRP E 214 -32.24 17.16 12.28
CA TRP E 214 -31.09 16.51 11.63
C TRP E 214 -31.52 15.73 10.40
N SER E 215 -32.68 15.06 10.45
CA SER E 215 -33.18 14.33 9.29
C SER E 215 -33.39 15.25 8.11
N SER E 216 -33.89 16.45 8.37
CA SER E 216 -34.18 17.38 7.29
C SER E 216 -32.91 17.84 6.59
N GLU E 217 -31.90 18.21 7.37
CA GLU E 217 -30.59 18.58 6.80
C GLU E 217 -29.98 17.43 5.99
N LEU E 218 -30.02 16.20 6.53
CA LEU E 218 -29.40 15.08 5.81
C LEU E 218 -30.18 14.70 4.56
N SER E 219 -31.51 14.82 4.59
CA SER E 219 -32.33 14.47 3.43
C SER E 219 -31.93 15.24 2.19
N LYS E 220 -31.58 16.52 2.35
CA LYS E 220 -31.20 17.30 1.19
C LYS E 220 -29.94 16.73 0.53
N LEU E 221 -28.90 16.45 1.33
CA LEU E 221 -27.66 15.86 0.81
C LEU E 221 -27.91 14.47 0.21
N ALA E 222 -28.62 13.62 0.94
CA ALA E 222 -28.87 12.25 0.48
C ALA E 222 -29.62 12.26 -0.84
N ALA E 223 -30.58 13.17 -1.01
CA ALA E 223 -31.40 13.16 -2.22
C ALA E 223 -30.55 13.42 -3.47
N ASN E 224 -29.71 14.46 -3.43
CA ASN E 224 -28.86 14.75 -4.60
C ASN E 224 -27.83 13.64 -4.84
N ALA E 225 -27.29 13.05 -3.77
CA ALA E 225 -26.35 11.94 -3.96
C ALA E 225 -27.03 10.73 -4.62
N PHE E 226 -28.27 10.41 -4.22
CA PHE E 226 -28.99 9.31 -4.85
C PHE E 226 -29.22 9.58 -6.33
N LEU E 227 -29.49 10.85 -6.69
CA LEU E 227 -29.70 11.18 -8.09
C LEU E 227 -28.41 11.07 -8.89
N ALA E 228 -27.32 11.64 -8.36
CA ALA E 228 -26.03 11.52 -9.02
C ALA E 228 -25.61 10.06 -9.15
N GLN E 229 -25.91 9.24 -8.13
CA GLN E 229 -25.56 7.83 -8.20
C GLN E 229 -26.30 7.12 -9.34
N ARG E 230 -27.54 7.50 -9.63
CA ARG E 230 -28.22 6.89 -10.78
C ARG E 230 -27.46 7.15 -12.07
N ILE E 231 -26.98 8.38 -12.25
CA ILE E 231 -26.25 8.73 -13.47
C ILE E 231 -24.92 8.00 -13.53
N SER E 232 -24.17 7.99 -12.42
CA SER E 232 -22.90 7.26 -12.43
C SER E 232 -23.11 5.76 -12.63
N SER E 233 -24.21 5.22 -12.14
CA SER E 233 -24.48 3.80 -12.33
C SER E 233 -24.74 3.50 -13.80
N ILE E 234 -25.59 4.30 -14.46
CA ILE E 234 -25.83 4.01 -15.88
C ILE E 234 -24.56 4.33 -16.72
N ASN E 235 -23.76 5.32 -16.30
CA ASN E 235 -22.52 5.59 -17.01
C ASN E 235 -21.54 4.44 -16.86
N SER E 236 -21.50 3.82 -15.68
CA SER E 236 -20.64 2.65 -15.52
C SER E 236 -21.10 1.53 -16.44
N ILE E 237 -22.42 1.36 -16.61
CA ILE E 237 -22.96 0.36 -17.53
C ILE E 237 -22.57 0.69 -18.98
N SER E 238 -22.44 1.98 -19.32
CA SER E 238 -22.11 2.33 -20.70
C SER E 238 -20.73 1.82 -21.08
N ALA E 239 -19.78 1.83 -20.15
CA ALA E 239 -18.44 1.30 -20.43
C ALA E 239 -18.49 -0.18 -20.70
N LEU E 240 -19.28 -0.89 -19.89
CA LEU E 240 -19.50 -2.32 -20.08
C LEU E 240 -20.23 -2.60 -21.40
N CYS E 241 -21.18 -1.74 -21.79
CA CYS E 241 -21.83 -1.88 -23.10
C CYS E 241 -20.82 -1.75 -24.24
N GLU E 242 -19.91 -0.76 -24.15
CA GLU E 242 -18.89 -0.62 -25.18
C GLU E 242 -18.02 -1.87 -25.27
N ALA E 243 -17.80 -2.55 -24.15
CA ALA E 243 -16.93 -3.71 -24.14
C ALA E 243 -17.62 -4.99 -24.61
N THR E 244 -18.96 -5.06 -24.58
CA THR E 244 -19.64 -6.32 -24.85
C THR E 244 -20.49 -6.32 -26.10
N GLY E 245 -20.82 -5.15 -26.66
CA GLY E 245 -21.76 -5.13 -27.76
C GLY E 245 -23.19 -4.88 -27.33
N ALA E 246 -23.46 -4.78 -26.03
CA ALA E 246 -24.73 -4.26 -25.56
C ALA E 246 -24.81 -2.78 -25.92
N ASP E 247 -26.02 -2.23 -25.84
CA ASP E 247 -26.26 -0.82 -26.16
C ASP E 247 -26.90 -0.17 -24.94
N VAL E 248 -26.27 0.90 -24.43
CA VAL E 248 -26.69 1.41 -23.12
C VAL E 248 -28.12 1.98 -23.15
N GLU E 249 -28.59 2.46 -24.30
CA GLU E 249 -29.97 2.94 -24.32
C GLU E 249 -30.96 1.78 -24.21
N GLU E 250 -30.70 0.66 -24.88
CA GLU E 250 -31.58 -0.50 -24.71
C GLU E 250 -31.56 -0.99 -23.26
N VAL E 251 -30.36 -1.05 -22.66
CA VAL E 251 -30.25 -1.51 -21.27
C VAL E 251 -30.94 -0.54 -20.31
N ALA E 252 -30.75 0.77 -20.51
CA ALA E 252 -31.39 1.76 -19.66
C ALA E 252 -32.91 1.68 -19.77
N THR E 253 -33.43 1.45 -20.98
CA THR E 253 -34.87 1.29 -21.14
C THR E 253 -35.37 0.06 -20.38
N ALA E 254 -34.67 -1.07 -20.53
CA ALA E 254 -35.10 -2.30 -19.86
C ALA E 254 -35.08 -2.12 -18.33
N ILE E 255 -34.03 -1.49 -17.82
CA ILE E 255 -33.90 -1.23 -16.39
C ILE E 255 -35.03 -0.33 -15.89
N GLY E 256 -35.26 0.77 -16.61
CA GLY E 256 -36.21 1.77 -16.15
C GLY E 256 -37.64 1.34 -16.17
N MET E 257 -37.96 0.28 -16.92
CA MET E 257 -39.32 -0.23 -16.91
C MET E 257 -39.64 -1.04 -15.67
N ASP E 258 -38.65 -1.41 -14.87
CA ASP E 258 -38.95 -1.90 -13.53
C ASP E 258 -39.46 -0.73 -12.71
N GLN E 259 -40.71 -0.79 -12.27
CA GLN E 259 -41.29 0.36 -11.56
C GLN E 259 -40.65 0.60 -10.20
N ARG E 260 -39.91 -0.36 -9.65
CA ARG E 260 -39.17 -0.09 -8.44
C ARG E 260 -37.93 0.77 -8.70
N ILE E 261 -37.46 0.83 -9.94
CA ILE E 261 -36.31 1.66 -10.30
C ILE E 261 -36.74 2.97 -10.94
N GLY E 262 -37.74 2.93 -11.81
CA GLY E 262 -38.20 4.10 -12.50
C GLY E 262 -37.31 4.44 -13.68
N ASN E 263 -37.86 5.26 -14.58
CA ASN E 263 -37.19 5.50 -15.85
C ASN E 263 -36.53 6.86 -15.93
N LYS E 264 -36.39 7.56 -14.80
CA LYS E 264 -35.79 8.88 -14.78
C LYS E 264 -34.31 8.82 -14.39
N PHE E 265 -33.54 9.78 -14.89
CA PHE E 265 -32.11 9.89 -14.57
C PHE E 265 -31.33 8.65 -14.98
N LEU E 266 -31.67 8.09 -16.15
CA LEU E 266 -30.97 6.94 -16.70
C LEU E 266 -30.37 7.20 -18.07
N LYS E 267 -30.10 8.46 -18.40
CA LYS E 267 -29.52 8.82 -19.69
C LYS E 267 -28.01 8.85 -19.54
N ALA E 268 -27.31 7.93 -20.19
CA ALA E 268 -25.85 7.94 -20.15
C ALA E 268 -25.30 9.18 -20.86
N SER E 269 -24.18 9.68 -20.35
CA SER E 269 -23.61 10.94 -20.80
C SER E 269 -22.10 10.90 -20.57
N VAL E 270 -21.42 11.95 -21.04
CA VAL E 270 -19.99 12.06 -20.78
C VAL E 270 -19.70 12.37 -19.32
N GLY E 271 -20.69 12.79 -18.56
CA GLY E 271 -20.63 12.95 -17.12
C GLY E 271 -21.60 14.05 -16.67
N PHE E 272 -22.11 13.91 -15.45
CA PHE E 272 -23.01 14.93 -14.93
C PHE E 272 -22.23 16.20 -14.54
N GLY E 273 -22.93 17.33 -14.56
CA GLY E 273 -22.35 18.60 -14.21
C GLY E 273 -23.31 19.47 -13.43
N GLY E 274 -23.05 20.76 -13.38
CA GLY E 274 -23.86 21.66 -12.60
C GLY E 274 -23.26 21.91 -11.23
N SER E 275 -23.79 22.93 -10.58
CA SER E 275 -23.26 23.45 -9.33
C SER E 275 -23.71 22.68 -8.09
N CYS E 276 -24.48 21.60 -8.24
CA CYS E 276 -25.09 20.93 -7.09
C CYS E 276 -24.59 19.51 -6.87
N PHE E 277 -24.56 18.68 -7.92
CA PHE E 277 -24.37 17.25 -7.71
C PHE E 277 -22.99 16.95 -7.13
N GLN E 278 -21.94 17.35 -7.82
CA GLN E 278 -20.60 17.07 -7.29
C GLN E 278 -20.42 17.71 -5.93
N LYS E 279 -20.85 18.98 -5.78
CA LYS E 279 -20.67 19.70 -4.52
C LYS E 279 -21.34 18.97 -3.37
N ASP E 280 -22.55 18.46 -3.58
CA ASP E 280 -23.28 17.84 -2.49
C ASP E 280 -22.72 16.46 -2.15
N VAL E 281 -22.32 15.69 -3.15
CA VAL E 281 -21.74 14.38 -2.88
C VAL E 281 -20.42 14.52 -2.16
N LEU E 282 -19.58 15.46 -2.62
CA LEU E 282 -18.32 15.72 -1.93
C LEU E 282 -18.54 16.21 -0.51
N ASN E 283 -19.59 17.01 -0.28
CA ASN E 283 -19.89 17.40 1.09
C ASN E 283 -20.30 16.19 1.93
N LEU E 284 -21.08 15.29 1.36
CA LEU E 284 -21.48 14.08 2.08
C LEU E 284 -20.26 13.20 2.42
N VAL E 285 -19.33 13.07 1.47
CA VAL E 285 -18.13 12.27 1.72
C VAL E 285 -17.32 12.89 2.87
N TYR E 286 -17.14 14.21 2.84
CA TYR E 286 -16.37 14.86 3.88
C TYR E 286 -17.02 14.65 5.25
N LEU E 287 -18.34 14.80 5.32
CA LEU E 287 -19.07 14.57 6.56
C LEU E 287 -18.78 13.18 7.12
N CYS E 288 -18.78 12.15 6.25
CA CYS E 288 -18.54 10.79 6.70
C CYS E 288 -17.13 10.63 7.25
N GLU E 289 -16.13 11.21 6.58
CA GLU E 289 -14.76 11.16 7.08
C GLU E 289 -14.67 11.81 8.46
N ALA E 290 -15.34 12.95 8.64
CA ALA E 290 -15.29 13.68 9.89
C ALA E 290 -15.94 12.90 11.03
N LEU E 291 -16.91 12.06 10.72
CA LEU E 291 -17.62 11.26 11.71
C LEU E 291 -17.03 9.85 11.86
N ASN E 292 -15.83 9.61 11.35
CA ASN E 292 -15.19 8.29 11.43
C ASN E 292 -16.03 7.22 10.77
N LEU E 293 -16.53 7.51 9.57
CA LEU E 293 -17.29 6.54 8.78
C LEU E 293 -16.61 6.32 7.43
N PRO E 294 -15.40 5.75 7.42
CA PRO E 294 -14.69 5.66 6.14
C PRO E 294 -15.33 4.71 5.14
N GLU E 295 -16.02 3.65 5.61
CA GLU E 295 -16.72 2.77 4.68
C GLU E 295 -17.80 3.54 3.93
N VAL E 296 -18.56 4.37 4.63
CA VAL E 296 -19.60 5.16 3.97
C VAL E 296 -18.97 6.19 3.06
N ALA E 297 -17.88 6.83 3.52
CA ALA E 297 -17.19 7.82 2.69
C ALA E 297 -16.72 7.21 1.38
N ARG E 298 -16.09 6.03 1.44
CA ARG E 298 -15.61 5.46 0.18
C ARG E 298 -16.77 4.95 -0.69
N TYR E 299 -17.90 4.57 -0.08
CA TYR E 299 -19.09 4.21 -0.86
C TYR E 299 -19.54 5.37 -1.74
N TRP E 300 -19.69 6.57 -1.14
CA TRP E 300 -20.19 7.70 -1.93
C TRP E 300 -19.11 8.34 -2.81
N GLN E 301 -17.83 8.22 -2.43
CA GLN E 301 -16.76 8.74 -3.29
C GLN E 301 -16.78 8.08 -4.67
N GLN E 302 -17.24 6.83 -4.76
CA GLN E 302 -17.32 6.15 -6.05
C GLN E 302 -18.22 6.86 -7.05
N VAL E 303 -19.27 7.56 -6.58
CA VAL E 303 -20.14 8.30 -7.50
C VAL E 303 -19.32 9.34 -8.25
N ILE E 304 -18.41 10.02 -7.54
CA ILE E 304 -17.53 11.02 -8.14
C ILE E 304 -16.43 10.36 -8.98
N ASP E 305 -15.80 9.30 -8.46
CA ASP E 305 -14.74 8.65 -9.23
C ASP E 305 -15.28 8.13 -10.57
N MET E 306 -16.49 7.58 -10.57
CA MET E 306 -17.07 7.09 -11.82
C MET E 306 -17.34 8.25 -12.78
N ASN E 307 -17.79 9.39 -12.24
CA ASN E 307 -18.00 10.56 -13.10
C ASN E 307 -16.69 11.04 -13.69
N ASP E 308 -15.63 11.11 -12.87
CA ASP E 308 -14.31 11.50 -13.38
C ASP E 308 -13.80 10.49 -14.40
N TYR E 309 -14.03 9.21 -14.16
CA TYR E 309 -13.59 8.19 -15.12
C TYR E 309 -14.37 8.30 -16.44
N GLN E 310 -15.67 8.59 -16.37
CA GLN E 310 -16.46 8.70 -17.60
C GLN E 310 -15.92 9.83 -18.50
N ARG E 311 -15.54 10.96 -17.91
CA ARG E 311 -14.98 12.05 -18.69
C ARG E 311 -13.61 11.71 -19.25
N ARG E 312 -12.71 11.23 -18.39
CA ARG E 312 -11.35 10.95 -18.80
C ARG E 312 -11.31 9.85 -19.87
N ARG E 313 -12.18 8.87 -19.72
CA ARG E 313 -12.32 7.80 -20.69
C ARG E 313 -12.78 8.32 -22.05
N PHE E 314 -13.72 9.26 -22.06
CA PHE E 314 -14.18 9.86 -23.32
C PHE E 314 -13.06 10.66 -24.01
N ALA E 315 -12.31 11.45 -23.24
CA ALA E 315 -11.18 12.18 -23.83
C ALA E 315 -10.12 11.23 -24.40
N SER E 316 -9.84 10.13 -23.70
CA SER E 316 -8.87 9.16 -24.19
C SER E 316 -9.33 8.45 -25.45
N ARG E 317 -10.64 8.20 -25.58
CA ARG E 317 -11.16 7.60 -26.81
C ARG E 317 -10.92 8.52 -27.99
N ILE E 318 -11.16 9.81 -27.80
CA ILE E 318 -10.90 10.77 -28.86
C ILE E 318 -9.44 10.69 -29.30
N ILE E 319 -8.53 10.77 -28.34
CA ILE E 319 -7.10 10.76 -28.65
C ILE E 319 -6.71 9.45 -29.34
N ASP E 320 -7.22 8.33 -28.83
CA ASP E 320 -6.89 7.02 -29.41
C ASP E 320 -7.46 6.88 -30.81
N SER E 321 -8.72 7.26 -31.02
CA SER E 321 -9.28 7.16 -32.36
C SER E 321 -8.57 8.07 -33.36
N LEU E 322 -8.10 9.24 -32.92
CA LEU E 322 -7.33 10.12 -33.80
C LEU E 322 -5.86 9.71 -33.90
N PHE E 323 -5.59 8.40 -34.01
CA PHE E 323 -4.24 7.88 -34.25
C PHE E 323 -3.25 8.25 -33.15
N ASN E 324 -3.76 8.40 -31.93
CA ASN E 324 -2.97 8.63 -30.72
C ASN E 324 -2.19 9.94 -30.77
N THR E 325 -2.61 10.90 -31.60
CA THR E 325 -2.01 12.23 -31.55
C THR E 325 -3.06 13.24 -32.00
N VAL E 326 -3.21 14.31 -31.22
CA VAL E 326 -4.09 15.41 -31.57
C VAL E 326 -3.38 16.74 -31.55
N THR E 327 -2.07 16.75 -31.29
CA THR E 327 -1.27 17.98 -31.32
C THR E 327 -1.42 18.71 -32.65
N ASP E 328 -1.82 19.98 -32.57
CA ASP E 328 -2.04 20.89 -33.70
C ASP E 328 -3.24 20.51 -34.56
N LYS E 329 -4.02 19.51 -34.16
CA LYS E 329 -5.22 19.14 -34.90
C LYS E 329 -6.39 20.03 -34.50
N LYS E 330 -7.12 20.50 -35.50
CA LYS E 330 -8.34 21.25 -35.25
C LYS E 330 -9.45 20.29 -34.87
N ILE E 331 -10.10 20.57 -33.74
CA ILE E 331 -11.19 19.76 -33.23
C ILE E 331 -12.33 20.68 -32.86
N ALA E 332 -13.53 20.39 -33.37
CA ALA E 332 -14.71 21.19 -33.06
C ALA E 332 -15.37 20.66 -31.79
N ILE E 333 -15.59 21.55 -30.83
CA ILE E 333 -16.32 21.23 -29.61
C ILE E 333 -17.69 21.87 -29.74
N LEU E 334 -18.74 21.04 -29.92
CA LEU E 334 -20.12 21.50 -30.03
C LEU E 334 -20.83 21.35 -28.69
N GLY E 335 -21.15 22.48 -28.06
CA GLY E 335 -21.82 22.48 -26.77
C GLY E 335 -20.85 22.68 -25.62
N PHE E 336 -21.04 23.73 -24.83
CA PHE E 336 -20.16 23.99 -23.70
C PHE E 336 -20.88 24.08 -22.36
N ALA E 337 -22.15 24.47 -22.33
CA ALA E 337 -22.92 24.52 -21.10
C ALA E 337 -23.03 23.13 -20.49
N PHE E 338 -23.31 23.08 -19.18
CA PHE E 338 -23.33 21.77 -18.52
C PHE E 338 -24.52 20.92 -18.95
N LYS E 339 -25.57 21.53 -19.50
CA LYS E 339 -26.70 20.82 -20.09
C LYS E 339 -27.34 21.76 -21.11
N LYS E 340 -28.29 21.23 -21.87
CA LYS E 340 -28.89 22.03 -22.92
C LYS E 340 -29.83 23.09 -22.34
N ASP E 341 -30.15 24.09 -23.18
CA ASP E 341 -31.13 25.13 -22.86
C ASP E 341 -30.73 25.92 -21.61
N THR E 342 -29.43 26.19 -21.46
CA THR E 342 -28.95 27.05 -20.39
C THR E 342 -27.61 27.63 -20.80
N GLY E 343 -27.27 28.78 -20.22
CA GLY E 343 -25.94 29.31 -20.36
C GLY E 343 -24.96 28.87 -19.30
N ASP E 344 -25.45 28.13 -18.29
CA ASP E 344 -24.64 27.72 -17.16
C ASP E 344 -23.58 26.71 -17.60
N THR E 345 -22.32 26.99 -17.25
CA THR E 345 -21.21 26.09 -17.56
C THR E 345 -20.62 25.43 -16.32
N ARG E 346 -21.23 25.61 -15.15
CA ARG E 346 -20.56 25.19 -13.92
C ARG E 346 -20.41 23.66 -13.87
N GLU E 347 -19.16 23.21 -13.69
CA GLU E 347 -18.79 21.80 -13.69
C GLU E 347 -19.26 21.12 -14.98
N SER E 348 -19.34 21.90 -16.06
CA SER E 348 -19.71 21.31 -17.33
C SER E 348 -18.65 20.29 -17.77
N SER E 349 -19.13 19.15 -18.26
CA SER E 349 -18.21 18.15 -18.79
C SER E 349 -17.40 18.68 -19.97
N SER E 350 -17.95 19.65 -20.72
CA SER E 350 -17.20 20.22 -21.83
C SER E 350 -15.90 20.87 -21.35
N ILE E 351 -15.90 21.42 -20.14
CA ILE E 351 -14.69 22.04 -19.60
C ILE E 351 -13.59 21.00 -19.45
N TYR E 352 -13.92 19.87 -18.82
CA TYR E 352 -12.90 18.85 -18.57
C TYR E 352 -12.45 18.19 -19.86
N ILE E 353 -13.38 17.84 -20.75
CA ILE E 353 -12.99 17.29 -22.05
C ILE E 353 -12.06 18.27 -22.78
N SER E 354 -12.42 19.56 -22.78
CA SER E 354 -11.58 20.57 -23.44
C SER E 354 -10.19 20.63 -22.83
N LYS E 355 -10.11 20.60 -21.50
CA LYS E 355 -8.80 20.71 -20.88
C LYS E 355 -7.93 19.50 -21.21
N TYR E 356 -8.53 18.30 -21.24
CA TYR E 356 -7.78 17.11 -21.62
C TYR E 356 -7.22 17.22 -23.03
N LEU E 357 -8.02 17.77 -23.96
CA LEU E 357 -7.54 17.92 -25.33
C LEU E 357 -6.55 19.07 -25.44
N MET E 358 -6.73 20.14 -24.64
CA MET E 358 -5.73 21.19 -24.60
C MET E 358 -4.40 20.67 -24.06
N ASP E 359 -4.45 19.76 -23.07
CA ASP E 359 -3.20 19.20 -22.55
C ASP E 359 -2.43 18.43 -23.62
N GLU E 360 -3.10 17.99 -24.68
CA GLU E 360 -2.45 17.34 -25.81
C GLU E 360 -2.04 18.33 -26.90
N GLY E 361 -2.38 19.61 -26.77
CA GLY E 361 -2.02 20.60 -27.77
C GLY E 361 -2.97 20.69 -28.94
N ALA E 362 -4.21 20.23 -28.78
CA ALA E 362 -5.22 20.35 -29.82
C ALA E 362 -5.64 21.80 -30.00
N HIS E 363 -6.02 22.15 -31.24
CA HIS E 363 -6.61 23.45 -31.56
C HIS E 363 -8.12 23.31 -31.47
N LEU E 364 -8.72 23.76 -30.37
CA LEU E 364 -10.16 23.62 -30.15
C LEU E 364 -10.90 24.81 -30.76
N HIS E 365 -11.96 24.51 -31.51
CA HIS E 365 -12.92 25.52 -31.97
C HIS E 365 -14.24 25.17 -31.30
N ILE E 366 -14.70 26.06 -30.41
CA ILE E 366 -15.80 25.78 -29.50
C ILE E 366 -17.01 26.59 -29.92
N TYR E 367 -18.15 25.91 -30.08
CA TYR E 367 -19.43 26.55 -30.37
C TYR E 367 -20.47 26.15 -29.33
N ASP E 368 -21.16 27.15 -28.77
CA ASP E 368 -22.30 26.91 -27.92
C ASP E 368 -23.31 28.01 -28.23
N PRO E 369 -24.58 27.67 -28.46
CA PRO E 369 -25.56 28.69 -28.86
C PRO E 369 -25.96 29.65 -27.75
N LYS E 370 -25.58 29.42 -26.49
CA LYS E 370 -26.06 30.29 -25.43
C LYS E 370 -24.95 30.83 -24.53
N VAL E 371 -23.90 30.05 -24.32
CA VAL E 371 -22.80 30.48 -23.43
C VAL E 371 -22.01 31.62 -24.08
N PRO E 372 -21.75 32.72 -23.38
CA PRO E 372 -21.00 33.83 -23.98
C PRO E 372 -19.51 33.52 -24.11
N ARG E 373 -18.87 34.25 -25.03
CA ARG E 373 -17.43 34.07 -25.27
C ARG E 373 -16.62 34.25 -24.00
N GLU E 374 -16.97 35.26 -23.19
CA GLU E 374 -16.12 35.58 -22.05
C GLU E 374 -16.10 34.46 -21.02
N GLN E 375 -17.24 33.78 -20.85
CA GLN E 375 -17.31 32.73 -19.85
C GLN E 375 -16.48 31.51 -20.25
N ILE E 376 -16.46 31.19 -21.54
CA ILE E 376 -15.67 30.05 -22.00
C ILE E 376 -14.20 30.31 -21.78
N VAL E 377 -13.73 31.54 -22.06
CA VAL E 377 -12.33 31.87 -21.83
C VAL E 377 -11.98 31.73 -20.35
N VAL E 378 -12.84 32.25 -19.48
CA VAL E 378 -12.60 32.14 -18.04
C VAL E 378 -12.55 30.67 -17.61
N ASP E 379 -13.50 29.87 -18.09
CA ASP E 379 -13.58 28.47 -17.65
C ASP E 379 -12.34 27.68 -18.05
N LEU E 380 -11.71 28.04 -19.15
CA LEU E 380 -10.54 27.31 -19.61
C LEU E 380 -9.23 27.95 -19.17
N SER E 381 -9.29 29.12 -18.54
CA SER E 381 -8.15 29.87 -18.06
C SER E 381 -7.80 29.52 -16.62
N HIS E 382 -6.63 29.99 -16.18
CA HIS E 382 -6.14 29.78 -14.83
C HIS E 382 -6.61 30.91 -13.91
N ASP E 389 -3.42 32.00 -21.38
CA ASP E 389 -2.28 31.98 -22.29
C ASP E 389 -2.33 30.71 -23.16
N GLN E 390 -2.53 29.56 -22.51
CA GLN E 390 -2.78 28.34 -23.25
C GLN E 390 -4.07 28.48 -24.06
N VAL E 391 -5.05 29.17 -23.48
CA VAL E 391 -6.30 29.47 -24.19
C VAL E 391 -6.02 30.28 -25.45
N SER E 392 -5.11 31.25 -25.37
CA SER E 392 -4.76 32.05 -26.55
C SER E 392 -4.23 31.17 -27.68
N ARG E 393 -3.30 30.27 -27.36
CA ARG E 393 -2.67 29.46 -28.40
C ARG E 393 -3.66 28.46 -29.01
N LEU E 394 -4.55 27.90 -28.19
CA LEU E 394 -5.24 26.69 -28.59
C LEU E 394 -6.75 26.83 -28.77
N VAL E 395 -7.39 27.89 -28.27
CA VAL E 395 -8.84 27.96 -28.15
C VAL E 395 -9.39 29.04 -29.08
N THR E 396 -10.30 28.64 -29.97
CA THR E 396 -11.07 29.56 -30.79
C THR E 396 -12.55 29.37 -30.46
N ILE E 397 -13.25 30.48 -30.30
CA ILE E 397 -14.69 30.43 -30.05
C ILE E 397 -15.41 30.80 -31.34
N SER E 398 -16.13 29.83 -31.90
CA SER E 398 -16.74 29.97 -33.22
C SER E 398 -18.14 30.55 -33.09
N LYS E 399 -18.55 31.31 -34.11
CA LYS E 399 -19.86 31.92 -34.07
C LYS E 399 -20.96 31.03 -34.63
N ASP E 400 -20.62 30.06 -35.48
CA ASP E 400 -21.58 29.12 -36.00
C ASP E 400 -20.93 27.74 -36.02
N PRO E 401 -21.73 26.68 -36.07
CA PRO E 401 -21.14 25.33 -35.98
C PRO E 401 -20.30 24.94 -37.18
N TYR E 402 -20.63 25.48 -38.37
CA TYR E 402 -19.93 25.06 -39.58
C TYR E 402 -18.51 25.59 -39.66
N GLU E 403 -18.30 26.82 -39.19
CA GLU E 403 -16.95 27.36 -39.08
C GLU E 403 -16.12 26.54 -38.10
N ALA E 404 -16.74 26.12 -36.98
CA ALA E 404 -16.04 25.26 -36.03
C ALA E 404 -15.61 23.95 -36.68
N CYS E 405 -16.40 23.43 -37.62
CA CYS E 405 -16.10 22.16 -38.26
C CYS E 405 -15.24 22.27 -39.52
N ASP E 406 -15.01 23.48 -40.01
CA ASP E 406 -14.30 23.67 -41.27
C ASP E 406 -12.82 23.27 -41.11
N GLY E 407 -12.39 22.26 -41.87
CA GLY E 407 -11.03 21.76 -41.74
C GLY E 407 -10.74 20.93 -40.51
N ALA E 408 -11.77 20.54 -39.76
CA ALA E 408 -11.55 19.79 -38.52
C ALA E 408 -11.27 18.31 -38.81
N HIS E 409 -10.58 17.68 -37.84
CA HIS E 409 -10.43 16.22 -37.85
C HIS E 409 -11.63 15.52 -37.19
N ALA E 410 -12.25 16.17 -36.21
CA ALA E 410 -13.29 15.53 -35.43
C ALA E 410 -14.26 16.56 -34.92
N VAL E 411 -15.51 16.15 -34.79
CA VAL E 411 -16.55 16.93 -34.14
C VAL E 411 -16.89 16.23 -32.84
N VAL E 412 -16.82 16.96 -31.72
CA VAL E 412 -17.06 16.42 -30.39
C VAL E 412 -18.31 17.09 -29.84
N ILE E 413 -19.37 16.31 -29.66
CA ILE E 413 -20.64 16.80 -29.16
C ILE E 413 -20.67 16.55 -27.65
N CYS E 414 -20.59 17.63 -26.87
CA CYS E 414 -20.51 17.54 -25.42
C CYS E 414 -21.78 17.97 -24.70
N THR E 415 -22.72 18.62 -25.40
CA THR E 415 -23.97 19.10 -24.81
C THR E 415 -25.13 18.79 -25.76
N GLU E 416 -26.23 18.30 -25.20
CA GLU E 416 -27.33 17.74 -25.99
C GLU E 416 -28.26 18.78 -26.63
N TRP E 417 -27.72 19.89 -27.16
CA TRP E 417 -28.54 20.88 -27.84
C TRP E 417 -29.28 20.26 -29.02
N ASP E 418 -30.57 20.58 -29.12
CA ASP E 418 -31.41 19.99 -30.16
C ASP E 418 -30.91 20.30 -31.57
N MET E 419 -30.31 21.47 -31.77
CA MET E 419 -29.88 21.89 -33.10
C MET E 419 -28.74 21.01 -33.67
N PHE E 420 -27.97 20.34 -32.81
CA PHE E 420 -26.88 19.52 -33.34
C PHE E 420 -27.41 18.32 -34.11
N LYS E 421 -28.62 17.87 -33.80
CA LYS E 421 -29.25 16.82 -34.57
C LYS E 421 -29.57 17.28 -35.99
N GLU E 422 -29.74 18.59 -36.18
CA GLU E 422 -30.25 19.15 -37.42
C GLU E 422 -29.18 19.72 -38.34
N LEU E 423 -27.90 19.59 -37.97
CA LEU E 423 -26.83 20.15 -38.78
C LEU E 423 -26.78 19.49 -40.17
N ASP E 424 -26.19 20.21 -41.12
CA ASP E 424 -25.95 19.68 -42.46
C ASP E 424 -24.63 18.92 -42.42
N TYR E 425 -24.68 17.64 -42.04
CA TYR E 425 -23.47 16.85 -41.89
C TYR E 425 -22.85 16.50 -43.22
N GLU E 426 -23.64 16.49 -44.30
CA GLU E 426 -23.05 16.30 -45.63
C GLU E 426 -22.09 17.44 -45.96
N ARG E 427 -22.51 18.68 -45.71
CA ARG E 427 -21.64 19.83 -45.89
C ARG E 427 -20.45 19.77 -44.96
N ILE E 428 -20.68 19.39 -43.70
CA ILE E 428 -19.58 19.33 -42.74
C ILE E 428 -18.54 18.32 -43.20
N HIS E 429 -18.99 17.17 -43.71
CA HIS E 429 -18.03 16.14 -44.10
C HIS E 429 -17.11 16.62 -45.21
N LYS E 430 -17.66 17.36 -46.18
CA LYS E 430 -16.86 17.76 -47.34
C LYS E 430 -15.64 18.56 -46.93
N LYS E 431 -15.76 19.39 -45.89
CA LYS E 431 -14.68 20.27 -45.50
C LYS E 431 -13.88 19.75 -44.30
N MET E 432 -14.23 18.59 -43.74
CA MET E 432 -13.36 18.05 -42.70
C MET E 432 -12.17 17.33 -43.33
N LEU E 433 -11.09 17.26 -42.58
CA LEU E 433 -9.97 16.41 -42.97
C LEU E 433 -10.37 14.94 -42.81
N LYS E 434 -9.72 14.08 -43.57
CA LYS E 434 -10.12 12.68 -43.62
C LYS E 434 -9.06 11.77 -43.00
N PRO E 435 -9.49 10.74 -42.26
CA PRO E 435 -10.87 10.36 -41.92
C PRO E 435 -11.53 11.32 -40.94
N ALA E 436 -12.82 11.58 -41.14
CA ALA E 436 -13.56 12.52 -40.30
C ALA E 436 -14.28 11.76 -39.18
N PHE E 437 -14.14 12.24 -37.95
CA PHE E 437 -14.73 11.59 -36.79
C PHE E 437 -15.83 12.44 -36.16
N ILE E 438 -16.87 11.77 -35.68
CA ILE E 438 -17.84 12.37 -34.77
C ILE E 438 -17.82 11.57 -33.48
N PHE E 439 -17.58 12.25 -32.35
CA PHE E 439 -17.66 11.66 -31.03
C PHE E 439 -18.87 12.27 -30.34
N ASP E 440 -19.93 11.47 -30.19
CA ASP E 440 -21.21 11.89 -29.63
C ASP E 440 -21.22 11.52 -28.14
N GLY E 441 -21.00 12.52 -27.30
CA GLY E 441 -21.02 12.30 -25.86
C GLY E 441 -22.38 12.40 -25.20
N ARG E 442 -23.46 12.54 -25.98
CA ARG E 442 -24.80 12.72 -25.44
C ARG E 442 -25.86 11.84 -26.08
N ARG E 443 -25.48 10.96 -27.00
CA ARG E 443 -26.43 10.11 -27.73
C ARG E 443 -27.46 10.93 -28.51
N VAL E 444 -27.12 12.17 -28.91
CA VAL E 444 -28.09 12.97 -29.68
C VAL E 444 -28.20 12.54 -31.13
N LEU E 445 -27.20 11.87 -31.67
CA LEU E 445 -27.22 11.44 -33.06
C LEU E 445 -27.75 10.02 -33.21
N ASP E 446 -28.37 9.48 -32.16
CA ASP E 446 -29.01 8.17 -32.25
C ASP E 446 -30.05 8.17 -33.37
N GLY E 447 -30.04 7.10 -34.16
CA GLY E 447 -30.92 6.97 -35.30
C GLY E 447 -30.37 7.55 -36.59
N LEU E 448 -29.35 8.40 -36.51
CA LEU E 448 -28.70 8.98 -37.67
C LEU E 448 -27.42 8.27 -38.04
N HIS E 449 -27.06 7.20 -37.31
CA HIS E 449 -25.74 6.58 -37.48
C HIS E 449 -25.59 5.97 -38.86
N ASN E 450 -26.63 5.32 -39.37
CA ASN E 450 -26.54 4.70 -40.68
C ASN E 450 -26.25 5.74 -41.76
N GLU E 451 -26.96 6.87 -41.72
CA GLU E 451 -26.75 7.90 -42.73
C GLU E 451 -25.38 8.55 -42.59
N LEU E 452 -24.94 8.83 -41.36
CA LEU E 452 -23.64 9.47 -41.16
C LEU E 452 -22.51 8.56 -41.65
N GLN E 453 -22.65 7.25 -41.48
CA GLN E 453 -21.60 6.34 -41.92
C GLN E 453 -21.51 6.27 -43.43
N THR E 454 -22.66 6.24 -44.12
CA THR E 454 -22.63 6.19 -45.59
C THR E 454 -22.08 7.48 -46.18
N ILE E 455 -22.28 8.61 -45.50
CA ILE E 455 -21.61 9.85 -45.90
C ILE E 455 -20.11 9.69 -45.82
N GLY E 456 -19.64 8.97 -44.80
CA GLY E 456 -18.23 8.69 -44.65
C GLY E 456 -17.67 8.91 -43.25
N PHE E 457 -18.49 9.37 -42.31
CA PHE E 457 -18.00 9.59 -40.95
C PHE E 457 -17.71 8.27 -40.25
N GLN E 458 -16.67 8.27 -39.41
CA GLN E 458 -16.57 7.29 -38.34
C GLN E 458 -17.17 7.92 -37.10
N ILE E 459 -18.25 7.34 -36.59
CA ILE E 459 -18.99 7.92 -35.49
C ILE E 459 -18.88 6.99 -34.29
N GLU E 460 -18.50 7.55 -33.16
CA GLU E 460 -18.40 6.84 -31.90
C GLU E 460 -19.27 7.54 -30.88
N THR E 461 -19.93 6.76 -30.02
CA THR E 461 -20.82 7.31 -29.02
C THR E 461 -20.68 6.54 -27.71
N ILE E 462 -21.12 7.19 -26.61
CA ILE E 462 -21.13 6.59 -25.29
C ILE E 462 -22.00 5.32 -25.31
N GLY E 463 -21.48 4.22 -24.76
CA GLY E 463 -22.29 3.05 -24.51
C GLY E 463 -22.69 2.25 -25.74
N LYS E 464 -21.93 2.36 -26.82
CA LYS E 464 -22.20 1.60 -28.03
C LYS E 464 -20.85 1.20 -28.62
N LYS E 465 -20.70 -0.10 -28.91
CA LYS E 465 -19.44 -0.61 -29.44
C LYS E 465 -19.15 0.01 -30.80
N VAL E 466 -17.89 0.32 -31.05
CA VAL E 466 -17.51 0.95 -32.31
C VAL E 466 -17.61 -0.07 -33.44
N SER E 467 -18.33 0.30 -34.50
CA SER E 467 -18.48 -0.58 -35.66
C SER E 467 -19.01 0.20 -36.87
N MET F 1 48.67 13.04 34.17
CA MET F 1 49.75 13.42 33.27
C MET F 1 49.55 14.85 32.75
N PHE F 2 48.98 14.97 31.56
CA PHE F 2 49.01 16.21 30.79
C PHE F 2 48.06 17.25 31.37
N GLU F 3 48.57 18.47 31.60
CA GLU F 3 47.77 19.56 32.16
C GLU F 3 47.46 20.57 31.07
N ILE F 4 46.16 20.75 30.83
CA ILE F 4 45.66 21.72 29.87
C ILE F 4 45.74 23.12 30.49
N LYS F 5 46.49 24.00 29.84
CA LYS F 5 46.64 25.39 30.29
C LYS F 5 46.00 26.40 29.34
N LYS F 6 45.82 26.04 28.08
CA LYS F 6 45.19 26.92 27.09
C LYS F 6 44.15 26.11 26.34
N ILE F 7 42.94 26.67 26.25
CA ILE F 7 41.80 26.05 25.59
C ILE F 7 41.33 26.98 24.48
N CYS F 8 41.06 26.41 23.31
CA CYS F 8 40.45 27.15 22.22
C CYS F 8 39.12 26.50 21.88
N CYS F 9 38.08 27.32 21.79
CA CYS F 9 36.75 26.82 21.47
C CYS F 9 36.31 27.42 20.14
N ILE F 10 36.16 26.57 19.13
CA ILE F 10 35.71 27.01 17.81
C ILE F 10 34.19 26.88 17.78
N GLY F 11 33.50 28.00 17.64
CA GLY F 11 32.06 28.04 17.74
C GLY F 11 31.60 28.84 18.94
N ALA F 12 30.90 29.94 18.71
CA ALA F 12 30.49 30.85 19.77
C ALA F 12 28.97 30.84 19.96
N GLY F 13 28.35 29.68 19.81
CA GLY F 13 26.92 29.49 19.98
C GLY F 13 26.53 28.97 21.35
N TYR F 14 25.43 28.21 21.38
CA TYR F 14 24.91 27.66 22.63
C TYR F 14 25.79 26.52 23.15
N VAL F 15 26.44 25.79 22.26
CA VAL F 15 27.30 24.70 22.70
C VAL F 15 28.57 25.25 23.35
N GLY F 16 29.33 26.06 22.60
CA GLY F 16 30.62 26.57 23.05
C GLY F 16 30.67 27.67 24.09
N GLY F 17 29.90 28.74 23.88
CA GLY F 17 29.99 29.94 24.69
C GLY F 17 29.82 29.77 26.19
N PRO F 18 28.65 29.29 26.63
CA PRO F 18 28.43 29.14 28.08
C PRO F 18 29.37 28.15 28.77
N THR F 19 29.65 27.01 28.14
CA THR F 19 30.56 26.03 28.72
C THR F 19 31.96 26.59 28.91
N CYS F 20 32.49 27.27 27.91
CA CYS F 20 33.82 27.82 28.03
C CYS F 20 33.85 28.99 29.00
N SER F 21 32.75 29.71 29.13
CA SER F 21 32.69 30.75 30.14
C SER F 21 32.78 30.15 31.53
N VAL F 22 32.07 29.04 31.77
CA VAL F 22 32.07 28.43 33.09
C VAL F 22 33.43 27.82 33.40
N ILE F 23 34.06 27.20 32.39
CA ILE F 23 35.40 26.65 32.57
C ILE F 23 36.37 27.75 33.00
N ALA F 24 36.35 28.89 32.29
CA ALA F 24 37.21 30.00 32.68
C ALA F 24 36.88 30.44 34.10
N HIS F 25 35.59 30.49 34.44
CA HIS F 25 35.19 30.94 35.77
C HIS F 25 35.71 30.01 36.86
N MET F 26 35.69 28.71 36.61
CA MET F 26 36.07 27.74 37.64
C MET F 26 37.55 27.42 37.67
N CYS F 27 38.31 27.75 36.62
CA CYS F 27 39.72 27.37 36.50
C CYS F 27 40.55 28.62 36.22
N PRO F 28 40.87 29.40 37.26
CA PRO F 28 41.56 30.69 37.02
C PRO F 28 42.91 30.54 36.31
N GLU F 29 43.57 29.40 36.44
CA GLU F 29 44.88 29.19 35.83
C GLU F 29 44.80 28.79 34.36
N ILE F 30 43.61 28.52 33.82
CA ILE F 30 43.44 28.12 32.43
C ILE F 30 43.00 29.34 31.62
N ARG F 31 43.69 29.59 30.51
CA ARG F 31 43.31 30.61 29.56
C ARG F 31 42.35 29.99 28.55
N VAL F 32 41.17 30.60 28.39
CA VAL F 32 40.10 30.07 27.56
C VAL F 32 39.77 31.08 26.47
N THR F 33 39.89 30.67 25.21
CA THR F 33 39.65 31.55 24.08
C THR F 33 38.56 30.98 23.20
N VAL F 34 37.48 31.73 23.04
CA VAL F 34 36.37 31.34 22.17
C VAL F 34 36.55 32.08 20.85
N VAL F 35 36.58 31.34 19.74
CA VAL F 35 36.82 31.93 18.43
C VAL F 35 35.69 31.55 17.48
N ASP F 36 35.45 32.43 16.50
CA ASP F 36 34.36 32.25 15.56
C ASP F 36 34.59 33.17 14.37
N VAL F 37 34.17 32.71 13.19
CA VAL F 37 34.27 33.54 11.98
C VAL F 37 33.21 34.65 11.96
N ASN F 38 32.10 34.48 12.67
CA ASN F 38 31.04 35.49 12.67
C ASN F 38 31.51 36.65 13.53
N GLU F 39 31.93 37.73 12.86
CA GLU F 39 32.49 38.87 13.58
C GLU F 39 31.45 39.56 14.46
N SER F 40 30.18 39.50 14.06
CA SER F 40 29.12 40.08 14.89
C SER F 40 29.05 39.38 16.23
N ARG F 41 29.10 38.05 16.23
CA ARG F 41 29.01 37.29 17.46
C ARG F 41 30.18 37.59 18.39
N ILE F 42 31.40 37.59 17.85
CA ILE F 42 32.57 37.81 18.72
C ILE F 42 32.47 39.18 19.39
N ASN F 43 32.03 40.19 18.65
CA ASN F 43 31.85 41.51 19.23
C ASN F 43 30.76 41.50 20.30
N ALA F 44 29.64 40.85 20.00
CA ALA F 44 28.55 40.76 20.97
C ALA F 44 29.01 40.07 22.24
N TRP F 45 29.78 38.98 22.13
CA TRP F 45 30.35 38.33 23.29
C TRP F 45 31.29 39.26 24.05
N ASN F 46 31.97 40.16 23.34
CA ASN F 46 32.85 41.14 23.96
C ASN F 46 32.12 42.43 24.32
N SER F 47 30.80 42.48 24.16
CA SER F 47 29.99 43.65 24.46
C SER F 47 29.23 43.44 25.76
N PRO F 48 28.64 44.50 26.32
CA PRO F 48 27.82 44.32 27.52
C PRO F 48 26.47 43.62 27.28
N THR F 49 26.14 43.24 26.04
CA THR F 49 24.91 42.52 25.71
C THR F 49 25.26 41.26 24.93
N LEU F 50 25.05 40.09 25.56
CA LEU F 50 25.45 38.79 25.06
C LEU F 50 24.49 38.24 24.01
N PRO F 51 24.99 37.47 23.04
CA PRO F 51 24.13 37.00 21.94
C PRO F 51 23.13 35.93 22.32
N ILE F 52 23.27 35.28 23.48
CA ILE F 52 22.27 34.35 23.98
C ILE F 52 21.94 34.74 25.41
N TYR F 53 20.69 34.55 25.79
CA TYR F 53 20.26 34.91 27.14
C TYR F 53 20.16 33.66 27.99
N GLU F 54 20.90 33.65 29.09
CA GLU F 54 20.82 32.61 30.08
C GLU F 54 21.00 33.31 31.42
N PRO F 55 20.14 33.04 32.39
CA PRO F 55 20.36 33.60 33.73
C PRO F 55 21.73 33.24 34.28
N GLY F 56 22.40 34.26 34.83
CA GLY F 56 23.70 34.08 35.43
C GLY F 56 24.86 34.11 34.46
N LEU F 57 24.60 34.04 33.15
CA LEU F 57 25.69 33.97 32.19
C LEU F 57 26.44 35.27 32.13
N LYS F 58 25.70 36.38 32.16
CA LYS F 58 26.32 37.70 32.17
C LYS F 58 27.30 37.85 33.34
N GLU F 59 26.86 37.48 34.54
CA GLU F 59 27.75 37.54 35.71
C GLU F 59 29.00 36.68 35.50
N VAL F 60 28.83 35.47 34.99
CA VAL F 60 29.96 34.58 34.75
C VAL F 60 30.95 35.23 33.78
N VAL F 61 30.44 35.71 32.64
CA VAL F 61 31.28 36.28 31.60
C VAL F 61 32.00 37.53 32.10
N GLU F 62 31.29 38.39 32.85
CA GLU F 62 31.91 39.62 33.29
C GLU F 62 32.97 39.38 34.35
N SER F 63 32.92 38.23 35.03
CA SER F 63 33.93 37.91 36.03
C SER F 63 35.25 37.43 35.44
N CYS F 64 35.26 36.95 34.17
CA CYS F 64 36.47 36.43 33.54
C CYS F 64 36.93 37.14 32.28
N ARG F 65 36.03 37.80 31.55
CA ARG F 65 36.41 38.31 30.26
C ARG F 65 37.51 39.34 30.40
N GLY F 66 38.58 39.16 29.64
CA GLY F 66 39.77 39.98 29.76
C GLY F 66 40.76 39.49 30.80
N LYS F 67 40.35 38.55 31.66
CA LYS F 67 41.27 37.98 32.65
C LYS F 67 41.83 36.67 32.13
N ASN F 68 40.97 35.63 32.03
CA ASN F 68 41.34 34.36 31.42
C ASN F 68 40.31 33.87 30.41
N LEU F 69 39.28 34.67 30.10
CA LEU F 69 38.29 34.36 29.08
C LEU F 69 38.37 35.43 27.98
N PHE F 70 38.48 34.99 26.74
CA PHE F 70 38.65 35.89 25.60
C PHE F 70 37.77 35.44 24.44
N PHE F 71 37.23 36.42 23.71
CA PHE F 71 36.48 36.16 22.50
C PHE F 71 37.20 36.86 21.36
N SER F 72 37.52 36.13 20.29
CA SER F 72 38.35 36.67 19.23
C SER F 72 38.01 36.03 17.90
N THR F 73 38.30 36.74 16.82
CA THR F 73 38.15 36.19 15.48
C THR F 73 39.43 35.58 14.95
N ASN F 74 40.52 35.62 15.73
CA ASN F 74 41.81 35.09 15.32
C ASN F 74 41.82 33.58 15.56
N ILE F 75 41.20 32.87 14.62
CA ILE F 75 41.04 31.42 14.79
C ILE F 75 42.40 30.73 14.75
N ASP F 76 43.27 31.16 13.84
CA ASP F 76 44.49 30.41 13.57
C ASP F 76 45.44 30.42 14.78
N ASP F 77 45.70 31.60 15.36
CA ASP F 77 46.62 31.67 16.49
C ASP F 77 46.02 31.03 17.76
N ALA F 78 44.71 31.19 17.98
CA ALA F 78 44.10 30.50 19.11
C ALA F 78 44.26 28.98 18.99
N ILE F 79 44.15 28.44 17.78
CA ILE F 79 44.42 27.02 17.59
C ILE F 79 45.88 26.71 17.87
N LYS F 80 46.80 27.51 17.31
CA LYS F 80 48.22 27.21 17.43
C LYS F 80 48.65 27.10 18.90
N GLU F 81 48.12 27.98 19.75
CA GLU F 81 48.55 28.04 21.13
C GLU F 81 47.87 27.03 22.04
N ALA F 82 46.74 26.47 21.62
CA ALA F 82 45.89 25.72 22.51
C ALA F 82 46.46 24.34 22.83
N ASP F 83 46.26 23.92 24.08
CA ASP F 83 46.47 22.52 24.45
C ASP F 83 45.24 21.68 24.15
N LEU F 84 44.06 22.28 24.24
CA LEU F 84 42.79 21.61 24.03
C LEU F 84 41.96 22.48 23.08
N VAL F 85 41.44 21.87 22.03
CA VAL F 85 40.56 22.56 21.09
C VAL F 85 39.18 21.91 21.14
N PHE F 86 38.16 22.70 21.46
CA PHE F 86 36.77 22.25 21.36
C PHE F 86 36.22 22.58 19.98
N ILE F 87 35.61 21.58 19.35
CA ILE F 87 34.80 21.78 18.15
C ILE F 87 33.36 21.97 18.62
N SER F 88 32.83 23.19 18.47
CA SER F 88 31.51 23.57 18.95
C SER F 88 30.71 24.29 17.87
N VAL F 89 30.88 23.92 16.60
CA VAL F 89 30.14 24.58 15.53
C VAL F 89 28.78 23.90 15.39
N ASN F 90 27.87 24.53 14.66
CA ASN F 90 26.51 23.98 14.60
C ASN F 90 26.45 22.78 13.66
N THR F 91 25.46 21.93 13.91
CA THR F 91 25.15 20.80 13.03
C THR F 91 23.66 20.86 12.72
N PRO F 92 23.24 21.85 11.94
CA PRO F 92 21.81 21.98 11.62
C PRO F 92 21.31 20.80 10.81
N THR F 93 19.98 20.64 10.76
CA THR F 93 19.42 19.64 9.87
C THR F 93 19.64 20.10 8.44
N LYS F 94 20.06 19.16 7.57
CA LYS F 94 20.17 19.45 6.15
C LYS F 94 18.80 19.84 5.59
N THR F 95 18.78 20.90 4.81
CA THR F 95 17.58 21.36 4.11
C THR F 95 17.65 21.06 2.62
N TYR F 96 18.54 20.16 2.20
CA TYR F 96 18.82 19.94 0.78
C TYR F 96 19.49 18.57 0.65
N GLY F 97 19.34 17.96 -0.53
CA GLY F 97 20.11 16.78 -0.88
C GLY F 97 19.74 15.53 -0.09
N MET F 98 20.71 14.63 0.03
CA MET F 98 20.50 13.36 0.71
C MET F 98 20.20 13.59 2.18
N GLY F 99 19.11 12.99 2.65
CA GLY F 99 18.72 13.15 4.04
C GLY F 99 18.10 14.48 4.35
N LYS F 100 17.67 15.22 3.32
CA LYS F 100 16.95 16.48 3.54
C LYS F 100 15.85 16.29 4.57
N GLY F 101 15.81 17.19 5.55
CA GLY F 101 14.83 17.14 6.62
C GLY F 101 15.18 16.22 7.78
N ARG F 102 16.24 15.43 7.67
CA ARG F 102 16.58 14.53 8.75
C ARG F 102 18.06 14.40 9.10
N ALA F 103 18.92 14.30 8.09
CA ALA F 103 20.34 14.14 8.37
C ALA F 103 20.95 15.41 8.97
N ALA F 104 22.02 15.21 9.73
CA ALA F 104 22.79 16.32 10.24
C ALA F 104 23.67 16.85 9.11
N ASP F 105 23.80 18.17 9.05
CA ASP F 105 24.69 18.81 8.09
C ASP F 105 26.07 18.96 8.71
N LEU F 106 27.07 18.27 8.13
CA LEU F 106 28.39 18.15 8.73
C LEU F 106 29.44 19.09 8.14
N LYS F 107 29.06 20.00 7.23
CA LYS F 107 30.07 20.77 6.52
C LYS F 107 30.89 21.65 7.47
N TYR F 108 30.26 22.20 8.52
CA TYR F 108 31.00 23.08 9.41
C TYR F 108 31.99 22.29 10.27
N ILE F 109 31.60 21.09 10.71
CA ILE F 109 32.51 20.28 11.50
C ILE F 109 33.73 19.88 10.69
N GLU F 110 33.52 19.46 9.44
CA GLU F 110 34.65 19.02 8.64
C GLU F 110 35.60 20.18 8.34
N ALA F 111 35.06 21.35 7.97
CA ALA F 111 35.91 22.51 7.73
C ALA F 111 36.69 22.88 8.98
N CYS F 112 36.05 22.71 10.14
CA CYS F 112 36.71 22.97 11.40
C CYS F 112 37.86 22.01 11.61
N ALA F 113 37.63 20.71 11.35
CA ALA F 113 38.69 19.72 11.46
C ALA F 113 39.86 20.02 10.54
N ARG F 114 39.57 20.42 9.29
CA ARG F 114 40.66 20.73 8.37
C ARG F 114 41.45 21.96 8.81
N ARG F 115 40.75 22.95 9.37
CA ARG F 115 41.41 24.14 9.89
C ARG F 115 42.34 23.80 11.04
N ILE F 116 41.92 22.88 11.92
CA ILE F 116 42.73 22.55 13.09
C ILE F 116 44.06 21.93 12.69
N VAL F 117 44.01 20.88 11.86
CA VAL F 117 45.24 20.17 11.55
C VAL F 117 46.16 21.08 10.72
N GLN F 118 45.59 21.96 9.91
CA GLN F 118 46.42 22.89 9.15
C GLN F 118 47.18 23.85 10.06
N ASN F 119 46.63 24.20 11.22
CA ASN F 119 47.23 25.22 12.09
C ASN F 119 47.85 24.64 13.35
N SER F 120 48.10 23.33 13.39
CA SER F 120 48.52 22.64 14.61
C SER F 120 49.92 22.06 14.46
N ASN F 121 50.68 22.11 15.54
CA ASN F 121 51.94 21.37 15.66
C ASN F 121 52.03 20.78 17.05
N GLY F 122 52.81 19.72 17.16
CA GLY F 122 53.01 19.11 18.45
C GLY F 122 51.74 18.42 18.92
N TYR F 123 51.57 18.38 20.23
CA TYR F 123 50.52 17.62 20.88
C TYR F 123 49.32 18.52 21.17
N LYS F 124 48.13 18.09 20.76
CA LYS F 124 46.90 18.78 21.13
C LYS F 124 45.80 17.74 21.31
N ILE F 125 44.84 18.06 22.17
CA ILE F 125 43.61 17.30 22.31
C ILE F 125 42.51 18.05 21.59
N VAL F 126 41.82 17.36 20.70
CA VAL F 126 40.70 17.90 19.93
C VAL F 126 39.44 17.19 20.38
N THR F 127 38.44 17.94 20.83
CA THR F 127 37.28 17.38 21.50
C THR F 127 35.99 17.79 20.79
N GLU F 128 35.18 16.80 20.37
CA GLU F 128 33.85 17.07 19.80
C GLU F 128 32.88 17.44 20.91
N LYS F 129 32.44 18.69 20.91
CA LYS F 129 31.44 19.20 21.84
C LYS F 129 30.05 19.25 21.19
N SER F 130 30.00 19.61 19.91
CA SER F 130 28.71 19.71 19.25
C SER F 130 28.09 18.33 19.04
N THR F 131 26.77 18.34 18.87
CA THR F 131 26.05 17.10 18.65
C THR F 131 26.38 16.55 17.28
N VAL F 132 26.97 15.37 17.24
CA VAL F 132 27.44 14.78 15.98
C VAL F 132 26.77 13.43 15.81
N PRO F 133 26.66 12.95 14.59
CA PRO F 133 26.26 11.55 14.41
C PRO F 133 27.37 10.64 14.92
N VAL F 134 26.97 9.43 15.33
CA VAL F 134 27.94 8.45 15.81
C VAL F 134 28.93 8.14 14.70
N ARG F 135 30.20 8.01 15.08
CA ARG F 135 31.38 7.79 14.24
C ARG F 135 31.93 9.06 13.58
N MET F 136 31.44 10.23 13.95
CA MET F 136 32.05 11.47 13.45
C MET F 136 33.54 11.50 13.75
N ALA F 137 33.94 11.03 14.94
CA ALA F 137 35.34 11.06 15.34
C ALA F 137 36.22 10.25 14.39
N GLU F 138 35.67 9.19 13.77
CA GLU F 138 36.47 8.43 12.81
C GLU F 138 36.79 9.28 11.59
N SER F 139 35.83 10.07 11.14
CA SER F 139 36.11 10.96 10.02
C SER F 139 37.16 11.99 10.39
N ILE F 140 37.05 12.57 11.59
CA ILE F 140 38.02 13.59 12.01
C ILE F 140 39.42 12.98 12.11
N ARG F 141 39.52 11.78 12.69
CA ARG F 141 40.82 11.13 12.80
C ARG F 141 41.43 10.87 11.43
N ARG F 142 40.60 10.50 10.44
CA ARG F 142 41.12 10.27 9.09
C ARG F 142 41.62 11.55 8.45
N ILE F 143 40.91 12.65 8.67
CA ILE F 143 41.39 13.93 8.14
C ILE F 143 42.74 14.25 8.75
N PHE F 144 42.88 14.05 10.06
CA PHE F 144 44.14 14.32 10.75
C PHE F 144 45.25 13.39 10.26
N ASP F 145 44.97 12.09 10.12
CA ASP F 145 45.99 11.15 9.67
C ASP F 145 46.46 11.49 8.26
N ALA F 146 45.53 11.86 7.38
CA ALA F 146 45.90 12.13 6.00
C ALA F 146 46.68 13.45 5.85
N ASN F 147 46.62 14.34 6.83
CA ASN F 147 47.29 15.64 6.75
C ASN F 147 48.35 15.78 7.84
N THR F 148 49.00 14.68 8.19
CA THR F 148 49.90 14.70 9.33
C THR F 148 51.23 15.38 8.99
N LYS F 149 51.95 15.79 10.02
CA LYS F 149 53.26 16.43 9.95
C LYS F 149 54.18 15.73 10.94
N PRO F 150 55.50 15.86 10.78
CA PRO F 150 56.41 15.37 11.81
C PRO F 150 56.11 16.03 13.15
N ASN F 151 56.11 15.22 14.21
CA ASN F 151 55.85 15.66 15.58
C ASN F 151 54.44 16.22 15.77
N LEU F 152 53.46 15.77 14.98
CA LEU F 152 52.07 16.13 15.20
C LEU F 152 51.34 14.98 15.86
N ASN F 153 50.63 15.27 16.95
CA ASN F 153 49.94 14.23 17.72
C ASN F 153 48.60 14.79 18.19
N LEU F 154 47.55 14.59 17.40
CA LEU F 154 46.23 15.10 17.70
C LEU F 154 45.38 13.97 18.28
N GLN F 155 44.99 14.10 19.54
CA GLN F 155 44.10 13.11 20.15
C GLN F 155 42.67 13.61 20.06
N VAL F 156 41.77 12.75 19.58
CA VAL F 156 40.37 13.11 19.36
C VAL F 156 39.49 12.50 20.45
N LEU F 157 38.72 13.35 21.14
CA LEU F 157 37.79 12.94 22.19
C LEU F 157 36.37 13.37 21.82
N SER F 158 35.40 12.80 22.51
CA SER F 158 34.00 13.24 22.50
C SER F 158 33.62 13.76 23.88
N ASN F 159 32.96 14.92 23.95
CA ASN F 159 32.56 15.52 25.23
C ASN F 159 31.31 16.34 25.01
N PRO F 160 30.16 15.67 24.84
CA PRO F 160 28.93 16.39 24.50
C PRO F 160 28.41 17.24 25.65
N GLU F 161 27.58 18.20 25.28
CA GLU F 161 26.94 19.10 26.21
C GLU F 161 25.52 18.64 26.51
N PHE F 162 25.13 18.73 27.78
CA PHE F 162 23.81 18.32 28.22
C PHE F 162 23.03 19.46 28.89
N LEU F 163 23.39 20.71 28.67
CA LEU F 163 22.70 21.78 29.36
C LEU F 163 21.29 21.95 28.80
N ALA F 164 20.34 22.25 29.67
CA ALA F 164 18.97 22.51 29.28
C ALA F 164 18.75 24.00 29.17
N GLU F 165 18.11 24.43 28.09
CA GLU F 165 17.87 25.85 27.86
C GLU F 165 17.09 26.45 29.03
N GLY F 166 17.60 27.57 29.55
CA GLY F 166 17.00 28.24 30.69
C GLY F 166 17.74 28.02 32.01
N THR F 167 18.41 26.89 32.16
CA THR F 167 19.15 26.57 33.37
C THR F 167 20.60 26.24 33.06
N ALA F 168 21.13 26.82 31.99
CA ALA F 168 22.45 26.45 31.49
C ALA F 168 23.54 26.66 32.54
N ILE F 169 23.54 27.80 33.23
CA ILE F 169 24.61 28.08 34.17
C ILE F 169 24.55 27.14 35.36
N LYS F 170 23.36 26.96 35.93
CA LYS F 170 23.19 26.03 37.04
C LYS F 170 23.60 24.63 36.64
N ASP F 171 23.24 24.20 35.43
CA ASP F 171 23.59 22.85 35.00
C ASP F 171 25.09 22.71 34.74
N LEU F 172 25.76 23.77 34.29
CA LEU F 172 27.19 23.64 34.04
C LEU F 172 27.99 23.66 35.34
N LYS F 173 27.53 24.45 36.32
CA LYS F 173 28.21 24.50 37.61
C LYS F 173 27.93 23.27 38.45
N ASN F 174 26.78 22.61 38.23
CA ASN F 174 26.35 21.46 39.02
C ASN F 174 25.72 20.41 38.10
N PRO F 175 26.52 19.77 37.24
CA PRO F 175 25.95 18.83 36.25
C PRO F 175 25.57 17.49 36.84
N ASP F 176 24.50 16.90 36.29
CA ASP F 176 24.16 15.51 36.64
C ASP F 176 25.33 14.58 36.34
N ARG F 177 25.99 14.79 35.21
CA ARG F 177 27.19 14.05 34.88
C ARG F 177 27.93 14.81 33.80
N VAL F 178 29.24 14.55 33.73
CA VAL F 178 30.07 14.96 32.63
C VAL F 178 30.50 13.71 31.86
N LEU F 179 30.41 13.74 30.54
CA LEU F 179 30.64 12.57 29.72
C LEU F 179 31.81 12.80 28.78
N ILE F 180 32.81 11.92 28.85
CA ILE F 180 34.01 12.01 28.03
C ILE F 180 34.28 10.65 27.39
N GLY F 181 34.37 10.62 26.07
CA GLY F 181 34.66 9.40 25.33
C GLY F 181 35.98 9.51 24.60
N GLY F 182 36.76 8.42 24.64
CA GLY F 182 38.01 8.38 23.90
C GLY F 182 38.40 6.96 23.58
N ASP F 183 39.45 6.84 22.77
CA ASP F 183 40.00 5.51 22.43
C ASP F 183 40.48 4.80 23.69
N GLU F 184 40.38 3.48 23.65
CA GLU F 184 40.83 2.65 24.76
C GLU F 184 42.28 2.23 24.59
N THR F 185 43.11 3.11 24.02
CA THR F 185 44.55 3.04 23.87
C THR F 185 45.22 3.84 24.98
N PRO F 186 46.51 3.61 25.25
CA PRO F 186 47.19 4.44 26.26
C PRO F 186 47.14 5.92 25.94
N GLU F 187 47.30 6.31 24.67
CA GLU F 187 47.24 7.74 24.33
C GLU F 187 45.82 8.27 24.47
N GLY F 188 44.81 7.48 24.09
CA GLY F 188 43.45 7.93 24.28
C GLY F 188 43.11 8.13 25.75
N GLN F 189 43.60 7.24 26.60
CA GLN F 189 43.32 7.35 28.02
C GLN F 189 44.04 8.55 28.65
N ARG F 190 45.28 8.84 28.22
CA ARG F 190 45.95 10.04 28.71
C ARG F 190 45.17 11.28 28.36
N ALA F 191 44.65 11.35 27.12
CA ALA F 191 43.86 12.51 26.74
C ALA F 191 42.55 12.58 27.53
N VAL F 192 41.89 11.45 27.74
CA VAL F 192 40.65 11.44 28.55
C VAL F 192 40.92 12.01 29.94
N GLN F 193 42.01 11.55 30.57
CA GLN F 193 42.33 12.01 31.92
C GLN F 193 42.67 13.49 31.93
N ALA F 194 43.33 13.98 30.89
CA ALA F 194 43.67 15.41 30.84
C ALA F 194 42.40 16.25 30.81
N LEU F 195 41.38 15.80 30.06
CA LEU F 195 40.11 16.54 30.06
C LEU F 195 39.38 16.37 31.40
N CYS F 196 39.40 15.14 31.96
CA CYS F 196 38.81 14.92 33.28
C CYS F 196 39.37 15.88 34.34
N ALA F 197 40.68 16.11 34.33
CA ALA F 197 41.28 16.97 35.34
C ALA F 197 40.81 18.42 35.24
N VAL F 198 40.45 18.87 34.05
CA VAL F 198 39.84 20.19 33.91
C VAL F 198 38.52 20.23 34.68
N TYR F 199 37.61 19.29 34.35
CA TYR F 199 36.32 19.26 35.00
C TYR F 199 36.43 19.00 36.49
N GLU F 200 37.49 18.30 36.91
CA GLU F 200 37.66 18.02 38.34
C GLU F 200 37.98 19.27 39.15
N HIS F 201 38.21 20.42 38.52
CA HIS F 201 38.34 21.65 39.32
C HIS F 201 37.04 22.03 40.02
N TRP F 202 35.88 21.57 39.53
CA TRP F 202 34.65 21.90 40.23
C TRP F 202 33.61 20.79 40.18
N VAL F 203 33.85 19.75 39.39
CA VAL F 203 32.91 18.64 39.25
C VAL F 203 33.46 17.44 40.00
N PRO F 204 32.71 16.86 40.93
CA PRO F 204 33.19 15.65 41.63
C PRO F 204 33.47 14.50 40.69
N ARG F 205 34.47 13.71 41.06
CA ARG F 205 34.90 12.58 40.23
C ARG F 205 33.77 11.59 39.99
N GLU F 206 32.89 11.38 40.98
CA GLU F 206 31.78 10.44 40.79
C GLU F 206 30.83 10.89 39.68
N LYS F 207 30.86 12.16 39.30
CA LYS F 207 29.94 12.64 38.26
C LYS F 207 30.59 12.72 36.89
N ILE F 208 31.83 12.29 36.76
CA ILE F 208 32.53 12.29 35.48
C ILE F 208 32.55 10.85 34.97
N LEU F 209 31.84 10.59 33.88
CA LEU F 209 31.76 9.24 33.30
C LEU F 209 32.59 9.21 32.04
N THR F 210 33.50 8.24 31.96
CA THR F 210 34.35 8.08 30.79
C THR F 210 33.95 6.79 30.07
N THR F 211 33.83 6.87 28.73
CA THR F 211 33.33 5.77 27.91
C THR F 211 34.20 5.70 26.65
N ASN F 212 33.92 4.75 25.76
CA ASN F 212 34.65 4.87 24.50
C ASN F 212 34.00 5.97 23.64
N THR F 213 34.70 6.35 22.57
CA THR F 213 34.28 7.49 21.77
C THR F 213 32.85 7.32 21.25
N TRP F 214 32.53 6.12 20.74
CA TRP F 214 31.24 5.90 20.10
C TRP F 214 30.12 5.94 21.12
N SER F 215 30.34 5.38 22.31
CA SER F 215 29.31 5.43 23.35
C SER F 215 28.98 6.87 23.72
N SER F 216 30.00 7.71 23.79
CA SER F 216 29.79 9.11 24.19
C SER F 216 28.94 9.85 23.16
N GLU F 217 29.29 9.72 21.87
CA GLU F 217 28.49 10.34 20.82
C GLU F 217 27.05 9.84 20.83
N LEU F 218 26.87 8.53 20.97
CA LEU F 218 25.53 7.97 20.92
C LEU F 218 24.73 8.38 22.14
N SER F 219 25.39 8.44 23.31
CA SER F 219 24.70 8.82 24.55
C SER F 219 24.02 10.17 24.42
N LYS F 220 24.64 11.10 23.71
CA LYS F 220 24.04 12.41 23.53
C LYS F 220 22.73 12.31 22.75
N LEU F 221 22.75 11.59 21.63
CA LEU F 221 21.55 11.42 20.84
C LEU F 221 20.48 10.66 21.61
N ALA F 222 20.87 9.55 22.26
CA ALA F 222 19.89 8.73 22.96
C ALA F 222 19.23 9.49 24.10
N ALA F 223 20.01 10.26 24.87
CA ALA F 223 19.43 10.95 26.02
C ALA F 223 18.39 11.96 25.56
N ASN F 224 18.72 12.70 24.52
CA ASN F 224 17.78 13.64 23.95
C ASN F 224 16.54 12.94 23.42
N ALA F 225 16.73 11.76 22.80
CA ALA F 225 15.60 10.97 22.30
C ALA F 225 14.71 10.47 23.43
N PHE F 226 15.31 10.02 24.54
CA PHE F 226 14.53 9.56 25.68
C PHE F 226 13.69 10.69 26.30
N LEU F 227 14.24 11.91 26.36
CA LEU F 227 13.52 13.04 26.93
C LEU F 227 12.35 13.43 26.04
N ALA F 228 12.59 13.54 24.73
CA ALA F 228 11.50 13.86 23.81
C ALA F 228 10.41 12.79 23.86
N GLN F 229 10.81 11.53 24.03
CA GLN F 229 9.85 10.44 24.08
C GLN F 229 8.93 10.53 25.30
N ARG F 230 9.47 10.97 26.44
CA ARG F 230 8.62 11.17 27.61
C ARG F 230 7.51 12.16 27.31
N ILE F 231 7.83 13.23 26.59
CA ILE F 231 6.85 14.26 26.29
C ILE F 231 5.84 13.75 25.27
N SER F 232 6.32 13.10 24.20
CA SER F 232 5.41 12.52 23.22
C SER F 232 4.54 11.42 23.83
N SER F 233 5.08 10.67 24.79
CA SER F 233 4.28 9.65 25.46
C SER F 233 3.17 10.27 26.32
N ILE F 234 3.47 11.30 27.11
CA ILE F 234 2.40 11.87 27.91
C ILE F 234 1.41 12.62 27.01
N ASN F 235 1.88 13.16 25.89
CA ASN F 235 0.97 13.82 24.95
C ASN F 235 0.04 12.83 24.28
N SER F 236 0.55 11.64 23.94
CA SER F 236 -0.35 10.62 23.40
C SER F 236 -1.40 10.26 24.42
N ILE F 237 -1.03 10.22 25.69
CA ILE F 237 -2.03 9.94 26.74
C ILE F 237 -3.05 11.09 26.82
N SER F 238 -2.65 12.33 26.52
CA SER F 238 -3.58 13.45 26.63
C SER F 238 -4.74 13.30 25.65
N ALA F 239 -4.47 12.78 24.45
CA ALA F 239 -5.54 12.53 23.50
C ALA F 239 -6.48 11.44 23.99
N LEU F 240 -5.93 10.43 24.68
CA LEU F 240 -6.75 9.40 25.32
C LEU F 240 -7.59 10.00 26.45
N CYS F 241 -7.02 10.93 27.21
CA CYS F 241 -7.78 11.60 28.26
C CYS F 241 -8.98 12.36 27.69
N GLU F 242 -8.77 13.10 26.59
CA GLU F 242 -9.86 13.83 25.95
C GLU F 242 -10.98 12.91 25.49
N ALA F 243 -10.65 11.69 25.06
CA ALA F 243 -11.66 10.77 24.54
C ALA F 243 -12.39 10.01 25.65
N THR F 244 -11.82 9.92 26.85
CA THR F 244 -12.40 9.08 27.89
C THR F 244 -12.91 9.84 29.10
N GLY F 245 -12.52 11.09 29.29
CA GLY F 245 -12.86 11.76 30.53
C GLY F 245 -11.80 11.64 31.61
N ALA F 246 -10.72 10.92 31.37
CA ALA F 246 -9.58 11.06 32.26
C ALA F 246 -8.97 12.45 32.10
N ASP F 247 -8.12 12.84 33.04
CA ASP F 247 -7.48 14.14 33.01
C ASP F 247 -5.98 13.91 33.00
N VAL F 248 -5.30 14.46 31.98
CA VAL F 248 -3.90 14.09 31.76
C VAL F 248 -3.00 14.53 32.91
N GLU F 249 -3.35 15.62 33.62
CA GLU F 249 -2.56 16.05 34.77
C GLU F 249 -2.68 15.08 35.93
N GLU F 250 -3.88 14.54 36.17
CA GLU F 250 -4.05 13.52 37.20
C GLU F 250 -3.24 12.27 36.82
N VAL F 251 -3.34 11.84 35.56
CA VAL F 251 -2.64 10.64 35.11
C VAL F 251 -1.13 10.85 35.18
N ALA F 252 -0.64 12.02 34.74
CA ALA F 252 0.79 12.29 34.77
C ALA F 252 1.33 12.28 36.20
N THR F 253 0.57 12.82 37.16
CA THR F 253 0.97 12.75 38.57
C THR F 253 1.05 11.32 39.07
N ALA F 254 0.01 10.52 38.78
CA ALA F 254 0.00 9.12 39.22
C ALA F 254 1.17 8.34 38.62
N ILE F 255 1.44 8.52 37.33
CA ILE F 255 2.56 7.83 36.68
C ILE F 255 3.88 8.25 37.29
N GLY F 256 4.09 9.56 37.42
CA GLY F 256 5.34 10.14 37.87
C GLY F 256 5.67 9.85 39.32
N MET F 257 4.69 9.40 40.11
CA MET F 257 4.99 9.01 41.49
C MET F 257 5.62 7.63 41.58
N ASP F 258 5.60 6.86 40.50
CA ASP F 258 6.46 5.68 40.43
C ASP F 258 7.89 6.17 40.31
N GLN F 259 8.71 5.85 41.32
CA GLN F 259 10.08 6.38 41.33
C GLN F 259 10.93 5.78 40.23
N ARG F 260 10.51 4.67 39.61
CA ARG F 260 11.24 4.17 38.46
C ARG F 260 10.98 5.00 37.21
N ILE F 261 9.89 5.75 37.18
CA ILE F 261 9.59 6.63 36.07
C ILE F 261 9.99 8.07 36.39
N GLY F 262 9.75 8.51 37.61
CA GLY F 262 10.06 9.86 38.02
C GLY F 262 9.05 10.86 37.48
N ASN F 263 9.05 12.05 38.08
CA ASN F 263 8.00 13.03 37.81
C ASN F 263 8.43 14.19 36.90
N LYS F 264 9.60 14.11 36.25
CA LYS F 264 10.06 15.18 35.38
C LYS F 264 9.72 14.88 33.93
N PHE F 265 9.54 15.96 33.14
CA PHE F 265 9.26 15.85 31.71
C PHE F 265 7.99 15.06 31.43
N LEU F 266 6.96 15.30 32.26
CA LEU F 266 5.65 14.68 32.09
C LEU F 266 4.54 15.73 31.97
N LYS F 267 4.86 16.94 31.50
CA LYS F 267 3.85 17.99 31.34
C LYS F 267 3.32 17.91 29.92
N ALA F 268 2.03 17.58 29.79
CA ALA F 268 1.42 17.58 28.46
C ALA F 268 1.39 19.00 27.91
N SER F 269 1.51 19.10 26.59
CA SER F 269 1.63 20.39 25.94
C SER F 269 1.15 20.25 24.52
N VAL F 270 1.05 21.39 23.85
CA VAL F 270 0.75 21.41 22.43
C VAL F 270 1.91 20.85 21.60
N GLY F 271 3.07 20.65 22.20
CA GLY F 271 4.19 19.98 21.55
C GLY F 271 5.53 20.57 21.95
N PHE F 272 6.56 19.72 22.01
CA PHE F 272 7.87 20.24 22.36
C PHE F 272 8.47 21.00 21.18
N GLY F 273 9.35 21.96 21.50
CA GLY F 273 10.00 22.76 20.47
C GLY F 273 11.44 23.06 20.80
N GLY F 274 12.00 24.08 20.17
CA GLY F 274 13.38 24.44 20.40
C GLY F 274 14.31 23.85 19.36
N SER F 275 15.53 24.36 19.33
CA SER F 275 16.43 24.02 18.27
C SER F 275 17.14 22.67 18.45
N CYS F 276 16.75 21.83 19.41
CA CYS F 276 17.55 20.64 19.68
C CYS F 276 16.77 19.33 19.69
N PHE F 277 15.57 19.27 20.29
CA PHE F 277 14.87 17.99 20.43
C PHE F 277 14.57 17.37 19.09
N GLN F 278 13.83 18.07 18.24
CA GLN F 278 13.45 17.48 16.97
C GLN F 278 14.67 17.19 16.12
N LYS F 279 15.60 18.15 16.09
CA LYS F 279 16.80 18.00 15.29
C LYS F 279 17.58 16.75 15.68
N ASP F 280 17.72 16.53 16.98
CA ASP F 280 18.55 15.42 17.44
C ASP F 280 17.86 14.08 17.25
N VAL F 281 16.53 14.04 17.42
CA VAL F 281 15.78 12.80 17.18
C VAL F 281 15.83 12.43 15.70
N LEU F 282 15.63 13.39 14.80
CA LEU F 282 15.69 13.10 13.37
C LEU F 282 17.08 12.63 12.96
N ASN F 283 18.13 13.18 13.58
CA ASN F 283 19.47 12.68 13.30
C ASN F 283 19.64 11.22 13.71
N LEU F 284 19.09 10.84 14.86
CA LEU F 284 19.09 9.45 15.27
C LEU F 284 18.31 8.57 14.29
N VAL F 285 17.16 9.07 13.81
CA VAL F 285 16.38 8.32 12.84
C VAL F 285 17.15 8.13 11.55
N TYR F 286 17.77 9.21 11.06
CA TYR F 286 18.51 9.11 9.81
C TYR F 286 19.68 8.15 9.96
N LEU F 287 20.40 8.22 11.08
CA LEU F 287 21.49 7.30 11.35
C LEU F 287 21.04 5.86 11.24
N CYS F 288 19.86 5.54 11.80
CA CYS F 288 19.33 4.18 11.78
C CYS F 288 19.02 3.73 10.37
N GLU F 289 18.39 4.59 9.56
CA GLU F 289 18.15 4.22 8.16
C GLU F 289 19.46 3.92 7.44
N ALA F 290 20.48 4.76 7.64
CA ALA F 290 21.75 4.56 6.95
C ALA F 290 22.45 3.28 7.40
N LEU F 291 22.24 2.84 8.63
CA LEU F 291 22.84 1.59 9.07
C LEU F 291 21.93 0.38 8.85
N ASN F 292 20.89 0.52 8.02
CA ASN F 292 19.94 -0.55 7.73
C ASN F 292 19.31 -1.08 9.00
N LEU F 293 18.84 -0.17 9.85
CA LEU F 293 18.08 -0.54 11.03
C LEU F 293 16.70 0.09 10.90
N PRO F 294 15.90 -0.34 9.91
CA PRO F 294 14.59 0.33 9.71
C PRO F 294 13.63 0.16 10.88
N GLU F 295 13.70 -0.94 11.62
CA GLU F 295 12.83 -1.06 12.80
C GLU F 295 13.19 -0.02 13.85
N VAL F 296 14.49 0.19 14.10
CA VAL F 296 14.85 1.19 15.07
C VAL F 296 14.48 2.58 14.57
N ALA F 297 14.68 2.84 13.28
CA ALA F 297 14.33 4.12 12.70
C ALA F 297 12.84 4.44 12.90
N ARG F 298 11.95 3.48 12.62
CA ARG F 298 10.53 3.79 12.73
C ARG F 298 10.11 3.90 14.19
N TYR F 299 10.81 3.20 15.10
CA TYR F 299 10.53 3.34 16.53
C TYR F 299 10.73 4.79 16.98
N TRP F 300 11.87 5.40 16.62
CA TRP F 300 12.13 6.77 17.08
C TRP F 300 11.39 7.80 16.25
N GLN F 301 11.08 7.49 14.99
CA GLN F 301 10.30 8.42 14.18
C GLN F 301 8.94 8.71 14.83
N GLN F 302 8.39 7.73 15.55
CA GLN F 302 7.11 7.89 16.22
C GLN F 302 7.13 9.04 17.24
N VAL F 303 8.28 9.32 17.85
CA VAL F 303 8.37 10.46 18.77
C VAL F 303 8.04 11.75 18.03
N ILE F 304 8.52 11.88 16.79
CA ILE F 304 8.26 13.07 15.97
C ILE F 304 6.83 13.08 15.41
N ASP F 305 6.35 11.94 14.90
CA ASP F 305 4.99 11.88 14.37
C ASP F 305 3.96 12.25 15.44
N MET F 306 4.20 11.81 16.68
CA MET F 306 3.29 12.14 17.76
C MET F 306 3.33 13.64 18.07
N ASN F 307 4.52 14.26 18.01
CA ASN F 307 4.63 15.70 18.22
C ASN F 307 3.88 16.46 17.14
N ASP F 308 4.08 16.07 15.87
CA ASP F 308 3.34 16.68 14.78
C ASP F 308 1.85 16.44 14.94
N TYR F 309 1.46 15.25 15.39
CA TYR F 309 0.04 14.94 15.58
C TYR F 309 -0.56 15.79 16.71
N GLN F 310 0.18 16.01 17.77
CA GLN F 310 -0.32 16.80 18.88
C GLN F 310 -0.64 18.24 18.44
N ARG F 311 0.20 18.82 17.57
CA ARG F 311 -0.05 20.19 17.09
C ARG F 311 -1.23 20.24 16.13
N ARG F 312 -1.26 19.35 15.14
CA ARG F 312 -2.36 19.30 14.19
C ARG F 312 -3.70 19.06 14.88
N ARG F 313 -3.71 18.20 15.89
CA ARG F 313 -4.92 17.88 16.63
C ARG F 313 -5.41 19.08 17.46
N PHE F 314 -4.49 19.81 18.08
CA PHE F 314 -4.90 21.00 18.82
C PHE F 314 -5.53 22.03 17.88
N ALA F 315 -4.91 22.27 16.73
CA ALA F 315 -5.50 23.21 15.78
C ALA F 315 -6.85 22.72 15.28
N SER F 316 -6.99 21.41 15.03
CA SER F 316 -8.29 20.91 14.60
C SER F 316 -9.35 21.06 15.68
N ARG F 317 -8.98 20.92 16.96
CA ARG F 317 -9.94 21.15 18.03
C ARG F 317 -10.44 22.59 18.02
N ILE F 318 -9.53 23.55 17.82
CA ILE F 318 -9.93 24.95 17.76
C ILE F 318 -10.96 25.16 16.64
N ILE F 319 -10.64 24.68 15.44
CA ILE F 319 -11.53 24.92 14.31
C ILE F 319 -12.89 24.25 14.54
N ASP F 320 -12.88 23.03 15.08
CA ASP F 320 -14.13 22.31 15.33
C ASP F 320 -14.96 23.02 16.40
N SER F 321 -14.34 23.41 17.51
CA SER F 321 -15.08 24.09 18.56
C SER F 321 -15.66 25.41 18.08
N LEU F 322 -14.95 26.12 17.21
CA LEU F 322 -15.46 27.37 16.62
C LEU F 322 -16.41 27.12 15.45
N PHE F 323 -17.30 26.13 15.57
CA PHE F 323 -18.35 25.88 14.57
C PHE F 323 -17.76 25.56 13.19
N ASN F 324 -16.57 24.98 13.15
CA ASN F 324 -15.93 24.47 11.93
C ASN F 324 -15.60 25.56 10.91
N THR F 325 -15.49 26.81 11.32
CA THR F 325 -15.06 27.88 10.42
C THR F 325 -14.37 28.96 11.23
N VAL F 326 -13.19 29.39 10.77
CA VAL F 326 -12.47 30.47 11.43
C VAL F 326 -12.10 31.51 10.39
N THR F 327 -12.58 31.34 9.17
CA THR F 327 -12.31 32.35 8.15
C THR F 327 -12.78 33.72 8.63
N ASP F 328 -11.86 34.69 8.60
CA ASP F 328 -12.11 36.07 8.99
C ASP F 328 -12.40 36.24 10.47
N LYS F 329 -12.27 35.19 11.28
CA LYS F 329 -12.47 35.34 12.72
C LYS F 329 -11.20 35.86 13.38
N LYS F 330 -11.37 36.84 14.25
CA LYS F 330 -10.25 37.33 15.03
C LYS F 330 -9.93 36.32 16.12
N ILE F 331 -8.67 35.89 16.17
CA ILE F 331 -8.23 34.91 17.14
C ILE F 331 -6.96 35.43 17.79
N ALA F 332 -6.95 35.45 19.11
CA ALA F 332 -5.77 35.87 19.85
C ALA F 332 -4.84 34.70 20.07
N ILE F 333 -3.57 34.85 19.68
CA ILE F 333 -2.52 33.90 19.98
C ILE F 333 -1.69 34.52 21.09
N LEU F 334 -1.79 33.95 22.30
CA LEU F 334 -1.00 34.40 23.44
C LEU F 334 0.17 33.43 23.59
N GLY F 335 1.37 33.93 23.30
CA GLY F 335 2.58 33.12 23.38
C GLY F 335 3.08 32.66 22.02
N PHE F 336 4.29 33.05 21.67
CA PHE F 336 4.91 32.60 20.44
C PHE F 336 6.27 31.93 20.65
N ALA F 337 6.98 32.22 21.74
CA ALA F 337 8.24 31.56 22.02
C ALA F 337 8.01 30.07 22.19
N PHE F 338 9.07 29.27 21.99
CA PHE F 338 8.87 27.82 22.06
C PHE F 338 8.65 27.36 23.50
N LYS F 339 9.07 28.15 24.48
CA LYS F 339 8.80 27.87 25.87
C LYS F 339 8.83 29.21 26.58
N LYS F 340 8.45 29.22 27.84
CA LYS F 340 8.44 30.49 28.55
C LYS F 340 9.85 30.97 28.84
N ASP F 341 9.94 32.26 29.18
CA ASP F 341 11.17 32.92 29.64
C ASP F 341 12.28 32.88 28.59
N THR F 342 11.90 33.03 27.32
CA THR F 342 12.88 33.17 26.25
C THR F 342 12.21 33.89 25.09
N GLY F 343 13.04 34.52 24.26
CA GLY F 343 12.61 35.06 22.99
C GLY F 343 12.77 34.09 21.83
N ASP F 344 13.36 32.93 22.09
CA ASP F 344 13.65 31.93 21.06
C ASP F 344 12.36 31.32 20.53
N THR F 345 12.18 31.33 19.21
CA THR F 345 11.02 30.74 18.57
C THR F 345 11.33 29.48 17.78
N ARG F 346 12.53 28.96 17.86
CA ARG F 346 12.91 27.88 16.94
C ARG F 346 12.06 26.64 17.17
N GLU F 347 11.41 26.20 16.11
CA GLU F 347 10.49 25.05 16.15
C GLU F 347 9.41 25.22 17.21
N SER F 348 9.04 26.47 17.49
CA SER F 348 7.96 26.72 18.45
C SER F 348 6.64 26.14 17.95
N SER F 349 5.91 25.47 18.85
CA SER F 349 4.60 24.98 18.48
C SER F 349 3.67 26.10 18.02
N SER F 350 3.87 27.33 18.55
CA SER F 350 3.02 28.44 18.12
C SER F 350 3.13 28.71 16.63
N ILE F 351 4.32 28.48 16.05
CA ILE F 351 4.45 28.68 14.60
C ILE F 351 3.48 27.78 13.86
N TYR F 352 3.45 26.50 14.26
CA TYR F 352 2.64 25.50 13.56
C TYR F 352 1.14 25.73 13.80
N ILE F 353 0.75 25.99 15.07
CA ILE F 353 -0.65 26.30 15.34
C ILE F 353 -1.07 27.52 14.54
N SER F 354 -0.23 28.58 14.55
CA SER F 354 -0.55 29.78 13.78
C SER F 354 -0.71 29.49 12.30
N LYS F 355 0.16 28.66 11.73
CA LYS F 355 0.06 28.39 10.30
C LYS F 355 -1.20 27.59 9.98
N TYR F 356 -1.56 26.62 10.84
CA TYR F 356 -2.79 25.87 10.60
C TYR F 356 -4.01 26.78 10.60
N LEU F 357 -4.05 27.75 11.52
CA LEU F 357 -5.17 28.69 11.55
C LEU F 357 -5.10 29.69 10.40
N MET F 358 -3.88 30.07 9.98
CA MET F 358 -3.73 30.93 8.80
C MET F 358 -4.23 30.25 7.54
N ASP F 359 -4.00 28.94 7.42
CA ASP F 359 -4.48 28.21 6.25
C ASP F 359 -5.99 28.24 6.14
N GLU F 360 -6.69 28.49 7.25
CA GLU F 360 -8.13 28.65 7.18
C GLU F 360 -8.55 30.10 6.94
N GLY F 361 -7.60 31.03 6.93
CA GLY F 361 -7.97 32.42 6.75
C GLY F 361 -8.37 33.13 8.01
N ALA F 362 -7.94 32.64 9.18
CA ALA F 362 -8.17 33.34 10.44
C ALA F 362 -7.34 34.62 10.51
N HIS F 363 -7.89 35.64 11.18
CA HIS F 363 -7.17 36.88 11.50
C HIS F 363 -6.51 36.71 12.86
N LEU F 364 -5.21 36.42 12.86
CA LEU F 364 -4.46 36.17 14.09
C LEU F 364 -3.93 37.47 14.67
N HIS F 365 -4.14 37.66 15.97
CA HIS F 365 -3.50 38.72 16.73
C HIS F 365 -2.60 38.08 17.77
N ILE F 366 -1.29 38.24 17.58
CA ILE F 366 -0.28 37.49 18.30
C ILE F 366 0.39 38.40 19.32
N TYR F 367 0.43 37.96 20.57
CA TYR F 367 1.14 38.64 21.63
C TYR F 367 2.15 37.70 22.27
N ASP F 368 3.38 38.18 22.43
CA ASP F 368 4.40 37.48 23.21
C ASP F 368 5.26 38.54 23.91
N PRO F 369 5.52 38.40 25.21
CA PRO F 369 6.27 39.47 25.90
C PRO F 369 7.74 39.54 25.54
N LYS F 370 8.30 38.56 24.84
CA LYS F 370 9.74 38.60 24.66
C LYS F 370 10.12 38.45 23.18
N VAL F 371 9.30 37.73 22.41
CA VAL F 371 9.64 37.56 21.00
C VAL F 371 9.45 38.87 20.25
N PRO F 372 10.46 39.35 19.53
CA PRO F 372 10.29 40.59 18.78
C PRO F 372 9.41 40.41 17.56
N ARG F 373 8.69 41.49 17.25
CA ARG F 373 7.69 41.54 16.18
C ARG F 373 8.24 41.03 14.84
N GLU F 374 9.45 41.45 14.46
CA GLU F 374 10.01 41.05 13.17
C GLU F 374 10.27 39.54 13.10
N GLN F 375 10.61 38.92 14.22
CA GLN F 375 10.87 37.48 14.23
C GLN F 375 9.58 36.70 13.99
N ILE F 376 8.46 37.20 14.53
CA ILE F 376 7.15 36.56 14.31
C ILE F 376 6.77 36.64 12.85
N VAL F 377 7.02 37.79 12.22
CA VAL F 377 6.73 37.96 10.80
C VAL F 377 7.59 37.02 9.96
N VAL F 378 8.88 36.94 10.28
CA VAL F 378 9.78 36.03 9.57
C VAL F 378 9.32 34.57 9.72
N ASP F 379 8.99 34.16 10.95
CA ASP F 379 8.62 32.76 11.18
C ASP F 379 7.35 32.37 10.47
N LEU F 380 6.44 33.31 10.25
CA LEU F 380 5.18 32.99 9.58
C LEU F 380 5.21 33.27 8.08
N SER F 381 6.30 33.84 7.57
CA SER F 381 6.44 34.11 6.14
C SER F 381 7.13 32.94 5.43
N HIS F 382 7.04 32.94 4.10
CA HIS F 382 7.64 31.89 3.29
C HIS F 382 9.10 32.21 2.92
N ASP F 388 5.07 37.66 4.41
CA ASP F 388 4.72 37.69 2.99
C ASP F 388 3.34 38.32 2.79
N ASP F 389 2.70 37.97 1.67
CA ASP F 389 1.37 38.49 1.37
C ASP F 389 0.33 37.93 2.34
N GLN F 390 0.36 36.62 2.58
CA GLN F 390 -0.56 36.03 3.55
C GLN F 390 -0.34 36.58 4.96
N VAL F 391 0.92 36.77 5.36
CA VAL F 391 1.21 37.35 6.67
C VAL F 391 0.62 38.75 6.76
N SER F 392 0.75 39.55 5.69
CA SER F 392 0.16 40.89 5.70
C SER F 392 -1.35 40.85 5.89
N ARG F 393 -2.03 39.95 5.18
CA ARG F 393 -3.49 39.92 5.23
C ARG F 393 -4.01 39.42 6.57
N LEU F 394 -3.35 38.43 7.17
CA LEU F 394 -3.94 37.67 8.25
C LEU F 394 -3.30 37.86 9.62
N VAL F 395 -2.12 38.47 9.72
CA VAL F 395 -1.38 38.46 10.98
C VAL F 395 -1.21 39.89 11.50
N THR F 396 -1.65 40.12 12.72
CA THR F 396 -1.42 41.35 13.46
C THR F 396 -0.62 41.01 14.70
N ILE F 397 0.40 41.80 14.98
CA ILE F 397 1.18 41.61 16.20
C ILE F 397 0.72 42.64 17.21
N SER F 398 0.17 42.16 18.33
CA SER F 398 -0.48 43.06 19.28
C SER F 398 0.51 43.57 20.32
N LYS F 399 0.25 44.77 20.83
CA LYS F 399 1.19 45.36 21.80
C LYS F 399 1.00 44.82 23.21
N ASP F 400 -0.16 44.22 23.50
CA ASP F 400 -0.42 43.67 24.82
C ASP F 400 -1.55 42.65 24.69
N PRO F 401 -1.77 41.81 25.70
CA PRO F 401 -2.76 40.73 25.51
C PRO F 401 -4.19 41.24 25.39
N TYR F 402 -4.52 42.37 26.02
CA TYR F 402 -5.89 42.86 25.99
C TYR F 402 -6.27 43.34 24.60
N GLU F 403 -5.33 44.00 23.93
CA GLU F 403 -5.50 44.37 22.52
C GLU F 403 -5.64 43.13 21.63
N ALA F 404 -4.86 42.08 21.89
CA ALA F 404 -5.02 40.86 21.09
C ALA F 404 -6.41 40.26 21.26
N CYS F 405 -6.97 40.33 22.46
CA CYS F 405 -8.24 39.67 22.73
C CYS F 405 -9.46 40.52 22.41
N ASP F 406 -9.28 41.81 22.10
CA ASP F 406 -10.41 42.73 21.96
C ASP F 406 -11.24 42.41 20.72
N GLY F 407 -12.50 42.02 20.92
CA GLY F 407 -13.31 41.58 19.80
C GLY F 407 -12.96 40.22 19.26
N ALA F 408 -12.15 39.43 19.98
CA ALA F 408 -11.74 38.13 19.50
C ALA F 408 -12.83 37.07 19.74
N HIS F 409 -12.84 36.03 18.89
CA HIS F 409 -13.71 34.88 19.13
C HIS F 409 -13.11 33.89 20.10
N ALA F 410 -11.77 33.82 20.14
CA ALA F 410 -11.08 32.81 20.90
C ALA F 410 -9.73 33.33 21.34
N VAL F 411 -9.31 32.86 22.51
CA VAL F 411 -7.96 33.09 23.02
C VAL F 411 -7.25 31.73 23.02
N VAL F 412 -6.10 31.66 22.35
CA VAL F 412 -5.31 30.44 22.25
C VAL F 412 -4.00 30.65 22.99
N ILE F 413 -3.78 29.92 24.08
CA ILE F 413 -2.57 30.03 24.89
C ILE F 413 -1.60 28.95 24.43
N CYS F 414 -0.52 29.37 23.77
CA CYS F 414 0.43 28.44 23.17
C CYS F 414 1.76 28.35 23.89
N THR F 415 2.07 29.31 24.75
CA THR F 415 3.30 29.36 25.52
C THR F 415 2.96 29.67 26.97
N GLU F 416 3.59 28.95 27.88
CA GLU F 416 3.22 28.94 29.30
C GLU F 416 3.75 30.14 30.09
N TRP F 417 3.74 31.35 29.52
CA TRP F 417 4.19 32.56 30.25
C TRP F 417 3.37 32.77 31.52
N ASP F 418 4.06 33.04 32.62
CA ASP F 418 3.37 33.20 33.90
C ASP F 418 2.32 34.29 33.88
N MET F 419 2.53 35.36 33.11
CA MET F 419 1.59 36.48 33.13
C MET F 419 0.22 36.12 32.56
N PHE F 420 0.10 35.09 31.73
CA PHE F 420 -1.21 34.75 31.20
C PHE F 420 -2.15 34.24 32.29
N LYS F 421 -1.58 33.70 33.37
CA LYS F 421 -2.36 33.27 34.53
C LYS F 421 -2.99 34.45 35.25
N GLU F 422 -2.37 35.63 35.17
CA GLU F 422 -2.78 36.78 35.98
C GLU F 422 -3.59 37.80 35.20
N LEU F 423 -3.97 37.50 33.96
CA LEU F 423 -4.76 38.43 33.18
C LEU F 423 -6.12 38.70 33.84
N ASP F 424 -6.70 39.84 33.51
CA ASP F 424 -8.06 40.19 33.92
C ASP F 424 -9.01 39.56 32.92
N TYR F 425 -9.41 38.32 33.17
CA TYR F 425 -10.27 37.61 32.24
C TYR F 425 -11.71 38.12 32.25
N GLU F 426 -12.13 38.76 33.33
CA GLU F 426 -13.44 39.42 33.32
C GLU F 426 -13.46 40.54 32.29
N ARG F 427 -12.42 41.37 32.26
CA ARG F 427 -12.33 42.42 31.25
C ARG F 427 -12.26 41.83 29.84
N ILE F 428 -11.48 40.75 29.66
CA ILE F 428 -11.35 40.14 28.33
C ILE F 428 -12.70 39.62 27.85
N HIS F 429 -13.45 38.98 28.75
CA HIS F 429 -14.72 38.38 28.33
C HIS F 429 -15.69 39.43 27.80
N LYS F 430 -15.74 40.61 28.44
CA LYS F 430 -16.73 41.63 28.06
C LYS F 430 -16.55 42.05 26.61
N LYS F 431 -15.32 42.11 26.13
CA LYS F 431 -15.04 42.61 24.80
C LYS F 431 -14.84 41.51 23.77
N MET F 432 -14.91 40.24 24.17
CA MET F 432 -14.89 39.16 23.20
C MET F 432 -16.27 38.93 22.60
N LEU F 433 -16.29 38.39 21.38
CA LEU F 433 -17.53 37.92 20.80
C LEU F 433 -17.97 36.66 21.53
N LYS F 434 -19.27 36.38 21.46
CA LYS F 434 -19.85 35.28 22.20
C LYS F 434 -20.36 34.19 21.22
N PRO F 435 -20.18 32.91 21.57
CA PRO F 435 -19.50 32.42 22.76
C PRO F 435 -17.97 32.62 22.71
N ALA F 436 -17.40 32.93 23.86
CA ALA F 436 -15.99 33.21 23.99
C ALA F 436 -15.27 31.93 24.38
N PHE F 437 -14.22 31.59 23.64
CA PHE F 437 -13.46 30.37 23.88
C PHE F 437 -12.07 30.68 24.38
N ILE F 438 -11.59 29.85 25.30
CA ILE F 438 -10.18 29.81 25.68
C ILE F 438 -9.68 28.41 25.38
N PHE F 439 -8.62 28.32 24.59
CA PHE F 439 -7.95 27.06 24.30
C PHE F 439 -6.58 27.11 24.98
N ASP F 440 -6.43 26.34 26.05
CA ASP F 440 -5.21 26.35 26.86
C ASP F 440 -4.32 25.20 26.38
N GLY F 441 -3.32 25.51 25.58
CA GLY F 441 -2.40 24.50 25.10
C GLY F 441 -1.28 24.17 26.06
N ARG F 442 -1.29 24.73 27.27
CA ARG F 442 -0.21 24.49 28.21
C ARG F 442 -0.67 24.14 29.61
N ARG F 443 -1.98 24.08 29.86
CA ARG F 443 -2.54 23.87 31.18
C ARG F 443 -2.18 24.99 32.16
N VAL F 444 -1.93 26.21 31.65
CA VAL F 444 -1.56 27.30 32.55
C VAL F 444 -2.74 27.81 33.35
N LEU F 445 -3.96 27.60 32.88
CA LEU F 445 -5.15 28.06 33.57
C LEU F 445 -5.78 26.99 34.45
N ASP F 446 -5.06 25.90 34.76
CA ASP F 446 -5.58 24.90 35.68
C ASP F 446 -5.91 25.52 37.03
N GLY F 447 -7.05 25.11 37.60
CA GLY F 447 -7.53 25.65 38.85
C GLY F 447 -8.39 26.89 38.71
N LEU F 448 -8.36 27.54 37.55
CA LEU F 448 -9.17 28.71 37.25
C LEU F 448 -10.41 28.36 36.44
N HIS F 449 -10.63 27.08 36.17
CA HIS F 449 -11.73 26.68 35.29
C HIS F 449 -13.07 27.07 35.89
N ASN F 450 -13.26 26.84 37.18
CA ASN F 450 -14.52 27.23 37.81
C ASN F 450 -14.72 28.73 37.71
N GLU F 451 -13.67 29.50 37.98
CA GLU F 451 -13.74 30.95 37.89
C GLU F 451 -13.97 31.42 36.46
N LEU F 452 -13.26 30.83 35.49
CA LEU F 452 -13.45 31.21 34.10
C LEU F 452 -14.82 30.79 33.58
N GLN F 453 -15.34 29.63 34.02
CA GLN F 453 -16.64 29.22 33.51
C GLN F 453 -17.76 30.11 34.01
N THR F 454 -17.71 30.50 35.29
CA THR F 454 -18.76 31.37 35.83
C THR F 454 -18.74 32.76 35.21
N ILE F 455 -17.57 33.23 34.76
CA ILE F 455 -17.49 34.44 33.95
C ILE F 455 -18.24 34.28 32.63
N GLY F 456 -18.16 33.09 32.02
CA GLY F 456 -18.88 32.83 30.78
C GLY F 456 -18.03 32.18 29.69
N PHE F 457 -16.74 31.94 29.95
CA PHE F 457 -15.91 31.30 28.95
C PHE F 457 -16.29 29.83 28.76
N GLN F 458 -16.20 29.37 27.52
CA GLN F 458 -16.05 27.94 27.28
C GLN F 458 -14.56 27.67 27.15
N ILE F 459 -14.01 26.87 28.05
CA ILE F 459 -12.58 26.66 28.15
C ILE F 459 -12.26 25.21 27.80
N GLU F 460 -11.34 25.04 26.86
CA GLU F 460 -10.87 23.73 26.45
C GLU F 460 -9.36 23.69 26.67
N THR F 461 -8.88 22.54 27.15
CA THR F 461 -7.47 22.39 27.43
C THR F 461 -7.01 21.00 27.03
N ILE F 462 -5.70 20.91 26.76
CA ILE F 462 -5.08 19.64 26.39
C ILE F 462 -5.30 18.63 27.50
N GLY F 463 -5.69 17.41 27.10
CA GLY F 463 -5.80 16.33 28.05
C GLY F 463 -7.02 16.42 28.94
N LYS F 464 -8.05 17.12 28.51
CA LYS F 464 -9.30 17.21 29.26
C LYS F 464 -10.48 17.17 28.30
N LYS F 465 -11.46 16.31 28.61
CA LYS F 465 -12.66 16.21 27.78
C LYS F 465 -13.42 17.53 27.80
N VAL F 466 -14.03 17.89 26.66
CA VAL F 466 -14.74 19.16 26.56
C VAL F 466 -16.03 19.09 27.39
N SER F 467 -16.23 20.12 28.22
CA SER F 467 -17.42 20.18 29.06
C SER F 467 -18.66 20.47 28.23
N SER F 468 -19.75 19.79 28.56
CA SER F 468 -21.01 19.94 27.83
C SER F 468 -21.93 20.95 28.49
P1 POP G . 10.61 -7.28 34.08
O1 POP G . 9.26 -7.07 33.43
O2 POP G . 10.54 -7.36 35.60
O3 POP G . 11.71 -6.37 33.57
O POP G . 11.02 -8.76 33.58
P2 POP G . 11.65 -8.96 32.11
O4 POP G . 10.99 -7.83 31.37
O5 POP G . 11.21 -10.32 31.66
O6 POP G . 13.14 -8.83 32.28
P1 POP H . -33.84 -8.68 2.11
O1 POP H . -35.16 -9.13 2.67
O2 POP H . -33.20 -7.59 2.94
O3 POP H . -32.90 -9.78 1.68
O POP H . -34.17 -7.99 0.69
P2 POP H . -34.61 -8.91 -0.58
O4 POP H . -35.37 -10.05 0.04
O5 POP H . -33.31 -9.30 -1.23
O6 POP H . -35.52 -8.02 -1.41
CL CL I . -17.84 -8.48 14.47
N1 UPG J . 13.61 -23.34 -21.91
C2 UPG J . 12.60 -22.56 -22.51
N3 UPG J . 12.89 -21.90 -23.65
C4 UPG J . 14.16 -21.99 -24.18
C5 UPG J . 15.15 -22.76 -23.56
C6 UPG J . 14.85 -23.44 -22.40
O2 UPG J . 11.46 -22.56 -21.93
O4 UPG J . 14.51 -21.38 -25.23
C1C UPG J . 13.25 -24.02 -20.68
C2C UPG J . 13.05 -25.51 -20.81
O2C UPG J . 11.72 -25.84 -21.25
C3C UPG J . 13.20 -25.90 -19.38
C4C UPG J . 14.22 -24.95 -18.82
O4C UPG J . 14.29 -23.86 -19.72
O3C UPG J . 11.94 -25.57 -18.80
C5C UPG J . 15.59 -25.58 -18.75
O5C UPG J . 16.05 -25.89 -20.06
PA UPG J . 17.58 -26.37 -20.18
O1A UPG J . 17.73 -27.02 -21.53
O2A UPG J . 18.47 -25.22 -19.79
O3A UPG J . 17.54 -27.45 -18.97
PB UPG J . 18.48 -27.66 -17.68
O1B UPG J . 17.88 -27.01 -16.44
O2B UPG J . 18.75 -29.16 -17.66
O3B UPG J . 19.92 -26.92 -17.90
C1' UPG J . 20.29 -25.71 -17.23
C2' UPG J . 21.22 -24.92 -18.14
C3' UPG J . 22.67 -25.35 -18.03
C4' UPG J . 23.08 -25.26 -16.57
C5' UPG J . 22.26 -26.33 -15.89
C6' UPG J . 22.79 -26.60 -14.48
O2' UPG J . 20.81 -25.13 -19.49
O3' UPG J . 23.50 -24.47 -18.79
O4' UPG J . 24.49 -25.48 -16.43
O5' UPG J . 20.88 -25.92 -15.91
O6' UPG J . 23.15 -25.40 -13.77
P1 POP K . 25.19 2.73 -24.39
O1 POP K . 23.74 2.88 -24.76
O2 POP K . 25.63 1.34 -24.00
O3 POP K . 26.15 3.36 -25.37
O POP K . 25.32 3.55 -23.00
P2 POP K . 26.62 3.38 -22.06
O4 POP K . 26.29 2.19 -21.16
O5 POP K . 27.76 3.13 -23.01
O6 POP K . 26.73 4.70 -21.34
CL CL L . 40.56 9.85 -25.20
P1 POP M . -28.65 17.45 -15.20
O1 POP M . -29.21 18.17 -14.01
O2 POP M . -28.34 15.99 -14.97
O3 POP M . -29.37 17.71 -16.51
O POP M . -27.19 18.12 -15.43
P2 POP M . -25.90 17.22 -15.73
O4 POP M . -26.32 16.18 -16.74
O5 POP M . -25.65 16.73 -14.33
O6 POP M . -24.84 18.13 -16.29
P1 POP N . 8.82 22.43 25.08
O1 POP N . 8.05 22.93 23.87
O2 POP N . 8.72 23.36 26.25
O3 POP N . 8.57 20.98 25.43
O POP N . 10.36 22.48 24.60
P2 POP N . 11.59 21.90 25.46
O4 POP N . 11.15 20.54 25.93
O5 POP N . 11.79 22.90 26.57
O6 POP N . 12.74 21.86 24.48
#